data_3VR6
#
_entry.id   3VR6
#
_cell.length_a   126.149
_cell.length_b   127.416
_cell.length_c   225.252
_cell.angle_alpha   90.00
_cell.angle_beta   90.00
_cell.angle_gamma   90.00
#
_symmetry.space_group_name_H-M   'P 21 21 21'
#
loop_
_entity.id
_entity.type
_entity.pdbx_description
1 polymer 'V-type sodium ATPase catalytic subunit A'
2 polymer 'V-type sodium ATPase subunit B'
3 polymer 'V-type sodium ATPase subunit D'
4 polymer 'V-type sodium ATPase subunit G'
5 non-polymer 'PHOSPHOAMINOPHOSPHONIC ACID-ADENYLATE ESTER'
6 non-polymer 'MAGNESIUM ION'
7 water water
#
loop_
_entity_poly.entity_id
_entity_poly.type
_entity_poly.pdbx_seq_one_letter_code
_entity_poly.pdbx_strand_id
1 'polypeptide(L)'
;GSSGSSGMQIGKIIKVSGPLVMAENMSEASIQDMCLVGDLGVIGEIIEMRQDVASIQVYEETSGIGPGEPVRSTGEALSV
ELGPGIISQMFDGIQRPLDTFMEVTQSNFLGRGVQLPALDHEKQWWFEATIEEGTEVSAGDIIGYVDETKIIQHKIMVPN
GIKGTVQKIESGSFTIDDPICVIETEQGLKELTMMQKWPVRRGRPIKQKLNPDVPMITGQRVIDTFFPVTKGGAAAVPGP
FGAGKTVVQHQIAKWSDVDLVVYVGCGERGNEMTDVVNEFPELIDPNTGESLMERTVLIANTSNMPVAAREASIYTGITI
AEYFRDMGYDVAIMADSTSRWAEALREMSGRLEEMPGDEGYPAYLGSRLAEYYERSGRVIALGSDQREGSITAISAVSPS
GGDISEPVTQNTLRVVKVFWGLDSSLAQKRHFPSINWIQSYSLYSTEVGRYMDQILQQDWSDMVTEGMRILQEEEQLNEI
VRLVGIDSLSDNDRLTLEVAKSIREDYLQQNAFDDVDTFTSREKQFNMLKVILTFGKEARKALSLGAYFNEIMEGTVAVR
ERISRSKYIPEEELAKISSINEEIKETIQLIVSEGGMTDD
;
A,B,C
2 'polypeptide(L)'
;GSSGSSGMIKEYRTIKEVVGPLMAVEKVSGVKYEELIEVRMQNGEIRRGQVLEVQEDKAMVQIFEGTSGINLKNSSVRFL
GHPLQLGVSEDMIGRVFDGLGRPKDNGPEILPEKYLDINGEVINPIARDYPDEFIQTGISAIDHLNTLVRGQKLPVFSGS
GLPHKELAAQIARQATVLDSSDDFAVVFAAIGITFEEAEFFMEDFRQTGAIDRSVMFMNLANDPAIERIATPRMALTAAE
YLAYEKGMHVLVIMTDMTNYAEALREISAARREVPGRRGYPGYLYTNLATLFERAGRIRGLKGSVTQIPILTMPEDDKTH
PIPDLTGYITEGQIILTRELYKSGIQPPIDVLPSLSRLKDKGTGAGKTREDHAATMNQLFAAYAQGKQAKELAVVLGESA
LSDIDKIYAKFAERFENEYVNQGFYTNRTITETLDLGWELLAMLPRTELKRIKDDLLDKYLPEGK
;
D,E,F
3 'polypeptide(L)'
;GSSGSSGMRLNVNPTRMELTRLKKQLTTATRGHKLLKDKQDELMRQFILLIRKNNELRQAIEKETQTAMKDFVLAKSTVE
EAFIDELLALPAENVSISVVEKNIMSVKVPLMNFQYDETLNETPLEYGYLHSNAELDRSIDGFTQLLPKLLKLAEVEKTC
QLMAEEIEKTRRRVNALEYMTIPQLEETIYYIKMKLEENERAEVTRLIKVKNMGTEE
;
G
4 'polypeptide(L)'
;MTYKIGVVGDKDSVSPFRLFGFDVQHGTTKTEIRKTIDEMAKNEYGVIYITEQCANLVPETIERYKGQLTPAIILIPSHQ
GTLGIGLEEIQNSVEKAVGQNILSGPSSGENLYFQ
;
H
#
loop_
_chem_comp.id
_chem_comp.type
_chem_comp.name
_chem_comp.formula
ANP non-polymer 'PHOSPHOAMINOPHOSPHONIC ACID-ADENYLATE ESTER' 'C10 H17 N6 O12 P3'
MG non-polymer 'MAGNESIUM ION' 'Mg 2'
#
# COMPACT_ATOMS: atom_id res chain seq x y z
N GLY A 7 24.98 -42.67 -13.01
CA GLY A 7 25.09 -42.25 -14.44
C GLY A 7 23.77 -41.86 -15.08
N MET A 8 23.73 -41.89 -16.42
CA MET A 8 22.54 -41.49 -17.20
C MET A 8 21.30 -42.40 -16.99
N GLN A 9 20.15 -41.76 -16.80
CA GLN A 9 18.89 -42.42 -16.45
C GLN A 9 17.80 -41.94 -17.42
N ILE A 10 17.13 -42.87 -18.09
CA ILE A 10 16.09 -42.53 -19.06
C ILE A 10 14.66 -42.74 -18.54
N GLY A 11 13.81 -41.72 -18.66
CA GLY A 11 12.38 -41.81 -18.32
C GLY A 11 11.50 -41.43 -19.51
N LYS A 12 10.19 -41.34 -19.29
CA LYS A 12 9.21 -41.05 -20.36
C LYS A 12 8.26 -39.92 -20.00
N ILE A 13 8.10 -38.98 -20.91
CA ILE A 13 7.27 -37.80 -20.71
C ILE A 13 5.79 -38.14 -20.78
N ILE A 14 5.06 -37.79 -19.72
CA ILE A 14 3.63 -38.04 -19.70
C ILE A 14 2.79 -36.78 -19.80
N LYS A 15 3.40 -35.63 -19.58
CA LYS A 15 2.69 -34.37 -19.72
C LYS A 15 3.62 -33.24 -20.17
N VAL A 16 3.13 -32.41 -21.08
CA VAL A 16 3.83 -31.20 -21.47
C VAL A 16 2.87 -30.01 -21.37
N SER A 17 3.25 -29.05 -20.57
CA SER A 17 2.44 -27.89 -20.31
C SER A 17 3.36 -26.71 -20.14
N GLY A 18 3.58 -25.93 -21.21
CA GLY A 18 4.51 -24.80 -21.12
C GLY A 18 5.90 -25.20 -20.63
N PRO A 19 6.43 -24.49 -19.63
CA PRO A 19 7.73 -24.85 -19.05
C PRO A 19 7.71 -26.15 -18.23
N LEU A 20 6.52 -26.61 -17.87
CA LEU A 20 6.37 -27.82 -17.05
C LEU A 20 6.28 -29.11 -17.82
N VAL A 21 7.12 -30.07 -17.46
CA VAL A 21 7.09 -31.39 -18.05
C VAL A 21 7.03 -32.39 -16.92
N MET A 22 6.31 -33.47 -17.17
CA MET A 22 6.25 -34.56 -16.21
C MET A 22 6.64 -35.85 -16.88
N ALA A 23 7.48 -36.61 -16.20
CA ALA A 23 8.00 -37.83 -16.73
C ALA A 23 7.80 -38.91 -15.70
N GLU A 24 7.51 -40.12 -16.16
CA GLU A 24 7.41 -41.27 -15.26
C GLU A 24 8.61 -42.20 -15.46
N ASN A 25 8.76 -43.17 -14.57
CA ASN A 25 9.88 -44.10 -14.65
C ASN A 25 11.20 -43.41 -14.38
N MET A 26 11.19 -42.48 -13.43
CA MET A 26 12.37 -41.71 -13.06
C MET A 26 12.90 -42.05 -11.67
N SER A 27 12.58 -43.24 -11.15
CA SER A 27 12.96 -43.57 -9.77
C SER A 27 14.46 -43.55 -9.50
N GLU A 28 15.27 -43.77 -10.54
CA GLU A 28 16.73 -43.70 -10.41
C GLU A 28 17.26 -42.26 -10.36
N ALA A 29 16.41 -41.31 -10.76
CA ALA A 29 16.69 -39.89 -10.68
C ALA A 29 16.48 -39.35 -9.26
N SER A 30 17.04 -38.17 -8.99
CA SER A 30 17.01 -37.57 -7.66
C SER A 30 16.55 -36.13 -7.77
N ILE A 31 16.27 -35.49 -6.64
CA ILE A 31 15.85 -34.08 -6.66
C ILE A 31 16.99 -33.14 -6.99
N GLN A 32 16.70 -32.12 -7.79
CA GLN A 32 17.69 -31.11 -8.21
C GLN A 32 18.62 -31.59 -9.31
N ASP A 33 18.42 -32.81 -9.79
CA ASP A 33 19.17 -33.37 -10.92
C ASP A 33 18.87 -32.60 -12.18
N MET A 34 19.89 -32.44 -13.00
CA MET A 34 19.68 -31.86 -14.29
C MET A 34 19.30 -32.98 -15.22
N CYS A 35 18.48 -32.64 -16.21
CA CYS A 35 18.10 -33.61 -17.21
C CYS A 35 17.89 -32.93 -18.56
N LEU A 36 18.00 -33.76 -19.60
CA LEU A 36 17.77 -33.40 -20.99
C LEU A 36 16.38 -33.86 -21.36
N VAL A 37 15.56 -32.93 -21.82
CA VAL A 37 14.16 -33.21 -21.96
C VAL A 37 13.78 -33.39 -23.43
N GLY A 38 13.11 -34.50 -23.70
CA GLY A 38 12.55 -34.76 -25.01
C GLY A 38 13.56 -35.33 -25.97
N ASP A 39 13.08 -35.69 -27.15
CA ASP A 39 13.93 -36.18 -28.21
C ASP A 39 15.06 -35.20 -28.44
N LEU A 40 14.67 -33.93 -28.49
CA LEU A 40 15.56 -32.82 -28.73
C LEU A 40 16.66 -32.69 -27.68
N GLY A 41 16.29 -32.77 -26.39
CA GLY A 41 17.25 -32.71 -25.28
C GLY A 41 17.54 -31.35 -24.67
N VAL A 42 16.54 -30.49 -24.56
CA VAL A 42 16.69 -29.16 -23.91
C VAL A 42 16.84 -29.34 -22.41
N ILE A 43 17.49 -28.39 -21.74
CA ILE A 43 17.81 -28.48 -20.31
C ILE A 43 16.61 -28.31 -19.35
N GLY A 44 16.59 -29.14 -18.31
CA GLY A 44 15.55 -29.12 -17.31
C GLY A 44 16.12 -29.56 -15.97
N GLU A 45 15.34 -29.35 -14.92
CA GLU A 45 15.76 -29.70 -13.58
C GLU A 45 14.60 -30.36 -12.90
N ILE A 46 14.86 -31.44 -12.16
CA ILE A 46 13.82 -32.14 -11.42
C ILE A 46 13.51 -31.43 -10.11
N ILE A 47 12.38 -30.75 -10.05
CA ILE A 47 11.95 -30.08 -8.82
C ILE A 47 11.24 -31.01 -7.84
N GLU A 48 10.42 -31.90 -8.37
CA GLU A 48 9.54 -32.73 -7.54
C GLU A 48 9.58 -34.17 -7.99
N MET A 49 9.22 -35.07 -7.08
CA MET A 49 9.17 -36.49 -7.37
C MET A 49 7.97 -37.09 -6.61
N ARG A 50 7.08 -37.77 -7.33
CA ARG A 50 5.95 -38.49 -6.70
C ARG A 50 5.90 -39.92 -7.18
N GLN A 51 6.13 -40.85 -6.27
CA GLN A 51 6.39 -42.26 -6.60
C GLN A 51 7.52 -42.27 -7.62
N ASP A 52 7.18 -42.57 -8.87
CA ASP A 52 8.13 -42.52 -9.98
C ASP A 52 7.87 -41.34 -10.93
N VAL A 53 6.99 -40.43 -10.56
CA VAL A 53 6.73 -39.28 -11.43
C VAL A 53 7.45 -38.02 -10.99
N ALA A 54 8.30 -37.50 -11.87
CA ALA A 54 9.08 -36.29 -11.61
C ALA A 54 8.46 -35.07 -12.24
N SER A 55 8.42 -33.97 -11.50
CA SER A 55 8.01 -32.69 -12.06
C SER A 55 9.24 -31.97 -12.46
N ILE A 56 9.29 -31.53 -13.71
CA ILE A 56 10.51 -30.97 -14.28
C ILE A 56 10.28 -29.55 -14.81
N GLN A 57 11.07 -28.60 -14.33
CA GLN A 57 11.07 -27.25 -14.92
C GLN A 57 11.96 -27.21 -16.13
N VAL A 58 11.41 -26.88 -17.29
CA VAL A 58 12.19 -26.79 -18.51
C VAL A 58 12.58 -25.36 -18.86
N TYR A 59 13.87 -25.14 -19.09
CA TYR A 59 14.47 -23.81 -19.19
C TYR A 59 14.72 -23.33 -20.61
N GLU A 60 14.28 -24.11 -21.58
CA GLU A 60 14.34 -23.75 -22.98
C GLU A 60 12.95 -24.02 -23.55
N GLU A 61 12.72 -23.62 -24.79
CA GLU A 61 11.41 -23.76 -25.40
C GLU A 61 10.99 -25.25 -25.49
N THR A 62 9.79 -25.54 -25.00
CA THR A 62 9.28 -26.91 -24.97
C THR A 62 8.39 -27.14 -26.18
N SER A 63 8.26 -26.09 -26.98
CA SER A 63 7.51 -26.14 -28.20
C SER A 63 7.92 -27.34 -29.00
N GLY A 64 6.95 -28.11 -29.45
CA GLY A 64 7.24 -29.32 -30.23
C GLY A 64 7.68 -30.57 -29.48
N ILE A 65 7.66 -30.55 -28.15
CA ILE A 65 7.91 -31.76 -27.34
C ILE A 65 6.58 -32.37 -26.93
N GLY A 66 6.50 -33.69 -26.92
CA GLY A 66 5.24 -34.34 -26.54
C GLY A 66 5.48 -35.54 -25.66
N PRO A 67 4.39 -36.15 -25.16
CA PRO A 67 4.42 -37.36 -24.34
C PRO A 67 4.95 -38.54 -25.12
N GLY A 68 5.60 -39.47 -24.43
CA GLY A 68 6.20 -40.63 -25.06
C GLY A 68 7.69 -40.48 -25.32
N GLU A 69 8.16 -39.24 -25.37
CA GLU A 69 9.57 -38.93 -25.59
C GLU A 69 10.36 -39.05 -24.29
N PRO A 70 11.66 -39.37 -24.40
CA PRO A 70 12.52 -39.63 -23.26
C PRO A 70 12.81 -38.43 -22.36
N VAL A 71 13.23 -38.72 -21.14
CA VAL A 71 13.93 -37.75 -20.32
C VAL A 71 15.22 -38.41 -19.89
N ARG A 72 16.32 -37.80 -20.25
CA ARG A 72 17.64 -38.37 -19.95
C ARG A 72 18.17 -37.61 -18.74
N SER A 73 18.46 -38.35 -17.69
CA SER A 73 18.97 -37.74 -16.47
C SER A 73 20.48 -37.81 -16.43
N THR A 74 21.11 -36.69 -16.08
CA THR A 74 22.56 -36.55 -16.08
C THR A 74 23.21 -37.39 -14.95
N GLY A 75 22.43 -37.69 -13.91
CA GLY A 75 22.89 -38.46 -12.77
C GLY A 75 23.29 -37.58 -11.61
N GLU A 76 23.35 -36.27 -11.84
CA GLU A 76 23.86 -35.32 -10.85
C GLU A 76 23.17 -33.97 -10.98
N ALA A 77 23.37 -33.12 -9.98
CA ALA A 77 22.93 -31.73 -10.03
C ALA A 77 23.99 -30.89 -10.72
N LEU A 78 23.62 -29.67 -11.09
CA LEU A 78 24.54 -28.80 -11.82
C LEU A 78 25.98 -28.83 -11.31
N SER A 79 26.91 -29.14 -12.20
CA SER A 79 28.30 -29.28 -11.81
C SER A 79 29.24 -28.57 -12.78
N VAL A 80 30.48 -28.40 -12.36
CA VAL A 80 31.52 -27.93 -13.24
C VAL A 80 32.63 -28.96 -13.37
N GLU A 81 33.19 -29.02 -14.56
CA GLU A 81 34.38 -29.80 -14.82
C GLU A 81 35.56 -28.92 -14.42
N LEU A 82 36.46 -29.47 -13.62
CA LEU A 82 37.57 -28.68 -13.09
C LEU A 82 38.87 -29.36 -13.44
N GLY A 83 39.65 -28.72 -14.30
CA GLY A 83 40.87 -29.31 -14.78
C GLY A 83 41.60 -28.43 -15.77
N PRO A 84 42.77 -28.90 -16.22
CA PRO A 84 43.50 -28.24 -17.29
C PRO A 84 42.59 -28.06 -18.50
N GLY A 85 42.53 -26.83 -19.00
CA GLY A 85 41.67 -26.49 -20.11
C GLY A 85 40.60 -25.52 -19.66
N ILE A 86 40.54 -25.26 -18.35
CA ILE A 86 39.56 -24.31 -17.81
C ILE A 86 39.97 -22.86 -18.07
N ILE A 87 41.26 -22.58 -17.90
CA ILE A 87 41.74 -21.21 -17.94
C ILE A 87 41.72 -20.60 -19.33
N SER A 88 41.27 -19.36 -19.40
CA SER A 88 41.25 -18.61 -20.63
C SER A 88 40.03 -18.93 -21.46
N GLN A 89 39.19 -19.84 -20.96
CA GLN A 89 37.96 -20.18 -21.67
C GLN A 89 36.83 -19.28 -21.26
N MET A 90 35.90 -19.12 -22.18
CA MET A 90 34.68 -18.39 -21.94
C MET A 90 33.53 -19.36 -21.94
N PHE A 91 32.73 -19.30 -20.87
CA PHE A 91 31.62 -20.24 -20.65
C PHE A 91 30.32 -19.48 -20.48
N ASP A 92 29.22 -20.21 -20.48
CA ASP A 92 27.98 -19.64 -20.01
C ASP A 92 27.76 -20.10 -18.57
N GLY A 93 26.57 -19.81 -18.02
CA GLY A 93 26.24 -20.08 -16.64
C GLY A 93 26.25 -21.53 -16.20
N ILE A 94 25.88 -22.41 -17.12
CA ILE A 94 25.95 -23.86 -16.89
C ILE A 94 27.22 -24.45 -17.50
N GLN A 95 28.24 -23.63 -17.65
CA GLN A 95 29.54 -24.04 -18.18
C GLN A 95 29.58 -24.63 -19.60
N ARG A 96 28.74 -24.12 -20.48
CA ARG A 96 28.82 -24.49 -21.88
C ARG A 96 29.93 -23.68 -22.55
N PRO A 97 30.88 -24.38 -23.20
CA PRO A 97 32.07 -23.74 -23.75
C PRO A 97 31.81 -23.01 -25.06
N LEU A 98 31.78 -21.68 -25.01
CA LEU A 98 31.37 -20.85 -26.15
C LEU A 98 32.25 -20.98 -27.39
N ASP A 99 33.56 -21.07 -27.18
CA ASP A 99 34.53 -21.26 -28.23
C ASP A 99 34.35 -22.60 -28.94
N THR A 100 34.25 -23.67 -28.16
CA THR A 100 34.01 -24.99 -28.69
C THR A 100 32.67 -25.05 -29.41
N PHE A 101 31.67 -24.35 -28.90
CA PHE A 101 30.41 -24.34 -29.59
C PHE A 101 30.56 -23.94 -31.07
N MET A 102 31.38 -22.92 -31.30
CA MET A 102 31.59 -22.35 -32.61
C MET A 102 32.29 -23.32 -33.54
N GLU A 103 33.31 -24.00 -33.01
CA GLU A 103 34.11 -24.94 -33.77
C GLU A 103 33.40 -26.24 -34.09
N VAL A 104 32.89 -26.93 -33.08
CA VAL A 104 32.26 -28.22 -33.32
C VAL A 104 31.00 -28.01 -34.12
N THR A 105 30.31 -26.92 -33.81
CA THR A 105 28.99 -26.67 -34.33
C THR A 105 29.03 -26.05 -35.72
N GLN A 106 30.09 -25.30 -36.01
CA GLN A 106 30.17 -24.57 -37.29
C GLN A 106 28.90 -23.77 -37.48
N SER A 107 28.46 -23.11 -36.42
CA SER A 107 27.20 -22.38 -36.42
C SER A 107 27.32 -21.20 -35.46
N ASN A 108 26.49 -20.20 -35.66
CA ASN A 108 26.56 -19.01 -34.80
C ASN A 108 25.63 -19.06 -33.59
N PHE A 109 25.02 -20.21 -33.39
CA PHE A 109 24.00 -20.33 -32.37
C PHE A 109 24.32 -21.39 -31.35
N LEU A 110 23.91 -21.11 -30.13
CA LEU A 110 23.90 -22.10 -29.05
C LEU A 110 22.69 -23.00 -29.29
N GLY A 111 22.78 -23.87 -30.29
CA GLY A 111 21.67 -24.72 -30.67
C GLY A 111 21.14 -25.49 -29.48
N ARG A 112 19.83 -25.53 -29.38
CA ARG A 112 19.16 -26.26 -28.31
C ARG A 112 19.26 -27.75 -28.50
N GLY A 113 19.51 -28.45 -27.41
CA GLY A 113 19.69 -29.89 -27.45
C GLY A 113 21.13 -30.30 -27.72
N VAL A 114 21.98 -29.33 -27.99
CA VAL A 114 23.41 -29.58 -28.28
C VAL A 114 24.23 -29.70 -26.99
N GLN A 115 24.84 -30.86 -26.80
CA GLN A 115 25.58 -31.15 -25.58
C GLN A 115 27.10 -31.25 -25.80
N LEU A 116 27.84 -30.39 -25.11
CA LEU A 116 29.29 -30.40 -25.25
C LEU A 116 30.01 -30.29 -23.91
N PRO A 117 31.01 -31.15 -23.66
CA PRO A 117 31.77 -31.08 -22.40
C PRO A 117 32.50 -29.75 -22.26
N ALA A 118 32.55 -29.24 -21.04
CA ALA A 118 33.10 -27.91 -20.78
C ALA A 118 34.57 -27.81 -21.17
N LEU A 119 35.33 -28.89 -20.97
CA LEU A 119 36.74 -28.88 -21.26
C LEU A 119 37.12 -29.81 -22.40
N ASP A 120 38.30 -29.60 -22.97
CA ASP A 120 38.81 -30.47 -24.00
C ASP A 120 39.26 -31.77 -23.39
N HIS A 121 38.58 -32.86 -23.73
CA HIS A 121 38.96 -34.17 -23.20
C HIS A 121 39.91 -34.91 -24.13
N GLU A 122 40.20 -34.30 -25.27
CA GLU A 122 41.08 -34.92 -26.26
C GLU A 122 42.53 -34.43 -26.21
N LYS A 123 42.73 -33.31 -25.55
CA LYS A 123 44.02 -32.62 -25.54
C LYS A 123 45.11 -33.29 -24.70
N GLN A 124 46.35 -33.12 -25.13
CA GLN A 124 47.53 -33.62 -24.43
C GLN A 124 48.09 -32.61 -23.43
N TRP A 125 48.40 -33.08 -22.23
CA TRP A 125 48.97 -32.22 -21.22
C TRP A 125 50.19 -32.87 -20.62
N TRP A 126 51.23 -32.07 -20.40
CA TRP A 126 52.37 -32.59 -19.69
C TRP A 126 52.06 -32.46 -18.23
N PHE A 127 52.05 -33.59 -17.56
CA PHE A 127 51.77 -33.64 -16.15
C PHE A 127 53.05 -33.91 -15.40
N GLU A 128 53.56 -32.91 -14.69
CA GLU A 128 54.78 -33.09 -13.91
C GLU A 128 54.47 -33.59 -12.49
N ALA A 129 54.77 -34.87 -12.23
CA ALA A 129 54.58 -35.45 -10.91
C ALA A 129 55.59 -34.90 -9.93
N THR A 130 55.12 -34.46 -8.77
CA THR A 130 56.02 -33.92 -7.76
C THR A 130 55.94 -34.66 -6.45
N ILE A 131 54.98 -35.57 -6.34
CA ILE A 131 54.84 -36.37 -5.14
C ILE A 131 55.51 -37.73 -5.37
N GLU A 132 55.91 -38.40 -4.29
CA GLU A 132 56.60 -39.68 -4.40
C GLU A 132 55.71 -40.87 -4.04
N GLU A 133 55.95 -42.02 -4.66
CA GLU A 133 55.25 -43.25 -4.31
C GLU A 133 55.38 -43.58 -2.83
N GLY A 134 54.33 -44.15 -2.27
CA GLY A 134 54.35 -44.53 -0.86
C GLY A 134 53.98 -43.40 0.08
N THR A 135 53.74 -42.20 -0.47
CA THR A 135 53.33 -41.03 0.31
C THR A 135 51.84 -41.09 0.63
N GLU A 136 51.51 -40.86 1.91
CA GLU A 136 50.13 -40.81 2.37
C GLU A 136 49.47 -39.50 1.93
N VAL A 137 48.23 -39.58 1.48
CA VAL A 137 47.53 -38.43 0.90
C VAL A 137 46.06 -38.31 1.29
N SER A 138 45.58 -37.08 1.34
CA SER A 138 44.19 -36.80 1.62
C SER A 138 43.78 -35.64 0.74
N ALA A 139 42.50 -35.25 0.82
CA ALA A 139 41.98 -34.20 -0.05
C ALA A 139 42.81 -32.94 0.07
N GLY A 140 43.20 -32.40 -1.07
CA GLY A 140 43.91 -31.15 -1.12
C GLY A 140 45.38 -31.28 -1.38
N ASP A 141 45.95 -32.46 -1.20
CA ASP A 141 47.40 -32.57 -1.41
C ASP A 141 47.72 -32.49 -2.89
N ILE A 142 48.80 -31.79 -3.21
CA ILE A 142 49.20 -31.63 -4.59
C ILE A 142 50.06 -32.81 -4.97
N ILE A 143 49.63 -33.56 -5.99
CA ILE A 143 50.41 -34.71 -6.47
C ILE A 143 51.24 -34.36 -7.72
N GLY A 144 50.99 -33.18 -8.28
CA GLY A 144 51.72 -32.73 -9.45
C GLY A 144 51.10 -31.46 -10.01
N TYR A 145 51.63 -31.00 -11.13
CA TYR A 145 51.16 -29.76 -11.72
C TYR A 145 51.31 -29.83 -13.22
N VAL A 146 50.70 -28.87 -13.89
CA VAL A 146 50.71 -28.75 -15.34
C VAL A 146 50.82 -27.26 -15.58
N ASP A 147 51.74 -26.82 -16.43
CA ASP A 147 51.83 -25.40 -16.77
C ASP A 147 50.81 -25.13 -17.83
N GLU A 148 49.63 -24.67 -17.36
CA GLU A 148 48.44 -24.62 -18.19
C GLU A 148 48.45 -23.45 -19.18
N THR A 149 48.99 -22.33 -18.72
CA THR A 149 49.02 -21.14 -19.54
C THR A 149 50.41 -20.57 -19.43
N LYS A 150 50.64 -19.43 -20.08
CA LYS A 150 51.89 -18.71 -19.95
C LYS A 150 52.11 -18.15 -18.54
N ILE A 151 51.02 -17.97 -17.77
CA ILE A 151 51.11 -17.40 -16.41
C ILE A 151 50.90 -18.41 -15.29
N ILE A 152 49.82 -19.17 -15.37
CA ILE A 152 49.33 -19.94 -14.22
C ILE A 152 49.75 -21.39 -14.29
N GLN A 153 50.12 -21.92 -13.14
CA GLN A 153 50.50 -23.31 -13.00
C GLN A 153 49.32 -24.03 -12.38
N HIS A 154 48.81 -25.05 -13.07
CA HIS A 154 47.63 -25.78 -12.61
C HIS A 154 48.02 -26.97 -11.73
N LYS A 155 47.83 -26.85 -10.43
CA LYS A 155 48.16 -27.92 -9.50
C LYS A 155 47.04 -28.95 -9.41
N ILE A 156 47.46 -30.22 -9.46
CA ILE A 156 46.56 -31.35 -9.50
C ILE A 156 46.46 -31.87 -8.10
N MET A 157 45.29 -31.68 -7.52
CA MET A 157 45.04 -31.97 -6.12
C MET A 157 44.29 -33.25 -6.01
N VAL A 158 44.51 -33.97 -4.92
CA VAL A 158 43.71 -35.14 -4.60
C VAL A 158 42.32 -34.65 -4.30
N PRO A 159 41.34 -35.15 -5.04
CA PRO A 159 39.96 -34.69 -4.89
C PRO A 159 39.36 -35.11 -3.57
N ASN A 160 38.36 -34.33 -3.13
CA ASN A 160 37.60 -34.65 -1.93
C ASN A 160 37.05 -36.07 -1.99
N GLY A 161 37.04 -36.75 -0.84
CA GLY A 161 36.54 -38.12 -0.77
C GLY A 161 37.60 -39.20 -0.97
N ILE A 162 38.85 -38.80 -1.16
CA ILE A 162 39.95 -39.77 -1.32
C ILE A 162 41.04 -39.66 -0.24
N LYS A 163 41.30 -40.77 0.42
CA LYS A 163 42.29 -40.89 1.50
C LYS A 163 43.09 -42.14 1.14
N GLY A 164 44.41 -42.05 1.07
CA GLY A 164 45.21 -43.24 0.80
C GLY A 164 46.70 -43.06 0.65
N THR A 165 47.33 -44.05 0.01
CA THR A 165 48.74 -43.99 -0.31
C THR A 165 48.91 -44.07 -1.81
N VAL A 166 49.85 -43.30 -2.35
CA VAL A 166 50.17 -43.26 -3.77
C VAL A 166 50.95 -44.52 -4.19
N GLN A 167 50.32 -45.43 -4.93
CA GLN A 167 51.02 -46.66 -5.32
C GLN A 167 51.84 -46.47 -6.60
N LYS A 168 51.22 -45.87 -7.62
CA LYS A 168 51.90 -45.58 -8.87
C LYS A 168 51.63 -44.17 -9.37
N ILE A 169 52.68 -43.50 -9.82
CA ILE A 169 52.57 -42.16 -10.40
C ILE A 169 53.81 -41.92 -11.27
N GLU A 170 53.61 -41.28 -12.42
CA GLU A 170 54.70 -40.99 -13.36
C GLU A 170 54.42 -39.67 -14.04
N SER A 171 55.46 -38.91 -14.34
CA SER A 171 55.32 -37.74 -15.21
C SER A 171 55.07 -38.19 -16.65
N GLY A 172 54.65 -37.27 -17.50
CA GLY A 172 54.39 -37.61 -18.90
C GLY A 172 53.22 -36.86 -19.49
N SER A 173 52.80 -37.27 -20.68
CA SER A 173 51.75 -36.56 -21.40
C SER A 173 50.42 -37.31 -21.34
N PHE A 174 49.44 -36.71 -20.70
CA PHE A 174 48.15 -37.33 -20.58
C PHE A 174 47.05 -36.35 -20.98
N THR A 175 45.87 -36.90 -21.25
CA THR A 175 44.66 -36.11 -21.42
C THR A 175 44.03 -36.00 -20.05
N ILE A 176 43.04 -35.13 -19.91
CA ILE A 176 42.39 -34.98 -18.60
C ILE A 176 41.53 -36.19 -18.24
N ASP A 177 41.39 -37.13 -19.17
CA ASP A 177 40.65 -38.37 -18.92
C ASP A 177 41.54 -39.57 -18.61
N ASP A 178 42.84 -39.46 -18.88
CA ASP A 178 43.79 -40.51 -18.57
C ASP A 178 44.01 -40.69 -17.06
N PRO A 179 44.18 -41.94 -16.61
CA PRO A 179 44.65 -42.23 -15.25
C PRO A 179 46.07 -41.71 -15.05
N ILE A 180 46.30 -40.90 -14.03
CA ILE A 180 47.64 -40.35 -13.83
C ILE A 180 48.26 -40.78 -12.51
N CYS A 181 47.46 -41.41 -11.66
CA CYS A 181 47.92 -41.79 -10.35
C CYS A 181 47.07 -42.96 -9.86
N VAL A 182 47.66 -43.84 -9.06
CA VAL A 182 46.91 -44.91 -8.39
C VAL A 182 47.01 -44.74 -6.88
N ILE A 183 45.88 -44.83 -6.20
CA ILE A 183 45.87 -44.67 -4.75
C ILE A 183 45.24 -45.86 -4.02
N GLU A 184 45.86 -46.27 -2.90
CA GLU A 184 45.30 -47.30 -2.04
C GLU A 184 44.35 -46.73 -1.00
N THR A 185 43.05 -46.77 -1.30
CA THR A 185 42.00 -46.35 -0.41
C THR A 185 41.57 -47.49 0.47
N GLU A 186 40.56 -47.24 1.30
CA GLU A 186 39.93 -48.28 2.09
C GLU A 186 39.09 -49.21 1.21
N GLN A 187 38.69 -48.71 0.05
CA GLN A 187 37.90 -49.48 -0.91
C GLN A 187 38.78 -50.06 -2.01
N GLY A 188 40.00 -50.47 -1.64
CA GLY A 188 40.93 -51.03 -2.61
C GLY A 188 41.55 -49.90 -3.40
N LEU A 189 42.03 -50.21 -4.60
CA LEU A 189 42.77 -49.23 -5.39
C LEU A 189 41.84 -48.34 -6.22
N LYS A 190 42.23 -47.08 -6.35
CA LYS A 190 41.46 -46.10 -7.09
C LYS A 190 42.37 -45.35 -8.06
N GLU A 191 41.82 -45.00 -9.21
CA GLU A 191 42.55 -44.27 -10.24
C GLU A 191 42.15 -42.80 -10.24
N LEU A 192 43.15 -41.92 -10.24
CA LEU A 192 42.92 -40.48 -10.37
C LEU A 192 43.24 -39.97 -11.77
N THR A 193 42.50 -38.97 -12.21
CA THR A 193 42.78 -38.31 -13.47
C THR A 193 43.07 -36.86 -13.13
N MET A 194 43.25 -36.01 -14.13
CA MET A 194 43.64 -34.63 -13.85
C MET A 194 42.44 -33.71 -13.61
N MET A 195 41.23 -34.26 -13.67
CA MET A 195 40.06 -33.40 -13.49
C MET A 195 39.12 -33.90 -12.40
N GLN A 196 38.42 -32.97 -11.76
CA GLN A 196 37.40 -33.32 -10.80
C GLN A 196 36.13 -32.54 -11.03
N LYS A 197 35.01 -33.18 -10.68
CA LYS A 197 33.70 -32.56 -10.79
C LYS A 197 33.19 -32.10 -9.45
N TRP A 198 32.60 -30.93 -9.40
CA TRP A 198 31.99 -30.45 -8.15
C TRP A 198 30.65 -29.78 -8.46
N PRO A 199 29.63 -29.98 -7.58
CA PRO A 199 28.35 -29.30 -7.77
C PRO A 199 28.46 -27.82 -7.42
N VAL A 200 27.91 -26.96 -8.26
CA VAL A 200 28.08 -25.51 -8.11
C VAL A 200 27.41 -24.97 -6.84
N ARG A 201 26.43 -25.72 -6.32
CA ARG A 201 25.69 -25.31 -5.14
C ARG A 201 26.29 -25.78 -3.83
N ARG A 202 27.24 -26.71 -3.90
CA ARG A 202 27.93 -27.20 -2.70
C ARG A 202 29.25 -26.47 -2.57
N GLY A 203 29.45 -25.81 -1.45
CA GLY A 203 30.69 -25.13 -1.19
C GLY A 203 31.81 -26.13 -1.07
N ARG A 204 32.96 -25.80 -1.67
CA ARG A 204 34.15 -26.64 -1.58
C ARG A 204 34.76 -26.54 -0.19
N PRO A 205 34.92 -27.68 0.49
CA PRO A 205 35.37 -27.74 1.89
C PRO A 205 36.82 -27.27 2.14
N ILE A 206 37.05 -26.80 3.36
CA ILE A 206 38.31 -26.22 3.77
C ILE A 206 38.67 -26.74 5.15
N LYS A 207 39.90 -26.51 5.59
CA LYS A 207 40.26 -26.86 6.95
C LYS A 207 39.66 -25.88 7.93
N GLN A 208 39.70 -24.59 7.58
CA GLN A 208 39.32 -23.53 8.49
C GLN A 208 39.24 -22.20 7.76
N LYS A 209 38.32 -21.34 8.19
CA LYS A 209 38.16 -20.00 7.62
C LYS A 209 38.78 -18.94 8.51
N LEU A 210 39.46 -17.98 7.88
CA LEU A 210 40.25 -16.96 8.57
C LEU A 210 39.76 -15.56 8.31
N ASN A 211 40.06 -14.64 9.23
CA ASN A 211 39.76 -13.22 9.03
C ASN A 211 40.57 -12.68 7.87
N PRO A 212 39.90 -11.93 6.99
CA PRO A 212 40.57 -11.33 5.86
C PRO A 212 41.09 -9.99 6.33
N ASP A 213 42.37 -9.94 6.68
CA ASP A 213 42.92 -8.73 7.27
C ASP A 213 44.06 -8.12 6.46
N VAL A 214 44.41 -8.73 5.33
CA VAL A 214 45.44 -8.18 4.45
C VAL A 214 44.81 -7.36 3.32
N PRO A 215 45.13 -6.06 3.26
CA PRO A 215 44.51 -5.21 2.23
C PRO A 215 44.93 -5.66 0.86
N MET A 216 43.97 -5.79 -0.04
CA MET A 216 44.30 -6.07 -1.41
C MET A 216 44.72 -4.75 -2.04
N ILE A 217 45.87 -4.74 -2.72
CA ILE A 217 46.33 -3.56 -3.40
C ILE A 217 45.69 -3.55 -4.80
N THR A 218 44.79 -2.60 -5.04
CA THR A 218 44.22 -2.43 -6.38
C THR A 218 45.06 -1.43 -7.13
N GLY A 219 45.69 -0.54 -6.37
CA GLY A 219 46.51 0.51 -6.93
C GLY A 219 45.68 1.70 -7.36
N GLN A 220 44.35 1.58 -7.18
CA GLN A 220 43.43 2.70 -7.36
C GLN A 220 43.36 3.46 -6.06
N ARG A 221 43.74 4.73 -6.11
CA ARG A 221 44.05 5.49 -4.92
C ARG A 221 42.85 5.67 -4.04
N VAL A 222 41.70 5.83 -4.65
CA VAL A 222 40.50 6.12 -3.89
C VAL A 222 40.09 4.88 -3.09
N ILE A 223 40.25 3.71 -3.71
CA ILE A 223 39.86 2.45 -3.07
C ILE A 223 40.80 2.06 -1.94
N ASP A 224 42.09 1.97 -2.27
CA ASP A 224 43.10 1.52 -1.34
C ASP A 224 43.26 2.39 -0.12
N THR A 225 42.91 3.65 -0.26
CA THR A 225 43.13 4.60 0.79
C THR A 225 41.89 4.73 1.64
N PHE A 226 40.78 5.04 0.99
CA PHE A 226 39.59 5.46 1.69
C PHE A 226 38.56 4.36 1.92
N PHE A 227 38.42 3.47 0.94
CA PHE A 227 37.45 2.39 1.03
C PHE A 227 38.10 1.07 0.65
N PRO A 228 39.06 0.64 1.45
CA PRO A 228 39.79 -0.60 1.16
C PRO A 228 39.01 -1.91 1.30
N VAL A 229 39.37 -2.87 0.46
CA VAL A 229 38.91 -4.23 0.57
C VAL A 229 40.11 -5.11 0.90
N THR A 230 39.87 -6.17 1.66
CA THR A 230 40.94 -7.06 2.02
C THR A 230 40.82 -8.33 1.17
N LYS A 231 41.88 -9.14 1.15
CA LYS A 231 41.83 -10.41 0.39
C LYS A 231 40.91 -11.39 1.10
N GLY A 232 39.87 -11.82 0.41
CA GLY A 232 38.81 -12.58 1.03
C GLY A 232 37.66 -11.69 1.46
N GLY A 233 37.82 -10.38 1.27
CA GLY A 233 36.74 -9.42 1.53
C GLY A 233 35.73 -9.37 0.40
N ALA A 234 34.70 -8.55 0.57
CA ALA A 234 33.71 -8.37 -0.49
C ALA A 234 33.32 -6.91 -0.64
N ALA A 235 33.12 -6.47 -1.88
CA ALA A 235 32.70 -5.09 -2.18
C ALA A 235 31.47 -5.04 -3.08
N ALA A 236 30.59 -4.10 -2.80
CA ALA A 236 29.43 -3.87 -3.66
C ALA A 236 29.60 -2.53 -4.40
N VAL A 237 29.28 -2.52 -5.70
CA VAL A 237 29.46 -1.35 -6.54
C VAL A 237 28.19 -1.17 -7.35
N PRO A 238 27.34 -0.18 -7.03
CA PRO A 238 26.24 0.14 -7.93
C PRO A 238 26.80 0.64 -9.23
N GLY A 239 26.20 0.23 -10.35
CA GLY A 239 26.67 0.66 -11.65
C GLY A 239 25.69 1.46 -12.50
N PRO A 240 25.37 2.72 -12.12
CA PRO A 240 24.49 3.48 -13.02
C PRO A 240 25.19 3.63 -14.36
N PHE A 241 24.43 3.91 -15.42
CA PHE A 241 25.00 4.11 -16.73
C PHE A 241 25.84 5.38 -16.76
N GLY A 242 27.01 5.28 -17.38
CA GLY A 242 27.86 6.44 -17.64
C GLY A 242 28.83 6.85 -16.54
N ALA A 243 29.04 5.99 -15.55
CA ALA A 243 29.90 6.34 -14.43
C ALA A 243 31.25 5.62 -14.49
N GLY A 244 31.65 5.22 -15.69
CA GLY A 244 32.89 4.47 -15.90
C GLY A 244 33.04 3.20 -15.08
N LYS A 245 31.96 2.44 -14.95
CA LYS A 245 31.98 1.22 -14.18
C LYS A 245 32.90 0.17 -14.80
N THR A 246 32.88 0.06 -16.12
CA THR A 246 33.64 -0.97 -16.81
C THR A 246 35.15 -0.74 -16.67
N VAL A 247 35.56 0.52 -16.76
CA VAL A 247 36.94 0.87 -16.59
C VAL A 247 37.36 0.43 -15.20
N VAL A 248 36.61 0.88 -14.20
CA VAL A 248 36.91 0.58 -12.82
C VAL A 248 37.12 -0.91 -12.62
N GLN A 249 36.19 -1.71 -13.14
CA GLN A 249 36.29 -3.16 -13.14
C GLN A 249 37.53 -3.67 -13.86
N HIS A 250 37.88 -3.02 -14.97
CA HIS A 250 39.06 -3.42 -15.72
C HIS A 250 40.31 -3.17 -14.90
N GLN A 251 40.28 -2.08 -14.14
CA GLN A 251 41.42 -1.66 -13.37
C GLN A 251 41.69 -2.65 -12.26
N ILE A 252 40.62 -3.04 -11.57
CA ILE A 252 40.72 -4.04 -10.53
C ILE A 252 41.07 -5.39 -11.17
N ALA A 253 40.51 -5.66 -12.33
CA ALA A 253 40.78 -6.93 -13.00
C ALA A 253 42.25 -7.14 -13.33
N LYS A 254 42.94 -6.08 -13.77
CA LYS A 254 44.37 -6.22 -14.08
C LYS A 254 45.36 -5.80 -12.98
N TRP A 255 44.99 -4.88 -12.12
CA TRP A 255 45.94 -4.34 -11.17
C TRP A 255 45.96 -4.94 -9.78
N SER A 256 44.94 -5.68 -9.40
CA SER A 256 44.95 -6.26 -8.06
C SER A 256 45.89 -7.46 -7.98
N ASP A 257 46.58 -7.56 -6.85
CA ASP A 257 47.52 -8.64 -6.54
C ASP A 257 46.81 -9.94 -6.21
N VAL A 258 46.05 -10.45 -7.17
CA VAL A 258 45.39 -11.76 -7.08
C VAL A 258 45.98 -12.59 -8.22
N ASP A 259 45.93 -13.90 -8.10
CA ASP A 259 46.55 -14.74 -9.12
C ASP A 259 45.61 -14.99 -10.27
N LEU A 260 44.35 -15.23 -9.94
CA LEU A 260 43.34 -15.54 -10.94
C LEU A 260 42.15 -14.62 -10.83
N VAL A 261 41.55 -14.32 -11.97
CA VAL A 261 40.30 -13.57 -12.00
C VAL A 261 39.21 -14.45 -12.58
N VAL A 262 38.09 -14.56 -11.88
CA VAL A 262 36.91 -15.14 -12.50
C VAL A 262 35.97 -13.98 -12.74
N TYR A 263 35.51 -13.84 -13.97
CA TYR A 263 34.57 -12.79 -14.29
C TYR A 263 33.25 -13.42 -14.66
N VAL A 264 32.18 -13.05 -13.97
CA VAL A 264 30.86 -13.60 -14.27
C VAL A 264 29.93 -12.53 -14.80
N GLY A 265 29.37 -12.77 -15.98
CA GLY A 265 28.26 -11.96 -16.50
C GLY A 265 26.92 -12.68 -16.33
N CYS A 266 26.07 -12.15 -15.48
CA CYS A 266 24.91 -12.90 -15.00
C CYS A 266 23.76 -13.06 -15.98
N GLY A 267 23.22 -11.97 -16.52
CA GLY A 267 22.14 -12.06 -17.46
C GLY A 267 22.11 -10.76 -18.20
N GLU A 268 23.10 -10.55 -19.05
CA GLU A 268 23.37 -9.24 -19.59
C GLU A 268 22.70 -8.99 -20.92
N ARG A 269 22.45 -7.71 -21.18
CA ARG A 269 22.05 -7.22 -22.48
C ARG A 269 23.03 -7.65 -23.57
N GLY A 270 22.48 -8.22 -24.64
CA GLY A 270 23.25 -8.79 -25.74
C GLY A 270 24.42 -7.93 -26.18
N ASN A 271 24.16 -6.68 -26.53
CA ASN A 271 25.24 -5.83 -26.98
C ASN A 271 26.21 -5.43 -25.86
N GLU A 272 25.69 -5.29 -24.65
CA GLU A 272 26.55 -4.98 -23.50
C GLU A 272 27.51 -6.12 -23.23
N MET A 273 27.02 -7.36 -23.34
CA MET A 273 27.84 -8.55 -23.15
C MET A 273 28.87 -8.76 -24.24
N THR A 274 28.58 -8.32 -25.46
CA THR A 274 29.52 -8.39 -26.59
C THR A 274 30.84 -7.65 -26.28
N ASP A 275 30.72 -6.56 -25.54
CA ASP A 275 31.86 -5.75 -25.14
C ASP A 275 32.81 -6.49 -24.22
N VAL A 276 32.28 -7.15 -23.21
CA VAL A 276 33.12 -7.82 -22.24
C VAL A 276 33.92 -8.92 -22.96
N VAL A 277 33.23 -9.67 -23.80
CA VAL A 277 33.83 -10.75 -24.54
C VAL A 277 34.97 -10.25 -25.44
N ASN A 278 34.79 -9.09 -26.05
CA ASN A 278 35.83 -8.50 -26.89
C ASN A 278 36.92 -7.82 -26.08
N GLU A 279 36.50 -7.09 -25.05
CA GLU A 279 37.37 -6.22 -24.30
C GLU A 279 38.23 -6.86 -23.24
N PHE A 280 37.74 -7.93 -22.65
CA PHE A 280 38.55 -8.65 -21.67
C PHE A 280 39.86 -9.20 -22.26
N PRO A 281 39.80 -9.94 -23.40
CA PRO A 281 41.03 -10.46 -23.96
C PRO A 281 42.02 -9.36 -24.31
N GLU A 282 41.52 -8.17 -24.60
CA GLU A 282 42.36 -7.03 -24.95
C GLU A 282 43.13 -6.52 -23.76
N LEU A 283 42.62 -6.77 -22.55
CA LEU A 283 43.29 -6.37 -21.33
C LEU A 283 44.60 -7.13 -21.14
N ILE A 284 45.63 -6.43 -20.67
CA ILE A 284 46.97 -6.97 -20.60
C ILE A 284 47.47 -7.14 -19.18
N ASP A 285 48.08 -8.27 -18.90
CA ASP A 285 48.69 -8.48 -17.60
C ASP A 285 49.91 -7.57 -17.47
N PRO A 286 49.96 -6.76 -16.41
CA PRO A 286 51.09 -5.86 -16.23
C PRO A 286 52.44 -6.57 -16.12
N ASN A 287 52.48 -7.66 -15.35
CA ASN A 287 53.75 -8.34 -15.04
C ASN A 287 54.35 -9.13 -16.20
N THR A 288 53.50 -9.76 -16.99
CA THR A 288 54.01 -10.54 -18.11
C THR A 288 53.71 -9.90 -19.46
N GLY A 289 52.81 -8.93 -19.47
CA GLY A 289 52.39 -8.32 -20.72
C GLY A 289 51.64 -9.27 -21.62
N GLU A 290 51.32 -10.47 -21.11
CA GLU A 290 50.44 -11.40 -21.84
C GLU A 290 48.98 -10.95 -21.70
N SER A 291 48.07 -11.60 -22.42
CA SER A 291 46.65 -11.28 -22.28
C SER A 291 46.16 -11.65 -20.90
N LEU A 292 45.34 -10.79 -20.32
CA LEU A 292 44.79 -10.99 -18.99
C LEU A 292 44.02 -12.30 -18.90
N MET A 293 43.49 -12.75 -20.05
CA MET A 293 42.76 -14.00 -20.14
C MET A 293 43.63 -15.18 -19.80
N GLU A 294 44.94 -14.99 -19.81
CA GLU A 294 45.87 -16.04 -19.41
C GLU A 294 45.75 -16.45 -17.92
N ARG A 295 45.08 -15.60 -17.13
CA ARG A 295 44.73 -15.90 -15.76
C ARG A 295 43.26 -15.51 -15.46
N THR A 296 42.38 -15.74 -16.42
CA THR A 296 40.97 -15.43 -16.25
C THR A 296 40.14 -16.59 -16.73
N VAL A 297 39.07 -16.90 -16.00
CA VAL A 297 37.98 -17.74 -16.52
C VAL A 297 36.79 -16.77 -16.67
N LEU A 298 36.10 -16.81 -17.81
CA LEU A 298 35.05 -15.84 -18.04
C LEU A 298 33.70 -16.47 -18.29
N ILE A 299 32.70 -16.04 -17.54
CA ILE A 299 31.33 -16.54 -17.72
C ILE A 299 30.44 -15.47 -18.29
N ALA A 300 29.76 -15.79 -19.39
CA ALA A 300 28.96 -14.82 -20.13
C ALA A 300 27.56 -15.35 -20.42
N ASN A 301 26.55 -14.75 -19.80
CA ASN A 301 25.18 -15.06 -20.19
C ASN A 301 24.50 -13.80 -20.67
N THR A 302 23.86 -13.91 -21.81
CA THR A 302 22.97 -12.87 -22.28
C THR A 302 21.59 -13.12 -21.68
N SER A 303 20.70 -12.14 -21.76
CA SER A 303 19.42 -12.21 -21.06
C SER A 303 18.52 -13.33 -21.55
N ASN A 304 18.72 -13.75 -22.80
CA ASN A 304 17.93 -14.82 -23.39
C ASN A 304 18.52 -16.23 -23.19
N MET A 305 19.57 -16.36 -22.38
CA MET A 305 20.05 -17.70 -22.04
C MET A 305 19.08 -18.36 -21.05
N PRO A 306 19.17 -19.68 -20.88
CA PRO A 306 18.29 -20.35 -19.94
C PRO A 306 18.36 -19.70 -18.56
N VAL A 307 17.20 -19.55 -17.93
CA VAL A 307 17.11 -18.95 -16.61
C VAL A 307 17.98 -19.72 -15.61
N ALA A 308 18.05 -21.04 -15.77
CA ALA A 308 19.00 -21.88 -15.02
C ALA A 308 20.43 -21.38 -15.13
N ALA A 309 20.82 -21.08 -16.36
CA ALA A 309 22.19 -20.67 -16.64
C ALA A 309 22.42 -19.33 -15.98
N ARG A 310 21.40 -18.50 -15.93
CA ARG A 310 21.58 -17.14 -15.46
C ARG A 310 21.58 -17.12 -13.94
N GLU A 311 20.95 -18.11 -13.35
CA GLU A 311 20.91 -18.16 -11.91
C GLU A 311 22.15 -18.84 -11.39
N ALA A 312 22.60 -19.84 -12.13
CA ALA A 312 23.77 -20.63 -11.73
C ALA A 312 25.07 -19.90 -11.95
N SER A 313 25.03 -18.79 -12.67
CA SER A 313 26.24 -18.11 -13.15
C SER A 313 27.25 -17.84 -12.05
N ILE A 314 26.79 -17.16 -11.00
CA ILE A 314 27.66 -16.77 -9.90
C ILE A 314 28.12 -17.97 -9.10
N TYR A 315 27.23 -18.95 -8.98
CA TYR A 315 27.51 -20.18 -8.30
C TYR A 315 28.56 -20.96 -9.06
N THR A 316 28.45 -20.99 -10.38
CA THR A 316 29.41 -21.68 -11.21
C THR A 316 30.76 -21.01 -11.09
N GLY A 317 30.76 -19.68 -11.17
CA GLY A 317 31.97 -18.87 -11.05
C GLY A 317 32.64 -18.97 -9.69
N ILE A 318 31.85 -19.03 -8.62
CA ILE A 318 32.43 -19.09 -7.28
C ILE A 318 33.02 -20.46 -6.99
N THR A 319 32.46 -21.47 -7.61
CA THR A 319 32.98 -22.83 -7.46
C THR A 319 34.33 -22.95 -8.14
N ILE A 320 34.44 -22.41 -9.34
CA ILE A 320 35.71 -22.42 -10.03
C ILE A 320 36.72 -21.61 -9.21
N ALA A 321 36.25 -20.49 -8.66
CA ALA A 321 37.08 -19.64 -7.82
C ALA A 321 37.60 -20.41 -6.62
N GLU A 322 36.77 -21.29 -6.07
CA GLU A 322 37.15 -22.13 -4.93
C GLU A 322 38.23 -23.15 -5.23
N TYR A 323 38.13 -23.79 -6.39
CA TYR A 323 39.09 -24.80 -6.88
C TYR A 323 40.50 -24.21 -6.93
N PHE A 324 40.64 -23.03 -7.50
CA PHE A 324 41.92 -22.34 -7.52
C PHE A 324 42.30 -21.78 -6.15
N ARG A 325 41.33 -21.28 -5.40
CA ARG A 325 41.55 -20.93 -4.01
C ARG A 325 42.23 -22.10 -3.31
N ASP A 326 41.67 -23.31 -3.50
CA ASP A 326 42.18 -24.55 -2.89
C ASP A 326 43.63 -24.85 -3.29
N MET A 327 44.05 -24.30 -4.43
CA MET A 327 45.42 -24.45 -4.90
C MET A 327 46.41 -23.58 -4.10
N GLY A 328 45.89 -22.62 -3.34
CA GLY A 328 46.73 -21.73 -2.58
C GLY A 328 46.93 -20.45 -3.35
N TYR A 329 46.09 -20.23 -4.35
CA TYR A 329 46.06 -18.95 -5.06
C TYR A 329 45.13 -17.94 -4.38
N ASP A 330 45.35 -16.67 -4.68
CA ASP A 330 44.44 -15.61 -4.33
C ASP A 330 43.56 -15.33 -5.54
N VAL A 331 42.25 -15.54 -5.41
CA VAL A 331 41.34 -15.36 -6.54
C VAL A 331 40.44 -14.14 -6.37
N ALA A 332 40.02 -13.53 -7.48
CA ALA A 332 39.10 -12.42 -7.42
C ALA A 332 37.92 -12.74 -8.28
N ILE A 333 36.73 -12.70 -7.70
CA ILE A 333 35.52 -12.95 -8.49
C ILE A 333 34.73 -11.68 -8.73
N MET A 334 34.50 -11.38 -9.99
CA MET A 334 33.81 -10.16 -10.36
C MET A 334 32.49 -10.46 -11.00
N ALA A 335 31.40 -10.06 -10.36
CA ALA A 335 30.07 -10.36 -10.87
C ALA A 335 29.33 -9.12 -11.37
N ASP A 336 28.91 -9.16 -12.62
CA ASP A 336 28.12 -8.09 -13.20
C ASP A 336 26.99 -8.67 -14.09
N SER A 337 25.71 -8.51 -13.71
CA SER A 337 25.25 -7.75 -12.57
C SER A 337 24.43 -8.66 -11.63
N THR A 338 24.65 -8.54 -10.34
CA THR A 338 23.93 -9.40 -9.42
C THR A 338 22.46 -9.03 -9.38
N SER A 339 22.12 -7.81 -9.77
CA SER A 339 20.71 -7.46 -9.88
C SER A 339 20.04 -8.35 -10.90
N ARG A 340 20.76 -8.70 -11.95
CA ARG A 340 20.22 -9.53 -12.99
C ARG A 340 20.13 -10.98 -12.57
N TRP A 341 21.09 -11.42 -11.78
CA TRP A 341 21.07 -12.73 -11.18
C TRP A 341 19.82 -12.88 -10.31
N ALA A 342 19.53 -11.82 -9.56
CA ALA A 342 18.36 -11.72 -8.69
C ALA A 342 17.06 -11.80 -9.48
N GLU A 343 17.08 -11.23 -10.68
CA GLU A 343 15.98 -11.28 -11.62
C GLU A 343 15.71 -12.72 -12.07
N ALA A 344 16.76 -13.50 -12.27
CA ALA A 344 16.60 -14.92 -12.53
C ALA A 344 15.88 -15.65 -11.38
N LEU A 345 16.24 -15.31 -10.15
CA LEU A 345 15.59 -15.84 -8.97
C LEU A 345 14.14 -15.42 -8.85
N ARG A 346 13.87 -14.17 -9.18
CA ARG A 346 12.52 -13.65 -9.13
C ARG A 346 11.64 -14.40 -10.12
N GLU A 347 12.17 -14.63 -11.32
CA GLU A 347 11.46 -15.41 -12.34
C GLU A 347 11.23 -16.85 -11.89
N MET A 348 12.26 -17.47 -11.32
CA MET A 348 12.14 -18.84 -10.84
C MET A 348 11.08 -19.00 -9.75
N SER A 349 11.02 -18.03 -8.85
CA SER A 349 10.00 -17.97 -7.79
C SER A 349 8.58 -17.90 -8.34
N GLY A 350 8.39 -17.11 -9.41
CA GLY A 350 7.13 -17.05 -10.13
C GLY A 350 6.77 -18.36 -10.82
N ARG A 351 7.77 -18.97 -11.46
CA ARG A 351 7.58 -20.22 -12.19
C ARG A 351 7.30 -21.40 -11.26
N LEU A 352 7.80 -21.34 -10.03
CA LEU A 352 7.55 -22.35 -9.00
C LEU A 352 6.28 -22.11 -8.16
N GLU A 353 5.53 -21.07 -8.53
CA GLU A 353 4.30 -20.74 -7.82
C GLU A 353 4.59 -20.68 -6.32
N GLU A 354 5.63 -19.93 -5.99
CA GLU A 354 6.01 -19.70 -4.62
C GLU A 354 5.24 -18.56 -4.00
N MET A 355 5.32 -18.54 -2.67
CA MET A 355 4.96 -17.40 -1.86
C MET A 355 6.10 -16.39 -1.92
N PRO A 356 5.84 -15.21 -2.51
CA PRO A 356 6.87 -14.18 -2.68
C PRO A 356 7.38 -13.54 -1.39
N GLY A 357 8.66 -13.13 -1.43
CA GLY A 357 9.28 -12.34 -0.37
C GLY A 357 8.99 -10.90 -0.68
N ASP A 358 9.96 -10.01 -0.47
CA ASP A 358 9.79 -8.56 -0.77
C ASP A 358 9.96 -8.23 -2.25
N GLU A 359 9.11 -7.33 -2.74
CA GLU A 359 9.12 -6.87 -4.14
C GLU A 359 9.14 -7.99 -5.18
N GLY A 360 8.53 -9.14 -4.91
CA GLY A 360 8.51 -10.22 -5.90
C GLY A 360 9.66 -11.21 -5.87
N TYR A 361 10.77 -10.85 -5.25
CA TYR A 361 11.87 -11.79 -5.06
C TYR A 361 11.45 -12.85 -4.07
N PRO A 362 12.14 -13.99 -4.07
CA PRO A 362 11.82 -15.02 -3.11
C PRO A 362 12.05 -14.55 -1.69
N ALA A 363 11.46 -15.30 -0.76
CA ALA A 363 11.75 -15.16 0.66
C ALA A 363 13.19 -15.57 1.00
N TYR A 364 13.79 -16.48 0.23
CA TYR A 364 15.18 -16.91 0.46
C TYR A 364 16.25 -16.08 -0.25
N LEU A 365 15.87 -14.95 -0.82
CA LEU A 365 16.83 -14.07 -1.48
C LEU A 365 18.02 -13.74 -0.58
N GLY A 366 17.78 -13.32 0.65
CA GLY A 366 18.85 -12.98 1.62
C GLY A 366 19.81 -14.12 1.91
N SER A 367 19.25 -15.31 2.07
CA SER A 367 20.00 -16.55 2.26
C SER A 367 20.76 -16.98 1.05
N ARG A 368 20.14 -16.79 -0.11
CA ARG A 368 20.78 -17.15 -1.35
C ARG A 368 22.00 -16.29 -1.48
N LEU A 369 21.86 -15.00 -1.16
CA LEU A 369 22.96 -14.05 -1.21
C LEU A 369 24.01 -14.30 -0.15
N ALA A 370 23.57 -14.63 1.07
CA ALA A 370 24.51 -14.93 2.13
C ALA A 370 25.34 -16.17 1.78
N GLU A 371 24.69 -17.16 1.17
CA GLU A 371 25.37 -18.38 0.70
C GLU A 371 26.49 -18.06 -0.25
N TYR A 372 26.24 -17.15 -1.19
CA TYR A 372 27.25 -16.73 -2.13
C TYR A 372 28.44 -16.09 -1.45
N TYR A 373 28.19 -15.05 -0.70
CA TYR A 373 29.27 -14.28 -0.14
C TYR A 373 30.08 -15.02 0.91
N GLU A 374 29.41 -15.79 1.74
CA GLU A 374 30.10 -16.58 2.75
C GLU A 374 31.02 -17.65 2.14
N ARG A 375 30.90 -17.88 0.84
CA ARG A 375 31.81 -18.81 0.18
C ARG A 375 33.09 -18.12 -0.29
N SER A 376 33.15 -16.79 -0.20
CA SER A 376 34.38 -16.10 -0.45
C SER A 376 35.06 -15.83 0.88
N GLY A 377 36.36 -15.60 0.87
CA GLY A 377 37.06 -15.30 2.11
C GLY A 377 38.46 -15.85 2.14
N ARG A 378 39.23 -15.44 3.13
CA ARG A 378 40.53 -16.04 3.38
C ARG A 378 40.32 -17.37 4.09
N VAL A 379 41.01 -18.43 3.66
CA VAL A 379 40.94 -19.74 4.33
C VAL A 379 42.26 -20.49 4.39
N ILE A 380 42.31 -21.57 5.18
CA ILE A 380 43.34 -22.58 5.06
C ILE A 380 42.67 -23.70 4.29
N ALA A 381 43.25 -24.07 3.16
CA ALA A 381 42.74 -25.16 2.32
C ALA A 381 43.07 -26.54 2.87
N LEU A 382 42.30 -27.54 2.46
CA LEU A 382 42.62 -28.92 2.80
C LEU A 382 43.96 -29.34 2.22
N GLY A 383 44.58 -30.34 2.86
CA GLY A 383 45.92 -30.80 2.50
C GLY A 383 46.87 -30.69 3.67
N SER A 384 47.96 -31.46 3.61
CA SER A 384 48.98 -31.45 4.66
C SER A 384 49.68 -30.10 4.74
N ASP A 385 49.78 -29.46 3.60
CA ASP A 385 50.48 -28.20 3.43
C ASP A 385 49.95 -27.16 4.38
N GLN A 386 48.65 -27.21 4.65
CA GLN A 386 47.93 -26.15 5.37
C GLN A 386 48.20 -24.79 4.72
N ARG A 387 48.14 -24.77 3.40
CA ARG A 387 48.36 -23.55 2.63
C ARG A 387 47.14 -22.64 2.66
N GLU A 388 47.38 -21.33 2.63
CA GLU A 388 46.32 -20.35 2.58
C GLU A 388 45.95 -20.02 1.14
N GLY A 389 44.71 -19.59 0.95
CA GLY A 389 44.25 -19.06 -0.32
C GLY A 389 43.07 -18.17 -0.01
N SER A 390 42.62 -17.39 -0.98
CA SER A 390 41.51 -16.49 -0.73
C SER A 390 40.64 -16.25 -1.95
N ILE A 391 39.42 -15.77 -1.72
CA ILE A 391 38.54 -15.29 -2.78
C ILE A 391 38.00 -13.94 -2.38
N THR A 392 38.21 -12.96 -3.24
CA THR A 392 37.78 -11.60 -2.95
C THR A 392 36.68 -11.34 -3.94
N ALA A 393 35.50 -10.92 -3.47
CA ALA A 393 34.33 -10.78 -4.35
C ALA A 393 33.96 -9.32 -4.66
N ILE A 394 33.91 -8.98 -5.95
CA ILE A 394 33.51 -7.64 -6.39
C ILE A 394 32.24 -7.68 -7.23
N SER A 395 31.13 -7.21 -6.67
CA SER A 395 29.82 -7.28 -7.35
C SER A 395 29.25 -5.94 -7.78
N ALA A 396 28.76 -5.89 -9.00
CA ALA A 396 27.94 -4.79 -9.42
C ALA A 396 26.48 -5.06 -9.06
N VAL A 397 25.78 -4.01 -8.64
CA VAL A 397 24.33 -4.03 -8.56
C VAL A 397 23.81 -2.97 -9.50
N SER A 398 22.69 -3.23 -10.15
CA SER A 398 22.07 -2.23 -11.02
C SER A 398 20.63 -1.97 -10.58
N PRO A 399 20.48 -1.38 -9.38
CA PRO A 399 19.19 -1.02 -8.78
C PRO A 399 18.26 -0.37 -9.78
N SER A 400 16.98 -0.72 -9.74
CA SER A 400 16.03 -0.26 -10.75
C SER A 400 15.92 1.26 -10.89
N GLY A 401 16.08 2.00 -9.80
CA GLY A 401 16.04 3.47 -9.87
C GLY A 401 17.36 4.15 -9.53
N GLY A 402 18.43 3.35 -9.45
CA GLY A 402 19.65 3.78 -8.81
C GLY A 402 19.34 3.98 -7.33
N ASP A 403 18.15 3.52 -6.94
CA ASP A 403 17.78 3.54 -5.54
C ASP A 403 18.42 2.36 -4.86
N ILE A 404 19.19 2.68 -3.84
CA ILE A 404 19.94 1.71 -3.05
C ILE A 404 19.04 0.89 -2.13
N SER A 405 17.84 1.41 -1.86
CA SER A 405 16.97 0.88 -0.81
C SER A 405 16.31 -0.48 -1.11
N GLU A 406 16.26 -0.85 -2.38
CA GLU A 406 15.70 -2.13 -2.82
C GLU A 406 16.38 -3.39 -2.22
N PRO A 407 15.67 -4.52 -2.25
CA PRO A 407 16.05 -5.77 -1.58
C PRO A 407 17.42 -6.36 -1.91
N VAL A 408 17.79 -6.44 -3.18
CA VAL A 408 19.05 -7.07 -3.56
C VAL A 408 20.22 -6.34 -2.91
N THR A 409 20.29 -5.04 -3.15
CA THR A 409 21.34 -4.21 -2.58
C THR A 409 21.33 -4.26 -1.05
N GLN A 410 20.16 -4.09 -0.43
CA GLN A 410 20.08 -4.15 1.04
C GLN A 410 20.52 -5.50 1.60
N ASN A 411 20.21 -6.58 0.91
CA ASN A 411 20.62 -7.87 1.41
C ASN A 411 22.09 -8.20 1.22
N THR A 412 22.67 -7.62 0.18
CA THR A 412 24.11 -7.73 -0.07
C THR A 412 24.87 -6.96 1.02
N LEU A 413 24.40 -5.74 1.30
CA LEU A 413 25.01 -4.88 2.32
C LEU A 413 24.92 -5.42 3.73
N ARG A 414 24.11 -6.46 3.91
CA ARG A 414 24.06 -7.21 5.16
C ARG A 414 25.29 -8.07 5.33
N VAL A 415 25.84 -8.53 4.20
CA VAL A 415 26.85 -9.58 4.27
C VAL A 415 28.21 -9.22 3.68
N VAL A 416 28.33 -8.04 3.09
CA VAL A 416 29.62 -7.58 2.58
C VAL A 416 30.01 -6.31 3.30
N LYS A 417 31.30 -6.00 3.35
CA LYS A 417 31.75 -4.90 4.18
C LYS A 417 32.20 -3.65 3.45
N VAL A 418 32.24 -3.70 2.13
CA VAL A 418 32.68 -2.56 1.34
C VAL A 418 31.62 -2.14 0.35
N PHE A 419 31.44 -0.83 0.21
CA PHE A 419 30.49 -0.25 -0.72
C PHE A 419 31.10 0.95 -1.47
N TRP A 420 31.23 0.81 -2.78
CA TRP A 420 31.81 1.87 -3.59
C TRP A 420 30.74 2.51 -4.45
N GLY A 421 30.32 3.72 -4.13
CA GLY A 421 29.18 4.32 -4.80
C GLY A 421 29.57 5.10 -6.02
N LEU A 422 29.34 4.51 -7.20
CA LEU A 422 29.62 5.20 -8.46
C LEU A 422 28.51 6.15 -8.71
N ASP A 423 28.88 7.35 -9.08
CA ASP A 423 27.98 8.45 -9.17
C ASP A 423 28.15 9.08 -10.56
N SER A 424 27.05 9.17 -11.29
CA SER A 424 27.05 9.78 -12.61
C SER A 424 27.18 11.31 -12.52
N SER A 425 26.72 11.92 -11.41
CA SER A 425 26.88 13.37 -11.24
C SER A 425 28.37 13.76 -11.12
N LEU A 426 29.18 12.94 -10.44
CA LEU A 426 30.64 13.09 -10.45
C LEU A 426 31.23 12.90 -11.85
N ALA A 427 30.73 11.88 -12.55
CA ALA A 427 31.14 11.61 -13.92
C ALA A 427 30.90 12.82 -14.83
N GLN A 428 29.80 13.53 -14.58
CA GLN A 428 29.42 14.72 -15.35
C GLN A 428 30.34 15.89 -15.10
N LYS A 429 30.97 15.91 -13.94
CA LYS A 429 31.97 16.90 -13.59
C LYS A 429 33.35 16.45 -14.03
N ARG A 430 33.42 15.27 -14.66
CA ARG A 430 34.71 14.73 -15.11
C ARG A 430 35.63 14.27 -13.97
N HIS A 431 35.09 13.48 -13.06
CA HIS A 431 35.81 13.04 -11.88
C HIS A 431 35.80 11.51 -11.93
N PHE A 432 36.97 10.91 -12.18
CA PHE A 432 37.11 9.46 -12.31
C PHE A 432 38.29 8.93 -11.48
N PRO A 433 38.11 7.82 -10.74
CA PRO A 433 36.87 7.04 -10.67
C PRO A 433 35.78 7.87 -10.04
N SER A 434 34.55 7.63 -10.49
CA SER A 434 33.43 8.41 -10.05
C SER A 434 32.85 7.84 -8.80
N ILE A 435 33.70 7.58 -7.82
CA ILE A 435 33.29 7.09 -6.52
C ILE A 435 32.91 8.28 -5.64
N ASN A 436 31.68 8.24 -5.15
CA ASN A 436 31.17 9.21 -4.20
C ASN A 436 31.80 8.95 -2.83
N TRP A 437 32.62 9.87 -2.35
CA TRP A 437 33.45 9.64 -1.16
C TRP A 437 32.74 9.93 0.16
N ILE A 438 31.50 10.36 0.07
CA ILE A 438 30.71 10.66 1.24
C ILE A 438 29.77 9.49 1.45
N GLN A 439 29.22 9.00 0.35
CA GLN A 439 28.31 7.88 0.39
C GLN A 439 29.04 6.56 0.61
N SER A 440 30.23 6.38 0.03
CA SER A 440 30.93 5.10 0.08
C SER A 440 31.48 4.77 1.45
N TYR A 441 31.83 3.50 1.66
CA TYR A 441 32.48 3.09 2.91
C TYR A 441 33.22 1.74 2.83
N SER A 442 34.08 1.53 3.81
CA SER A 442 34.74 0.26 3.98
C SER A 442 34.78 -0.05 5.45
N LEU A 443 34.27 -1.20 5.80
CA LEU A 443 34.28 -1.60 7.17
C LEU A 443 35.59 -2.33 7.47
N TYR A 444 36.49 -2.39 6.49
CA TYR A 444 37.84 -2.90 6.71
C TYR A 444 38.80 -1.77 7.04
N SER A 445 38.29 -0.55 7.02
CA SER A 445 39.12 0.66 7.22
C SER A 445 40.03 0.62 8.44
N THR A 446 39.44 0.37 9.61
CA THR A 446 40.23 0.32 10.83
C THR A 446 41.34 -0.73 10.73
N GLU A 447 40.99 -1.94 10.33
CA GLU A 447 41.92 -3.06 10.27
C GLU A 447 43.04 -2.83 9.26
N VAL A 448 42.67 -2.37 8.08
CA VAL A 448 43.63 -2.00 7.05
C VAL A 448 44.63 -0.96 7.56
N GLY A 449 44.14 0.05 8.29
CA GLY A 449 45.00 1.09 8.81
C GLY A 449 46.00 0.58 9.83
N ARG A 450 45.54 -0.30 10.71
CA ARG A 450 46.40 -0.99 11.67
C ARG A 450 47.50 -1.75 10.94
N TYR A 451 47.08 -2.51 9.93
CA TYR A 451 48.01 -3.17 9.04
C TYR A 451 49.00 -2.20 8.41
N MET A 452 48.50 -1.09 7.91
CA MET A 452 49.32 -0.14 7.19
C MET A 452 50.31 0.59 8.06
N ASP A 453 49.89 0.94 9.28
CA ASP A 453 50.78 1.56 10.24
C ASP A 453 51.95 0.64 10.55
N GLN A 454 51.67 -0.65 10.73
CA GLN A 454 52.69 -1.66 10.97
C GLN A 454 53.72 -1.72 9.86
N ILE A 455 53.22 -1.93 8.64
CA ILE A 455 54.06 -2.16 7.48
C ILE A 455 54.87 -0.92 7.05
N LEU A 456 54.27 0.26 7.11
CA LEU A 456 54.95 1.51 6.76
C LEU A 456 55.81 2.07 7.88
N GLN A 457 55.45 1.74 9.12
CA GLN A 457 55.95 2.39 10.35
C GLN A 457 55.59 3.88 10.44
N GLN A 458 54.52 4.27 9.77
CA GLN A 458 54.05 5.63 9.75
C GLN A 458 52.62 5.68 10.23
N ASP A 459 52.17 6.84 10.67
CA ASP A 459 50.77 7.02 11.02
C ASP A 459 49.92 7.20 9.76
N TRP A 460 49.76 6.12 9.00
CA TRP A 460 48.96 6.16 7.79
C TRP A 460 47.49 6.35 8.12
N SER A 461 47.02 5.67 9.17
CA SER A 461 45.62 5.72 9.58
C SER A 461 45.21 7.12 10.05
N ASP A 462 46.14 7.88 10.62
CA ASP A 462 45.87 9.25 11.05
C ASP A 462 45.71 10.19 9.85
N MET A 463 46.51 9.92 8.83
CA MET A 463 46.46 10.69 7.59
C MET A 463 45.17 10.54 6.81
N VAL A 464 44.65 9.32 6.79
CA VAL A 464 43.41 8.96 6.12
C VAL A 464 42.21 9.63 6.82
N THR A 465 42.15 9.44 8.14
CA THR A 465 41.11 10.05 8.95
C THR A 465 41.10 11.54 8.68
N GLU A 466 42.27 12.17 8.71
CA GLU A 466 42.44 13.60 8.45
C GLU A 466 41.97 14.05 7.04
N GLY A 467 42.36 13.31 6.00
CA GLY A 467 41.92 13.62 4.64
C GLY A 467 40.41 13.49 4.45
N MET A 468 39.83 12.54 5.17
CA MET A 468 38.40 12.32 5.15
C MET A 468 37.67 13.41 5.92
N ARG A 469 38.29 13.90 6.98
CA ARG A 469 37.68 14.95 7.80
C ARG A 469 37.57 16.22 6.99
N ILE A 470 38.59 16.46 6.17
CA ILE A 470 38.67 17.62 5.27
C ILE A 470 37.64 17.57 4.13
N LEU A 471 37.41 16.39 3.57
CA LEU A 471 36.42 16.20 2.53
C LEU A 471 35.01 16.40 3.08
N GLN A 472 34.81 16.01 4.33
CA GLN A 472 33.54 16.17 5.01
C GLN A 472 33.31 17.60 5.44
N GLU A 473 34.38 18.27 5.81
CA GLU A 473 34.30 19.68 6.12
C GLU A 473 33.95 20.44 4.83
N GLU A 474 34.48 19.98 3.69
CA GLU A 474 34.23 20.62 2.39
C GLU A 474 32.74 20.70 2.03
N GLU A 475 32.00 19.61 2.25
CA GLU A 475 30.56 19.58 1.98
C GLU A 475 29.78 20.59 2.83
N GLN A 476 30.24 20.83 4.06
CA GLN A 476 29.63 21.84 4.92
C GLN A 476 29.96 23.25 4.45
N LEU A 477 31.18 23.42 3.97
CA LEU A 477 31.66 24.73 3.52
C LEU A 477 31.03 25.15 2.20
N ASN A 478 30.66 24.17 1.39
CA ASN A 478 30.05 24.42 0.11
C ASN A 478 28.66 25.01 0.24
N GLU A 479 27.95 24.62 1.30
CA GLU A 479 26.66 25.22 1.67
C GLU A 479 26.81 26.74 1.85
N ILE A 480 27.88 27.15 2.54
CA ILE A 480 28.11 28.56 2.82
C ILE A 480 28.51 29.30 1.57
N VAL A 481 29.34 28.67 0.75
CA VAL A 481 29.80 29.24 -0.52
C VAL A 481 28.60 29.58 -1.40
N ARG A 482 27.56 28.75 -1.34
CA ARG A 482 26.33 28.95 -2.09
C ARG A 482 25.55 30.17 -1.63
N LEU A 483 25.40 30.30 -0.31
CA LEU A 483 24.60 31.36 0.26
C LEU A 483 25.33 32.69 0.26
N VAL A 484 26.47 32.77 0.92
CA VAL A 484 27.17 34.06 1.10
C VAL A 484 28.24 34.38 0.05
N GLY A 485 28.47 33.46 -0.89
CA GLY A 485 29.56 33.60 -1.86
C GLY A 485 30.90 33.19 -1.27
N ILE A 486 31.84 32.82 -2.14
CA ILE A 486 33.15 32.33 -1.71
C ILE A 486 33.99 33.38 -0.94
N ASP A 487 33.76 34.65 -1.24
CA ASP A 487 34.57 35.73 -0.67
C ASP A 487 34.11 36.19 0.72
N SER A 488 33.19 35.44 1.31
CA SER A 488 32.72 35.75 2.65
C SER A 488 33.21 34.76 3.71
N LEU A 489 33.87 33.68 3.26
CA LEU A 489 34.42 32.70 4.20
C LEU A 489 35.68 33.23 4.90
N SER A 490 35.90 32.73 6.12
CA SER A 490 37.09 33.06 6.89
C SER A 490 38.33 32.57 6.14
N ASP A 491 39.51 33.09 6.52
CA ASP A 491 40.78 32.67 5.93
C ASP A 491 41.06 31.19 6.19
N ASN A 492 40.57 30.68 7.31
CA ASN A 492 40.78 29.29 7.65
C ASN A 492 39.95 28.34 6.81
N ASP A 493 38.69 28.72 6.60
CA ASP A 493 37.76 27.92 5.83
C ASP A 493 38.19 27.84 4.38
N ARG A 494 38.69 28.97 3.86
CA ARG A 494 39.20 29.04 2.50
C ARG A 494 40.42 28.17 2.26
N LEU A 495 41.22 27.95 3.29
CA LEU A 495 42.30 27.00 3.19
C LEU A 495 41.77 25.57 3.05
N THR A 496 40.74 25.25 3.82
CA THR A 496 40.13 23.92 3.82
C THR A 496 39.58 23.58 2.45
N LEU A 497 38.90 24.53 1.82
CA LEU A 497 38.47 24.36 0.45
C LEU A 497 39.60 23.99 -0.49
N GLU A 498 40.78 24.60 -0.28
CA GLU A 498 41.93 24.33 -1.15
C GLU A 498 42.54 22.95 -0.97
N VAL A 499 42.69 22.51 0.27
CA VAL A 499 43.16 21.17 0.57
C VAL A 499 42.19 20.13 0.03
N ALA A 500 40.92 20.28 0.38
CA ALA A 500 39.93 19.34 -0.08
C ALA A 500 40.01 19.27 -1.60
N LYS A 501 40.07 20.43 -2.24
CA LYS A 501 40.22 20.49 -3.68
C LYS A 501 41.46 19.73 -4.14
N SER A 502 42.54 19.80 -3.35
CA SER A 502 43.76 19.08 -3.69
C SER A 502 43.50 17.59 -3.55
N ILE A 503 42.90 17.18 -2.44
CA ILE A 503 42.62 15.76 -2.26
C ILE A 503 41.80 15.26 -3.44
N ARG A 504 40.85 16.07 -3.89
CA ARG A 504 39.99 15.71 -5.00
C ARG A 504 40.69 15.63 -6.35
N GLU A 505 41.56 16.59 -6.66
CA GLU A 505 42.18 16.62 -7.99
C GLU A 505 43.59 16.01 -8.01
N ASP A 506 44.30 16.19 -6.92
CA ASP A 506 45.64 15.66 -6.82
C ASP A 506 45.68 14.18 -6.42
N TYR A 507 44.64 13.72 -5.70
CA TYR A 507 44.69 12.37 -5.16
C TYR A 507 43.61 11.42 -5.67
N LEU A 508 42.34 11.79 -5.48
CA LEU A 508 41.20 10.92 -5.83
C LEU A 508 41.05 10.68 -7.32
N GLN A 509 41.36 11.68 -8.12
CA GLN A 509 41.19 11.59 -9.56
C GLN A 509 42.36 10.88 -10.19
N GLN A 510 42.04 9.87 -10.98
CA GLN A 510 43.03 8.97 -11.48
C GLN A 510 42.61 8.51 -12.84
N ASN A 511 43.38 8.91 -13.82
CA ASN A 511 43.07 8.52 -15.16
C ASN A 511 43.66 7.15 -15.45
N ALA A 512 42.78 6.19 -15.72
CA ALA A 512 43.16 4.80 -15.94
C ALA A 512 44.08 4.60 -17.15
N PHE A 513 43.94 5.49 -18.13
CA PHE A 513 44.57 5.32 -19.43
C PHE A 513 45.97 5.94 -19.53
N ASP A 514 46.34 6.74 -18.55
CA ASP A 514 47.70 7.24 -18.44
C ASP A 514 48.62 6.11 -18.01
N ASP A 515 49.87 6.18 -18.44
CA ASP A 515 50.87 5.13 -18.23
C ASP A 515 51.32 4.96 -16.77
N VAL A 516 51.31 6.05 -16.02
CA VAL A 516 51.80 6.08 -14.63
C VAL A 516 50.64 6.27 -13.67
N ASP A 517 49.68 7.09 -14.08
CA ASP A 517 48.52 7.37 -13.26
C ASP A 517 47.60 6.16 -13.15
N THR A 518 47.82 5.17 -13.99
CA THR A 518 46.96 4.01 -14.00
C THR A 518 47.04 3.13 -12.73
N PHE A 519 48.17 3.21 -12.03
CA PHE A 519 48.41 2.40 -10.84
C PHE A 519 49.28 3.20 -9.90
N THR A 520 48.97 3.14 -8.62
CA THR A 520 49.79 3.81 -7.64
C THR A 520 50.16 2.79 -6.55
N SER A 521 51.46 2.68 -6.27
CA SER A 521 51.93 1.79 -5.22
C SER A 521 51.45 2.33 -3.88
N ARG A 522 51.43 1.46 -2.89
CA ARG A 522 51.17 1.87 -1.51
C ARG A 522 52.10 2.98 -1.03
N GLU A 523 53.39 2.84 -1.34
CA GLU A 523 54.41 3.81 -0.97
C GLU A 523 54.16 5.16 -1.59
N LYS A 524 53.84 5.17 -2.87
CA LYS A 524 53.57 6.41 -3.59
C LYS A 524 52.32 7.04 -3.03
N GLN A 525 51.31 6.22 -2.76
CA GLN A 525 50.05 6.69 -2.21
C GLN A 525 50.32 7.47 -0.93
N PHE A 526 51.23 6.94 -0.10
CA PHE A 526 51.60 7.57 1.16
C PHE A 526 52.28 8.92 0.97
N ASN A 527 53.26 8.97 0.07
CA ASN A 527 53.96 10.21 -0.23
C ASN A 527 53.06 11.26 -0.86
N MET A 528 52.18 10.82 -1.74
CA MET A 528 51.21 11.69 -2.38
C MET A 528 50.27 12.34 -1.38
N LEU A 529 49.77 11.53 -0.45
CA LEU A 529 48.80 12.03 0.50
C LEU A 529 49.49 12.96 1.49
N LYS A 530 50.69 12.56 1.91
CA LYS A 530 51.49 13.33 2.86
C LYS A 530 51.82 14.77 2.41
N VAL A 531 52.19 14.95 1.14
CA VAL A 531 52.49 16.31 0.66
C VAL A 531 51.28 17.24 0.76
N ILE A 532 50.10 16.71 0.46
CA ILE A 532 48.84 17.47 0.52
C ILE A 532 48.47 17.87 1.94
N LEU A 533 48.57 16.92 2.88
CA LEU A 533 48.21 17.20 4.26
C LEU A 533 49.26 18.12 4.86
N THR A 534 50.51 17.90 4.47
CA THR A 534 51.62 18.73 4.93
C THR A 534 51.42 20.17 4.46
N PHE A 535 51.07 20.33 3.19
CA PHE A 535 50.76 21.63 2.65
C PHE A 535 49.67 22.33 3.43
N GLY A 536 48.60 21.58 3.72
CA GLY A 536 47.53 22.10 4.54
C GLY A 536 48.02 22.43 5.93
N LYS A 537 48.88 21.58 6.48
CA LYS A 537 49.34 21.79 7.84
C LYS A 537 50.23 23.03 7.92
N GLU A 538 51.25 23.10 7.06
CA GLU A 538 52.18 24.24 7.10
C GLU A 538 51.45 25.54 6.80
N ALA A 539 50.49 25.50 5.88
CA ALA A 539 49.67 26.66 5.51
C ALA A 539 48.71 27.14 6.61
N ARG A 540 48.33 26.24 7.50
CA ARG A 540 47.44 26.59 8.62
C ARG A 540 48.25 27.29 9.69
N LYS A 541 49.50 26.84 9.83
CA LYS A 541 50.43 27.43 10.76
C LYS A 541 50.60 28.91 10.42
N ALA A 542 50.88 29.18 9.15
CA ALA A 542 51.16 30.52 8.63
C ALA A 542 49.99 31.50 8.76
N LEU A 543 48.78 30.98 8.71
CA LEU A 543 47.57 31.74 8.98
C LEU A 543 47.52 32.13 10.45
N SER A 544 47.88 31.17 11.30
CA SER A 544 47.98 31.42 12.72
C SER A 544 48.97 32.54 13.06
N LEU A 545 49.97 32.73 12.20
CA LEU A 545 51.00 33.77 12.39
C LEU A 545 50.76 35.05 11.58
N GLY A 546 49.48 35.36 11.31
CA GLY A 546 49.11 36.64 10.68
C GLY A 546 49.34 36.82 9.18
N ALA A 547 49.85 35.77 8.52
CA ALA A 547 49.96 35.74 7.06
C ALA A 547 48.58 35.45 6.48
N TYR A 548 48.32 36.03 5.30
CA TYR A 548 46.98 35.99 4.67
C TYR A 548 46.84 34.91 3.61
N PHE A 549 45.63 34.36 3.49
CA PHE A 549 45.38 33.23 2.61
C PHE A 549 45.83 33.51 1.17
N ASN A 550 45.35 34.61 0.61
CA ASN A 550 45.66 34.98 -0.76
C ASN A 550 47.17 35.03 -1.03
N GLU A 551 47.94 35.49 -0.04
CA GLU A 551 49.40 35.59 -0.16
C GLU A 551 50.08 34.22 -0.20
N ILE A 552 49.56 33.29 0.61
CA ILE A 552 50.05 31.92 0.65
C ILE A 552 49.79 31.22 -0.69
N MET A 553 48.61 31.45 -1.24
CA MET A 553 48.27 30.95 -2.57
C MET A 553 49.19 31.48 -3.66
N GLU A 554 49.41 32.80 -3.67
CA GLU A 554 50.16 33.45 -4.73
C GLU A 554 51.62 33.03 -4.66
N GLY A 555 52.09 32.81 -3.44
CA GLY A 555 53.46 32.42 -3.21
C GLY A 555 53.74 30.98 -3.56
N THR A 556 52.74 30.11 -3.43
CA THR A 556 52.95 28.67 -3.54
C THR A 556 52.50 28.08 -4.86
N VAL A 557 52.50 28.89 -5.91
CA VAL A 557 52.11 28.43 -7.24
C VAL A 557 52.97 27.26 -7.78
N ALA A 558 54.29 27.46 -7.80
CA ALA A 558 55.21 26.45 -8.33
C ALA A 558 55.13 25.10 -7.60
N VAL A 559 55.03 25.17 -6.28
CA VAL A 559 54.99 23.98 -5.44
C VAL A 559 53.64 23.25 -5.51
N ARG A 560 52.54 24.00 -5.57
CA ARG A 560 51.23 23.37 -5.70
C ARG A 560 51.07 22.65 -7.04
N GLU A 561 51.83 23.11 -8.03
CA GLU A 561 51.95 22.43 -9.30
C GLU A 561 52.72 21.12 -9.16
N ARG A 562 53.87 21.17 -8.49
CA ARG A 562 54.64 19.96 -8.16
C ARG A 562 53.77 18.90 -7.47
N ILE A 563 52.84 19.34 -6.62
CA ILE A 563 51.87 18.46 -5.98
C ILE A 563 50.90 17.86 -6.99
N SER A 564 50.53 18.65 -7.98
CA SER A 564 49.54 18.19 -8.95
C SER A 564 50.12 17.28 -10.00
N ARG A 565 51.45 17.15 -10.03
CA ARG A 565 52.13 16.23 -10.93
C ARG A 565 52.52 14.91 -10.22
N SER A 566 52.42 14.92 -8.90
CA SER A 566 52.77 13.78 -8.07
C SER A 566 52.33 12.45 -8.65
N LYS A 567 51.08 12.40 -9.11
CA LYS A 567 50.51 11.19 -9.70
C LYS A 567 51.31 10.66 -10.89
N TYR A 568 52.01 11.56 -11.60
CA TYR A 568 52.74 11.19 -12.81
C TYR A 568 54.20 10.81 -12.55
N ILE A 569 54.73 11.21 -11.40
CA ILE A 569 56.12 10.88 -11.02
C ILE A 569 56.30 9.37 -11.03
N PRO A 570 57.25 8.87 -11.84
CA PRO A 570 57.47 7.44 -12.02
C PRO A 570 57.77 6.72 -10.72
N GLU A 571 57.21 5.52 -10.58
CA GLU A 571 57.39 4.70 -9.39
C GLU A 571 58.86 4.55 -9.02
N GLU A 572 59.70 4.50 -10.06
CA GLU A 572 61.13 4.36 -9.92
C GLU A 572 61.78 5.53 -9.18
N GLU A 573 61.15 6.70 -9.25
CA GLU A 573 61.78 7.95 -8.76
C GLU A 573 60.98 8.64 -7.67
N LEU A 574 60.59 7.87 -6.65
CA LEU A 574 59.71 8.38 -5.57
C LEU A 574 60.28 9.56 -4.78
N ALA A 575 61.61 9.64 -4.74
CA ALA A 575 62.36 10.67 -4.03
C ALA A 575 61.86 12.07 -4.34
N LYS A 576 61.45 12.25 -5.60
CA LYS A 576 61.02 13.54 -6.13
C LYS A 576 59.66 14.01 -5.58
N ILE A 577 58.85 13.06 -5.12
CA ILE A 577 57.59 13.39 -4.41
C ILE A 577 57.90 13.77 -2.97
N SER A 578 58.81 13.03 -2.34
CA SER A 578 59.12 13.25 -0.93
C SER A 578 59.76 14.61 -0.67
N SER A 579 60.52 15.11 -1.66
CA SER A 579 61.28 16.36 -1.56
C SER A 579 60.37 17.58 -1.50
N ILE A 580 59.13 17.39 -1.92
CA ILE A 580 58.15 18.45 -1.95
C ILE A 580 57.85 18.95 -0.53
N ASN A 581 57.97 18.07 0.44
CA ASN A 581 57.74 18.45 1.82
C ASN A 581 58.64 19.58 2.29
N GLU A 582 59.93 19.48 1.97
CA GLU A 582 60.90 20.50 2.31
C GLU A 582 60.63 21.82 1.60
N GLU A 583 60.15 21.73 0.36
CA GLU A 583 59.76 22.90 -0.40
C GLU A 583 58.60 23.65 0.23
N ILE A 584 57.56 22.93 0.63
CA ILE A 584 56.40 23.55 1.24
C ILE A 584 56.83 24.37 2.43
N LYS A 585 57.66 23.80 3.30
CA LYS A 585 58.09 24.49 4.51
C LYS A 585 59.02 25.67 4.21
N GLU A 586 59.97 25.47 3.29
CA GLU A 586 60.88 26.56 2.85
C GLU A 586 60.13 27.73 2.24
N THR A 587 59.18 27.44 1.36
CA THR A 587 58.37 28.48 0.74
C THR A 587 57.46 29.19 1.75
N ILE A 588 56.70 28.41 2.53
CA ILE A 588 55.75 28.99 3.47
C ILE A 588 56.42 29.95 4.44
N GLN A 589 57.45 29.49 5.15
CA GLN A 589 58.17 30.34 6.10
C GLN A 589 58.66 31.63 5.42
N LEU A 590 59.16 31.49 4.21
CA LEU A 590 59.61 32.61 3.38
C LEU A 590 58.49 33.62 3.13
N ILE A 591 57.29 33.12 2.89
CA ILE A 591 56.10 33.97 2.71
C ILE A 591 55.67 34.60 4.04
N VAL A 592 56.00 33.95 5.15
CA VAL A 592 55.69 34.50 6.46
C VAL A 592 56.52 35.77 6.74
N SER A 593 57.72 35.83 6.16
CA SER A 593 58.54 37.06 6.20
C SER A 593 57.87 38.23 5.48
N SER B 2 -18.18 -55.38 21.00
CA SER B 2 -16.75 -55.78 20.90
C SER B 2 -16.23 -56.79 21.97
N SER B 3 -15.74 -57.94 21.51
CA SER B 3 -15.13 -58.96 22.37
C SER B 3 -15.98 -59.57 23.49
N GLY B 4 -17.30 -59.63 23.29
CA GLY B 4 -18.20 -60.16 24.31
C GLY B 4 -18.74 -59.11 25.25
N SER B 5 -18.25 -57.87 25.12
CA SER B 5 -18.66 -56.78 26.01
C SER B 5 -18.86 -55.46 25.27
N SER B 6 -19.63 -54.57 25.88
CA SER B 6 -19.93 -53.28 25.29
C SER B 6 -19.54 -52.20 26.25
N GLY B 7 -18.94 -51.16 25.69
CA GLY B 7 -18.65 -49.94 26.42
C GLY B 7 -19.12 -48.71 25.68
N MET B 8 -18.49 -47.58 25.97
CA MET B 8 -18.77 -46.31 25.34
C MET B 8 -18.01 -46.24 24.03
N GLN B 9 -18.52 -45.43 23.10
CA GLN B 9 -17.88 -45.25 21.79
C GLN B 9 -16.50 -44.67 21.94
N ILE B 10 -15.51 -45.26 21.26
CA ILE B 10 -14.18 -44.71 21.31
C ILE B 10 -13.69 -44.32 19.94
N GLY B 11 -13.36 -43.04 19.79
CA GLY B 11 -12.80 -42.50 18.55
C GLY B 11 -11.36 -42.95 18.36
N LYS B 12 -10.89 -42.82 17.12
CA LYS B 12 -9.53 -43.15 16.80
C LYS B 12 -8.89 -41.97 16.08
N ILE B 13 -7.69 -41.58 16.47
CA ILE B 13 -7.04 -40.45 15.81
C ILE B 13 -6.62 -40.85 14.40
N ILE B 14 -7.02 -40.05 13.42
CA ILE B 14 -6.55 -40.26 12.06
C ILE B 14 -5.62 -39.18 11.59
N LYS B 15 -5.61 -38.02 12.26
CA LYS B 15 -4.72 -36.95 11.82
C LYS B 15 -4.32 -35.97 12.94
N VAL B 16 -3.04 -35.61 12.99
CA VAL B 16 -2.57 -34.57 13.89
C VAL B 16 -1.84 -33.46 13.12
N SER B 17 -2.31 -32.22 13.27
CA SER B 17 -1.68 -31.08 12.63
C SER B 17 -1.74 -29.93 13.62
N GLY B 18 -0.74 -29.84 14.48
CA GLY B 18 -0.71 -28.80 15.48
C GLY B 18 -1.91 -28.91 16.38
N PRO B 19 -2.62 -27.79 16.59
CA PRO B 19 -3.79 -27.79 17.46
C PRO B 19 -5.00 -28.54 16.87
N LEU B 20 -4.92 -28.98 15.62
CA LEU B 20 -6.05 -29.65 14.96
C LEU B 20 -5.86 -31.16 14.89
N VAL B 21 -6.88 -31.89 15.32
CA VAL B 21 -6.81 -33.32 15.39
C VAL B 21 -8.06 -33.84 14.77
N MET B 22 -7.96 -34.92 14.01
CA MET B 22 -9.10 -35.50 13.37
C MET B 22 -9.25 -36.86 13.87
N ALA B 23 -10.48 -37.22 14.25
CA ALA B 23 -10.71 -38.57 14.76
C ALA B 23 -11.90 -39.17 14.06
N GLU B 24 -11.82 -40.48 13.81
CA GLU B 24 -12.91 -41.22 13.22
C GLU B 24 -13.67 -41.96 14.34
N ASN B 25 -14.79 -42.58 13.98
CA ASN B 25 -15.64 -43.30 14.91
C ASN B 25 -16.17 -42.41 16.04
N MET B 26 -16.67 -41.25 15.68
CA MET B 26 -17.07 -40.25 16.64
C MET B 26 -18.54 -39.85 16.47
N SER B 27 -19.29 -40.70 15.79
CA SER B 27 -20.63 -40.40 15.38
C SER B 27 -21.61 -40.07 16.50
N GLU B 28 -21.31 -40.53 17.72
CA GLU B 28 -22.13 -40.20 18.89
C GLU B 28 -21.90 -38.78 19.46
N ALA B 29 -20.78 -38.16 19.08
CA ALA B 29 -20.46 -36.84 19.58
C ALA B 29 -21.10 -35.69 18.78
N SER B 30 -21.45 -34.62 19.46
CA SER B 30 -22.06 -33.46 18.81
C SER B 30 -21.03 -32.37 18.54
N ILE B 31 -21.33 -31.49 17.59
CA ILE B 31 -20.53 -30.32 17.37
C ILE B 31 -20.37 -29.57 18.69
N GLN B 32 -19.14 -29.32 19.08
CA GLN B 32 -18.83 -28.51 20.27
C GLN B 32 -18.79 -29.26 21.60
N ASP B 33 -18.81 -30.59 21.53
CA ASP B 33 -18.58 -31.44 22.67
C ASP B 33 -17.11 -31.44 22.97
N MET B 34 -16.79 -31.63 24.25
CA MET B 34 -15.41 -31.76 24.72
C MET B 34 -15.02 -33.19 24.61
N CYS B 35 -13.76 -33.45 24.29
CA CYS B 35 -13.24 -34.82 24.36
C CYS B 35 -11.81 -34.91 24.87
N LEU B 36 -11.41 -36.12 25.24
CA LEU B 36 -10.06 -36.34 25.71
C LEU B 36 -9.31 -37.06 24.63
N VAL B 37 -8.24 -36.41 24.17
CA VAL B 37 -7.56 -36.80 22.96
C VAL B 37 -6.23 -37.48 23.25
N GLY B 38 -5.98 -38.59 22.54
CA GLY B 38 -4.72 -39.32 22.62
C GLY B 38 -4.62 -40.20 23.86
N ASP B 39 -3.49 -40.89 24.01
CA ASP B 39 -3.20 -41.69 25.19
C ASP B 39 -3.13 -40.82 26.43
N LEU B 40 -2.66 -39.61 26.23
CA LEU B 40 -2.51 -38.61 27.28
C LEU B 40 -3.82 -38.01 27.75
N GLY B 41 -4.83 -38.08 26.89
CA GLY B 41 -6.15 -37.54 27.19
C GLY B 41 -6.25 -36.03 27.24
N VAL B 42 -5.60 -35.33 26.32
CA VAL B 42 -5.68 -33.86 26.34
C VAL B 42 -7.05 -33.33 25.92
N ILE B 43 -7.42 -32.18 26.46
CA ILE B 43 -8.72 -31.58 26.26
C ILE B 43 -8.88 -31.02 24.86
N GLY B 44 -10.01 -31.33 24.23
CA GLY B 44 -10.33 -30.74 22.96
C GLY B 44 -11.80 -30.52 22.75
N GLU B 45 -12.13 -29.73 21.73
CA GLU B 45 -13.53 -29.47 21.35
C GLU B 45 -13.77 -29.86 19.90
N ILE B 46 -14.88 -30.52 19.65
CA ILE B 46 -15.27 -30.84 18.29
C ILE B 46 -15.82 -29.60 17.65
N ILE B 47 -15.21 -29.18 16.54
CA ILE B 47 -15.68 -27.97 15.84
C ILE B 47 -16.35 -28.27 14.52
N GLU B 48 -16.09 -29.44 13.95
CA GLU B 48 -16.68 -29.85 12.66
C GLU B 48 -16.87 -31.35 12.60
N MET B 49 -17.85 -31.77 11.81
CA MET B 49 -18.07 -33.20 11.62
C MET B 49 -18.33 -33.52 10.15
N ARG B 50 -17.55 -34.46 9.61
CA ARG B 50 -17.82 -35.02 8.28
C ARG B 50 -18.00 -36.50 8.43
N GLN B 51 -19.21 -36.96 8.16
CA GLN B 51 -19.62 -38.33 8.42
C GLN B 51 -19.31 -38.69 9.85
N ASP B 52 -18.45 -39.66 10.09
CA ASP B 52 -18.09 -40.04 11.46
C ASP B 52 -16.78 -39.39 11.91
N VAL B 53 -16.21 -38.54 11.05
CA VAL B 53 -14.92 -37.91 11.35
C VAL B 53 -15.11 -36.53 11.99
N ALA B 54 -14.51 -36.37 13.17
CA ALA B 54 -14.57 -35.13 13.92
C ALA B 54 -13.30 -34.27 13.74
N SER B 55 -13.49 -32.96 13.73
CA SER B 55 -12.38 -32.02 13.67
C SER B 55 -12.27 -31.40 15.03
N ILE B 56 -11.14 -31.65 15.69
CA ILE B 56 -10.99 -31.30 17.09
C ILE B 56 -9.95 -30.21 17.31
N GLN B 57 -10.40 -29.14 17.95
CA GLN B 57 -9.53 -28.05 18.34
C GLN B 57 -9.05 -28.35 19.76
N VAL B 58 -7.73 -28.47 19.91
CA VAL B 58 -7.11 -28.95 21.15
C VAL B 58 -6.58 -27.78 21.98
N TYR B 59 -6.89 -27.79 23.28
CA TYR B 59 -6.53 -26.70 24.17
C TYR B 59 -5.27 -26.97 24.95
N GLU B 60 -4.51 -27.95 24.49
CA GLU B 60 -3.23 -28.26 25.11
C GLU B 60 -2.31 -28.61 23.96
N GLU B 61 -1.01 -28.76 24.23
CA GLU B 61 -0.03 -29.12 23.21
C GLU B 61 -0.23 -30.52 22.68
N THR B 62 -0.02 -30.68 21.38
CA THR B 62 -0.21 -31.95 20.69
C THR B 62 1.09 -32.67 20.33
N SER B 63 2.22 -32.13 20.70
CA SER B 63 3.49 -32.76 20.39
C SER B 63 3.56 -34.14 21.02
N GLY B 64 3.93 -35.15 20.24
CA GLY B 64 4.03 -36.53 20.74
C GLY B 64 2.76 -37.36 20.64
N ILE B 65 1.77 -36.81 19.94
CA ILE B 65 0.48 -37.44 19.73
C ILE B 65 0.35 -37.76 18.24
N GLY B 66 -0.25 -38.91 17.95
CA GLY B 66 -0.33 -39.39 16.59
C GLY B 66 -1.51 -40.32 16.40
N PRO B 67 -1.70 -40.81 15.15
CA PRO B 67 -2.79 -41.69 14.73
C PRO B 67 -2.79 -43.06 15.36
N GLY B 68 -4.00 -43.59 15.58
CA GLY B 68 -4.19 -44.87 16.21
C GLY B 68 -4.56 -44.75 17.67
N GLU B 69 -4.44 -43.55 18.22
CA GLU B 69 -4.71 -43.33 19.61
C GLU B 69 -6.19 -43.05 19.81
N PRO B 70 -6.68 -43.29 21.03
CA PRO B 70 -8.06 -43.06 21.42
C PRO B 70 -8.49 -41.58 21.57
N VAL B 71 -9.78 -41.35 21.34
CA VAL B 71 -10.45 -40.09 21.64
C VAL B 71 -11.74 -40.45 22.35
N ARG B 72 -11.92 -39.88 23.53
CA ARG B 72 -13.10 -40.14 24.33
C ARG B 72 -13.90 -38.85 24.47
N SER B 73 -15.05 -38.77 23.82
CA SER B 73 -15.94 -37.63 23.98
C SER B 73 -16.53 -37.63 25.39
N THR B 74 -16.78 -36.46 25.97
CA THR B 74 -17.36 -36.37 27.33
C THR B 74 -18.88 -36.25 27.29
N GLY B 75 -19.42 -35.93 26.11
CA GLY B 75 -20.86 -35.76 25.94
C GLY B 75 -21.38 -34.37 26.27
N GLU B 76 -20.51 -33.50 26.75
CA GLU B 76 -20.91 -32.13 27.06
C GLU B 76 -20.09 -31.08 26.31
N ALA B 77 -20.62 -29.86 26.24
CA ALA B 77 -19.88 -28.73 25.69
C ALA B 77 -18.81 -28.25 26.67
N LEU B 78 -17.84 -27.50 26.17
CA LEU B 78 -16.88 -26.84 27.04
C LEU B 78 -17.60 -25.92 28.02
N SER B 79 -17.41 -26.19 29.31
CA SER B 79 -18.25 -25.62 30.33
C SER B 79 -17.48 -25.24 31.55
N VAL B 80 -17.98 -24.25 32.26
CA VAL B 80 -17.49 -23.92 33.57
C VAL B 80 -18.39 -24.58 34.60
N GLU B 81 -17.77 -24.94 35.74
CA GLU B 81 -18.48 -25.31 36.97
C GLU B 81 -18.72 -24.01 37.76
N LEU B 82 -19.98 -23.69 38.06
CA LEU B 82 -20.30 -22.47 38.79
C LEU B 82 -20.92 -22.83 40.12
N GLY B 83 -20.21 -22.52 41.20
CA GLY B 83 -20.61 -22.82 42.59
C GLY B 83 -19.55 -22.30 43.55
N PRO B 84 -19.77 -22.46 44.87
CA PRO B 84 -18.79 -21.98 45.86
C PRO B 84 -17.41 -22.58 45.69
N GLY B 85 -16.40 -21.75 45.89
CA GLY B 85 -15.02 -22.15 45.70
C GLY B 85 -14.40 -21.53 44.48
N ILE B 86 -15.19 -20.77 43.72
CA ILE B 86 -14.73 -20.13 42.50
C ILE B 86 -14.03 -18.76 42.66
N ILE B 87 -14.39 -18.01 43.69
CA ILE B 87 -13.84 -16.67 43.89
C ILE B 87 -12.49 -16.77 44.54
N SER B 88 -11.60 -15.82 44.22
CA SER B 88 -10.23 -15.77 44.75
C SER B 88 -9.32 -16.79 44.12
N GLN B 89 -9.71 -17.28 42.96
CA GLN B 89 -9.10 -18.42 42.35
C GLN B 89 -8.41 -18.02 41.02
N MET B 90 -7.32 -18.71 40.73
CA MET B 90 -6.59 -18.55 39.48
C MET B 90 -6.74 -19.81 38.63
N PHE B 91 -7.53 -19.69 37.57
CA PHE B 91 -7.76 -20.79 36.66
C PHE B 91 -6.93 -20.64 35.40
N ASP B 92 -6.80 -21.71 34.63
CA ASP B 92 -6.29 -21.61 33.27
C ASP B 92 -7.45 -21.40 32.29
N GLY B 93 -7.17 -21.42 31.00
CA GLY B 93 -8.19 -21.10 30.01
C GLY B 93 -9.42 -22.01 29.97
N ILE B 94 -9.26 -23.25 30.44
CA ILE B 94 -10.36 -24.21 30.46
C ILE B 94 -10.75 -24.49 31.92
N GLN B 95 -10.64 -23.44 32.72
CA GLN B 95 -11.06 -23.46 34.12
C GLN B 95 -10.36 -24.48 34.99
N ARG B 96 -9.06 -24.68 34.78
CA ARG B 96 -8.33 -25.58 35.67
C ARG B 96 -7.57 -24.80 36.72
N PRO B 97 -7.71 -25.19 38.00
CA PRO B 97 -7.08 -24.42 39.10
C PRO B 97 -5.57 -24.58 39.17
N LEU B 98 -4.83 -23.49 38.96
CA LEU B 98 -3.39 -23.57 38.78
C LEU B 98 -2.59 -24.00 39.99
N ASP B 99 -3.02 -23.59 41.17
CA ASP B 99 -2.38 -24.03 42.41
C ASP B 99 -2.62 -25.50 42.69
N THR B 100 -3.83 -25.99 42.44
CA THR B 100 -4.11 -27.43 42.64
C THR B 100 -3.27 -28.30 41.68
N PHE B 101 -3.21 -27.85 40.42
CA PHE B 101 -2.42 -28.42 39.35
C PHE B 101 -0.99 -28.61 39.81
N MET B 102 -0.45 -27.58 40.46
CA MET B 102 0.91 -27.59 40.99
C MET B 102 1.14 -28.68 42.02
N GLU B 103 0.24 -28.79 42.99
CA GLU B 103 0.37 -29.75 44.07
C GLU B 103 0.22 -31.17 43.56
N VAL B 104 -0.78 -31.35 42.72
CA VAL B 104 -1.11 -32.65 42.15
C VAL B 104 -0.01 -33.21 41.23
N THR B 105 0.64 -32.35 40.45
CA THR B 105 1.66 -32.83 39.52
C THR B 105 3.05 -32.75 40.14
N GLN B 106 3.13 -32.10 41.30
CA GLN B 106 4.41 -31.89 41.98
C GLN B 106 5.46 -31.21 41.07
N SER B 107 5.02 -30.22 40.30
CA SER B 107 5.86 -29.60 39.28
C SER B 107 5.60 -28.12 39.19
N ASN B 108 6.60 -27.35 38.79
CA ASN B 108 6.41 -25.93 38.56
C ASN B 108 6.01 -25.63 37.13
N PHE B 109 5.95 -26.68 36.33
CA PHE B 109 5.72 -26.58 34.89
C PHE B 109 4.40 -27.22 34.50
N LEU B 110 3.85 -26.81 33.36
CA LEU B 110 2.56 -27.31 32.92
C LEU B 110 2.63 -28.65 32.20
N GLY B 111 2.27 -29.71 32.91
CA GLY B 111 2.20 -31.02 32.29
C GLY B 111 0.95 -31.11 31.44
N ARG B 112 0.66 -32.31 30.95
CA ARG B 112 -0.42 -32.49 30.01
C ARG B 112 -1.32 -33.63 30.43
N GLY B 113 -2.60 -33.52 30.05
CA GLY B 113 -3.57 -34.56 30.32
C GLY B 113 -3.79 -34.68 31.81
N VAL B 114 -3.97 -33.52 32.43
CA VAL B 114 -4.31 -33.41 33.83
C VAL B 114 -5.81 -33.15 33.88
N GLN B 115 -6.56 -34.14 34.37
CA GLN B 115 -7.97 -33.93 34.60
C GLN B 115 -8.21 -33.53 36.05
N LEU B 116 -8.58 -32.28 36.23
CA LEU B 116 -8.81 -31.70 37.55
C LEU B 116 -10.17 -31.04 37.57
N PRO B 117 -10.96 -31.29 38.62
CA PRO B 117 -12.18 -30.50 38.69
C PRO B 117 -11.89 -29.04 39.06
N ALA B 118 -12.68 -28.13 38.51
CA ALA B 118 -12.46 -26.71 38.68
C ALA B 118 -12.59 -26.25 40.14
N LEU B 119 -13.49 -26.85 40.90
CA LEU B 119 -13.71 -26.40 42.27
C LEU B 119 -13.37 -27.51 43.23
N ASP B 120 -13.18 -27.16 44.49
CA ASP B 120 -12.89 -28.17 45.50
C ASP B 120 -14.21 -28.84 45.84
N HIS B 121 -14.32 -30.12 45.51
CA HIS B 121 -15.55 -30.84 45.74
C HIS B 121 -15.61 -31.48 47.11
N GLU B 122 -14.59 -31.23 47.93
CA GLU B 122 -14.51 -31.78 49.25
C GLU B 122 -14.74 -30.75 50.32
N LYS B 123 -14.71 -29.47 49.96
CA LYS B 123 -14.79 -28.43 50.96
C LYS B 123 -16.20 -28.37 51.52
N GLN B 124 -16.30 -28.20 52.82
CA GLN B 124 -17.60 -28.03 53.46
C GLN B 124 -17.96 -26.56 53.50
N TRP B 125 -19.14 -26.24 53.01
CA TRP B 125 -19.63 -24.89 53.09
C TRP B 125 -20.96 -24.91 53.83
N TRP B 126 -21.20 -23.89 54.64
CA TRP B 126 -22.49 -23.75 55.28
C TRP B 126 -23.49 -23.16 54.30
N PHE B 127 -24.53 -23.92 53.96
CA PHE B 127 -25.58 -23.45 53.07
C PHE B 127 -26.79 -23.07 53.89
N GLU B 128 -27.21 -21.81 53.76
CA GLU B 128 -28.32 -21.27 54.53
C GLU B 128 -29.52 -21.12 53.62
N ALA B 129 -30.50 -22.00 53.80
CA ALA B 129 -31.73 -22.00 53.02
C ALA B 129 -32.53 -20.72 53.20
N THR B 130 -33.05 -20.24 52.09
CA THR B 130 -33.70 -18.94 51.98
C THR B 130 -35.17 -19.12 51.65
N ILE B 131 -35.49 -20.24 51.04
CA ILE B 131 -36.81 -20.44 50.50
C ILE B 131 -37.53 -21.53 51.29
N GLU B 132 -38.85 -21.58 51.18
CA GLU B 132 -39.61 -22.55 51.93
C GLU B 132 -40.08 -23.67 51.04
N GLU B 133 -40.35 -24.82 51.67
CA GLU B 133 -40.95 -25.94 50.95
C GLU B 133 -42.28 -25.53 50.30
N GLY B 134 -42.58 -26.13 49.15
CA GLY B 134 -43.85 -25.90 48.48
C GLY B 134 -43.94 -24.57 47.75
N THR B 135 -42.82 -23.85 47.72
CA THR B 135 -42.71 -22.62 46.93
C THR B 135 -42.40 -22.97 45.48
N GLU B 136 -43.18 -22.41 44.56
CA GLU B 136 -42.94 -22.59 43.14
C GLU B 136 -41.71 -21.79 42.69
N VAL B 137 -40.80 -22.47 42.01
CA VAL B 137 -39.52 -21.89 41.58
C VAL B 137 -39.27 -22.10 40.10
N SER B 138 -38.41 -21.26 39.54
CA SER B 138 -37.96 -21.38 38.15
C SER B 138 -36.54 -20.87 38.06
N ALA B 139 -35.98 -20.89 36.86
CA ALA B 139 -34.60 -20.47 36.63
C ALA B 139 -34.32 -19.08 37.17
N GLY B 140 -33.25 -18.98 37.94
CA GLY B 140 -32.83 -17.73 38.53
C GLY B 140 -33.28 -17.53 39.97
N ASP B 141 -34.26 -18.30 40.43
CA ASP B 141 -34.78 -18.10 41.80
C ASP B 141 -33.74 -18.52 42.84
N ILE B 142 -33.68 -17.76 43.93
CA ILE B 142 -32.68 -17.96 44.94
C ILE B 142 -33.23 -18.89 46.02
N ILE B 143 -32.55 -20.00 46.26
CA ILE B 143 -33.03 -20.94 47.25
C ILE B 143 -32.30 -20.80 48.58
N GLY B 144 -31.17 -20.10 48.57
CA GLY B 144 -30.33 -19.98 49.76
C GLY B 144 -28.98 -19.48 49.35
N TYR B 145 -28.04 -19.41 50.29
CA TYR B 145 -26.77 -18.78 50.00
C TYR B 145 -25.65 -19.37 50.82
N VAL B 146 -24.43 -18.97 50.48
CA VAL B 146 -23.23 -19.39 51.17
C VAL B 146 -22.40 -18.14 51.39
N ASP B 147 -21.85 -17.97 52.58
CA ASP B 147 -20.91 -16.88 52.79
C ASP B 147 -19.55 -17.30 52.28
N GLU B 148 -19.31 -17.15 50.97
CA GLU B 148 -18.10 -17.66 50.35
C GLU B 148 -16.86 -16.84 50.67
N THR B 149 -17.01 -15.53 50.70
CA THR B 149 -15.95 -14.69 51.22
C THR B 149 -16.59 -13.75 52.23
N LYS B 150 -15.77 -12.95 52.88
CA LYS B 150 -16.24 -12.03 53.91
C LYS B 150 -17.27 -11.02 53.41
N ILE B 151 -17.28 -10.78 52.09
CA ILE B 151 -18.11 -9.72 51.48
C ILE B 151 -19.06 -10.16 50.36
N ILE B 152 -18.68 -11.20 49.60
CA ILE B 152 -19.61 -11.74 48.62
C ILE B 152 -20.32 -12.98 49.18
N GLN B 153 -21.65 -12.97 49.09
CA GLN B 153 -22.41 -14.17 49.42
C GLN B 153 -22.87 -14.87 48.15
N HIS B 154 -22.55 -16.16 48.06
CA HIS B 154 -22.80 -16.94 46.86
C HIS B 154 -24.24 -17.43 46.90
N LYS B 155 -25.08 -16.78 46.10
CA LYS B 155 -26.50 -17.07 46.05
C LYS B 155 -26.75 -18.28 45.19
N ILE B 156 -27.47 -19.24 45.74
CA ILE B 156 -27.74 -20.48 45.05
C ILE B 156 -29.02 -20.33 44.25
N MET B 157 -28.87 -20.30 42.93
CA MET B 157 -29.97 -20.08 42.03
C MET B 157 -30.45 -21.38 41.36
N VAL B 158 -31.74 -21.42 41.04
CA VAL B 158 -32.33 -22.52 40.29
C VAL B 158 -31.74 -22.50 38.88
N PRO B 159 -31.06 -23.59 38.49
CA PRO B 159 -30.48 -23.77 37.16
C PRO B 159 -31.49 -23.54 36.06
N ASN B 160 -31.04 -23.21 34.85
CA ASN B 160 -31.91 -23.12 33.69
C ASN B 160 -32.38 -24.52 33.27
N GLY B 161 -33.65 -24.63 32.86
CA GLY B 161 -34.22 -25.92 32.52
C GLY B 161 -34.96 -26.59 33.68
N ILE B 162 -35.09 -25.88 34.80
CA ILE B 162 -35.75 -26.39 36.00
C ILE B 162 -36.89 -25.46 36.42
N LYS B 163 -38.11 -25.99 36.43
CA LYS B 163 -39.32 -25.29 36.88
C LYS B 163 -39.99 -26.27 37.82
N GLY B 164 -40.58 -25.79 38.91
CA GLY B 164 -41.28 -26.72 39.79
C GLY B 164 -41.53 -26.25 41.21
N THR B 165 -41.75 -27.21 42.09
CA THR B 165 -42.10 -26.93 43.48
C THR B 165 -41.01 -27.48 44.39
N VAL B 166 -40.49 -26.63 45.27
CA VAL B 166 -39.55 -27.06 46.30
C VAL B 166 -40.25 -28.11 47.17
N GLN B 167 -39.56 -29.22 47.43
CA GLN B 167 -40.16 -30.31 48.17
C GLN B 167 -39.41 -30.60 49.46
N LYS B 168 -38.08 -30.53 49.41
CA LYS B 168 -37.25 -30.70 50.61
C LYS B 168 -36.05 -29.75 50.59
N ILE B 169 -35.83 -29.05 51.70
CA ILE B 169 -34.68 -28.17 51.85
C ILE B 169 -34.33 -27.90 53.33
N GLU B 170 -33.07 -28.16 53.66
CA GLU B 170 -32.57 -27.94 55.00
C GLU B 170 -31.25 -27.18 54.90
N SER B 171 -31.05 -26.25 55.83
CA SER B 171 -29.76 -25.60 55.98
C SER B 171 -28.79 -26.57 56.61
N GLY B 172 -27.51 -26.37 56.34
CA GLY B 172 -26.46 -27.23 56.90
C GLY B 172 -25.20 -27.25 56.08
N SER B 173 -24.14 -27.79 56.70
CA SER B 173 -22.84 -27.92 56.05
C SER B 173 -22.85 -29.03 54.99
N PHE B 174 -22.58 -28.63 53.76
CA PHE B 174 -22.53 -29.53 52.61
C PHE B 174 -21.31 -29.27 51.77
N THR B 175 -21.02 -30.21 50.88
CA THR B 175 -20.16 -29.96 49.73
C THR B 175 -21.00 -29.61 48.50
N ILE B 176 -20.34 -29.07 47.49
CA ILE B 176 -21.02 -28.70 46.26
C ILE B 176 -21.56 -29.92 45.51
N ASP B 177 -21.13 -31.10 45.92
CA ASP B 177 -21.64 -32.34 45.34
C ASP B 177 -22.90 -32.85 46.01
N ASP B 178 -23.24 -32.28 47.17
CA ASP B 178 -24.35 -32.77 48.00
C ASP B 178 -25.72 -32.24 47.59
N PRO B 179 -26.74 -33.10 47.63
CA PRO B 179 -28.07 -32.62 47.28
C PRO B 179 -28.63 -31.78 48.42
N ILE B 180 -28.90 -30.51 48.15
CA ILE B 180 -29.34 -29.60 49.20
C ILE B 180 -30.81 -29.28 49.07
N CYS B 181 -31.40 -29.71 47.95
CA CYS B 181 -32.77 -29.31 47.60
C CYS B 181 -33.44 -30.28 46.63
N VAL B 182 -34.74 -30.50 46.81
CA VAL B 182 -35.49 -31.36 45.90
C VAL B 182 -36.67 -30.61 45.29
N ILE B 183 -36.86 -30.74 43.98
CA ILE B 183 -37.92 -30.01 43.30
C ILE B 183 -38.83 -30.92 42.49
N GLU B 184 -40.14 -30.72 42.63
CA GLU B 184 -41.16 -31.47 41.90
C GLU B 184 -41.37 -30.85 40.52
N THR B 185 -41.17 -31.64 39.48
CA THR B 185 -41.20 -31.16 38.09
C THR B 185 -42.12 -32.04 37.23
N GLU B 186 -42.55 -31.51 36.09
CA GLU B 186 -43.37 -32.27 35.13
C GLU B 186 -42.69 -33.54 34.65
N GLN B 187 -41.37 -33.47 34.50
CA GLN B 187 -40.57 -34.63 34.12
C GLN B 187 -40.12 -35.47 35.33
N GLY B 188 -40.60 -35.11 36.52
CA GLY B 188 -40.36 -35.94 37.71
C GLY B 188 -39.80 -35.25 38.94
N LEU B 189 -38.99 -36.00 39.69
CA LEU B 189 -38.37 -35.49 40.92
C LEU B 189 -36.90 -35.20 40.65
N LYS B 190 -36.46 -34.00 41.03
CA LYS B 190 -35.15 -33.49 40.63
C LYS B 190 -34.40 -32.85 41.78
N GLU B 191 -33.18 -33.31 42.01
CA GLU B 191 -32.38 -32.78 43.11
C GLU B 191 -31.27 -31.81 42.67
N LEU B 192 -30.96 -30.87 43.54
CA LEU B 192 -30.02 -29.82 43.23
C LEU B 192 -28.84 -29.78 44.18
N THR B 193 -27.74 -29.24 43.67
CA THR B 193 -26.55 -29.03 44.47
C THR B 193 -26.18 -27.56 44.44
N MET B 194 -25.11 -27.19 45.14
CA MET B 194 -24.64 -25.81 45.17
C MET B 194 -23.95 -25.43 43.86
N MET B 195 -23.64 -26.44 43.06
CA MET B 195 -22.89 -26.22 41.84
C MET B 195 -23.74 -26.47 40.59
N GLN B 196 -23.68 -25.55 39.64
CA GLN B 196 -24.28 -25.78 38.33
C GLN B 196 -23.25 -25.62 37.22
N LYS B 197 -23.46 -26.33 36.12
CA LYS B 197 -22.60 -26.25 34.96
C LYS B 197 -23.22 -25.42 33.84
N TRP B 198 -22.39 -24.72 33.09
CA TRP B 198 -22.87 -23.95 31.95
C TRP B 198 -21.87 -24.04 30.79
N PRO B 199 -22.36 -24.19 29.56
CA PRO B 199 -21.48 -24.22 28.42
C PRO B 199 -21.01 -22.80 28.03
N VAL B 200 -19.70 -22.59 27.97
CA VAL B 200 -19.17 -21.23 27.86
C VAL B 200 -19.49 -20.43 26.60
N ARG B 201 -19.76 -21.10 25.48
CA ARG B 201 -19.96 -20.36 24.22
C ARG B 201 -21.38 -19.86 24.07
N ARG B 202 -22.22 -20.23 25.02
CA ARG B 202 -23.62 -19.89 25.01
C ARG B 202 -23.88 -18.84 26.09
N GLY B 203 -24.49 -17.73 25.72
CA GLY B 203 -24.80 -16.68 26.70
C GLY B 203 -25.85 -17.11 27.71
N ARG B 204 -25.66 -16.74 28.96
CA ARG B 204 -26.66 -17.06 29.98
C ARG B 204 -27.87 -16.19 29.74
N PRO B 205 -29.03 -16.81 29.65
CA PRO B 205 -30.25 -16.07 29.34
C PRO B 205 -30.65 -15.10 30.46
N ILE B 206 -31.44 -14.10 30.10
CA ILE B 206 -31.86 -13.03 31.01
C ILE B 206 -33.30 -12.67 30.68
N LYS B 207 -33.94 -11.87 31.51
CA LYS B 207 -35.24 -11.32 31.14
C LYS B 207 -35.12 -10.25 30.04
N GLN B 208 -34.31 -9.21 30.29
CA GLN B 208 -34.03 -8.17 29.30
C GLN B 208 -32.78 -7.38 29.63
N LYS B 209 -32.32 -6.62 28.65
CA LYS B 209 -31.23 -5.71 28.89
C LYS B 209 -31.82 -4.40 29.29
N LEU B 210 -31.02 -3.62 29.99
CA LEU B 210 -31.35 -2.27 30.32
C LEU B 210 -30.23 -1.36 29.83
N ASN B 211 -30.53 -0.07 29.73
CA ASN B 211 -29.54 0.95 29.42
C ASN B 211 -28.53 1.03 30.53
N PRO B 212 -27.24 0.95 30.20
CA PRO B 212 -26.25 1.18 31.23
C PRO B 212 -26.09 2.68 31.39
N ASP B 213 -26.63 3.24 32.46
CA ASP B 213 -26.62 4.69 32.61
C ASP B 213 -26.06 5.21 33.93
N VAL B 214 -25.54 4.32 34.77
CA VAL B 214 -24.84 4.79 35.94
C VAL B 214 -23.34 4.72 35.67
N PRO B 215 -22.60 5.81 35.93
CA PRO B 215 -21.16 5.73 35.72
C PRO B 215 -20.43 4.82 36.71
N MET B 216 -19.39 4.15 36.24
CA MET B 216 -18.52 3.40 37.12
C MET B 216 -17.51 4.41 37.65
N ILE B 217 -17.05 4.24 38.88
CA ILE B 217 -16.00 5.11 39.38
C ILE B 217 -14.65 4.40 39.29
N THR B 218 -13.82 4.77 38.32
CA THR B 218 -12.50 4.11 38.21
C THR B 218 -11.52 4.73 39.16
N GLY B 219 -11.73 6.00 39.49
CA GLY B 219 -10.75 6.78 40.23
C GLY B 219 -9.65 7.33 39.31
N GLN B 220 -9.87 7.25 38.01
CA GLN B 220 -8.92 7.77 37.06
C GLN B 220 -9.53 9.00 36.45
N ARG B 221 -8.92 10.14 36.69
CA ARG B 221 -9.54 11.42 36.42
C ARG B 221 -9.93 11.61 34.96
N VAL B 222 -9.03 11.24 34.05
CA VAL B 222 -9.27 11.38 32.63
C VAL B 222 -10.42 10.46 32.17
N ILE B 223 -10.57 9.32 32.84
CA ILE B 223 -11.58 8.36 32.47
C ILE B 223 -12.93 8.79 32.98
N ASP B 224 -13.03 9.03 34.27
CA ASP B 224 -14.31 9.39 34.85
C ASP B 224 -14.80 10.74 34.39
N THR B 225 -13.86 11.64 34.08
CA THR B 225 -14.25 12.98 33.70
C THR B 225 -14.61 13.09 32.24
N PHE B 226 -13.64 12.83 31.37
CA PHE B 226 -13.85 13.05 29.94
C PHE B 226 -14.32 11.84 29.17
N PHE B 227 -14.00 10.63 29.62
CA PHE B 227 -14.40 9.47 28.85
C PHE B 227 -14.99 8.36 29.71
N PRO B 228 -16.14 8.61 30.34
CA PRO B 228 -16.71 7.65 31.29
C PRO B 228 -17.29 6.40 30.69
N VAL B 229 -17.16 5.30 31.44
CA VAL B 229 -17.79 4.05 31.10
C VAL B 229 -18.86 3.84 32.17
N THR B 230 -20.06 3.46 31.75
CA THR B 230 -21.15 3.21 32.69
C THR B 230 -21.17 1.78 33.18
N LYS B 231 -21.98 1.46 34.20
CA LYS B 231 -22.05 0.06 34.63
C LYS B 231 -22.90 -0.75 33.67
N GLY B 232 -22.27 -1.77 33.10
CA GLY B 232 -22.87 -2.52 32.03
C GLY B 232 -22.43 -1.98 30.69
N GLY B 233 -21.45 -1.06 30.69
CA GLY B 233 -20.90 -0.52 29.46
C GLY B 233 -19.70 -1.29 28.93
N ALA B 234 -19.30 -0.99 27.70
CA ALA B 234 -18.11 -1.62 27.11
C ALA B 234 -17.12 -0.56 26.61
N ALA B 235 -15.87 -0.69 27.05
CA ALA B 235 -14.78 0.20 26.62
C ALA B 235 -13.64 -0.60 26.04
N ALA B 236 -13.02 -0.06 24.99
CA ALA B 236 -11.77 -0.63 24.44
C ALA B 236 -10.61 0.30 24.72
N VAL B 237 -9.46 -0.28 25.00
CA VAL B 237 -8.21 0.46 25.07
C VAL B 237 -7.20 -0.08 24.03
N PRO B 238 -7.23 0.43 22.79
CA PRO B 238 -6.25 0.05 21.81
C PRO B 238 -5.04 0.93 21.95
N GLY B 239 -3.86 0.34 21.84
CA GLY B 239 -2.67 1.13 21.97
C GLY B 239 -1.44 0.33 21.70
N PRO B 240 -0.34 1.01 21.40
CA PRO B 240 0.94 0.41 21.05
C PRO B 240 1.64 -0.15 22.27
N PHE B 241 2.70 -0.91 22.05
CA PHE B 241 3.34 -1.57 23.17
C PHE B 241 3.91 -0.55 24.10
N GLY B 242 3.71 -0.76 25.39
CA GLY B 242 4.28 0.10 26.43
C GLY B 242 3.50 1.36 26.72
N ALA B 243 2.37 1.53 26.04
CA ALA B 243 1.49 2.68 26.23
C ALA B 243 0.72 2.68 27.55
N GLY B 244 0.27 1.51 28.00
CA GLY B 244 -0.35 1.48 29.31
C GLY B 244 -1.69 0.80 29.40
N LYS B 245 -1.97 -0.15 28.52
CA LYS B 245 -3.23 -0.88 28.54
C LYS B 245 -3.32 -1.77 29.75
N THR B 246 -2.22 -2.44 30.06
CA THR B 246 -2.25 -3.40 31.16
C THR B 246 -2.42 -2.64 32.47
N VAL B 247 -1.77 -1.48 32.58
CA VAL B 247 -1.89 -0.69 33.79
C VAL B 247 -3.28 -0.12 34.00
N VAL B 248 -3.89 0.46 32.96
CA VAL B 248 -5.27 0.97 33.03
C VAL B 248 -6.23 -0.13 33.52
N GLN B 249 -6.05 -1.33 33.02
CA GLN B 249 -6.92 -2.41 33.39
C GLN B 249 -6.73 -2.87 34.82
N HIS B 250 -5.48 -2.92 35.26
CA HIS B 250 -5.15 -3.22 36.63
C HIS B 250 -5.74 -2.18 37.55
N GLN B 251 -5.63 -0.91 37.17
CA GLN B 251 -6.16 0.17 37.97
C GLN B 251 -7.63 -0.01 38.23
N ILE B 252 -8.35 -0.31 37.16
CA ILE B 252 -9.78 -0.45 37.21
C ILE B 252 -10.17 -1.63 38.08
N ALA B 253 -9.48 -2.75 37.88
CA ALA B 253 -9.70 -3.94 38.68
C ALA B 253 -9.50 -3.60 40.16
N LYS B 254 -8.55 -2.71 40.42
CA LYS B 254 -8.20 -2.34 41.76
C LYS B 254 -9.19 -1.40 42.41
N TRP B 255 -9.74 -0.45 41.66
CA TRP B 255 -10.45 0.67 42.28
C TRP B 255 -11.90 0.77 41.96
N SER B 256 -12.35 0.14 40.88
CA SER B 256 -13.69 0.44 40.41
C SER B 256 -14.72 -0.04 41.46
N ASP B 257 -15.86 0.62 41.45
CA ASP B 257 -16.92 0.34 42.42
C ASP B 257 -17.86 -0.71 41.85
N VAL B 258 -17.32 -1.88 41.55
CA VAL B 258 -18.14 -3.00 41.15
C VAL B 258 -18.14 -3.98 42.30
N ASP B 259 -18.97 -5.00 42.23
CA ASP B 259 -18.97 -6.00 43.28
C ASP B 259 -17.89 -7.01 43.07
N LEU B 260 -17.65 -7.34 41.82
CA LEU B 260 -16.75 -8.43 41.52
C LEU B 260 -15.99 -8.14 40.25
N VAL B 261 -14.75 -8.61 40.19
CA VAL B 261 -13.88 -8.40 39.06
C VAL B 261 -13.43 -9.73 38.49
N VAL B 262 -13.60 -9.90 37.18
CA VAL B 262 -13.04 -11.06 36.49
C VAL B 262 -11.92 -10.60 35.57
N TYR B 263 -10.71 -11.11 35.82
CA TYR B 263 -9.54 -10.69 35.05
C TYR B 263 -8.99 -11.80 34.14
N VAL B 264 -9.21 -11.67 32.84
CA VAL B 264 -8.68 -12.64 31.88
C VAL B 264 -7.36 -12.15 31.30
N GLY B 265 -6.28 -12.81 31.68
CA GLY B 265 -4.99 -12.55 31.03
C GLY B 265 -4.91 -13.46 29.83
N CYS B 266 -5.26 -12.92 28.67
CA CYS B 266 -5.35 -13.66 27.43
C CYS B 266 -4.11 -13.40 26.56
N GLY B 267 -3.19 -14.35 26.51
CA GLY B 267 -2.06 -14.29 25.60
C GLY B 267 -1.05 -13.23 25.97
N GLU B 268 -1.05 -12.84 27.23
CA GLU B 268 -0.12 -11.84 27.69
C GLU B 268 1.03 -12.39 28.50
N ARG B 269 1.69 -11.54 29.27
CA ARG B 269 2.86 -11.98 30.02
C ARG B 269 2.49 -12.72 31.28
N GLY B 270 3.26 -13.75 31.59
CA GLY B 270 3.14 -14.48 32.83
C GLY B 270 3.32 -13.63 34.06
N ASN B 271 4.28 -12.70 34.03
CA ASN B 271 4.64 -11.90 35.19
C ASN B 271 3.49 -11.07 35.67
N GLU B 272 2.66 -10.67 34.73
CA GLU B 272 1.55 -9.78 34.99
C GLU B 272 0.47 -10.49 35.78
N MET B 273 0.25 -11.76 35.50
CA MET B 273 -0.72 -12.53 36.23
C MET B 273 -0.16 -12.79 37.61
N THR B 274 1.15 -12.98 37.68
CA THR B 274 1.89 -13.19 38.93
C THR B 274 1.77 -11.98 39.82
N ASP B 275 1.81 -10.82 39.18
CA ASP B 275 1.80 -9.56 39.87
C ASP B 275 0.49 -9.41 40.60
N VAL B 276 -0.60 -9.73 39.91
CA VAL B 276 -1.93 -9.71 40.52
C VAL B 276 -2.08 -10.71 41.68
N VAL B 277 -1.66 -11.96 41.50
CA VAL B 277 -1.76 -12.92 42.62
C VAL B 277 -0.97 -12.55 43.86
N ASN B 278 0.14 -11.83 43.69
CA ASN B 278 0.85 -11.31 44.84
C ASN B 278 0.30 -10.00 45.36
N GLU B 279 0.05 -9.02 44.48
CA GLU B 279 -0.32 -7.67 44.95
C GLU B 279 -1.73 -7.61 45.53
N PHE B 280 -2.67 -8.36 44.95
CA PHE B 280 -4.10 -8.25 45.31
C PHE B 280 -4.52 -8.72 46.70
N PRO B 281 -3.89 -9.79 47.22
CA PRO B 281 -4.22 -10.20 48.60
C PRO B 281 -3.69 -9.23 49.66
N GLU B 282 -2.86 -8.28 49.25
CA GLU B 282 -2.28 -7.29 50.14
C GLU B 282 -2.94 -5.94 50.01
N LEU B 283 -3.90 -5.82 49.10
CA LEU B 283 -4.59 -4.56 48.89
C LEU B 283 -5.92 -4.52 49.63
N ILE B 284 -5.91 -3.88 50.79
CA ILE B 284 -6.98 -4.00 51.78
C ILE B 284 -7.89 -2.78 51.83
N ASP B 285 -9.16 -3.01 51.55
CA ASP B 285 -10.23 -2.04 51.78
C ASP B 285 -10.31 -1.76 53.29
N PRO B 286 -10.03 -0.51 53.72
CA PRO B 286 -9.98 -0.18 55.15
C PRO B 286 -11.36 -0.17 55.82
N ASN B 287 -12.41 0.16 55.06
CA ASN B 287 -13.77 0.22 55.60
C ASN B 287 -14.32 -1.14 56.05
N THR B 288 -13.79 -2.21 55.43
CA THR B 288 -14.29 -3.58 55.64
C THR B 288 -13.19 -4.65 55.83
N GLY B 289 -11.95 -4.32 55.50
CA GLY B 289 -10.79 -5.17 55.83
C GLY B 289 -10.64 -6.40 54.96
N GLU B 290 -11.45 -6.48 53.91
CA GLU B 290 -11.37 -7.55 52.94
C GLU B 290 -10.36 -7.13 51.87
N SER B 291 -9.63 -8.09 51.32
CA SER B 291 -8.68 -7.77 50.26
C SER B 291 -9.35 -7.85 48.90
N LEU B 292 -8.70 -7.30 47.88
CA LEU B 292 -9.23 -7.34 46.52
C LEU B 292 -9.40 -8.76 46.02
N MET B 293 -8.54 -9.65 46.49
CA MET B 293 -8.61 -11.06 46.13
C MET B 293 -9.94 -11.71 46.52
N GLU B 294 -10.57 -11.25 47.60
CA GLU B 294 -11.91 -11.74 47.99
C GLU B 294 -13.02 -11.34 47.02
N ARG B 295 -12.72 -10.52 46.03
CA ARG B 295 -13.73 -10.16 45.05
C ARG B 295 -13.25 -10.35 43.61
N THR B 296 -12.22 -11.19 43.43
CA THR B 296 -11.57 -11.33 42.14
C THR B 296 -11.54 -12.77 41.69
N VAL B 297 -11.70 -12.98 40.39
CA VAL B 297 -11.40 -14.26 39.75
C VAL B 297 -10.41 -14.01 38.63
N LEU B 298 -9.36 -14.81 38.61
CA LEU B 298 -8.32 -14.70 37.64
C LEU B 298 -8.33 -15.87 36.68
N ILE B 299 -8.35 -15.59 35.38
CA ILE B 299 -8.14 -16.61 34.35
C ILE B 299 -6.86 -16.30 33.61
N ALA B 300 -5.94 -17.26 33.57
CA ALA B 300 -4.63 -17.05 32.96
C ALA B 300 -4.29 -18.07 31.87
N ASN B 301 -4.04 -17.57 30.66
CA ASN B 301 -3.48 -18.39 29.57
C ASN B 301 -2.50 -17.48 28.83
N THR B 302 -1.23 -17.63 29.17
CA THR B 302 -0.20 -16.71 28.75
C THR B 302 0.18 -17.02 27.32
N SER B 303 1.00 -16.15 26.73
CA SER B 303 1.33 -16.22 25.31
C SER B 303 2.01 -17.51 24.86
N ASN B 304 2.79 -18.13 25.75
CA ASN B 304 3.44 -19.39 25.37
C ASN B 304 2.62 -20.61 25.82
N MET B 305 1.41 -20.33 26.28
CA MET B 305 0.46 -21.39 26.62
C MET B 305 -0.32 -21.81 25.37
N PRO B 306 -1.04 -22.92 25.45
CA PRO B 306 -1.65 -23.37 24.21
C PRO B 306 -2.52 -22.27 23.61
N VAL B 307 -2.37 -22.05 22.30
CA VAL B 307 -2.94 -20.90 21.63
C VAL B 307 -4.45 -20.95 21.58
N ALA B 308 -4.97 -22.14 21.25
CA ALA B 308 -6.40 -22.34 21.18
C ALA B 308 -7.09 -21.89 22.47
N ALA B 309 -6.38 -22.10 23.58
CA ALA B 309 -6.91 -21.86 24.91
C ALA B 309 -6.96 -20.38 25.24
N ARG B 310 -6.44 -19.55 24.36
CA ARG B 310 -6.75 -18.14 24.41
C ARG B 310 -8.26 -17.92 24.19
N GLU B 311 -8.83 -18.61 23.24
CA GLU B 311 -10.28 -18.44 22.99
C GLU B 311 -11.06 -18.98 24.17
N ALA B 312 -10.60 -20.12 24.67
CA ALA B 312 -11.22 -20.72 25.84
C ALA B 312 -11.23 -19.73 27.00
N SER B 313 -10.12 -19.01 27.21
CA SER B 313 -10.01 -18.18 28.39
C SER B 313 -10.99 -17.02 28.39
N ILE B 314 -11.30 -16.49 27.20
CA ILE B 314 -12.25 -15.39 27.06
C ILE B 314 -13.65 -15.84 27.45
N TYR B 315 -14.09 -16.95 26.88
CA TYR B 315 -15.41 -17.49 27.16
C TYR B 315 -15.63 -17.94 28.60
N THR B 316 -14.56 -18.46 29.24
CA THR B 316 -14.62 -18.88 30.63
C THR B 316 -14.94 -17.68 31.51
N GLY B 317 -14.20 -16.60 31.27
CA GLY B 317 -14.36 -15.36 32.02
C GLY B 317 -15.72 -14.71 31.87
N ILE B 318 -16.16 -14.54 30.63
CA ILE B 318 -17.45 -13.92 30.36
C ILE B 318 -18.60 -14.74 30.96
N THR B 319 -18.55 -16.05 30.84
CA THR B 319 -19.54 -16.95 31.43
C THR B 319 -19.58 -16.84 32.97
N ILE B 320 -18.42 -16.85 33.62
CA ILE B 320 -18.36 -16.62 35.07
C ILE B 320 -18.96 -15.26 35.50
N ALA B 321 -18.60 -14.21 34.78
CA ALA B 321 -19.16 -12.90 34.98
C ALA B 321 -20.67 -12.90 34.78
N GLU B 322 -21.18 -13.65 33.81
CA GLU B 322 -22.63 -13.67 33.62
C GLU B 322 -23.31 -14.25 34.85
N TYR B 323 -22.65 -15.25 35.44
CA TYR B 323 -23.18 -16.01 36.54
C TYR B 323 -23.38 -15.20 37.81
N PHE B 324 -22.38 -14.39 38.14
CA PHE B 324 -22.46 -13.45 39.27
C PHE B 324 -23.41 -12.30 39.00
N ARG B 325 -23.49 -11.93 37.73
CA ARG B 325 -24.37 -10.87 37.29
C ARG B 325 -25.79 -11.31 37.53
N ASP B 326 -26.03 -12.60 37.27
CA ASP B 326 -27.32 -13.24 37.47
C ASP B 326 -27.76 -13.20 38.93
N MET B 327 -26.82 -13.28 39.87
CA MET B 327 -27.15 -13.24 41.29
C MET B 327 -27.53 -11.85 41.74
N GLY B 328 -27.42 -10.87 40.85
CA GLY B 328 -27.64 -9.48 41.23
C GLY B 328 -26.40 -8.60 41.37
N TYR B 329 -25.23 -9.08 40.97
CA TYR B 329 -24.00 -8.29 41.15
C TYR B 329 -23.58 -7.41 39.99
N ASP B 330 -22.73 -6.43 40.29
CA ASP B 330 -22.10 -5.58 39.28
C ASP B 330 -20.70 -6.09 39.07
N VAL B 331 -20.44 -6.57 37.85
CA VAL B 331 -19.21 -7.27 37.59
C VAL B 331 -18.44 -6.54 36.51
N ALA B 332 -17.13 -6.52 36.61
CA ALA B 332 -16.31 -6.03 35.52
C ALA B 332 -15.34 -7.11 35.10
N ILE B 333 -15.32 -7.36 33.80
CA ILE B 333 -14.43 -8.34 33.19
C ILE B 333 -13.41 -7.58 32.35
N MET B 334 -12.12 -7.83 32.59
CA MET B 334 -11.10 -7.19 31.79
C MET B 334 -10.43 -8.22 30.93
N ALA B 335 -10.41 -7.96 29.62
CA ALA B 335 -9.74 -8.85 28.68
C ALA B 335 -8.40 -8.26 28.22
N ASP B 336 -7.32 -8.86 28.69
CA ASP B 336 -6.01 -8.42 28.28
C ASP B 336 -5.26 -9.59 27.64
N SER B 337 -5.18 -9.68 26.30
CA SER B 337 -5.67 -8.70 25.34
C SER B 337 -6.48 -9.41 24.27
N THR B 338 -7.53 -8.76 23.73
CA THR B 338 -8.42 -9.41 22.76
C THR B 338 -7.75 -9.69 21.42
N SER B 339 -6.59 -9.09 21.20
CA SER B 339 -5.83 -9.34 19.98
C SER B 339 -5.22 -10.72 19.97
N ARG B 340 -4.82 -11.20 21.14
CA ARG B 340 -4.28 -12.57 21.21
C ARG B 340 -5.38 -13.57 20.97
N TRP B 341 -6.60 -13.20 21.31
CA TRP B 341 -7.75 -14.02 21.08
C TRP B 341 -7.98 -14.18 19.58
N ALA B 342 -7.93 -13.06 18.86
CA ALA B 342 -8.06 -13.02 17.41
C ALA B 342 -6.95 -13.80 16.68
N GLU B 343 -5.73 -13.75 17.20
CA GLU B 343 -4.64 -14.54 16.61
C GLU B 343 -4.87 -16.05 16.70
N ALA B 344 -5.41 -16.50 17.82
CA ALA B 344 -5.81 -17.88 18.01
C ALA B 344 -6.79 -18.29 16.93
N LEU B 345 -7.72 -17.41 16.62
CA LEU B 345 -8.73 -17.69 15.61
C LEU B 345 -8.13 -17.88 14.21
N ARG B 346 -7.19 -17.00 13.88
CA ARG B 346 -6.48 -17.02 12.62
C ARG B 346 -5.62 -18.26 12.43
N GLU B 347 -4.96 -18.68 13.50
CA GLU B 347 -4.14 -19.88 13.48
C GLU B 347 -5.02 -21.11 13.24
N MET B 348 -6.12 -21.24 13.98
CA MET B 348 -7.05 -22.33 13.72
C MET B 348 -7.69 -22.24 12.36
N SER B 349 -7.97 -21.02 11.92
CA SER B 349 -8.50 -20.77 10.59
C SER B 349 -7.56 -21.30 9.51
N GLY B 350 -6.27 -21.11 9.72
CA GLY B 350 -5.26 -21.59 8.81
C GLY B 350 -5.20 -23.09 8.73
N ARG B 351 -5.25 -23.76 9.88
CA ARG B 351 -5.23 -25.22 9.91
C ARG B 351 -6.47 -25.78 9.25
N LEU B 352 -7.59 -25.12 9.47
CA LEU B 352 -8.84 -25.53 8.87
C LEU B 352 -8.84 -25.29 7.38
N GLU B 353 -7.85 -24.55 6.90
CA GLU B 353 -7.72 -24.22 5.48
C GLU B 353 -8.85 -23.32 4.99
N GLU B 354 -9.36 -22.47 5.87
CA GLU B 354 -10.48 -21.59 5.52
C GLU B 354 -10.02 -20.48 4.58
N MET B 355 -10.96 -19.84 3.91
CA MET B 355 -10.66 -18.70 3.05
C MET B 355 -10.57 -17.48 3.94
N PRO B 356 -9.38 -16.82 3.92
CA PRO B 356 -9.01 -15.69 4.77
C PRO B 356 -9.97 -14.50 4.70
N GLY B 357 -10.02 -13.70 5.76
CA GLY B 357 -10.83 -12.49 5.74
C GLY B 357 -9.95 -11.28 5.49
N ASP B 358 -9.92 -10.40 6.46
CA ASP B 358 -9.04 -9.25 6.45
C ASP B 358 -7.77 -9.62 7.14
N GLU B 359 -6.64 -9.33 6.51
CA GLU B 359 -5.37 -9.58 7.17
C GLU B 359 -5.27 -11.01 7.68
N GLY B 360 -5.88 -11.96 6.98
CA GLY B 360 -5.77 -13.38 7.32
C GLY B 360 -6.65 -13.84 8.46
N TYR B 361 -7.29 -12.91 9.14
CA TYR B 361 -8.31 -13.30 10.12
C TYR B 361 -9.48 -13.96 9.39
N PRO B 362 -10.20 -14.87 10.07
CA PRO B 362 -11.31 -15.56 9.45
C PRO B 362 -12.49 -14.62 9.28
N ALA B 363 -13.40 -14.98 8.39
CA ALA B 363 -14.51 -14.10 8.04
C ALA B 363 -15.45 -13.82 9.21
N TYR B 364 -15.46 -14.72 10.21
CA TYR B 364 -16.38 -14.63 11.34
C TYR B 364 -15.80 -13.86 12.52
N LEU B 365 -14.66 -13.21 12.32
CA LEU B 365 -14.03 -12.44 13.37
C LEU B 365 -14.92 -11.33 13.91
N GLY B 366 -15.57 -10.60 13.01
CA GLY B 366 -16.38 -9.44 13.39
C GLY B 366 -17.56 -9.77 14.30
N SER B 367 -18.24 -10.87 13.98
CA SER B 367 -19.37 -11.38 14.75
C SER B 367 -18.98 -12.06 16.05
N ARG B 368 -17.85 -12.77 16.08
CA ARG B 368 -17.32 -13.34 17.33
C ARG B 368 -17.08 -12.25 18.35
N LEU B 369 -16.42 -11.18 17.90
CA LEU B 369 -16.20 -10.02 18.73
C LEU B 369 -17.51 -9.40 19.19
N ALA B 370 -18.43 -9.18 18.24
CA ALA B 370 -19.72 -8.54 18.53
C ALA B 370 -20.55 -9.42 19.45
N GLU B 371 -20.43 -10.74 19.31
CA GLU B 371 -21.19 -11.64 20.17
C GLU B 371 -20.80 -11.49 21.65
N TYR B 372 -19.49 -11.44 21.88
CA TYR B 372 -18.91 -11.29 23.21
C TYR B 372 -19.23 -9.96 23.90
N TYR B 373 -19.23 -8.86 23.15
CA TYR B 373 -19.53 -7.58 23.74
C TYR B 373 -21.00 -7.44 24.04
N GLU B 374 -21.82 -8.21 23.34
CA GLU B 374 -23.24 -8.15 23.58
C GLU B 374 -23.65 -9.03 24.77
N ARG B 375 -22.72 -9.82 25.26
CA ARG B 375 -22.97 -10.60 26.46
C ARG B 375 -22.75 -9.73 27.68
N SER B 376 -22.35 -8.49 27.44
CA SER B 376 -22.15 -7.58 28.54
C SER B 376 -23.32 -6.61 28.63
N GLY B 377 -23.41 -5.87 29.72
CA GLY B 377 -24.50 -4.95 29.82
C GLY B 377 -25.25 -5.01 31.12
N ARG B 378 -26.22 -4.12 31.21
CA ARG B 378 -27.05 -4.00 32.38
C ARG B 378 -28.24 -4.89 32.11
N VAL B 379 -28.61 -5.73 33.07
CA VAL B 379 -29.76 -6.60 32.87
C VAL B 379 -30.65 -6.80 34.10
N ILE B 380 -31.88 -7.18 33.80
CA ILE B 380 -32.76 -7.79 34.78
C ILE B 380 -32.56 -9.27 34.58
N ALA B 381 -32.15 -9.91 35.66
CA ALA B 381 -31.91 -11.34 35.74
C ALA B 381 -33.19 -12.13 35.81
N LEU B 382 -33.10 -13.40 35.45
CA LEU B 382 -34.21 -14.34 35.56
C LEU B 382 -34.52 -14.60 37.03
N GLY B 383 -35.77 -14.98 37.29
CA GLY B 383 -36.25 -15.15 38.65
C GLY B 383 -37.35 -14.15 38.96
N SER B 384 -38.12 -14.47 39.99
CA SER B 384 -39.28 -13.64 40.42
C SER B 384 -38.93 -12.27 40.98
N ASP B 385 -37.75 -12.11 41.61
CA ASP B 385 -37.29 -10.81 42.13
C ASP B 385 -37.21 -9.78 41.04
N GLN B 386 -36.90 -10.23 39.84
CA GLN B 386 -36.51 -9.37 38.75
C GLN B 386 -35.33 -8.49 39.17
N ARG B 387 -34.40 -9.07 39.92
CA ARG B 387 -33.17 -8.37 40.30
C ARG B 387 -32.36 -7.96 39.08
N GLU B 388 -31.58 -6.92 39.26
CA GLU B 388 -30.81 -6.35 38.20
C GLU B 388 -29.32 -6.61 38.40
N GLY B 389 -28.59 -6.77 37.31
CA GLY B 389 -27.16 -6.95 37.42
C GLY B 389 -26.48 -6.36 36.21
N SER B 390 -25.14 -6.33 36.24
CA SER B 390 -24.39 -5.81 35.12
C SER B 390 -23.00 -6.42 34.91
N ILE B 391 -22.62 -6.50 33.65
CA ILE B 391 -21.26 -6.78 33.29
C ILE B 391 -20.72 -5.56 32.54
N THR B 392 -19.60 -5.03 33.00
CA THR B 392 -18.85 -3.98 32.30
C THR B 392 -17.56 -4.61 31.74
N ALA B 393 -17.36 -4.44 30.45
CA ALA B 393 -16.26 -5.09 29.78
C ALA B 393 -15.23 -4.06 29.37
N ILE B 394 -13.97 -4.30 29.76
CA ILE B 394 -12.85 -3.43 29.42
C ILE B 394 -11.83 -4.28 28.68
N SER B 395 -11.68 -4.08 27.39
CA SER B 395 -10.76 -4.89 26.62
C SER B 395 -9.59 -4.08 26.06
N ALA B 396 -8.39 -4.63 26.24
CA ALA B 396 -7.19 -4.15 25.56
C ALA B 396 -7.26 -4.61 24.12
N VAL B 397 -6.83 -3.74 23.20
CA VAL B 397 -6.57 -4.15 21.83
C VAL B 397 -5.12 -3.79 21.60
N SER B 398 -4.37 -4.65 20.92
CA SER B 398 -2.95 -4.41 20.75
C SER B 398 -2.56 -4.37 19.29
N PRO B 399 -2.87 -3.25 18.60
CA PRO B 399 -2.68 -3.15 17.14
C PRO B 399 -1.21 -3.13 16.69
N SER B 400 -0.89 -3.81 15.59
CA SER B 400 0.47 -3.81 15.03
C SER B 400 0.86 -2.40 14.70
N GLY B 401 2.03 -1.99 15.16
CA GLY B 401 2.55 -0.65 14.94
C GLY B 401 1.69 0.42 15.60
N GLY B 402 0.65 0.01 16.31
CA GLY B 402 -0.24 0.99 16.90
C GLY B 402 -1.24 1.48 15.88
N ASP B 403 -1.34 0.77 14.77
CA ASP B 403 -2.29 1.13 13.74
C ASP B 403 -3.70 0.61 14.03
N ILE B 404 -4.59 1.54 14.37
CA ILE B 404 -5.96 1.21 14.78
C ILE B 404 -6.90 0.89 13.62
N SER B 405 -6.41 1.01 12.38
CA SER B 405 -7.19 0.63 11.22
C SER B 405 -7.19 -0.89 11.03
N GLU B 406 -6.52 -1.60 11.93
CA GLU B 406 -6.45 -3.05 11.93
C GLU B 406 -7.83 -3.65 12.26
N PRO B 407 -8.16 -4.81 11.68
CA PRO B 407 -9.50 -5.37 11.82
C PRO B 407 -10.01 -5.62 13.24
N VAL B 408 -9.15 -6.08 14.15
CA VAL B 408 -9.58 -6.30 15.53
C VAL B 408 -10.08 -5.02 16.19
N THR B 409 -9.27 -3.97 16.13
CA THR B 409 -9.69 -2.68 16.64
C THR B 409 -10.96 -2.16 15.97
N GLN B 410 -11.01 -2.26 14.64
CA GLN B 410 -12.12 -1.71 13.86
C GLN B 410 -13.43 -2.40 14.19
N ASN B 411 -13.41 -3.73 14.19
CA ASN B 411 -14.56 -4.50 14.60
C ASN B 411 -14.98 -4.21 16.03
N THR B 412 -14.02 -4.02 16.92
CA THR B 412 -14.34 -3.70 18.31
C THR B 412 -15.04 -2.36 18.43
N LEU B 413 -14.45 -1.34 17.81
CA LEU B 413 -15.03 0.00 17.83
C LEU B 413 -16.44 0.06 17.27
N ARG B 414 -16.81 -0.96 16.51
CA ARG B 414 -18.15 -1.05 15.98
C ARG B 414 -19.26 -1.29 17.03
N VAL B 415 -18.90 -1.96 18.13
CA VAL B 415 -19.88 -2.39 19.12
C VAL B 415 -19.72 -1.77 20.53
N VAL B 416 -18.58 -1.16 20.81
CA VAL B 416 -18.35 -0.59 22.14
C VAL B 416 -18.57 0.90 22.04
N LYS B 417 -18.97 1.51 23.14
CA LYS B 417 -19.29 2.92 23.12
C LYS B 417 -18.19 3.84 23.64
N VAL B 418 -17.11 3.26 24.15
CA VAL B 418 -16.04 4.02 24.76
C VAL B 418 -14.72 3.68 24.09
N PHE B 419 -13.99 4.69 23.67
CA PHE B 419 -12.71 4.48 23.01
C PHE B 419 -11.61 5.17 23.83
N TRP B 420 -10.75 4.37 24.48
CA TRP B 420 -9.59 4.96 25.13
C TRP B 420 -8.38 4.75 24.29
N GLY B 421 -8.04 5.78 23.52
CA GLY B 421 -6.98 5.68 22.51
C GLY B 421 -5.64 6.10 23.05
N LEU B 422 -4.76 5.12 23.21
CA LEU B 422 -3.46 5.37 23.84
C LEU B 422 -2.47 5.85 22.82
N ASP B 423 -1.65 6.81 23.22
CA ASP B 423 -0.69 7.41 22.32
C ASP B 423 0.72 7.12 22.77
N SER B 424 1.53 6.56 21.86
CA SER B 424 2.93 6.23 22.13
C SER B 424 3.75 7.48 22.37
N SER B 425 3.35 8.55 21.71
CA SER B 425 3.98 9.85 21.90
C SER B 425 3.79 10.35 23.31
N LEU B 426 2.57 10.22 23.84
CA LEU B 426 2.31 10.60 25.22
C LEU B 426 3.09 9.72 26.18
N ALA B 427 3.19 8.45 25.87
CA ALA B 427 3.86 7.53 26.76
C ALA B 427 5.33 7.85 26.82
N GLN B 428 5.92 8.20 25.69
CA GLN B 428 7.32 8.55 25.67
C GLN B 428 7.59 9.80 26.46
N LYS B 429 6.64 10.71 26.49
CA LYS B 429 6.79 11.95 27.25
C LYS B 429 6.47 11.72 28.70
N ARG B 430 6.16 10.47 29.05
CA ARG B 430 5.78 10.07 30.41
C ARG B 430 4.42 10.62 30.87
N HIS B 431 3.57 11.02 29.93
CA HIS B 431 2.22 11.47 30.23
C HIS B 431 1.27 10.26 30.31
N PHE B 432 1.09 9.72 31.53
CA PHE B 432 0.19 8.58 31.75
C PHE B 432 -1.01 8.97 32.59
N PRO B 433 -2.17 8.33 32.37
CA PRO B 433 -2.41 7.37 31.29
C PRO B 433 -2.25 8.05 29.92
N SER B 434 -1.68 7.34 28.97
CA SER B 434 -1.38 7.98 27.71
C SER B 434 -2.62 8.08 26.81
N ILE B 435 -3.75 8.47 27.41
CA ILE B 435 -4.99 8.58 26.68
C ILE B 435 -4.98 9.86 25.87
N ASN B 436 -5.16 9.70 24.57
CA ASN B 436 -5.17 10.80 23.68
C ASN B 436 -6.53 11.43 23.75
N TRP B 437 -6.58 12.60 24.39
CA TRP B 437 -7.81 13.34 24.66
C TRP B 437 -8.50 13.94 23.43
N ILE B 438 -7.81 14.01 22.30
CA ILE B 438 -8.44 14.51 21.08
C ILE B 438 -9.16 13.41 20.35
N GLN B 439 -8.57 12.23 20.29
CA GLN B 439 -9.13 11.14 19.49
C GLN B 439 -10.08 10.26 20.27
N SER B 440 -9.95 10.27 21.59
CA SER B 440 -10.75 9.40 22.43
C SER B 440 -12.22 9.86 22.50
N TYR B 441 -13.10 8.97 22.93
CA TYR B 441 -14.48 9.37 23.12
C TYR B 441 -15.20 8.41 24.04
N SER B 442 -16.23 8.90 24.71
CA SER B 442 -17.18 8.05 25.37
C SER B 442 -18.54 8.44 24.88
N LEU B 443 -19.27 7.47 24.35
CA LEU B 443 -20.60 7.78 23.89
C LEU B 443 -21.58 7.85 25.06
N TYR B 444 -21.06 7.63 26.27
CA TYR B 444 -21.84 7.73 27.50
C TYR B 444 -21.72 9.09 28.15
N SER B 445 -20.93 9.95 27.55
CA SER B 445 -20.62 11.28 28.07
C SER B 445 -21.81 12.20 28.41
N THR B 446 -22.73 12.33 27.45
CA THR B 446 -23.95 13.13 27.61
C THR B 446 -24.81 12.64 28.77
N GLU B 447 -25.08 11.35 28.80
CA GLU B 447 -25.90 10.73 29.85
C GLU B 447 -25.23 10.77 31.21
N VAL B 448 -23.93 10.52 31.22
CA VAL B 448 -23.17 10.52 32.47
C VAL B 448 -23.12 11.92 33.00
N GLY B 449 -23.10 12.89 32.10
CA GLY B 449 -23.14 14.30 32.48
C GLY B 449 -24.41 14.67 33.24
N ARG B 450 -25.56 14.27 32.70
CA ARG B 450 -26.84 14.48 33.35
C ARG B 450 -26.86 13.86 34.73
N TYR B 451 -26.44 12.59 34.79
CA TYR B 451 -26.33 11.85 36.04
C TYR B 451 -25.47 12.53 37.10
N MET B 452 -24.28 12.98 36.70
CA MET B 452 -23.35 13.70 37.58
C MET B 452 -23.88 15.05 38.11
N ASP B 453 -24.50 15.83 37.23
CA ASP B 453 -25.07 17.10 37.64
C ASP B 453 -26.01 16.86 38.81
N GLN B 454 -26.89 15.87 38.66
CA GLN B 454 -27.91 15.55 39.67
C GLN B 454 -27.34 14.99 40.95
N ILE B 455 -26.35 14.13 40.85
CA ILE B 455 -25.78 13.55 42.07
C ILE B 455 -24.87 14.54 42.78
N LEU B 456 -24.34 15.48 42.02
CA LEU B 456 -23.44 16.49 42.56
C LEU B 456 -24.13 17.81 42.83
N GLN B 457 -25.21 18.05 42.09
CA GLN B 457 -25.97 19.28 42.19
C GLN B 457 -25.03 20.43 41.91
N GLN B 458 -24.48 20.38 40.71
CA GLN B 458 -23.40 21.21 40.28
C GLN B 458 -23.45 21.13 38.76
N ASP B 459 -22.93 22.13 38.07
CA ASP B 459 -22.86 22.06 36.60
C ASP B 459 -21.57 21.35 36.15
N TRP B 460 -21.50 20.03 36.38
CA TRP B 460 -20.32 19.22 36.06
C TRP B 460 -20.14 19.06 34.56
N SER B 461 -21.25 18.79 33.88
CA SER B 461 -21.20 18.51 32.45
C SER B 461 -20.65 19.72 31.71
N ASP B 462 -21.00 20.91 32.19
CA ASP B 462 -20.49 22.18 31.66
C ASP B 462 -19.01 22.36 31.88
N MET B 463 -18.54 21.95 33.05
CA MET B 463 -17.14 22.07 33.39
C MET B 463 -16.33 21.17 32.48
N VAL B 464 -16.81 19.95 32.28
CA VAL B 464 -16.23 18.98 31.40
C VAL B 464 -16.16 19.52 29.97
N THR B 465 -17.27 20.08 29.51
CA THR B 465 -17.33 20.67 28.18
C THR B 465 -16.34 21.80 28.05
N GLU B 466 -16.25 22.64 29.07
CA GLU B 466 -15.31 23.76 29.03
C GLU B 466 -13.87 23.23 28.99
N GLY B 467 -13.62 22.17 29.73
CA GLY B 467 -12.31 21.54 29.74
C GLY B 467 -11.95 20.95 28.41
N MET B 468 -12.90 20.30 27.75
CA MET B 468 -12.66 19.75 26.42
C MET B 468 -12.46 20.85 25.36
N ARG B 469 -13.23 21.93 25.48
CA ARG B 469 -13.11 23.12 24.64
C ARG B 469 -11.71 23.72 24.76
N ILE B 470 -11.20 23.77 25.98
CA ILE B 470 -9.89 24.31 26.23
C ILE B 470 -8.83 23.44 25.59
N LEU B 471 -8.95 22.14 25.77
CA LEU B 471 -7.96 21.21 25.24
C LEU B 471 -8.00 21.22 23.72
N GLN B 472 -9.19 21.37 23.15
CA GLN B 472 -9.34 21.43 21.69
C GLN B 472 -8.67 22.69 21.10
N GLU B 473 -8.82 23.80 21.80
CA GLU B 473 -8.21 25.08 21.40
C GLU B 473 -6.68 25.03 21.46
N GLU B 474 -6.12 24.39 22.50
CA GLU B 474 -4.69 24.14 22.58
C GLU B 474 -4.14 23.35 21.39
N GLU B 475 -4.90 22.41 20.85
CA GLU B 475 -4.42 21.66 19.70
C GLU B 475 -4.39 22.53 18.45
N GLN B 476 -5.33 23.46 18.34
CA GLN B 476 -5.32 24.45 17.25
C GLN B 476 -4.14 25.37 17.40
N LEU B 477 -3.79 25.74 18.63
CA LEU B 477 -2.74 26.74 18.88
C LEU B 477 -1.33 26.19 18.81
N ASN B 478 -1.14 24.96 19.26
CA ASN B 478 0.14 24.28 19.22
C ASN B 478 0.57 23.99 17.80
N GLU B 479 -0.36 24.07 16.86
CA GLU B 479 -0.05 23.80 15.48
C GLU B 479 0.73 24.98 14.94
N ILE B 480 0.46 26.15 15.54
CA ILE B 480 1.11 27.41 15.21
C ILE B 480 2.43 27.60 15.94
N VAL B 481 2.48 27.16 17.20
CA VAL B 481 3.66 27.31 18.03
C VAL B 481 4.82 26.48 17.51
N ARG B 482 4.47 25.34 16.88
CA ARG B 482 5.43 24.49 16.21
C ARG B 482 5.99 25.20 14.98
N LEU B 483 5.10 25.88 14.26
CA LEU B 483 5.51 26.63 13.08
C LEU B 483 6.30 27.87 13.39
N VAL B 484 5.75 28.77 14.20
CA VAL B 484 6.33 30.11 14.38
C VAL B 484 6.85 30.47 15.78
N GLY B 485 6.43 29.75 16.81
CA GLY B 485 6.88 30.05 18.16
C GLY B 485 5.81 30.74 19.00
N ILE B 486 5.98 30.65 20.32
CA ILE B 486 4.98 31.10 21.28
C ILE B 486 4.79 32.61 21.26
N ASP B 487 5.84 33.30 20.86
CA ASP B 487 5.91 34.75 20.77
C ASP B 487 4.80 35.36 19.88
N SER B 488 4.33 34.61 18.89
CA SER B 488 3.34 35.14 17.96
C SER B 488 1.95 35.25 18.59
N LEU B 489 1.73 34.53 19.69
CA LEU B 489 0.40 34.39 20.28
C LEU B 489 -0.06 35.63 21.02
N SER B 490 -1.35 35.92 20.93
CA SER B 490 -1.95 36.98 21.73
C SER B 490 -2.08 36.53 23.18
N ASP B 491 -2.31 37.47 24.10
CA ASP B 491 -2.38 37.17 25.52
C ASP B 491 -3.51 36.20 25.86
N ASN B 492 -4.65 36.37 25.19
CA ASN B 492 -5.73 35.43 25.31
C ASN B 492 -5.25 34.03 24.96
N ASP B 493 -4.66 33.90 23.77
CA ASP B 493 -4.12 32.63 23.30
C ASP B 493 -3.05 32.07 24.22
N ARG B 494 -2.28 32.94 24.84
CA ARG B 494 -1.19 32.53 25.73
C ARG B 494 -1.71 31.81 26.96
N LEU B 495 -2.81 32.33 27.48
CA LEU B 495 -3.47 31.82 28.66
C LEU B 495 -4.13 30.47 28.40
N THR B 496 -4.82 30.34 27.28
CA THR B 496 -5.45 29.09 26.91
C THR B 496 -4.41 27.99 26.99
N LEU B 497 -3.21 28.25 26.49
CA LEU B 497 -2.14 27.26 26.58
C LEU B 497 -1.77 26.89 28.01
N GLU B 498 -1.79 27.88 28.89
CA GLU B 498 -1.43 27.68 30.29
C GLU B 498 -2.50 26.96 31.09
N VAL B 499 -3.77 27.22 30.77
CA VAL B 499 -4.88 26.53 31.40
C VAL B 499 -4.92 25.09 30.92
N ALA B 500 -4.76 24.92 29.62
CA ALA B 500 -4.67 23.59 29.00
C ALA B 500 -3.52 22.81 29.57
N LYS B 501 -2.43 23.47 29.91
CA LYS B 501 -1.27 22.79 30.46
C LYS B 501 -1.59 22.30 31.84
N SER B 502 -2.42 23.07 32.53
CA SER B 502 -2.86 22.73 33.86
C SER B 502 -3.75 21.49 33.82
N ILE B 503 -4.69 21.46 32.88
CA ILE B 503 -5.56 20.30 32.77
C ILE B 503 -4.71 19.08 32.48
N ARG B 504 -3.71 19.24 31.63
CA ARG B 504 -2.85 18.13 31.23
C ARG B 504 -1.95 17.62 32.36
N GLU B 505 -1.30 18.53 33.06
CA GLU B 505 -0.33 18.14 34.06
C GLU B 505 -0.91 17.93 35.44
N ASP B 506 -1.74 18.88 35.89
CA ASP B 506 -2.33 18.81 37.23
C ASP B 506 -3.53 17.88 37.29
N TYR B 507 -4.17 17.63 36.15
CA TYR B 507 -5.41 16.85 36.15
C TYR B 507 -5.37 15.55 35.32
N LEU B 508 -4.95 15.65 34.06
CA LEU B 508 -4.89 14.49 33.17
C LEU B 508 -3.85 13.45 33.57
N GLN B 509 -2.66 13.88 33.94
CA GLN B 509 -1.60 12.97 34.33
C GLN B 509 -1.84 12.40 35.73
N GLN B 510 -1.73 11.08 35.84
CA GLN B 510 -1.99 10.42 37.12
C GLN B 510 -0.98 9.29 37.28
N ASN B 511 -0.21 9.30 38.36
CA ASN B 511 0.75 8.23 38.58
C ASN B 511 0.05 7.04 39.25
N ALA B 512 -0.09 5.95 38.51
CA ALA B 512 -0.76 4.76 39.01
C ALA B 512 0.00 4.10 40.15
N PHE B 513 1.30 4.38 40.24
CA PHE B 513 2.13 3.78 41.26
C PHE B 513 2.35 4.67 42.46
N ASP B 514 1.79 5.88 42.47
CA ASP B 514 1.83 6.74 43.65
C ASP B 514 0.66 6.41 44.57
N ASP B 515 0.95 6.28 45.87
CA ASP B 515 -0.06 5.92 46.87
C ASP B 515 -1.33 6.78 46.91
N VAL B 516 -1.20 8.07 46.63
CA VAL B 516 -2.37 8.97 46.63
C VAL B 516 -2.85 9.37 45.22
N ASP B 517 -1.94 9.42 44.26
CA ASP B 517 -2.33 9.81 42.91
C ASP B 517 -3.12 8.69 42.24
N THR B 518 -2.99 7.48 42.80
CA THR B 518 -3.52 6.26 42.19
C THR B 518 -5.04 6.15 42.13
N PHE B 519 -5.72 6.80 43.07
CA PHE B 519 -7.16 6.85 43.00
C PHE B 519 -7.63 8.25 43.42
N THR B 520 -8.60 8.77 42.70
CA THR B 520 -9.17 10.07 43.00
C THR B 520 -10.65 9.93 43.05
N SER B 521 -11.24 10.28 44.18
CA SER B 521 -12.69 10.09 44.40
C SER B 521 -13.48 11.03 43.55
N ARG B 522 -14.76 10.75 43.39
CA ARG B 522 -15.61 11.65 42.61
C ARG B 522 -15.59 13.09 43.11
N GLU B 523 -15.75 13.28 44.42
CA GLU B 523 -15.77 14.62 45.01
C GLU B 523 -14.45 15.35 44.77
N LYS B 524 -13.34 14.64 44.95
CA LYS B 524 -12.03 15.20 44.72
C LYS B 524 -11.86 15.64 43.29
N GLN B 525 -12.33 14.83 42.34
CA GLN B 525 -12.23 15.20 40.93
C GLN B 525 -13.03 16.43 40.63
N PHE B 526 -14.18 16.60 41.28
CA PHE B 526 -14.95 17.81 41.06
C PHE B 526 -14.21 19.02 41.59
N ASN B 527 -13.58 18.85 42.74
CA ASN B 527 -12.81 19.91 43.34
C ASN B 527 -11.56 20.33 42.59
N MET B 528 -10.84 19.36 42.07
CA MET B 528 -9.62 19.64 41.33
C MET B 528 -9.96 20.33 40.04
N LEU B 529 -11.02 19.89 39.38
CA LEU B 529 -11.39 20.50 38.12
C LEU B 529 -11.94 21.93 38.31
N LYS B 530 -12.61 22.17 39.43
CA LYS B 530 -13.17 23.49 39.69
C LYS B 530 -12.04 24.50 39.79
N VAL B 531 -11.03 24.15 40.56
CA VAL B 531 -9.91 25.01 40.83
C VAL B 531 -9.18 25.40 39.56
N ILE B 532 -8.94 24.41 38.71
CA ILE B 532 -8.21 24.58 37.47
C ILE B 532 -9.04 25.45 36.55
N LEU B 533 -10.32 25.15 36.44
CA LEU B 533 -11.22 25.91 35.59
C LEU B 533 -11.46 27.30 36.11
N THR B 534 -11.45 27.44 37.45
CA THR B 534 -11.65 28.75 38.06
C THR B 534 -10.50 29.67 37.73
N PHE B 535 -9.28 29.22 37.93
CA PHE B 535 -8.14 30.05 37.60
C PHE B 535 -8.24 30.56 36.15
N GLY B 536 -8.70 29.70 35.25
CA GLY B 536 -8.86 30.09 33.86
C GLY B 536 -9.81 31.27 33.74
N LYS B 537 -11.01 31.13 34.30
CA LYS B 537 -12.06 32.14 34.19
C LYS B 537 -11.64 33.49 34.76
N GLU B 538 -11.08 33.45 35.96
CA GLU B 538 -10.64 34.65 36.66
C GLU B 538 -9.59 35.43 35.86
N ALA B 539 -8.60 34.73 35.31
CA ALA B 539 -7.60 35.34 34.43
C ALA B 539 -8.20 35.92 33.15
N ARG B 540 -9.12 35.17 32.54
CA ARG B 540 -9.80 35.59 31.32
C ARG B 540 -10.48 36.93 31.56
N LYS B 541 -11.11 37.06 32.73
CA LYS B 541 -11.70 38.31 33.18
C LYS B 541 -10.64 39.37 33.48
N ALA B 542 -9.55 38.97 34.14
CA ALA B 542 -8.48 39.92 34.39
C ALA B 542 -7.88 40.47 33.09
N LEU B 543 -7.77 39.64 32.06
CA LEU B 543 -7.24 40.07 30.78
C LEU B 543 -8.15 41.09 30.11
N SER B 544 -9.46 40.87 30.21
CA SER B 544 -10.45 41.73 29.57
C SER B 544 -10.61 43.09 30.27
N LEU B 545 -10.25 43.17 31.55
CA LEU B 545 -10.31 44.43 32.26
C LEU B 545 -9.15 45.32 31.85
N GLY B 546 -7.97 44.73 31.67
CA GLY B 546 -6.82 45.49 31.17
C GLY B 546 -5.46 44.96 31.58
N ALA B 547 -5.45 43.95 32.43
CA ALA B 547 -4.20 43.36 32.86
C ALA B 547 -3.65 42.51 31.73
N TYR B 548 -2.36 42.22 31.81
CA TYR B 548 -1.65 41.48 30.77
C TYR B 548 -1.25 40.10 31.26
N PHE B 549 -1.07 39.18 30.33
CA PHE B 549 -0.70 37.80 30.62
C PHE B 549 0.46 37.64 31.60
N ASN B 550 1.56 38.36 31.35
CA ASN B 550 2.81 38.21 32.10
C ASN B 550 2.76 38.65 33.56
N GLU B 551 1.96 39.67 33.83
CA GLU B 551 1.71 40.11 35.19
C GLU B 551 0.78 39.16 35.93
N ILE B 552 -0.15 38.52 35.22
CA ILE B 552 -0.98 37.50 35.84
C ILE B 552 -0.19 36.25 36.18
N MET B 553 0.69 35.83 35.29
CA MET B 553 1.55 34.70 35.59
C MET B 553 2.42 34.95 36.81
N GLU B 554 3.20 36.01 36.78
CA GLU B 554 4.10 36.32 37.88
C GLU B 554 3.42 36.50 39.23
N GLY B 555 2.25 37.13 39.21
CA GLY B 555 1.49 37.38 40.44
C GLY B 555 0.86 36.16 41.06
N THR B 556 0.84 35.04 40.32
CA THR B 556 0.17 33.82 40.76
C THR B 556 1.06 32.61 40.81
N VAL B 557 2.35 32.77 41.05
CA VAL B 557 3.26 31.61 41.14
C VAL B 557 2.80 30.63 42.22
N ALA B 558 2.46 31.17 43.39
CA ALA B 558 2.18 30.36 44.57
C ALA B 558 0.87 29.58 44.50
N VAL B 559 -0.18 30.22 44.00
CA VAL B 559 -1.48 29.56 43.90
C VAL B 559 -1.49 28.50 42.78
N ARG B 560 -0.79 28.77 41.68
CA ARG B 560 -0.62 27.76 40.64
C ARG B 560 0.14 26.51 41.14
N GLU B 561 1.12 26.72 42.01
CA GLU B 561 1.85 25.63 42.58
C GLU B 561 0.93 24.83 43.50
N ARG B 562 -0.02 25.52 44.12
CA ARG B 562 -0.95 24.88 45.04
C ARG B 562 -1.89 23.97 44.26
N ILE B 563 -2.31 24.46 43.10
CA ILE B 563 -3.20 23.76 42.19
C ILE B 563 -2.56 22.49 41.67
N SER B 564 -1.27 22.57 41.37
CA SER B 564 -0.54 21.43 40.84
C SER B 564 -0.29 20.35 41.89
N ARG B 565 -0.57 20.66 43.16
CA ARG B 565 -0.40 19.69 44.24
C ARG B 565 -1.71 19.09 44.76
N SER B 566 -2.83 19.53 44.22
CA SER B 566 -4.13 19.07 44.70
C SER B 566 -4.30 17.58 44.54
N LYS B 567 -3.73 17.03 43.48
CA LYS B 567 -3.81 15.60 43.19
C LYS B 567 -3.22 14.77 44.32
N TYR B 568 -2.37 15.37 45.15
CA TYR B 568 -1.73 14.66 46.26
C TYR B 568 -2.43 14.92 47.58
N ILE B 569 -3.43 15.78 47.56
CA ILE B 569 -4.16 16.12 48.76
C ILE B 569 -5.07 14.97 49.21
N PRO B 570 -4.96 14.57 50.50
CA PRO B 570 -5.65 13.41 51.09
C PRO B 570 -7.14 13.52 51.01
N GLU B 571 -7.81 12.39 50.84
CA GLU B 571 -9.24 12.36 50.62
C GLU B 571 -10.04 12.89 51.81
N GLU B 572 -9.45 12.81 53.01
CA GLU B 572 -10.05 13.28 54.27
C GLU B 572 -10.04 14.81 54.39
N GLU B 573 -9.33 15.48 53.50
CA GLU B 573 -9.23 16.94 53.56
C GLU B 573 -9.38 17.64 52.23
N LEU B 574 -10.52 17.42 51.58
CA LEU B 574 -10.76 18.02 50.28
C LEU B 574 -10.91 19.53 50.37
N ALA B 575 -11.20 20.03 51.57
CA ALA B 575 -11.36 21.47 51.84
C ALA B 575 -10.14 22.31 51.48
N LYS B 576 -8.97 21.69 51.50
CA LYS B 576 -7.74 22.37 51.09
C LYS B 576 -7.68 22.61 49.59
N ILE B 577 -8.38 21.78 48.82
CA ILE B 577 -8.55 22.03 47.39
C ILE B 577 -9.58 23.14 47.20
N SER B 578 -10.63 23.11 48.00
CA SER B 578 -11.71 24.08 47.89
C SER B 578 -11.33 25.54 48.16
N SER B 579 -10.52 25.74 49.19
CA SER B 579 -10.04 27.07 49.57
C SER B 579 -9.18 27.74 48.49
N ILE B 580 -8.67 26.96 47.55
CA ILE B 580 -7.86 27.48 46.44
C ILE B 580 -8.66 28.46 45.61
N ASN B 581 -9.98 28.28 45.55
CA ASN B 581 -10.85 29.15 44.80
C ASN B 581 -10.83 30.61 45.25
N GLU B 582 -11.04 30.84 46.54
CA GLU B 582 -10.92 32.18 47.10
C GLU B 582 -9.48 32.72 46.96
N GLU B 583 -8.46 31.89 47.14
CA GLU B 583 -7.09 32.35 46.89
C GLU B 583 -6.93 32.83 45.46
N ILE B 584 -7.49 32.09 44.50
CA ILE B 584 -7.45 32.49 43.09
C ILE B 584 -8.18 33.82 42.90
N LYS B 585 -9.39 33.92 43.43
CA LYS B 585 -10.21 35.11 43.22
C LYS B 585 -9.57 36.38 43.77
N GLU B 586 -8.90 36.27 44.92
CA GLU B 586 -8.28 37.40 45.61
C GLU B 586 -6.93 37.81 45.04
N THR B 587 -6.07 36.84 44.76
CA THR B 587 -4.73 37.18 44.31
C THR B 587 -4.76 37.79 42.92
N ILE B 588 -5.60 37.25 42.03
CA ILE B 588 -5.78 37.87 40.71
C ILE B 588 -6.35 39.28 40.82
N GLN B 589 -7.32 39.45 41.72
CA GLN B 589 -8.00 40.74 41.89
C GLN B 589 -7.10 41.86 42.39
N LEU B 590 -6.14 41.51 43.23
CA LEU B 590 -5.08 42.45 43.63
C LEU B 590 -4.29 42.89 42.41
N ILE B 591 -3.82 41.92 41.62
CA ILE B 591 -3.05 42.20 40.41
C ILE B 591 -3.75 43.22 39.49
N VAL B 592 -5.07 43.09 39.34
CA VAL B 592 -5.88 43.99 38.53
C VAL B 592 -5.64 45.49 38.82
N SER B 593 -5.03 45.81 39.96
CA SER B 593 -4.56 47.20 40.22
C SER B 593 -3.33 47.57 39.37
N MET C 8 -35.85 -32.99 -29.97
CA MET C 8 -36.47 -34.30 -29.59
C MET C 8 -35.81 -34.88 -28.34
N GLN C 9 -34.54 -34.53 -28.11
CA GLN C 9 -33.81 -34.97 -26.93
C GLN C 9 -34.15 -34.09 -25.72
N ILE C 10 -34.38 -34.73 -24.58
CA ILE C 10 -34.71 -34.02 -23.35
C ILE C 10 -33.60 -34.23 -22.32
N GLY C 11 -33.04 -33.12 -21.86
CA GLY C 11 -31.97 -33.13 -20.87
C GLY C 11 -32.54 -33.34 -19.49
N LYS C 12 -31.67 -33.64 -18.54
CA LYS C 12 -32.08 -33.77 -17.16
C LYS C 12 -31.13 -32.97 -16.29
N ILE C 13 -31.67 -32.03 -15.51
CA ILE C 13 -30.87 -31.21 -14.64
C ILE C 13 -30.23 -32.11 -13.60
N ILE C 14 -28.93 -31.94 -13.42
CA ILE C 14 -28.21 -32.69 -12.41
C ILE C 14 -27.69 -31.76 -11.33
N LYS C 15 -27.58 -30.48 -11.65
CA LYS C 15 -27.03 -29.51 -10.71
C LYS C 15 -27.64 -28.15 -10.91
N VAL C 16 -28.00 -27.49 -9.83
CA VAL C 16 -28.45 -26.10 -9.88
C VAL C 16 -27.73 -25.30 -8.82
N SER C 17 -27.12 -24.19 -9.24
CA SER C 17 -26.36 -23.38 -8.31
C SER C 17 -26.39 -21.94 -8.81
N GLY C 18 -27.28 -21.12 -8.29
CA GLY C 18 -27.42 -19.76 -8.82
C GLY C 18 -27.82 -19.84 -10.29
N PRO C 19 -27.30 -18.93 -11.13
CA PRO C 19 -27.61 -18.88 -12.56
C PRO C 19 -26.89 -19.96 -13.39
N LEU C 20 -26.23 -20.88 -12.70
CA LEU C 20 -25.51 -21.95 -13.37
C LEU C 20 -26.18 -23.30 -13.16
N VAL C 21 -26.64 -23.89 -14.26
CA VAL C 21 -27.34 -25.16 -14.22
C VAL C 21 -26.63 -26.19 -15.10
N MET C 22 -26.63 -27.45 -14.66
CA MET C 22 -26.03 -28.53 -15.46
C MET C 22 -27.00 -29.65 -15.72
N ALA C 23 -27.06 -30.07 -16.99
CA ALA C 23 -28.02 -31.07 -17.41
C ALA C 23 -27.36 -32.20 -18.18
N GLU C 24 -27.68 -33.43 -17.82
CA GLU C 24 -27.13 -34.57 -18.53
C GLU C 24 -27.98 -34.85 -19.74
N ASN C 25 -27.52 -35.80 -20.57
CA ASN C 25 -28.23 -36.23 -21.75
C ASN C 25 -28.42 -35.07 -22.74
N MET C 26 -27.34 -34.36 -23.01
CA MET C 26 -27.41 -33.18 -23.86
C MET C 26 -26.60 -33.35 -25.14
N SER C 27 -26.20 -34.58 -25.41
CA SER C 27 -25.24 -34.83 -26.48
C SER C 27 -25.69 -34.33 -27.86
N GLU C 28 -26.99 -34.12 -28.05
CA GLU C 28 -27.54 -33.68 -29.34
C GLU C 28 -27.37 -32.18 -29.60
N ALA C 29 -27.14 -31.42 -28.53
CA ALA C 29 -27.09 -29.97 -28.57
C ALA C 29 -25.70 -29.42 -28.90
N SER C 30 -25.62 -28.11 -29.09
CA SER C 30 -24.38 -27.45 -29.44
C SER C 30 -24.02 -26.33 -28.49
N ILE C 31 -22.71 -26.04 -28.38
CA ILE C 31 -22.24 -24.91 -27.59
C ILE C 31 -22.94 -23.65 -28.05
N GLN C 32 -23.51 -22.92 -27.09
CA GLN C 32 -24.08 -21.60 -27.35
C GLN C 32 -25.54 -21.67 -27.77
N ASP C 33 -26.12 -22.87 -27.80
CA ASP C 33 -27.55 -23.07 -28.06
C ASP C 33 -28.35 -22.53 -26.90
N MET C 34 -29.48 -21.89 -27.22
CA MET C 34 -30.45 -21.50 -26.21
C MET C 34 -31.30 -22.69 -25.80
N CYS C 35 -31.78 -22.63 -24.55
CA CYS C 35 -32.40 -23.73 -23.87
C CYS C 35 -33.59 -23.25 -23.12
N LEU C 36 -34.57 -24.13 -22.95
CA LEU C 36 -35.60 -23.90 -21.99
C LEU C 36 -35.26 -24.77 -20.81
N VAL C 37 -35.18 -24.18 -19.62
CA VAL C 37 -34.65 -24.91 -18.48
C VAL C 37 -35.71 -25.19 -17.42
N GLY C 38 -35.83 -26.46 -17.05
CA GLY C 38 -36.72 -26.88 -15.98
C GLY C 38 -38.19 -26.98 -16.35
N ASP C 39 -39.00 -27.22 -15.31
CA ASP C 39 -40.44 -27.32 -15.45
C ASP C 39 -41.05 -26.04 -15.99
N LEU C 40 -40.49 -24.89 -15.58
CA LEU C 40 -40.98 -23.58 -15.98
C LEU C 40 -40.39 -23.10 -17.32
N GLY C 41 -39.41 -23.82 -17.85
CA GLY C 41 -38.82 -23.43 -19.13
C GLY C 41 -38.21 -22.03 -19.19
N VAL C 42 -37.27 -21.76 -18.29
CA VAL C 42 -36.50 -20.51 -18.28
C VAL C 42 -35.43 -20.52 -19.35
N ILE C 43 -35.05 -19.34 -19.81
CA ILE C 43 -34.17 -19.19 -20.93
C ILE C 43 -32.72 -19.22 -20.49
N GLY C 44 -31.99 -20.16 -21.08
CA GLY C 44 -30.62 -20.40 -20.72
C GLY C 44 -29.79 -20.52 -21.97
N GLU C 45 -28.49 -20.66 -21.75
CA GLU C 45 -27.51 -20.87 -22.81
C GLU C 45 -26.48 -21.93 -22.41
N ILE C 46 -26.19 -22.85 -23.32
CA ILE C 46 -25.10 -23.80 -23.08
C ILE C 46 -23.76 -23.10 -23.33
N ILE C 47 -22.85 -23.20 -22.37
CA ILE C 47 -21.56 -22.53 -22.47
C ILE C 47 -20.40 -23.52 -22.34
N GLU C 48 -20.73 -24.73 -21.93
CA GLU C 48 -19.76 -25.80 -21.75
C GLU C 48 -20.41 -27.15 -21.96
N MET C 49 -19.65 -28.08 -22.50
CA MET C 49 -20.14 -29.44 -22.66
C MET C 49 -19.03 -30.38 -22.25
N ARG C 50 -19.28 -31.20 -21.26
CA ARG C 50 -18.35 -32.24 -20.92
C ARG C 50 -19.07 -33.55 -21.14
N GLN C 51 -18.70 -34.24 -22.21
CA GLN C 51 -19.41 -35.43 -22.65
C GLN C 51 -20.88 -35.13 -22.98
N ASP C 52 -21.81 -35.60 -22.17
CA ASP C 52 -23.19 -35.32 -22.46
C ASP C 52 -23.74 -34.22 -21.56
N VAL C 53 -22.88 -33.65 -20.73
CA VAL C 53 -23.34 -32.70 -19.71
C VAL C 53 -23.14 -31.25 -20.12
N ALA C 54 -24.24 -30.51 -20.24
CA ALA C 54 -24.18 -29.09 -20.57
C ALA C 54 -24.10 -28.25 -19.31
N SER C 55 -23.16 -27.30 -19.29
CA SER C 55 -23.21 -26.22 -18.33
C SER C 55 -24.04 -25.11 -19.00
N ILE C 56 -25.05 -24.62 -18.30
CA ILE C 56 -25.98 -23.67 -18.87
C ILE C 56 -25.98 -22.46 -18.00
N GLN C 57 -25.95 -21.27 -18.59
CA GLN C 57 -26.15 -20.06 -17.79
C GLN C 57 -27.55 -19.55 -18.05
N VAL C 58 -28.27 -19.29 -16.97
CA VAL C 58 -29.66 -18.95 -17.09
C VAL C 58 -29.88 -17.44 -17.08
N TYR C 59 -30.67 -16.99 -18.05
CA TYR C 59 -30.97 -15.58 -18.22
C TYR C 59 -32.13 -15.16 -17.37
N GLU C 60 -32.60 -16.09 -16.53
CA GLU C 60 -33.67 -15.81 -15.61
C GLU C 60 -33.32 -16.36 -14.25
N GLU C 61 -34.23 -16.14 -13.29
CA GLU C 61 -34.03 -16.55 -11.92
C GLU C 61 -34.15 -18.06 -11.79
N THR C 62 -33.35 -18.68 -10.93
CA THR C 62 -33.38 -20.13 -10.82
C THR C 62 -33.93 -20.67 -9.52
N SER C 63 -34.45 -19.80 -8.67
CA SER C 63 -35.03 -20.24 -7.41
C SER C 63 -36.14 -21.21 -7.73
N GLY C 64 -36.24 -22.31 -7.01
CA GLY C 64 -37.34 -23.24 -7.22
C GLY C 64 -37.02 -24.31 -8.25
N ILE C 65 -35.82 -24.27 -8.82
CA ILE C 65 -35.45 -25.29 -9.78
C ILE C 65 -34.47 -26.24 -9.15
N GLY C 66 -34.51 -27.49 -9.58
CA GLY C 66 -33.71 -28.53 -8.95
C GLY C 66 -33.48 -29.69 -9.87
N PRO C 67 -32.64 -30.63 -9.45
CA PRO C 67 -32.30 -31.80 -10.28
C PRO C 67 -33.51 -32.67 -10.61
N GLY C 68 -33.50 -33.21 -11.82
CA GLY C 68 -34.55 -34.12 -12.27
C GLY C 68 -35.54 -33.49 -13.23
N GLU C 69 -35.49 -32.16 -13.38
CA GLU C 69 -36.39 -31.44 -14.30
C GLU C 69 -35.80 -31.43 -15.71
N PRO C 70 -36.67 -31.33 -16.72
CA PRO C 70 -36.25 -31.45 -18.11
C PRO C 70 -35.52 -30.20 -18.67
N VAL C 71 -34.80 -30.41 -19.77
CA VAL C 71 -34.17 -29.32 -20.53
C VAL C 71 -34.40 -29.58 -22.01
N ARG C 72 -34.86 -28.56 -22.72
CA ARG C 72 -35.09 -28.65 -24.16
C ARG C 72 -34.14 -27.65 -24.78
N SER C 73 -33.34 -28.08 -25.73
CA SER C 73 -32.52 -27.15 -26.47
C SER C 73 -33.25 -26.73 -27.72
N THR C 74 -33.27 -25.42 -27.98
CA THR C 74 -33.97 -24.85 -29.12
C THR C 74 -33.19 -25.03 -30.41
N GLY C 75 -31.94 -25.45 -30.28
CA GLY C 75 -31.04 -25.61 -31.43
C GLY C 75 -30.57 -24.31 -32.05
N GLU C 76 -30.88 -23.18 -31.43
CA GLU C 76 -30.48 -21.90 -32.01
C GLU C 76 -29.76 -21.00 -31.00
N ALA C 77 -28.91 -20.12 -31.53
CA ALA C 77 -28.10 -19.21 -30.72
C ALA C 77 -28.87 -17.94 -30.41
N LEU C 78 -28.52 -17.26 -29.33
CA LEU C 78 -29.19 -16.04 -28.95
C LEU C 78 -29.20 -15.11 -30.13
N SER C 79 -30.39 -14.81 -30.59
CA SER C 79 -30.59 -14.02 -31.77
C SER C 79 -31.44 -12.84 -31.42
N VAL C 80 -31.49 -11.87 -32.32
CA VAL C 80 -32.48 -10.80 -32.21
C VAL C 80 -33.37 -10.87 -33.42
N GLU C 81 -34.61 -10.43 -33.26
CA GLU C 81 -35.50 -10.18 -34.40
C GLU C 81 -35.29 -8.73 -34.86
N LEU C 82 -34.95 -8.55 -36.14
CA LEU C 82 -34.74 -7.23 -36.73
C LEU C 82 -35.74 -6.95 -37.82
N GLY C 83 -36.56 -5.93 -37.59
CA GLY C 83 -37.59 -5.52 -38.53
C GLY C 83 -38.35 -4.35 -37.95
N PRO C 84 -39.34 -3.84 -38.70
CA PRO C 84 -40.19 -2.73 -38.25
C PRO C 84 -40.87 -3.05 -36.92
N GLY C 85 -41.05 -2.03 -36.09
CA GLY C 85 -41.63 -2.22 -34.77
C GLY C 85 -40.57 -2.26 -33.71
N ILE C 86 -39.32 -2.08 -34.14
CA ILE C 86 -38.16 -2.12 -33.27
C ILE C 86 -37.83 -0.75 -32.67
N ILE C 87 -37.98 0.29 -33.45
CA ILE C 87 -37.65 1.62 -32.99
C ILE C 87 -38.67 2.05 -31.96
N SER C 88 -38.24 2.83 -30.99
CA SER C 88 -39.13 3.41 -29.98
C SER C 88 -39.54 2.47 -28.85
N GLN C 89 -38.94 1.30 -28.80
CA GLN C 89 -39.31 0.31 -27.81
C GLN C 89 -38.22 0.08 -26.80
N MET C 90 -38.65 -0.22 -25.58
CA MET C 90 -37.78 -0.70 -24.53
C MET C 90 -37.80 -2.22 -24.44
N PHE C 91 -36.64 -2.86 -24.65
CA PHE C 91 -36.47 -4.32 -24.54
C PHE C 91 -35.67 -4.68 -23.33
N ASP C 92 -35.85 -5.89 -22.80
CA ASP C 92 -34.92 -6.42 -21.83
C ASP C 92 -33.68 -6.99 -22.55
N GLY C 93 -32.74 -7.54 -21.78
CA GLY C 93 -31.49 -8.07 -22.31
C GLY C 93 -31.59 -9.09 -23.42
N ILE C 94 -32.61 -9.94 -23.40
CA ILE C 94 -32.75 -10.97 -24.42
C ILE C 94 -33.86 -10.60 -25.40
N GLN C 95 -33.97 -9.28 -25.57
CA GLN C 95 -34.92 -8.64 -26.46
C GLN C 95 -36.40 -8.97 -26.24
N ARG C 96 -36.85 -8.99 -25.00
CA ARG C 96 -38.29 -9.12 -24.77
C ARG C 96 -38.86 -7.74 -24.51
N PRO C 97 -39.93 -7.38 -25.24
CA PRO C 97 -40.49 -6.05 -25.12
C PRO C 97 -41.17 -5.86 -23.77
N LEU C 98 -40.76 -4.82 -23.06
CA LEU C 98 -41.20 -4.66 -21.68
C LEU C 98 -42.62 -4.13 -21.51
N ASP C 99 -43.13 -3.38 -22.50
CA ASP C 99 -44.50 -2.89 -22.43
C ASP C 99 -45.50 -4.03 -22.63
N THR C 100 -45.22 -4.85 -23.64
CA THR C 100 -46.01 -6.03 -23.96
C THR C 100 -45.99 -7.07 -22.82
N PHE C 101 -44.82 -7.30 -22.21
CA PHE C 101 -44.63 -8.17 -21.04
C PHE C 101 -45.60 -7.82 -19.92
N MET C 102 -45.68 -6.54 -19.59
CA MET C 102 -46.56 -6.04 -18.55
C MET C 102 -48.02 -6.37 -18.86
N GLU C 103 -48.43 -6.18 -20.10
CA GLU C 103 -49.82 -6.41 -20.45
C GLU C 103 -50.21 -7.89 -20.58
N VAL C 104 -49.33 -8.69 -21.19
CA VAL C 104 -49.54 -10.13 -21.29
C VAL C 104 -49.50 -10.77 -19.91
N THR C 105 -48.51 -10.43 -19.09
CA THR C 105 -48.38 -11.09 -17.77
C THR C 105 -49.27 -10.44 -16.73
N GLN C 106 -49.86 -9.30 -17.09
CA GLN C 106 -50.74 -8.50 -16.24
C GLN C 106 -50.07 -8.06 -14.95
N SER C 107 -48.78 -7.74 -15.02
CA SER C 107 -48.04 -7.46 -13.81
C SER C 107 -47.16 -6.22 -13.93
N ASN C 108 -46.88 -5.60 -12.79
CA ASN C 108 -45.88 -4.54 -12.71
C ASN C 108 -44.53 -5.09 -12.38
N PHE C 109 -44.46 -6.41 -12.21
CA PHE C 109 -43.25 -7.06 -11.76
C PHE C 109 -42.84 -8.03 -12.84
N LEU C 110 -41.62 -8.54 -12.75
CA LEU C 110 -41.10 -9.38 -13.83
C LEU C 110 -41.17 -10.86 -13.52
N GLY C 111 -41.85 -11.61 -14.38
CA GLY C 111 -42.02 -13.06 -14.22
C GLY C 111 -40.96 -13.88 -14.92
N ARG C 112 -41.21 -15.18 -14.99
CA ARG C 112 -40.22 -16.15 -15.44
C ARG C 112 -40.81 -17.11 -16.45
N GLY C 113 -39.93 -17.64 -17.29
CA GLY C 113 -40.25 -18.70 -18.22
C GLY C 113 -41.33 -18.32 -19.21
N VAL C 114 -41.52 -17.02 -19.42
CA VAL C 114 -42.57 -16.59 -20.32
C VAL C 114 -42.01 -16.13 -21.68
N GLN C 115 -42.33 -16.90 -22.72
CA GLN C 115 -41.81 -16.66 -24.06
C GLN C 115 -42.56 -15.51 -24.75
N LEU C 116 -41.82 -14.59 -25.35
CA LEU C 116 -42.42 -13.40 -25.91
C LEU C 116 -41.65 -12.91 -27.12
N PRO C 117 -42.31 -12.80 -28.29
CA PRO C 117 -41.66 -12.33 -29.52
C PRO C 117 -41.19 -10.88 -29.44
N ALA C 118 -39.98 -10.62 -29.90
CA ALA C 118 -39.37 -9.30 -29.79
C ALA C 118 -40.27 -8.21 -30.32
N LEU C 119 -40.75 -8.42 -31.54
CA LEU C 119 -41.55 -7.45 -32.27
C LEU C 119 -43.03 -7.82 -32.31
N ASP C 120 -43.85 -6.87 -32.75
CA ASP C 120 -45.27 -7.11 -33.05
C ASP C 120 -45.40 -7.84 -34.39
N HIS C 121 -45.86 -9.08 -34.35
CA HIS C 121 -46.05 -9.89 -35.56
C HIS C 121 -47.48 -9.80 -36.11
N GLU C 122 -48.32 -8.98 -35.47
CA GLU C 122 -49.68 -8.78 -35.94
C GLU C 122 -49.87 -7.40 -36.55
N LYS C 123 -48.85 -6.55 -36.42
CA LYS C 123 -48.97 -5.18 -36.85
C LYS C 123 -48.89 -5.05 -38.36
N GLN C 124 -49.67 -4.12 -38.91
CA GLN C 124 -49.64 -3.87 -40.34
C GLN C 124 -48.73 -2.69 -40.64
N TRP C 125 -47.77 -2.91 -41.52
CA TRP C 125 -46.92 -1.85 -41.98
C TRP C 125 -47.14 -1.72 -43.48
N TRP C 126 -46.98 -0.51 -43.99
CA TRP C 126 -47.03 -0.32 -45.42
C TRP C 126 -45.62 -0.42 -45.98
N PHE C 127 -45.40 -1.46 -46.78
CA PHE C 127 -44.12 -1.73 -47.41
C PHE C 127 -44.14 -1.15 -48.81
N GLU C 128 -43.19 -0.25 -49.08
CA GLU C 128 -43.01 0.31 -50.40
C GLU C 128 -41.86 -0.41 -51.12
N ALA C 129 -42.19 -1.19 -52.15
CA ALA C 129 -41.16 -1.85 -52.98
C ALA C 129 -40.53 -0.84 -53.94
N THR C 130 -39.21 -0.82 -53.98
CA THR C 130 -38.45 0.14 -54.76
C THR C 130 -37.55 -0.54 -55.77
N ILE C 131 -37.65 -1.86 -55.86
CA ILE C 131 -36.84 -2.63 -56.80
C ILE C 131 -37.74 -3.15 -57.94
N GLU C 132 -37.16 -3.44 -59.10
CA GLU C 132 -37.91 -4.01 -60.22
C GLU C 132 -37.68 -5.49 -60.27
N GLU C 133 -38.69 -6.21 -60.75
CA GLU C 133 -38.58 -7.66 -60.86
C GLU C 133 -37.50 -8.00 -61.86
N GLY C 134 -36.74 -9.04 -61.56
CA GLY C 134 -35.67 -9.45 -62.44
C GLY C 134 -34.40 -8.65 -62.23
N THR C 135 -34.15 -8.21 -60.99
CA THR C 135 -32.89 -7.58 -60.62
C THR C 135 -32.05 -8.56 -59.79
N GLU C 136 -30.79 -8.74 -60.19
CA GLU C 136 -29.85 -9.59 -59.46
C GLU C 136 -29.46 -8.92 -58.15
N VAL C 137 -29.73 -9.60 -57.04
CA VAL C 137 -29.49 -9.01 -55.74
C VAL C 137 -28.60 -9.90 -54.90
N SER C 138 -28.08 -9.34 -53.81
CA SER C 138 -27.36 -10.11 -52.79
C SER C 138 -27.49 -9.37 -51.46
N ALA C 139 -26.76 -9.85 -50.46
CA ALA C 139 -26.79 -9.29 -49.11
C ALA C 139 -26.62 -7.77 -49.04
N GLY C 140 -27.58 -7.14 -48.38
CA GLY C 140 -27.56 -5.71 -48.14
C GLY C 140 -28.38 -4.90 -49.11
N ASP C 141 -28.81 -5.48 -50.23
CA ASP C 141 -29.59 -4.70 -51.20
C ASP C 141 -30.98 -4.38 -50.66
N ILE C 142 -31.36 -3.12 -50.75
CA ILE C 142 -32.66 -2.68 -50.25
C ILE C 142 -33.75 -2.95 -51.25
N ILE C 143 -34.58 -3.95 -50.99
CA ILE C 143 -35.67 -4.26 -51.90
C ILE C 143 -36.81 -3.26 -51.74
N GLY C 144 -36.83 -2.57 -50.59
CA GLY C 144 -37.83 -1.54 -50.33
C GLY C 144 -37.75 -0.99 -48.92
N TYR C 145 -38.81 -0.31 -48.48
CA TYR C 145 -38.79 0.32 -47.16
C TYR C 145 -40.17 0.51 -46.56
N VAL C 146 -40.18 0.57 -45.23
CA VAL C 146 -41.34 0.90 -44.46
C VAL C 146 -41.03 2.19 -43.71
N ASP C 147 -41.99 3.10 -43.65
CA ASP C 147 -41.83 4.30 -42.84
C ASP C 147 -42.14 3.98 -41.38
N GLU C 148 -41.10 3.62 -40.63
CA GLU C 148 -41.28 3.23 -39.25
C GLU C 148 -41.66 4.40 -38.36
N THR C 149 -41.06 5.55 -38.61
CA THR C 149 -41.34 6.76 -37.87
C THR C 149 -41.30 7.88 -38.90
N LYS C 150 -41.74 9.07 -38.52
CA LYS C 150 -41.77 10.19 -39.46
C LYS C 150 -40.36 10.53 -39.94
N ILE C 151 -39.35 10.25 -39.10
CA ILE C 151 -37.96 10.53 -39.47
C ILE C 151 -37.10 9.32 -39.87
N ILE C 152 -37.32 8.16 -39.29
CA ILE C 152 -36.52 7.02 -39.71
C ILE C 152 -37.26 6.11 -40.68
N GLN C 153 -36.69 5.94 -41.86
CA GLN C 153 -37.23 5.08 -42.89
C GLN C 153 -36.57 3.71 -42.76
N HIS C 154 -37.37 2.68 -42.52
CA HIS C 154 -36.84 1.35 -42.29
C HIS C 154 -36.65 0.60 -43.61
N LYS C 155 -35.39 0.40 -43.98
CA LYS C 155 -35.06 -0.25 -45.24
C LYS C 155 -34.98 -1.76 -45.13
N ILE C 156 -35.73 -2.44 -46.00
CA ILE C 156 -35.73 -3.89 -46.00
C ILE C 156 -34.58 -4.39 -46.88
N MET C 157 -33.61 -5.05 -46.27
CA MET C 157 -32.43 -5.50 -47.00
C MET C 157 -32.38 -7.00 -47.14
N VAL C 158 -31.83 -7.46 -48.25
CA VAL C 158 -31.64 -8.89 -48.49
C VAL C 158 -30.70 -9.41 -47.41
N PRO C 159 -31.13 -10.48 -46.73
CA PRO C 159 -30.33 -11.00 -45.64
C PRO C 159 -29.05 -11.58 -46.14
N ASN C 160 -28.04 -11.57 -45.28
CA ASN C 160 -26.80 -12.25 -45.56
C ASN C 160 -27.14 -13.69 -45.89
N GLY C 161 -26.48 -14.23 -46.90
CA GLY C 161 -26.71 -15.60 -47.28
C GLY C 161 -27.50 -15.73 -48.58
N ILE C 162 -28.41 -14.79 -48.84
CA ILE C 162 -29.28 -14.89 -50.01
C ILE C 162 -28.76 -14.17 -51.26
N LYS C 163 -28.43 -14.96 -52.29
CA LYS C 163 -28.09 -14.43 -53.60
C LYS C 163 -29.10 -14.90 -54.64
N GLY C 164 -29.58 -13.98 -55.47
CA GLY C 164 -30.47 -14.33 -56.57
C GLY C 164 -31.15 -13.20 -57.34
N THR C 165 -32.23 -13.58 -58.03
CA THR C 165 -32.98 -12.68 -58.91
C THR C 165 -34.39 -12.47 -58.39
N VAL C 166 -34.72 -11.21 -58.10
CA VAL C 166 -36.07 -10.83 -57.72
C VAL C 166 -37.03 -11.41 -58.74
N GLN C 167 -37.79 -12.43 -58.34
CA GLN C 167 -38.86 -12.96 -59.18
C GLN C 167 -40.11 -12.07 -59.07
N LYS C 168 -40.63 -11.92 -57.85
CA LYS C 168 -41.91 -11.23 -57.64
C LYS C 168 -41.86 -10.28 -56.45
N ILE C 169 -42.31 -9.05 -56.66
CA ILE C 169 -42.36 -8.06 -55.61
C ILE C 169 -43.44 -7.04 -55.93
N GLU C 170 -44.06 -6.48 -54.89
CA GLU C 170 -44.99 -5.35 -55.04
C GLU C 170 -45.22 -4.69 -53.70
N SER C 171 -45.74 -3.47 -53.72
CA SER C 171 -46.04 -2.73 -52.51
C SER C 171 -47.34 -3.21 -51.87
N GLY C 172 -47.49 -2.97 -50.57
CA GLY C 172 -48.73 -3.26 -49.88
C GLY C 172 -48.67 -3.26 -48.38
N SER C 173 -49.81 -3.59 -47.76
CA SER C 173 -49.90 -3.72 -46.31
C SER C 173 -49.58 -5.17 -45.94
N PHE C 174 -48.67 -5.36 -45.00
CA PHE C 174 -48.24 -6.69 -44.59
C PHE C 174 -47.86 -6.72 -43.11
N THR C 175 -47.85 -7.91 -42.52
CA THR C 175 -47.20 -8.09 -41.24
C THR C 175 -45.73 -8.40 -41.49
N ILE C 176 -44.97 -8.63 -40.43
CA ILE C 176 -43.56 -8.97 -40.59
C ILE C 176 -43.40 -10.46 -40.92
N ASP C 177 -44.50 -11.19 -40.82
CA ASP C 177 -44.58 -12.59 -41.23
C ASP C 177 -44.88 -12.80 -42.72
N ASP C 178 -45.70 -11.92 -43.31
CA ASP C 178 -46.09 -12.08 -44.71
C ASP C 178 -44.87 -12.05 -45.66
N PRO C 179 -44.85 -12.92 -46.68
CA PRO C 179 -43.82 -12.88 -47.71
C PRO C 179 -44.05 -11.70 -48.64
N ILE C 180 -43.04 -10.87 -48.83
CA ILE C 180 -43.20 -9.63 -49.60
C ILE C 180 -42.40 -9.68 -50.90
N CYS C 181 -41.53 -10.66 -50.99
CA CYS C 181 -40.67 -10.79 -52.13
C CYS C 181 -40.33 -12.25 -52.29
N VAL C 182 -40.16 -12.67 -53.54
CA VAL C 182 -39.69 -14.00 -53.82
C VAL C 182 -38.42 -13.88 -54.68
N ILE C 183 -37.40 -14.67 -54.34
CA ILE C 183 -36.14 -14.64 -55.05
C ILE C 183 -35.80 -16.00 -55.68
N GLU C 184 -35.43 -15.96 -56.96
CA GLU C 184 -34.92 -17.10 -57.69
C GLU C 184 -33.48 -17.32 -57.22
N THR C 185 -33.23 -18.40 -56.50
CA THR C 185 -31.89 -18.72 -56.04
C THR C 185 -31.37 -20.01 -56.67
N GLU C 186 -30.07 -20.25 -56.53
CA GLU C 186 -29.45 -21.49 -57.01
C GLU C 186 -29.96 -22.71 -56.23
N GLN C 187 -30.25 -22.53 -54.93
CA GLN C 187 -30.81 -23.59 -54.10
C GLN C 187 -32.30 -23.79 -54.38
N GLY C 188 -32.90 -22.82 -55.08
CA GLY C 188 -34.34 -22.82 -55.33
C GLY C 188 -34.97 -21.54 -54.82
N LEU C 189 -36.27 -21.36 -55.07
CA LEU C 189 -36.97 -20.17 -54.63
C LEU C 189 -36.90 -19.97 -53.12
N LYS C 190 -36.62 -18.73 -52.71
CA LYS C 190 -36.73 -18.35 -51.32
C LYS C 190 -37.63 -17.13 -51.24
N GLU C 191 -38.49 -17.10 -50.24
CA GLU C 191 -39.31 -15.94 -49.99
C GLU C 191 -38.81 -15.19 -48.75
N LEU C 192 -38.93 -13.88 -48.82
CA LEU C 192 -38.44 -12.98 -47.77
C LEU C 192 -39.59 -12.26 -47.11
N THR C 193 -39.48 -12.08 -45.79
CA THR C 193 -40.38 -11.20 -45.05
C THR C 193 -39.68 -9.88 -44.77
N MET C 194 -40.25 -9.06 -43.89
CA MET C 194 -39.61 -7.80 -43.53
C MET C 194 -38.68 -7.97 -42.33
N MET C 195 -38.58 -9.20 -41.83
CA MET C 195 -37.81 -9.49 -40.64
C MET C 195 -36.73 -10.53 -40.90
N GLN C 196 -35.54 -10.29 -40.35
CA GLN C 196 -34.45 -11.23 -40.42
C GLN C 196 -33.90 -11.47 -39.02
N LYS C 197 -33.41 -12.68 -38.78
CA LYS C 197 -32.83 -13.04 -37.49
C LYS C 197 -31.32 -12.97 -37.58
N TRP C 198 -30.73 -12.41 -36.54
CA TRP C 198 -29.29 -12.36 -36.46
C TRP C 198 -28.79 -12.77 -35.08
N PRO C 199 -27.77 -13.62 -35.03
CA PRO C 199 -27.10 -14.03 -33.79
C PRO C 199 -26.27 -12.90 -33.20
N VAL C 200 -26.58 -12.54 -31.96
CA VAL C 200 -25.98 -11.36 -31.37
C VAL C 200 -24.44 -11.46 -31.20
N ARG C 201 -23.90 -12.67 -31.19
CA ARG C 201 -22.48 -12.81 -30.94
C ARG C 201 -21.62 -12.84 -32.20
N ARG C 202 -22.26 -12.78 -33.37
CA ARG C 202 -21.56 -12.62 -34.64
C ARG C 202 -21.67 -11.17 -35.00
N GLY C 203 -20.58 -10.60 -35.50
CA GLY C 203 -20.65 -9.25 -36.04
C GLY C 203 -21.31 -9.37 -37.39
N ARG C 204 -22.25 -8.47 -37.68
CA ARG C 204 -22.82 -8.47 -39.02
C ARG C 204 -21.75 -8.03 -39.99
N PRO C 205 -21.59 -8.78 -41.09
CA PRO C 205 -20.56 -8.48 -42.09
C PRO C 205 -20.78 -7.17 -42.79
N ILE C 206 -19.70 -6.67 -43.39
CA ILE C 206 -19.62 -5.39 -44.09
C ILE C 206 -18.67 -5.48 -45.30
N LYS C 207 -18.74 -4.49 -46.17
CA LYS C 207 -17.86 -4.48 -47.31
C LYS C 207 -16.49 -3.96 -46.91
N GLN C 208 -16.47 -2.93 -46.08
CA GLN C 208 -15.24 -2.24 -45.78
C GLN C 208 -15.35 -1.37 -44.54
N LYS C 209 -14.28 -1.37 -43.75
CA LYS C 209 -14.21 -0.53 -42.60
C LYS C 209 -13.46 0.73 -42.98
N LEU C 210 -13.94 1.87 -42.50
CA LEU C 210 -13.40 3.17 -42.87
C LEU C 210 -12.93 3.91 -41.64
N ASN C 211 -12.21 5.00 -41.87
CA ASN C 211 -11.69 5.84 -40.83
C ASN C 211 -12.71 6.91 -40.48
N PRO C 212 -13.10 6.99 -39.20
CA PRO C 212 -14.10 7.98 -38.81
C PRO C 212 -13.49 9.35 -38.75
N ASP C 213 -13.88 10.22 -39.67
CA ASP C 213 -13.27 11.53 -39.77
C ASP C 213 -14.19 12.71 -39.47
N VAL C 214 -15.49 12.45 -39.32
CA VAL C 214 -16.44 13.52 -39.03
C VAL C 214 -16.77 13.56 -37.52
N PRO C 215 -16.55 14.72 -36.88
CA PRO C 215 -16.82 14.87 -35.47
C PRO C 215 -18.30 14.85 -35.16
N MET C 216 -18.68 14.09 -34.15
CA MET C 216 -20.02 14.13 -33.59
C MET C 216 -20.25 15.46 -32.87
N ILE C 217 -21.45 16.00 -32.94
CA ILE C 217 -21.75 17.15 -32.09
C ILE C 217 -22.38 16.61 -30.82
N THR C 218 -21.76 16.82 -29.68
CA THR C 218 -22.41 16.44 -28.42
C THR C 218 -23.10 17.67 -27.84
N GLY C 219 -22.55 18.85 -28.16
CA GLY C 219 -23.00 20.14 -27.64
C GLY C 219 -22.43 20.44 -26.25
N GLN C 220 -21.62 19.50 -25.76
CA GLN C 220 -20.92 19.65 -24.51
C GLN C 220 -19.55 20.23 -24.79
N ARG C 221 -19.32 21.44 -24.31
CA ARG C 221 -18.14 22.23 -24.65
C ARG C 221 -16.80 21.53 -24.43
N VAL C 222 -16.66 20.84 -23.31
CA VAL C 222 -15.39 20.21 -22.98
C VAL C 222 -15.07 19.11 -23.98
N ILE C 223 -16.08 18.33 -24.35
CA ILE C 223 -15.89 17.22 -25.30
C ILE C 223 -15.60 17.72 -26.70
N ASP C 224 -16.48 18.54 -27.25
CA ASP C 224 -16.31 19.01 -28.63
C ASP C 224 -15.01 19.77 -28.85
N THR C 225 -14.57 20.54 -27.86
CA THR C 225 -13.33 21.30 -28.00
C THR C 225 -12.07 20.43 -27.81
N PHE C 226 -11.97 19.81 -26.64
CA PHE C 226 -10.72 19.21 -26.23
C PHE C 226 -10.64 17.72 -26.42
N PHE C 227 -11.76 17.01 -26.29
CA PHE C 227 -11.72 15.57 -26.47
C PHE C 227 -12.90 15.05 -27.27
N PRO C 228 -12.97 15.48 -28.54
CA PRO C 228 -14.05 15.15 -29.47
C PRO C 228 -14.08 13.71 -29.88
N VAL C 229 -15.26 13.21 -30.15
CA VAL C 229 -15.42 11.88 -30.70
C VAL C 229 -16.02 12.07 -32.09
N THR C 230 -15.52 11.30 -33.05
CA THR C 230 -15.99 11.41 -34.41
C THR C 230 -17.10 10.40 -34.59
N LYS C 231 -17.78 10.47 -35.73
CA LYS C 231 -18.84 9.55 -35.99
C LYS C 231 -18.30 8.23 -36.51
N GLY C 232 -18.45 7.19 -35.70
CA GLY C 232 -17.85 5.90 -35.98
C GLY C 232 -16.66 5.65 -35.06
N GLY C 233 -16.49 6.49 -34.04
CA GLY C 233 -15.41 6.35 -33.08
C GLY C 233 -15.83 5.64 -31.80
N ALA C 234 -14.90 5.40 -30.90
CA ALA C 234 -15.22 4.72 -29.65
C ALA C 234 -14.64 5.48 -28.49
N ALA C 235 -15.47 5.81 -27.50
CA ALA C 235 -15.02 6.58 -26.36
C ALA C 235 -15.36 5.85 -25.07
N ALA C 236 -14.57 6.08 -24.03
CA ALA C 236 -14.89 5.54 -22.70
C ALA C 236 -15.05 6.65 -21.68
N VAL C 237 -15.96 6.47 -20.73
CA VAL C 237 -16.07 7.39 -19.59
C VAL C 237 -15.91 6.62 -18.32
N PRO C 238 -14.66 6.45 -17.86
CA PRO C 238 -14.46 5.77 -16.59
C PRO C 238 -14.52 6.80 -15.48
N GLY C 239 -15.24 6.45 -14.43
CA GLY C 239 -15.39 7.35 -13.33
C GLY C 239 -15.95 6.66 -12.12
N PRO C 240 -15.65 7.19 -10.94
CA PRO C 240 -16.18 6.66 -9.70
C PRO C 240 -17.67 7.00 -9.60
N PHE C 241 -18.35 6.42 -8.64
CA PHE C 241 -19.78 6.65 -8.54
C PHE C 241 -20.12 8.12 -8.30
N GLY C 242 -21.16 8.59 -8.96
CA GLY C 242 -21.65 9.93 -8.72
C GLY C 242 -20.89 11.01 -9.48
N ALA C 243 -19.93 10.60 -10.31
CA ALA C 243 -19.11 11.54 -11.08
C ALA C 243 -19.81 12.13 -12.31
N GLY C 244 -20.80 11.40 -12.85
CA GLY C 244 -21.59 11.92 -13.95
C GLY C 244 -21.49 11.14 -15.26
N LYS C 245 -21.10 9.87 -15.17
CA LYS C 245 -21.02 9.07 -16.39
C LYS C 245 -22.39 8.96 -17.05
N THR C 246 -23.41 8.65 -16.24
CA THR C 246 -24.76 8.49 -16.76
C THR C 246 -25.26 9.77 -17.44
N VAL C 247 -25.10 10.90 -16.76
CA VAL C 247 -25.56 12.17 -17.30
C VAL C 247 -24.87 12.58 -18.61
N VAL C 248 -23.59 12.23 -18.74
CA VAL C 248 -22.87 12.48 -19.99
C VAL C 248 -23.54 11.74 -21.13
N GLN C 249 -23.84 10.47 -20.91
CA GLN C 249 -24.48 9.66 -21.92
C GLN C 249 -25.91 10.10 -22.28
N HIS C 250 -26.66 10.58 -21.30
CA HIS C 250 -27.97 11.16 -21.57
C HIS C 250 -27.88 12.38 -22.48
N GLN C 251 -26.87 13.23 -22.24
CA GLN C 251 -26.64 14.39 -23.06
C GLN C 251 -26.34 14.04 -24.52
N ILE C 252 -25.61 12.97 -24.75
CA ILE C 252 -25.27 12.63 -26.11
C ILE C 252 -26.46 12.00 -26.79
N ALA C 253 -27.21 11.20 -26.04
CA ALA C 253 -28.43 10.59 -26.56
C ALA C 253 -29.40 11.66 -26.99
N LYS C 254 -29.46 12.74 -26.20
CA LYS C 254 -30.36 13.86 -26.45
C LYS C 254 -29.93 14.77 -27.55
N TRP C 255 -28.65 15.11 -27.63
CA TRP C 255 -28.23 16.23 -28.49
C TRP C 255 -27.41 15.93 -29.74
N SER C 256 -26.90 14.71 -29.86
CA SER C 256 -25.96 14.43 -30.92
C SER C 256 -26.64 14.30 -32.26
N ASP C 257 -25.88 14.51 -33.33
CA ASP C 257 -26.45 14.53 -34.64
C ASP C 257 -26.34 13.20 -35.38
N VAL C 258 -26.36 12.10 -34.63
CA VAL C 258 -26.56 10.79 -35.23
C VAL C 258 -28.00 10.65 -35.69
N ASP C 259 -28.25 9.65 -36.51
CA ASP C 259 -29.60 9.34 -36.97
C ASP C 259 -30.39 8.62 -35.91
N LEU C 260 -29.71 7.72 -35.19
CA LEU C 260 -30.36 6.75 -34.33
C LEU C 260 -29.59 6.51 -33.03
N VAL C 261 -30.29 6.33 -31.93
CA VAL C 261 -29.61 6.11 -30.65
C VAL C 261 -30.05 4.80 -30.00
N VAL C 262 -29.11 3.90 -29.73
CA VAL C 262 -29.41 2.69 -28.98
C VAL C 262 -28.81 2.86 -27.59
N TYR C 263 -29.67 2.95 -26.57
CA TYR C 263 -29.21 3.08 -25.18
C TYR C 263 -29.33 1.77 -24.43
N VAL C 264 -28.19 1.19 -24.09
CA VAL C 264 -28.18 -0.08 -23.35
C VAL C 264 -27.85 0.17 -21.89
N GLY C 265 -28.86 0.13 -21.03
CA GLY C 265 -28.64 0.16 -19.58
C GLY C 265 -28.25 -1.22 -19.10
N CYS C 266 -26.96 -1.40 -18.82
CA CYS C 266 -26.38 -2.68 -18.43
C CYS C 266 -26.02 -2.71 -16.94
N GLY C 267 -26.87 -3.35 -16.13
CA GLY C 267 -26.63 -3.49 -14.69
C GLY C 267 -26.74 -2.20 -13.89
N GLU C 268 -27.69 -1.35 -14.27
CA GLU C 268 -27.79 -0.08 -13.59
C GLU C 268 -29.17 0.14 -12.97
N ARG C 269 -29.48 1.39 -12.65
CA ARG C 269 -30.73 1.77 -11.98
C ARG C 269 -31.97 1.77 -12.87
N GLY C 270 -33.00 1.09 -12.37
CA GLY C 270 -34.32 1.02 -13.01
C GLY C 270 -34.91 2.37 -13.35
N ASN C 271 -34.87 3.29 -12.38
CA ASN C 271 -35.32 4.66 -12.53
C ASN C 271 -34.73 5.44 -13.71
N GLU C 272 -33.46 5.15 -13.99
CA GLU C 272 -32.73 5.81 -15.03
C GLU C 272 -33.36 5.48 -16.36
N MET C 273 -33.85 4.26 -16.48
CA MET C 273 -34.47 3.80 -17.70
C MET C 273 -35.85 4.38 -17.81
N THR C 274 -36.56 4.44 -16.70
CA THR C 274 -37.89 5.02 -16.76
C THR C 274 -37.82 6.53 -16.98
N ASP C 275 -36.73 7.15 -16.56
CA ASP C 275 -36.49 8.54 -16.89
C ASP C 275 -36.46 8.77 -18.42
N VAL C 276 -35.70 7.92 -19.13
CA VAL C 276 -35.56 8.06 -20.57
C VAL C 276 -36.86 7.81 -21.34
N VAL C 277 -37.58 6.73 -21.04
CA VAL C 277 -38.84 6.46 -21.77
C VAL C 277 -39.86 7.54 -21.59
N ASN C 278 -39.86 8.15 -20.41
CA ASN C 278 -40.82 9.19 -20.07
C ASN C 278 -40.43 10.58 -20.56
N GLU C 279 -39.17 10.95 -20.38
CA GLU C 279 -38.70 12.26 -20.80
C GLU C 279 -38.45 12.40 -22.32
N PHE C 280 -38.01 11.33 -22.97
CA PHE C 280 -37.60 11.41 -24.38
C PHE C 280 -38.73 11.69 -25.37
N PRO C 281 -39.96 11.17 -25.16
CA PRO C 281 -41.02 11.51 -26.09
C PRO C 281 -41.39 12.99 -26.05
N GLU C 282 -41.11 13.67 -24.94
CA GLU C 282 -41.40 15.10 -24.76
C GLU C 282 -40.32 16.02 -25.34
N LEU C 283 -39.26 15.44 -25.89
CA LEU C 283 -38.17 16.24 -26.40
C LEU C 283 -38.20 16.26 -27.93
N ILE C 284 -37.44 17.16 -28.53
CA ILE C 284 -37.39 17.30 -29.98
C ILE C 284 -35.95 17.14 -30.50
N ASP C 285 -35.81 16.67 -31.74
CA ASP C 285 -34.58 16.89 -32.51
C ASP C 285 -34.76 16.80 -34.02
N GLU C 290 -40.39 16.83 -34.24
CA GLU C 290 -39.98 15.42 -34.27
C GLU C 290 -39.46 14.90 -32.92
N SER C 291 -40.17 13.94 -32.33
CA SER C 291 -39.85 13.42 -30.99
C SER C 291 -38.52 12.66 -30.92
N LEU C 292 -37.87 12.76 -29.77
CA LEU C 292 -36.57 12.14 -29.56
C LEU C 292 -36.68 10.62 -29.47
N MET C 293 -37.78 10.15 -28.90
CA MET C 293 -38.03 8.72 -28.72
C MET C 293 -38.12 8.00 -30.06
N GLU C 294 -38.36 8.76 -31.11
CA GLU C 294 -38.56 8.21 -32.45
C GLU C 294 -37.26 7.91 -33.19
N ARG C 295 -36.14 8.10 -32.53
CA ARG C 295 -34.87 7.71 -33.11
C ARG C 295 -34.09 6.89 -32.11
N THR C 296 -34.81 6.35 -31.12
CA THR C 296 -34.22 5.76 -29.91
C THR C 296 -34.63 4.30 -29.70
N VAL C 297 -33.68 3.47 -29.30
CA VAL C 297 -33.96 2.09 -28.93
C VAL C 297 -33.41 1.89 -27.52
N LEU C 298 -34.13 1.16 -26.67
CA LEU C 298 -33.69 0.98 -25.29
C LEU C 298 -33.65 -0.47 -24.91
N ILE C 299 -32.49 -0.93 -24.47
CA ILE C 299 -32.35 -2.24 -23.88
C ILE C 299 -32.14 -1.96 -22.41
N ALA C 300 -32.93 -2.60 -21.56
CA ALA C 300 -32.78 -2.36 -20.13
C ALA C 300 -32.57 -3.66 -19.45
N ASN C 301 -31.40 -3.81 -18.84
CA ASN C 301 -31.22 -4.88 -17.90
C ASN C 301 -30.66 -4.32 -16.62
N THR C 302 -31.53 -4.04 -15.66
CA THR C 302 -31.13 -3.34 -14.46
C THR C 302 -30.26 -4.15 -13.52
N SER C 303 -29.77 -3.49 -12.48
CA SER C 303 -28.82 -4.11 -11.57
C SER C 303 -29.34 -5.37 -10.90
N ASN C 304 -30.63 -5.43 -10.64
CA ASN C 304 -31.24 -6.55 -9.90
C ASN C 304 -31.97 -7.55 -10.77
N MET C 305 -31.93 -7.34 -12.08
CA MET C 305 -32.40 -8.31 -13.04
C MET C 305 -31.31 -9.37 -13.18
N PRO C 306 -31.56 -10.48 -13.91
CA PRO C 306 -30.55 -11.53 -13.94
C PRO C 306 -29.18 -11.12 -14.49
N VAL C 307 -28.14 -11.51 -13.76
CA VAL C 307 -26.76 -11.17 -14.07
C VAL C 307 -26.34 -11.52 -15.49
N ALA C 308 -26.65 -12.71 -15.95
CA ALA C 308 -26.17 -13.14 -17.25
C ALA C 308 -26.79 -12.33 -18.40
N ALA C 309 -27.93 -11.70 -18.11
CA ALA C 309 -28.64 -10.93 -19.14
C ALA C 309 -27.94 -9.61 -19.46
N ARG C 310 -26.96 -9.26 -18.62
CA ARG C 310 -26.13 -8.07 -18.83
C ARG C 310 -25.27 -8.21 -20.07
N GLU C 311 -24.71 -9.41 -20.25
CA GLU C 311 -23.94 -9.69 -21.43
C GLU C 311 -24.87 -9.68 -22.62
N ALA C 312 -26.03 -10.30 -22.45
CA ALA C 312 -26.95 -10.45 -23.53
C ALA C 312 -27.33 -9.10 -24.08
N SER C 313 -27.52 -8.13 -23.17
CA SER C 313 -27.95 -6.77 -23.51
C SER C 313 -26.94 -5.97 -24.31
N ILE C 314 -25.68 -6.08 -23.94
CA ILE C 314 -24.62 -5.42 -24.66
C ILE C 314 -24.67 -5.95 -26.09
N TYR C 315 -24.74 -7.27 -26.22
CA TYR C 315 -24.75 -7.89 -27.53
C TYR C 315 -26.00 -7.61 -28.34
N THR C 316 -27.18 -7.62 -27.74
CA THR C 316 -28.38 -7.32 -28.53
C THR C 316 -28.38 -5.86 -29.02
N GLY C 317 -27.94 -4.93 -28.16
CA GLY C 317 -27.77 -3.54 -28.54
C GLY C 317 -26.84 -3.27 -29.73
N ILE C 318 -25.61 -3.76 -29.68
CA ILE C 318 -24.68 -3.53 -30.80
C ILE C 318 -25.17 -4.14 -32.12
N THR C 319 -25.84 -5.30 -32.03
CA THR C 319 -26.42 -6.01 -33.16
C THR C 319 -27.57 -5.22 -33.77
N ILE C 320 -28.41 -4.66 -32.91
CA ILE C 320 -29.48 -3.76 -33.36
C ILE C 320 -28.86 -2.52 -34.01
N ALA C 321 -27.78 -2.02 -33.40
CA ALA C 321 -27.05 -0.89 -33.94
C ALA C 321 -26.45 -1.19 -35.32
N GLU C 322 -25.86 -2.37 -35.47
CA GLU C 322 -25.29 -2.78 -36.73
C GLU C 322 -26.36 -2.91 -37.79
N TYR C 323 -27.51 -3.42 -37.41
CA TYR C 323 -28.62 -3.57 -38.34
C TYR C 323 -29.00 -2.25 -39.01
N PHE C 324 -29.06 -1.18 -38.20
CA PHE C 324 -29.36 0.17 -38.68
C PHE C 324 -28.20 0.86 -39.40
N ARG C 325 -26.99 0.48 -39.01
CA ARG C 325 -25.76 0.86 -39.71
C ARG C 325 -25.77 0.38 -41.17
N ASP C 326 -26.18 -0.86 -41.38
CA ASP C 326 -26.25 -1.44 -42.71
C ASP C 326 -27.18 -0.67 -43.62
N MET C 327 -28.23 -0.10 -43.02
CA MET C 327 -29.21 0.66 -43.76
C MET C 327 -28.64 1.98 -44.19
N GLY C 328 -27.41 2.27 -43.77
CA GLY C 328 -26.80 3.53 -44.13
C GLY C 328 -26.99 4.66 -43.14
N TYR C 329 -27.31 4.31 -41.89
CA TYR C 329 -27.52 5.31 -40.86
C TYR C 329 -26.31 5.51 -39.95
N ASP C 330 -26.27 6.66 -39.32
CA ASP C 330 -25.35 6.94 -38.23
C ASP C 330 -25.96 6.59 -36.87
N VAL C 331 -25.29 5.71 -36.15
CA VAL C 331 -25.88 5.14 -34.96
C VAL C 331 -24.93 5.41 -33.83
N ALA C 332 -25.45 5.92 -32.71
CA ALA C 332 -24.65 6.01 -31.48
C ALA C 332 -25.15 4.96 -30.52
N ILE C 333 -24.26 4.15 -29.97
CA ILE C 333 -24.61 3.17 -28.95
C ILE C 333 -24.01 3.49 -27.59
N MET C 334 -24.85 3.69 -26.59
CA MET C 334 -24.36 3.93 -25.25
C MET C 334 -24.51 2.64 -24.48
N ALA C 335 -23.40 2.21 -23.90
CA ALA C 335 -23.43 1.09 -22.98
C ALA C 335 -23.13 1.67 -21.63
N ASP C 336 -24.05 1.43 -20.70
CA ASP C 336 -23.96 2.02 -19.39
C ASP C 336 -24.40 0.95 -18.39
N SER C 337 -23.46 0.29 -17.70
CA SER C 337 -22.03 0.49 -17.78
C SER C 337 -21.36 -0.86 -18.14
N THR C 338 -20.17 -0.83 -18.73
CA THR C 338 -19.55 -2.06 -19.21
C THR C 338 -18.88 -2.84 -18.09
N SER C 339 -18.69 -2.17 -16.97
CA SER C 339 -18.22 -2.83 -15.76
C SER C 339 -19.16 -3.94 -15.28
N ARG C 340 -20.48 -3.73 -15.39
CA ARG C 340 -21.43 -4.72 -14.92
C ARG C 340 -21.42 -5.96 -15.79
N TRP C 341 -21.21 -5.74 -17.08
CA TRP C 341 -21.03 -6.80 -18.04
C TRP C 341 -19.79 -7.61 -17.69
N ALA C 342 -18.67 -6.93 -17.42
CA ALA C 342 -17.44 -7.62 -17.03
C ALA C 342 -17.61 -8.34 -15.69
N GLU C 343 -18.32 -7.69 -14.78
CA GLU C 343 -18.62 -8.23 -13.47
C GLU C 343 -19.56 -9.42 -13.53
N ALA C 344 -20.40 -9.48 -14.56
CA ALA C 344 -21.21 -10.66 -14.81
C ALA C 344 -20.33 -11.80 -15.29
N LEU C 345 -19.34 -11.47 -16.12
CA LEU C 345 -18.34 -12.44 -16.54
C LEU C 345 -17.51 -12.90 -15.33
N ARG C 346 -17.18 -11.97 -14.43
CA ARG C 346 -16.49 -12.34 -13.19
C ARG C 346 -17.34 -13.30 -12.33
N GLU C 347 -18.65 -13.08 -12.27
CA GLU C 347 -19.51 -13.98 -11.49
C GLU C 347 -19.52 -15.41 -12.05
N MET C 348 -19.79 -15.57 -13.34
CA MET C 348 -19.75 -16.89 -14.00
C MET C 348 -18.39 -17.60 -13.89
N SER C 349 -17.31 -16.86 -14.15
CA SER C 349 -15.96 -17.40 -14.07
C SER C 349 -15.71 -18.01 -12.72
N GLY C 350 -16.04 -17.26 -11.67
CA GLY C 350 -15.97 -17.73 -10.28
C GLY C 350 -16.83 -18.96 -10.03
N ARG C 351 -18.04 -18.98 -10.57
CA ARG C 351 -18.94 -20.12 -10.42
C ARG C 351 -18.48 -21.35 -11.17
N LEU C 352 -17.74 -21.15 -12.26
CA LEU C 352 -17.19 -22.25 -13.05
C LEU C 352 -15.87 -22.76 -12.46
N GLU C 353 -15.33 -21.99 -11.52
CA GLU C 353 -14.03 -22.28 -10.90
C GLU C 353 -12.89 -22.20 -11.91
N GLU C 354 -12.97 -21.24 -12.82
CA GLU C 354 -11.89 -20.92 -13.74
C GLU C 354 -10.77 -20.23 -12.99
N MET C 355 -9.59 -20.19 -13.59
CA MET C 355 -8.48 -19.45 -13.05
C MET C 355 -8.63 -18.01 -13.50
N PRO C 356 -8.85 -17.08 -12.57
CA PRO C 356 -9.01 -15.66 -12.91
C PRO C 356 -7.76 -14.97 -13.49
N GLY C 357 -8.00 -13.94 -14.29
CA GLY C 357 -6.97 -12.96 -14.60
C GLY C 357 -6.89 -12.01 -13.40
N ASP C 358 -6.49 -10.76 -13.65
CA ASP C 358 -6.31 -9.82 -12.56
C ASP C 358 -7.66 -9.41 -11.98
N GLU C 359 -7.67 -9.15 -10.67
CA GLU C 359 -8.83 -8.61 -9.94
C GLU C 359 -10.03 -9.55 -9.99
N GLY C 360 -9.79 -10.78 -10.40
CA GLY C 360 -10.82 -11.78 -10.42
C GLY C 360 -11.50 -11.99 -11.76
N TYR C 361 -11.35 -11.06 -12.70
CA TYR C 361 -11.97 -11.20 -14.02
C TYR C 361 -11.34 -12.29 -14.86
N PRO C 362 -12.12 -12.91 -15.78
CA PRO C 362 -11.57 -13.97 -16.60
C PRO C 362 -10.44 -13.41 -17.46
N ALA C 363 -9.49 -14.27 -17.82
CA ALA C 363 -8.29 -13.82 -18.50
C ALA C 363 -8.59 -13.24 -19.88
N TYR C 364 -9.64 -13.73 -20.52
CA TYR C 364 -10.04 -13.26 -21.86
C TYR C 364 -10.85 -11.97 -21.85
N LEU C 365 -10.90 -11.32 -20.70
CA LEU C 365 -11.60 -10.08 -20.55
C LEU C 365 -11.24 -9.08 -21.65
N GLY C 366 -9.94 -8.91 -21.88
CA GLY C 366 -9.49 -7.96 -22.91
C GLY C 366 -10.03 -8.27 -24.30
N SER C 367 -9.98 -9.55 -24.67
CA SER C 367 -10.41 -10.03 -25.97
C SER C 367 -11.89 -9.86 -26.16
N ARG C 368 -12.64 -9.97 -25.07
CA ARG C 368 -14.08 -9.77 -25.12
C ARG C 368 -14.38 -8.33 -25.43
N LEU C 369 -13.69 -7.44 -24.74
CA LEU C 369 -13.89 -6.01 -24.94
C LEU C 369 -13.52 -5.56 -26.36
N ALA C 370 -12.43 -6.11 -26.87
CA ALA C 370 -11.94 -5.80 -28.19
C ALA C 370 -12.93 -6.26 -29.25
N GLU C 371 -13.60 -7.38 -29.03
CA GLU C 371 -14.62 -7.82 -29.97
C GLU C 371 -15.76 -6.80 -30.08
N TYR C 372 -16.22 -6.31 -28.93
CA TYR C 372 -17.28 -5.35 -28.87
C TYR C 372 -16.93 -4.07 -29.61
N TYR C 373 -15.79 -3.49 -29.28
CA TYR C 373 -15.45 -2.19 -29.86
C TYR C 373 -15.13 -2.28 -31.33
N GLU C 374 -14.48 -3.39 -31.72
CA GLU C 374 -14.13 -3.58 -33.12
C GLU C 374 -15.35 -3.73 -34.02
N ARG C 375 -16.51 -3.97 -33.40
CA ARG C 375 -17.77 -4.02 -34.09
C ARG C 375 -18.27 -2.63 -34.38
N SER C 376 -17.81 -1.65 -33.61
CA SER C 376 -18.23 -0.26 -33.84
C SER C 376 -17.39 0.34 -34.96
N GLY C 377 -17.74 1.54 -35.45
CA GLY C 377 -16.99 2.12 -36.57
C GLY C 377 -17.75 2.47 -37.84
N ARG C 378 -17.12 3.30 -38.66
CA ARG C 378 -17.69 3.85 -39.89
C ARG C 378 -17.42 2.88 -41.03
N VAL C 379 -18.42 2.52 -41.81
CA VAL C 379 -18.24 1.44 -42.78
C VAL C 379 -18.85 1.67 -44.17
N ILE C 380 -18.47 0.83 -45.12
CA ILE C 380 -19.27 0.63 -46.32
C ILE C 380 -20.03 -0.66 -46.06
N ALA C 381 -21.36 -0.58 -46.09
CA ALA C 381 -22.22 -1.73 -45.83
C ALA C 381 -22.37 -2.59 -47.08
N LEU C 382 -22.77 -3.84 -46.92
CA LEU C 382 -22.89 -4.72 -48.06
C LEU C 382 -24.03 -4.30 -48.98
N GLY C 383 -23.85 -4.56 -50.29
CA GLY C 383 -24.81 -4.15 -51.29
C GLY C 383 -24.18 -3.28 -52.37
N SER C 384 -24.82 -3.27 -53.53
CA SER C 384 -24.30 -2.56 -54.70
C SER C 384 -24.32 -1.05 -54.50
N ASP C 385 -25.27 -0.59 -53.69
CA ASP C 385 -25.42 0.82 -53.34
C ASP C 385 -24.11 1.32 -52.70
N GLN C 386 -23.41 0.43 -51.98
CA GLN C 386 -22.22 0.78 -51.20
C GLN C 386 -22.47 1.93 -50.24
N ARG C 387 -23.43 1.76 -49.36
CA ARG C 387 -23.81 2.79 -48.41
C ARG C 387 -22.77 2.93 -47.31
N GLU C 388 -22.71 4.12 -46.78
CA GLU C 388 -21.89 4.44 -45.67
C GLU C 388 -22.76 4.52 -44.42
N GLY C 389 -22.29 3.95 -43.31
CA GLY C 389 -23.00 3.99 -42.05
C GLY C 389 -21.97 4.00 -40.96
N SER C 390 -22.31 4.53 -39.80
CA SER C 390 -21.35 4.62 -38.70
C SER C 390 -21.95 4.01 -37.45
N ILE C 391 -21.10 3.55 -36.55
CA ILE C 391 -21.53 3.20 -35.19
C ILE C 391 -20.53 3.84 -34.26
N THR C 392 -21.02 4.74 -33.43
CA THR C 392 -20.21 5.38 -32.45
C THR C 392 -20.52 4.77 -31.11
N ALA C 393 -19.49 4.21 -30.47
CA ALA C 393 -19.65 3.57 -29.18
C ALA C 393 -19.26 4.50 -28.06
N ILE C 394 -20.19 4.76 -27.15
CA ILE C 394 -19.92 5.51 -25.93
C ILE C 394 -20.14 4.63 -24.72
N SER C 395 -19.06 4.30 -24.02
CA SER C 395 -19.13 3.35 -22.93
C SER C 395 -18.83 3.94 -21.59
N ALA C 396 -19.55 3.49 -20.59
CA ALA C 396 -19.29 3.88 -19.23
C ALA C 396 -18.47 2.78 -18.59
N VAL C 397 -17.55 3.17 -17.73
CA VAL C 397 -16.73 2.22 -16.97
C VAL C 397 -16.79 2.66 -15.52
N SER C 398 -16.92 1.70 -14.62
CA SER C 398 -17.16 2.00 -13.21
C SER C 398 -16.13 1.35 -12.29
N PRO C 399 -14.88 1.81 -12.36
CA PRO C 399 -13.79 1.21 -11.58
C PRO C 399 -13.98 1.30 -10.07
N SER C 400 -13.77 0.21 -9.37
CA SER C 400 -13.89 0.22 -7.94
C SER C 400 -13.01 1.27 -7.27
N GLY C 401 -13.62 2.10 -6.42
CA GLY C 401 -12.91 3.17 -5.71
C GLY C 401 -12.37 4.27 -6.61
N GLY C 402 -12.81 4.29 -7.87
CA GLY C 402 -12.31 5.23 -8.87
C GLY C 402 -10.88 4.96 -9.30
N ASP C 403 -10.37 3.76 -9.03
CA ASP C 403 -9.00 3.42 -9.39
C ASP C 403 -8.94 2.74 -10.76
N ILE C 404 -8.28 3.41 -11.69
CA ILE C 404 -8.28 3.03 -13.09
C ILE C 404 -7.11 2.13 -13.53
N SER C 405 -6.31 1.69 -12.58
CA SER C 405 -5.37 0.59 -12.82
C SER C 405 -6.10 -0.74 -13.01
N GLU C 406 -7.36 -0.80 -12.60
CA GLU C 406 -8.17 -2.00 -12.76
C GLU C 406 -8.31 -2.40 -14.23
N PRO C 407 -8.51 -3.71 -14.45
CA PRO C 407 -8.51 -4.39 -15.73
C PRO C 407 -9.52 -3.88 -16.76
N VAL C 408 -10.76 -3.61 -16.35
CA VAL C 408 -11.80 -3.17 -17.28
C VAL C 408 -11.47 -1.83 -17.88
N THR C 409 -11.02 -0.89 -17.07
CA THR C 409 -10.58 0.39 -17.60
C THR C 409 -9.32 0.22 -18.44
N GLN C 410 -8.36 -0.55 -17.93
CA GLN C 410 -7.09 -0.65 -18.61
C GLN C 410 -7.24 -1.31 -19.97
N ASN C 411 -8.04 -2.35 -20.05
CA ASN C 411 -8.27 -3.06 -21.29
C ASN C 411 -9.10 -2.24 -22.27
N THR C 412 -9.99 -1.42 -21.74
CA THR C 412 -10.79 -0.59 -22.61
C THR C 412 -9.89 0.48 -23.21
N LEU C 413 -8.99 1.04 -22.41
CA LEU C 413 -8.18 2.14 -22.94
C LEU C 413 -7.32 1.69 -24.11
N ARG C 414 -7.06 0.40 -24.19
CA ARG C 414 -6.28 -0.12 -25.28
C ARG C 414 -7.08 -0.30 -26.56
N VAL C 415 -8.40 -0.41 -26.48
CA VAL C 415 -9.17 -0.50 -27.73
C VAL C 415 -10.02 0.72 -28.12
N VAL C 416 -10.13 1.71 -27.26
CA VAL C 416 -10.83 2.94 -27.66
C VAL C 416 -9.84 4.05 -28.02
N LYS C 417 -10.35 5.10 -28.64
CA LYS C 417 -9.52 6.20 -29.02
C LYS C 417 -9.88 7.49 -28.27
N VAL C 418 -10.97 7.44 -27.50
CA VAL C 418 -11.30 8.56 -26.64
C VAL C 418 -11.46 8.11 -25.18
N PHE C 419 -10.89 8.90 -24.29
CA PHE C 419 -10.96 8.69 -22.86
C PHE C 419 -11.49 9.94 -22.19
N TRP C 420 -12.69 9.88 -21.64
CA TRP C 420 -13.17 11.00 -20.81
C TRP C 420 -13.16 10.64 -19.35
N GLY C 421 -11.99 10.79 -18.71
CA GLY C 421 -11.80 10.42 -17.32
C GLY C 421 -12.44 11.43 -16.40
N LEU C 422 -13.43 10.96 -15.64
CA LEU C 422 -14.08 11.79 -14.64
C LEU C 422 -13.37 11.76 -13.28
N ASP C 423 -13.40 12.90 -12.60
CA ASP C 423 -12.70 13.11 -11.34
C ASP C 423 -13.70 13.37 -10.21
N SER C 424 -13.63 12.57 -9.14
CA SER C 424 -14.53 12.78 -8.01
C SER C 424 -14.29 14.13 -7.35
N SER C 425 -13.05 14.59 -7.36
CA SER C 425 -12.75 15.88 -6.77
C SER C 425 -13.41 17.04 -7.54
N LEU C 426 -13.59 16.91 -8.85
CA LEU C 426 -14.25 17.95 -9.65
C LEU C 426 -15.76 17.96 -9.47
N ALA C 427 -16.31 16.76 -9.24
CA ALA C 427 -17.72 16.54 -8.97
C ALA C 427 -18.14 17.13 -7.62
N GLN C 428 -17.29 16.97 -6.60
CA GLN C 428 -17.58 17.51 -5.28
C GLN C 428 -17.69 19.03 -5.26
N LYS C 429 -16.82 19.70 -6.01
CA LYS C 429 -16.97 21.16 -6.14
C LYS C 429 -18.00 21.53 -7.23
N ARG C 430 -18.75 20.54 -7.69
CA ARG C 430 -19.75 20.71 -8.74
C ARG C 430 -19.26 21.34 -10.05
N HIS C 431 -18.09 20.90 -10.50
CA HIS C 431 -17.56 21.27 -11.80
C HIS C 431 -18.00 20.15 -12.71
N PHE C 432 -18.95 20.44 -13.62
CA PHE C 432 -19.52 19.44 -14.54
C PHE C 432 -19.40 19.89 -15.97
N PRO C 433 -19.19 18.96 -16.91
CA PRO C 433 -18.88 17.55 -16.67
C PRO C 433 -17.53 17.44 -15.99
N SER C 434 -17.39 16.50 -15.07
CA SER C 434 -16.18 16.43 -14.26
C SER C 434 -15.01 15.71 -14.95
N ILE C 435 -14.70 16.16 -16.16
CA ILE C 435 -13.64 15.60 -16.98
C ILE C 435 -12.30 16.19 -16.61
N ASN C 436 -11.33 15.31 -16.38
CA ASN C 436 -10.01 15.72 -16.01
C ASN C 436 -9.28 16.15 -17.28
N TRP C 437 -9.14 17.45 -17.47
CA TRP C 437 -8.58 17.97 -18.71
C TRP C 437 -7.13 17.61 -18.89
N ILE C 438 -6.45 17.25 -17.80
CA ILE C 438 -5.05 16.85 -17.85
C ILE C 438 -4.90 15.40 -18.27
N GLN C 439 -5.79 14.58 -17.73
CA GLN C 439 -5.72 13.14 -17.86
C GLN C 439 -6.44 12.65 -19.10
N SER C 440 -7.48 13.34 -19.53
CA SER C 440 -8.27 12.89 -20.67
C SER C 440 -7.58 13.17 -21.99
N TYR C 441 -7.98 12.44 -23.02
CA TYR C 441 -7.40 12.62 -24.35
C TYR C 441 -8.41 12.23 -25.42
N SER C 442 -8.19 12.68 -26.64
CA SER C 442 -8.91 12.18 -27.78
C SER C 442 -7.94 11.98 -28.95
N LEU C 443 -7.79 10.75 -29.43
CA LEU C 443 -6.94 10.52 -30.60
C LEU C 443 -7.50 11.16 -31.88
N TYR C 444 -8.74 11.63 -31.81
CA TYR C 444 -9.37 12.26 -32.96
C TYR C 444 -9.11 13.76 -32.95
N SER C 445 -8.33 14.23 -31.99
CA SER C 445 -8.17 15.65 -31.75
C SER C 445 -7.58 16.40 -32.94
N THR C 446 -6.57 15.82 -33.58
CA THR C 446 -5.86 16.49 -34.67
C THR C 446 -6.70 16.55 -35.93
N GLU C 447 -7.32 15.44 -36.28
CA GLU C 447 -8.22 15.42 -37.43
C GLU C 447 -9.42 16.35 -37.26
N VAL C 448 -9.94 16.43 -36.05
CA VAL C 448 -11.11 17.25 -35.74
C VAL C 448 -10.78 18.74 -35.80
N GLY C 449 -9.58 19.10 -35.37
CA GLY C 449 -9.15 20.47 -35.45
C GLY C 449 -9.23 20.98 -36.88
N ARG C 450 -8.72 20.16 -37.79
CA ARG C 450 -8.73 20.43 -39.22
C ARG C 450 -10.13 20.63 -39.75
N TYR C 451 -11.03 19.71 -39.39
CA TYR C 451 -12.40 19.79 -39.83
C TYR C 451 -13.05 21.06 -39.28
N MET C 452 -12.74 21.40 -38.03
CA MET C 452 -13.31 22.58 -37.44
C MET C 452 -12.76 23.90 -38.03
N ASP C 453 -11.47 23.91 -38.38
CA ASP C 453 -10.85 25.10 -38.98
C ASP C 453 -11.55 25.42 -40.28
N GLN C 454 -11.76 24.38 -41.07
CA GLN C 454 -12.38 24.52 -42.37
C GLN C 454 -13.81 25.05 -42.25
N ILE C 455 -14.57 24.53 -41.29
CA ILE C 455 -15.98 24.83 -41.10
C ILE C 455 -16.21 26.21 -40.55
N LEU C 456 -15.46 26.56 -39.52
CA LEU C 456 -15.61 27.84 -38.87
C LEU C 456 -14.91 28.91 -39.64
N GLN C 457 -13.94 28.50 -40.46
CA GLN C 457 -13.04 29.41 -41.19
C GLN C 457 -12.25 30.31 -40.24
N GLN C 458 -11.74 29.72 -39.16
CA GLN C 458 -10.90 30.37 -38.18
C GLN C 458 -9.81 29.38 -37.79
N ASP C 459 -8.80 29.83 -37.07
CA ASP C 459 -7.76 28.94 -36.54
C ASP C 459 -8.20 28.33 -35.20
N TRP C 460 -9.12 27.37 -35.29
CA TRP C 460 -9.64 26.64 -34.13
C TRP C 460 -8.58 25.74 -33.49
N SER C 461 -7.88 24.96 -34.31
CA SER C 461 -6.78 24.11 -33.86
C SER C 461 -5.86 24.82 -32.90
N ASP C 462 -5.37 25.97 -33.32
CA ASP C 462 -4.50 26.83 -32.52
C ASP C 462 -5.12 27.33 -31.23
N MET C 463 -6.39 27.72 -31.28
CA MET C 463 -7.07 28.12 -30.06
C MET C 463 -7.08 26.99 -29.04
N VAL C 464 -7.46 25.80 -29.50
CA VAL C 464 -7.55 24.64 -28.65
C VAL C 464 -6.19 24.24 -28.08
N THR C 465 -5.14 24.33 -28.88
CA THR C 465 -3.80 24.01 -28.41
C THR C 465 -3.41 24.98 -27.31
N GLU C 466 -3.65 26.27 -27.52
CA GLU C 466 -3.34 27.27 -26.50
C GLU C 466 -4.19 27.06 -25.25
N GLY C 467 -5.44 26.64 -25.43
CA GLY C 467 -6.30 26.35 -24.30
C GLY C 467 -5.73 25.30 -23.40
N MET C 468 -5.32 24.18 -23.99
CA MET C 468 -4.74 23.05 -23.29
C MET C 468 -3.36 23.40 -22.74
N ARG C 469 -2.60 24.15 -23.53
CA ARG C 469 -1.27 24.61 -23.12
C ARG C 469 -1.44 25.44 -21.86
N ILE C 470 -2.47 26.29 -21.80
CA ILE C 470 -2.68 27.09 -20.61
C ILE C 470 -3.08 26.23 -19.42
N LEU C 471 -3.98 25.29 -19.66
CA LEU C 471 -4.42 24.36 -18.62
C LEU C 471 -3.26 23.56 -18.09
N GLN C 472 -2.38 23.12 -18.98
CA GLN C 472 -1.20 22.37 -18.59
C GLN C 472 -0.21 23.23 -17.77
N GLU C 473 -0.08 24.51 -18.12
CA GLU C 473 0.75 25.41 -17.32
C GLU C 473 0.13 25.64 -15.97
N GLU C 474 -1.19 25.78 -15.93
CA GLU C 474 -1.85 25.96 -14.65
C GLU C 474 -1.48 24.84 -13.70
N GLU C 475 -1.53 23.61 -14.21
CA GLU C 475 -1.17 22.41 -13.46
C GLU C 475 0.24 22.49 -12.93
N GLN C 476 1.19 22.80 -13.83
CA GLN C 476 2.60 23.00 -13.47
C GLN C 476 2.72 23.98 -12.32
N LEU C 477 2.07 25.13 -12.45
CA LEU C 477 2.09 26.16 -11.43
C LEU C 477 1.47 25.70 -10.10
N ASN C 478 0.22 25.24 -10.14
CA ASN C 478 -0.49 24.78 -8.94
C ASN C 478 0.28 23.78 -8.08
N GLU C 479 1.10 22.94 -8.70
CA GLU C 479 1.99 22.05 -7.98
C GLU C 479 2.91 22.82 -7.05
N ILE C 480 3.69 23.72 -7.62
CA ILE C 480 4.59 24.57 -6.85
C ILE C 480 3.82 25.57 -5.94
N VAL C 481 2.69 26.05 -6.43
CA VAL C 481 1.89 27.03 -5.69
C VAL C 481 1.32 26.52 -4.37
N ARG C 482 0.82 25.28 -4.36
CA ARG C 482 0.09 24.72 -3.22
C ARG C 482 0.97 24.54 -1.99
N LEU C 483 2.20 25.06 -2.07
CA LEU C 483 3.19 24.90 -1.02
C LEU C 483 3.87 26.23 -0.66
N VAL C 484 3.71 27.25 -1.50
CA VAL C 484 4.36 28.55 -1.27
C VAL C 484 3.81 29.69 -2.14
N GLY C 485 3.11 29.34 -3.21
CA GLY C 485 2.85 30.28 -4.30
C GLY C 485 1.99 31.48 -4.00
N ILE C 486 1.46 32.05 -5.09
CA ILE C 486 0.65 33.29 -5.11
C ILE C 486 1.39 34.56 -4.66
N ASP C 487 1.73 34.64 -3.37
CA ASP C 487 2.44 35.81 -2.82
C ASP C 487 3.62 36.23 -3.70
N SER C 488 4.35 35.25 -4.23
CA SER C 488 5.63 35.53 -4.88
C SER C 488 5.62 35.41 -6.39
N LEU C 489 4.47 35.05 -6.96
CA LEU C 489 4.33 34.81 -8.41
C LEU C 489 4.53 36.04 -9.30
N SER C 490 5.19 35.80 -10.43
CA SER C 490 5.37 36.77 -11.49
C SER C 490 4.03 37.17 -12.12
N ASP C 491 3.95 38.40 -12.63
CA ASP C 491 2.71 38.88 -13.22
C ASP C 491 2.25 38.09 -14.44
N ASN C 492 3.21 37.68 -15.27
CA ASN C 492 2.93 36.84 -16.43
C ASN C 492 2.22 35.56 -16.01
N ASP C 493 2.69 34.98 -14.91
CA ASP C 493 2.15 33.74 -14.37
C ASP C 493 0.84 33.96 -13.63
N ARG C 494 0.70 35.09 -12.97
CA ARG C 494 -0.57 35.44 -12.35
C ARG C 494 -1.66 35.54 -13.41
N LEU C 495 -1.31 36.17 -14.52
CA LEU C 495 -2.20 36.27 -15.65
C LEU C 495 -2.58 34.90 -16.14
N THR C 496 -1.58 34.03 -16.27
CA THR C 496 -1.79 32.67 -16.74
C THR C 496 -2.83 31.95 -15.90
N LEU C 497 -2.70 32.01 -14.57
CA LEU C 497 -3.69 31.42 -13.68
C LEU C 497 -5.09 31.98 -13.86
N GLU C 498 -5.20 33.24 -14.25
CA GLU C 498 -6.50 33.82 -14.50
C GLU C 498 -7.14 33.33 -15.80
N VAL C 499 -6.34 33.16 -16.84
CA VAL C 499 -6.86 32.60 -18.09
C VAL C 499 -7.25 31.16 -17.91
N ALA C 500 -6.47 30.42 -17.13
CA ALA C 500 -6.83 29.05 -16.84
C ALA C 500 -8.11 29.01 -16.03
N LYS C 501 -8.29 29.97 -15.13
CA LYS C 501 -9.49 30.01 -14.31
C LYS C 501 -10.73 30.37 -15.12
N SER C 502 -10.55 31.26 -16.09
CA SER C 502 -11.61 31.61 -17.01
C SER C 502 -12.00 30.40 -17.86
N ILE C 503 -11.03 29.67 -18.36
CA ILE C 503 -11.34 28.45 -19.12
C ILE C 503 -12.15 27.45 -18.28
N ARG C 504 -11.62 27.11 -17.11
CA ARG C 504 -12.26 26.16 -16.20
C ARG C 504 -13.71 26.54 -15.86
N GLU C 505 -13.92 27.80 -15.47
CA GLU C 505 -15.20 28.23 -14.99
C GLU C 505 -16.15 28.74 -16.07
N ASP C 506 -15.60 29.45 -17.05
CA ASP C 506 -16.40 30.11 -18.06
C ASP C 506 -16.69 29.21 -19.25
N TYR C 507 -15.83 28.24 -19.48
CA TYR C 507 -15.96 27.42 -20.66
C TYR C 507 -16.17 25.94 -20.29
N LEU C 508 -15.26 25.40 -19.48
CA LEU C 508 -15.32 23.96 -19.14
C LEU C 508 -16.56 23.54 -18.36
N GLN C 509 -16.94 24.39 -17.41
CA GLN C 509 -18.06 24.14 -16.55
C GLN C 509 -19.36 24.41 -17.27
N GLN C 510 -20.18 23.37 -17.38
CA GLN C 510 -21.44 23.45 -18.07
C GLN C 510 -22.48 22.56 -17.36
N ASN C 511 -23.65 23.12 -17.08
CA ASN C 511 -24.70 22.41 -16.34
C ASN C 511 -25.76 21.82 -17.28
N ALA C 512 -25.95 20.51 -17.16
CA ALA C 512 -26.85 19.77 -18.03
C ALA C 512 -28.31 20.18 -17.86
N PHE C 513 -28.64 20.66 -16.68
CA PHE C 513 -30.01 20.87 -16.29
C PHE C 513 -30.45 22.32 -16.48
N ASP C 514 -29.55 23.19 -16.90
CA ASP C 514 -29.92 24.56 -17.20
C ASP C 514 -30.59 24.60 -18.57
N ASP C 515 -31.66 25.37 -18.71
CA ASP C 515 -32.35 25.43 -19.99
C ASP C 515 -31.45 25.81 -21.16
N VAL C 516 -30.63 26.85 -20.97
CA VAL C 516 -29.70 27.29 -22.01
C VAL C 516 -28.38 26.52 -22.01
N ASP C 517 -27.78 26.28 -20.84
CA ASP C 517 -26.44 25.72 -20.84
C ASP C 517 -26.36 24.21 -21.17
N THR C 518 -27.52 23.58 -21.36
CA THR C 518 -27.60 22.16 -21.67
C THR C 518 -26.98 21.81 -23.03
N PHE C 519 -26.86 22.80 -23.90
CA PHE C 519 -26.32 22.57 -25.24
C PHE C 519 -25.61 23.81 -25.76
N THR C 520 -24.48 23.62 -26.42
CA THR C 520 -23.80 24.73 -27.09
C THR C 520 -23.45 24.38 -28.54
N SER C 521 -23.85 25.24 -29.46
CA SER C 521 -23.51 25.08 -30.86
C SER C 521 -22.07 25.45 -31.06
N ARG C 522 -21.48 24.99 -32.16
CA ARG C 522 -20.10 25.24 -32.47
C ARG C 522 -19.82 26.70 -32.66
N GLU C 523 -20.74 27.36 -33.35
CA GLU C 523 -20.70 28.80 -33.55
C GLU C 523 -20.62 29.47 -32.16
N LYS C 524 -21.39 28.97 -31.20
CA LYS C 524 -21.34 29.52 -29.84
C LYS C 524 -20.07 29.15 -29.05
N GLN C 525 -19.58 27.93 -29.24
CA GLN C 525 -18.37 27.48 -28.55
C GLN C 525 -17.19 28.27 -29.01
N PHE C 526 -17.12 28.49 -30.32
CA PHE C 526 -16.01 29.23 -30.88
C PHE C 526 -15.97 30.65 -30.33
N ASN C 527 -17.15 31.26 -30.22
CA ASN C 527 -17.23 32.65 -29.78
C ASN C 527 -16.86 32.84 -28.33
N MET C 528 -17.22 31.87 -27.50
CA MET C 528 -16.88 31.92 -26.10
C MET C 528 -15.39 31.75 -25.91
N LEU C 529 -14.79 30.80 -26.61
CA LEU C 529 -13.36 30.55 -26.43
C LEU C 529 -12.50 31.68 -26.97
N LYS C 530 -12.97 32.34 -28.02
CA LYS C 530 -12.24 33.46 -28.60
C LYS C 530 -12.20 34.58 -27.59
N VAL C 531 -13.35 34.84 -26.99
CA VAL C 531 -13.46 35.89 -26.02
C VAL C 531 -12.52 35.63 -24.82
N ILE C 532 -12.41 34.38 -24.41
CA ILE C 532 -11.53 34.03 -23.30
C ILE C 532 -10.06 34.21 -23.66
N LEU C 533 -9.65 33.67 -24.81
CA LEU C 533 -8.26 33.81 -25.25
C LEU C 533 -7.88 35.26 -25.61
N THR C 534 -8.86 36.03 -26.09
CA THR C 534 -8.63 37.42 -26.46
C THR C 534 -8.27 38.17 -25.18
N PHE C 535 -8.93 37.83 -24.09
CA PHE C 535 -8.58 38.44 -22.83
C PHE C 535 -7.13 38.18 -22.48
N GLY C 536 -6.71 36.92 -22.53
CA GLY C 536 -5.36 36.54 -22.17
C GLY C 536 -4.33 37.18 -23.08
N LYS C 537 -4.67 37.28 -24.36
CA LYS C 537 -3.82 37.93 -25.36
C LYS C 537 -3.67 39.41 -25.13
N GLU C 538 -4.79 40.11 -25.02
CA GLU C 538 -4.77 41.54 -24.83
C GLU C 538 -4.15 41.91 -23.49
N ALA C 539 -4.46 41.14 -22.45
CA ALA C 539 -3.86 41.38 -21.15
C ALA C 539 -2.36 41.12 -21.21
N ARG C 540 -1.97 40.04 -21.89
CA ARG C 540 -0.55 39.71 -22.08
C ARG C 540 0.24 40.84 -22.75
N LYS C 541 -0.34 41.45 -23.79
CA LYS C 541 0.30 42.56 -24.49
C LYS C 541 0.41 43.81 -23.63
N ALA C 542 -0.56 44.03 -22.75
CA ALA C 542 -0.53 45.15 -21.82
C ALA C 542 0.56 45.02 -20.77
N LEU C 543 0.73 43.82 -20.22
CA LEU C 543 1.82 43.58 -19.26
C LEU C 543 3.19 43.88 -19.88
N SER C 544 3.33 43.61 -21.17
CA SER C 544 4.58 43.82 -21.89
C SER C 544 4.82 45.29 -22.23
N LEU C 545 3.78 46.10 -22.05
CA LEU C 545 3.89 47.54 -22.27
C LEU C 545 4.17 48.29 -20.99
N GLY C 546 4.08 47.59 -19.85
CA GLY C 546 4.41 48.15 -18.54
C GLY C 546 3.28 48.19 -17.52
N ALA C 547 2.09 47.75 -17.93
CA ALA C 547 0.93 47.74 -17.05
C ALA C 547 1.05 46.63 -15.99
N TYR C 548 0.27 46.77 -14.93
CA TYR C 548 0.32 45.80 -13.84
C TYR C 548 -0.89 44.91 -13.74
N PHE C 549 -0.63 43.67 -13.35
CA PHE C 549 -1.70 42.70 -13.17
C PHE C 549 -2.87 43.35 -12.47
N ASN C 550 -2.60 43.84 -11.27
CA ASN C 550 -3.62 44.51 -10.46
C ASN C 550 -4.36 45.62 -11.19
N GLU C 551 -3.65 46.38 -12.02
CA GLU C 551 -4.28 47.46 -12.78
C GLU C 551 -5.31 46.88 -13.75
N ILE C 552 -4.88 45.85 -14.47
CA ILE C 552 -5.67 45.19 -15.49
C ILE C 552 -6.91 44.52 -14.93
N MET C 553 -6.73 43.76 -13.86
CA MET C 553 -7.84 43.07 -13.22
C MET C 553 -8.87 44.02 -12.66
N GLU C 554 -8.42 45.01 -11.88
CA GLU C 554 -9.32 46.03 -11.34
C GLU C 554 -10.05 46.81 -12.41
N GLY C 555 -9.40 46.97 -13.55
CA GLY C 555 -9.97 47.72 -14.65
C GLY C 555 -10.83 46.92 -15.61
N THR C 556 -10.93 45.62 -15.38
CA THR C 556 -11.65 44.71 -16.29
C THR C 556 -12.71 43.93 -15.58
N VAL C 557 -13.19 44.43 -14.45
CA VAL C 557 -14.19 43.69 -13.67
C VAL C 557 -15.48 43.50 -14.44
N ALA C 558 -15.98 44.59 -15.03
CA ALA C 558 -17.24 44.54 -15.77
C ALA C 558 -17.15 43.63 -17.00
N VAL C 559 -16.05 43.71 -17.75
CA VAL C 559 -15.94 42.92 -18.97
C VAL C 559 -15.78 41.43 -18.64
N ARG C 560 -15.11 41.15 -17.53
CA ARG C 560 -14.89 39.76 -17.11
C ARG C 560 -16.16 39.10 -16.59
N GLU C 561 -17.08 39.91 -16.06
CA GLU C 561 -18.40 39.40 -15.75
C GLU C 561 -19.12 38.98 -17.04
N ARG C 562 -19.02 39.80 -18.09
CA ARG C 562 -19.66 39.45 -19.37
C ARG C 562 -19.15 38.15 -19.94
N ILE C 563 -17.82 37.96 -19.94
CA ILE C 563 -17.23 36.73 -20.41
C ILE C 563 -17.80 35.57 -19.61
N SER C 564 -17.87 35.72 -18.29
CA SER C 564 -18.37 34.65 -17.39
C SER C 564 -19.81 34.19 -17.61
N ARG C 565 -20.61 35.10 -18.14
CA ARG C 565 -22.04 34.88 -18.30
C ARG C 565 -22.42 34.60 -19.74
N SER C 566 -21.43 34.52 -20.62
CA SER C 566 -21.67 34.26 -22.02
C SER C 566 -22.19 32.86 -22.27
N LYS C 567 -21.86 31.90 -21.40
CA LYS C 567 -22.48 30.57 -21.47
C LYS C 567 -24.01 30.67 -21.43
N TYR C 568 -24.51 31.74 -20.84
CA TYR C 568 -25.94 31.90 -20.70
C TYR C 568 -26.60 32.61 -21.86
N ILE C 569 -25.82 33.14 -22.79
CA ILE C 569 -26.41 33.86 -23.90
C ILE C 569 -27.07 32.88 -24.87
N PRO C 570 -28.33 33.17 -25.23
CA PRO C 570 -29.13 32.42 -26.22
C PRO C 570 -28.51 32.37 -27.62
N GLU C 571 -28.74 31.26 -28.32
CA GLU C 571 -28.14 31.00 -29.62
C GLU C 571 -28.53 32.01 -30.66
N GLU C 572 -29.66 32.65 -30.40
CA GLU C 572 -30.21 33.68 -31.29
C GLU C 572 -29.46 35.03 -31.18
N GLU C 573 -28.57 35.15 -30.18
CA GLU C 573 -27.95 36.41 -29.81
C GLU C 573 -26.42 36.38 -29.70
N LEU C 574 -25.78 35.56 -30.53
CA LEU C 574 -24.32 35.40 -30.51
C LEU C 574 -23.51 36.69 -30.66
N ALA C 575 -24.11 37.74 -31.21
CA ALA C 575 -23.42 39.03 -31.35
C ALA C 575 -23.07 39.61 -29.98
N LYS C 576 -23.91 39.31 -28.99
CA LYS C 576 -23.73 39.72 -27.60
C LYS C 576 -22.52 39.10 -26.96
N ILE C 577 -21.96 38.10 -27.64
CA ILE C 577 -20.74 37.48 -27.20
C ILE C 577 -19.59 38.03 -28.03
N SER C 578 -19.70 37.95 -29.35
CA SER C 578 -18.58 38.37 -30.20
C SER C 578 -18.26 39.85 -30.03
N SER C 579 -19.22 40.62 -29.51
CA SER C 579 -18.99 42.03 -29.22
C SER C 579 -18.16 42.28 -27.96
N ILE C 580 -18.01 41.26 -27.10
CA ILE C 580 -17.12 41.36 -25.93
C ILE C 580 -15.66 41.59 -26.36
N ASN C 581 -15.29 41.04 -27.51
CA ASN C 581 -13.93 41.19 -28.05
C ASN C 581 -13.51 42.63 -28.27
N GLU C 582 -14.44 43.49 -28.67
CA GLU C 582 -14.16 44.90 -28.84
C GLU C 582 -14.01 45.60 -27.50
N GLU C 583 -14.86 45.21 -26.56
CA GLU C 583 -14.80 45.78 -25.23
C GLU C 583 -13.49 45.41 -24.52
N ILE C 584 -13.02 44.18 -24.71
CA ILE C 584 -11.73 43.80 -24.16
C ILE C 584 -10.65 44.76 -24.64
N LYS C 585 -10.54 44.94 -25.95
CA LYS C 585 -9.46 45.70 -26.56
C LYS C 585 -9.48 47.17 -26.18
N GLU C 586 -10.68 47.74 -26.15
CA GLU C 586 -10.85 49.13 -25.77
C GLU C 586 -10.51 49.35 -24.31
N THR C 587 -11.08 48.53 -23.44
CA THR C 587 -10.89 48.62 -22.00
C THR C 587 -9.40 48.56 -21.62
N ILE C 588 -8.71 47.54 -22.12
CA ILE C 588 -7.29 47.36 -21.84
C ILE C 588 -6.38 48.41 -22.52
N GLN C 589 -6.72 48.79 -23.74
CA GLN C 589 -5.99 49.83 -24.46
C GLN C 589 -6.02 51.13 -23.65
N LEU C 590 -7.14 51.33 -22.93
CA LEU C 590 -7.39 52.52 -22.13
C LEU C 590 -6.55 52.54 -20.85
N ILE C 591 -6.44 51.36 -20.21
CA ILE C 591 -5.73 51.22 -18.94
C ILE C 591 -4.24 51.53 -19.05
N VAL C 592 -3.63 51.19 -20.19
CA VAL C 592 -2.20 51.50 -20.41
C VAL C 592 -1.88 53.01 -20.40
N SER C 593 -2.90 53.84 -20.59
CA SER C 593 -2.74 55.28 -20.67
C SER C 593 -3.60 55.97 -19.62
N GLU D 11 -7.97 -37.68 -38.22
CA GLU D 11 -9.43 -37.49 -38.01
C GLU D 11 -9.96 -38.28 -36.82
N TYR D 12 -9.47 -37.93 -35.63
CA TYR D 12 -9.98 -38.44 -34.37
C TYR D 12 -11.35 -37.81 -34.09
N ARG D 13 -12.36 -38.66 -33.90
CA ARG D 13 -13.73 -38.23 -33.61
C ARG D 13 -14.00 -38.27 -32.09
N THR D 14 -13.02 -37.80 -31.32
CA THR D 14 -12.98 -38.06 -29.89
C THR D 14 -12.95 -36.80 -29.01
N ILE D 15 -13.81 -35.82 -29.30
CA ILE D 15 -13.87 -34.62 -28.47
C ILE D 15 -14.70 -34.83 -27.21
N LYS D 16 -13.98 -34.90 -26.09
CA LYS D 16 -14.50 -35.16 -24.76
C LYS D 16 -15.10 -33.91 -24.09
N GLU D 17 -14.45 -32.75 -24.22
CA GLU D 17 -14.97 -31.53 -23.58
C GLU D 17 -14.75 -30.29 -24.39
N VAL D 18 -15.72 -29.38 -24.28
CA VAL D 18 -15.52 -27.99 -24.67
C VAL D 18 -15.83 -27.09 -23.47
N VAL D 19 -14.82 -26.33 -23.08
CA VAL D 19 -14.92 -25.35 -22.01
C VAL D 19 -14.52 -23.98 -22.59
N GLY D 20 -15.52 -23.18 -22.95
CA GLY D 20 -15.28 -21.88 -23.57
C GLY D 20 -14.62 -22.12 -24.91
N PRO D 21 -13.52 -21.40 -25.22
CA PRO D 21 -12.71 -21.68 -26.42
C PRO D 21 -11.73 -22.86 -26.26
N LEU D 22 -11.67 -23.44 -25.06
CA LEU D 22 -10.81 -24.61 -24.81
C LEU D 22 -11.53 -25.92 -25.15
N MET D 23 -10.76 -26.92 -25.56
CA MET D 23 -11.33 -28.16 -26.05
C MET D 23 -10.44 -29.28 -25.60
N ALA D 24 -11.06 -30.35 -25.12
CA ALA D 24 -10.35 -31.55 -24.67
C ALA D 24 -10.49 -32.61 -25.75
N VAL D 25 -9.37 -33.18 -26.18
CA VAL D 25 -9.41 -34.20 -27.23
C VAL D 25 -8.79 -35.47 -26.71
N GLU D 26 -9.50 -36.59 -26.84
CA GLU D 26 -9.07 -37.85 -26.23
C GLU D 26 -8.47 -38.88 -27.18
N LYS D 27 -7.88 -39.93 -26.60
CA LYS D 27 -7.29 -41.05 -27.34
C LYS D 27 -6.48 -40.61 -28.58
N VAL D 28 -5.46 -39.79 -28.31
CA VAL D 28 -4.59 -39.25 -29.34
C VAL D 28 -3.18 -39.60 -28.93
N SER D 29 -2.28 -39.69 -29.90
CA SER D 29 -0.91 -40.13 -29.65
C SER D 29 0.03 -39.36 -30.57
N GLY D 30 1.27 -39.20 -30.16
CA GLY D 30 2.25 -38.48 -30.96
C GLY D 30 2.05 -36.97 -31.10
N VAL D 31 1.17 -36.41 -30.27
CA VAL D 31 0.89 -34.98 -30.31
C VAL D 31 1.93 -34.19 -29.50
N LYS D 32 2.29 -33.04 -30.04
CA LYS D 32 3.29 -32.16 -29.45
C LYS D 32 2.65 -30.88 -28.96
N TYR D 33 3.33 -30.25 -28.02
CA TYR D 33 2.94 -28.95 -27.52
C TYR D 33 3.06 -27.93 -28.66
N GLU D 34 2.05 -27.06 -28.76
CA GLU D 34 2.00 -25.97 -29.75
C GLU D 34 1.80 -26.42 -31.21
N GLU D 35 1.51 -27.71 -31.38
CA GLU D 35 1.16 -28.28 -32.68
C GLU D 35 -0.23 -27.86 -33.09
N LEU D 36 -0.36 -27.51 -34.37
CA LEU D 36 -1.59 -26.98 -34.95
C LEU D 36 -2.64 -28.06 -35.19
N ILE D 37 -3.91 -27.68 -35.02
CA ILE D 37 -5.00 -28.62 -35.21
C ILE D 37 -6.09 -28.10 -36.16
N GLU D 38 -6.89 -29.04 -36.65
CA GLU D 38 -8.07 -28.68 -37.43
C GLU D 38 -9.28 -29.38 -36.85
N VAL D 39 -10.34 -28.59 -36.64
CA VAL D 39 -11.67 -29.07 -36.28
C VAL D 39 -12.57 -29.13 -37.51
N ARG D 40 -13.06 -30.33 -37.81
CA ARG D 40 -14.07 -30.55 -38.84
C ARG D 40 -15.40 -30.66 -38.10
N MET D 41 -16.24 -29.64 -38.19
CA MET D 41 -17.51 -29.68 -37.47
C MET D 41 -18.56 -30.52 -38.18
N GLN D 42 -19.69 -30.69 -37.52
CA GLN D 42 -20.77 -31.52 -38.05
C GLN D 42 -21.44 -30.91 -39.29
N ASN D 43 -21.39 -29.58 -39.41
CA ASN D 43 -21.88 -28.92 -40.62
C ASN D 43 -20.80 -28.86 -41.72
N GLY D 44 -19.60 -29.31 -41.39
CA GLY D 44 -18.50 -29.31 -42.33
C GLY D 44 -17.55 -28.14 -42.19
N GLU D 45 -17.92 -27.14 -41.39
CA GLU D 45 -17.08 -25.97 -41.12
C GLU D 45 -15.72 -26.35 -40.55
N ILE D 46 -14.67 -25.69 -41.02
CA ILE D 46 -13.31 -25.95 -40.53
C ILE D 46 -12.81 -24.81 -39.66
N ARG D 47 -12.33 -25.14 -38.47
CA ARG D 47 -11.69 -24.17 -37.60
C ARG D 47 -10.32 -24.67 -37.18
N ARG D 48 -9.36 -23.75 -37.09
CA ARG D 48 -8.00 -24.10 -36.73
C ARG D 48 -7.73 -23.86 -35.25
N GLY D 49 -6.79 -24.63 -34.70
CA GLY D 49 -6.45 -24.48 -33.31
C GLY D 49 -5.03 -24.82 -33.04
N GLN D 50 -4.62 -24.65 -31.78
CA GLN D 50 -3.29 -24.99 -31.35
C GLN D 50 -3.38 -25.73 -30.02
N VAL D 51 -2.44 -26.65 -29.82
CA VAL D 51 -2.32 -27.42 -28.59
C VAL D 51 -1.69 -26.56 -27.50
N LEU D 52 -2.41 -26.40 -26.40
CA LEU D 52 -1.92 -25.62 -25.28
C LEU D 52 -1.36 -26.49 -24.18
N GLU D 53 -1.82 -27.73 -24.11
CA GLU D 53 -1.35 -28.70 -23.13
C GLU D 53 -1.51 -30.10 -23.71
N VAL D 54 -0.59 -30.99 -23.40
CA VAL D 54 -0.69 -32.35 -23.90
C VAL D 54 -0.28 -33.35 -22.83
N GLN D 55 -1.07 -34.40 -22.72
CA GLN D 55 -0.95 -35.37 -21.64
C GLN D 55 -0.89 -36.75 -22.26
N GLU D 56 -0.65 -37.77 -21.44
CA GLU D 56 -0.56 -39.14 -21.92
C GLU D 56 -1.75 -39.46 -22.81
N ASP D 57 -2.96 -39.25 -22.29
CA ASP D 57 -4.21 -39.63 -22.99
C ASP D 57 -5.01 -38.49 -23.66
N LYS D 58 -4.68 -37.24 -23.39
CA LYS D 58 -5.47 -36.13 -23.91
C LYS D 58 -4.63 -34.91 -24.26
N ALA D 59 -5.15 -34.09 -25.16
CA ALA D 59 -4.55 -32.79 -25.43
C ALA D 59 -5.54 -31.68 -25.20
N MET D 60 -5.05 -30.55 -24.69
CA MET D 60 -5.89 -29.38 -24.61
C MET D 60 -5.56 -28.49 -25.79
N VAL D 61 -6.59 -28.09 -26.52
CA VAL D 61 -6.41 -27.25 -27.69
C VAL D 61 -7.22 -25.99 -27.58
N GLN D 62 -6.74 -24.93 -28.22
CA GLN D 62 -7.53 -23.72 -28.34
C GLN D 62 -7.88 -23.45 -29.80
N ILE D 63 -9.16 -23.26 -30.07
CA ILE D 63 -9.67 -22.93 -31.40
C ILE D 63 -9.62 -21.41 -31.63
N PHE D 64 -9.23 -20.98 -32.81
CA PHE D 64 -9.00 -19.56 -33.02
C PHE D 64 -10.30 -18.82 -33.20
N GLU D 65 -11.25 -19.46 -33.88
CA GLU D 65 -12.52 -18.81 -34.22
C GLU D 65 -13.48 -18.98 -33.07
N GLY D 66 -12.99 -19.60 -32.01
CA GLY D 66 -13.81 -19.88 -30.87
C GLY D 66 -14.58 -21.15 -31.12
N THR D 67 -15.59 -21.37 -30.32
CA THR D 67 -16.14 -22.69 -30.19
C THR D 67 -17.65 -22.78 -30.44
N SER D 68 -18.30 -21.65 -30.66
CA SER D 68 -19.75 -21.63 -30.73
C SER D 68 -20.30 -22.51 -31.84
N GLY D 69 -21.35 -23.26 -31.53
CA GLY D 69 -22.07 -24.05 -32.51
C GLY D 69 -21.51 -25.43 -32.79
N ILE D 70 -20.46 -25.82 -32.08
CA ILE D 70 -19.83 -27.11 -32.26
C ILE D 70 -20.61 -28.17 -31.48
N ASN D 71 -20.94 -29.25 -32.16
CA ASN D 71 -21.49 -30.37 -31.48
C ASN D 71 -20.35 -31.35 -31.30
N LEU D 72 -20.07 -31.69 -30.04
CA LEU D 72 -18.92 -32.51 -29.67
C LEU D 72 -18.88 -33.86 -30.33
N LYS D 73 -19.93 -34.63 -30.19
CA LYS D 73 -19.86 -36.01 -30.65
C LYS D 73 -19.86 -36.13 -32.16
N ASN D 74 -20.28 -35.07 -32.84
CA ASN D 74 -20.35 -35.12 -34.29
C ASN D 74 -19.24 -34.36 -34.95
N SER D 75 -18.29 -33.90 -34.15
CA SER D 75 -17.13 -33.24 -34.72
C SER D 75 -15.87 -34.11 -34.66
N SER D 76 -14.90 -33.77 -35.50
CA SER D 76 -13.66 -34.52 -35.56
C SER D 76 -12.48 -33.55 -35.56
N VAL D 77 -11.36 -34.02 -35.04
CA VAL D 77 -10.14 -33.23 -34.99
C VAL D 77 -8.99 -33.93 -35.74
N ARG D 78 -8.20 -33.13 -36.45
CA ARG D 78 -7.05 -33.61 -37.17
C ARG D 78 -5.82 -32.92 -36.62
N PHE D 79 -4.78 -33.68 -36.33
CA PHE D 79 -3.53 -33.09 -35.88
C PHE D 79 -2.57 -32.95 -37.03
N LEU D 80 -2.26 -31.70 -37.34
CA LEU D 80 -1.58 -31.34 -38.56
C LEU D 80 -0.15 -31.84 -38.62
N GLY D 81 0.46 -32.06 -37.46
CA GLY D 81 1.80 -32.63 -37.40
C GLY D 81 2.90 -31.59 -37.38
N HIS D 82 2.54 -30.32 -37.23
CA HIS D 82 3.51 -29.23 -37.18
C HIS D 82 2.95 -28.00 -36.45
N PRO D 83 3.84 -27.11 -35.98
CA PRO D 83 3.51 -25.80 -35.39
C PRO D 83 3.28 -24.72 -36.43
N LEU D 84 3.25 -23.48 -35.97
CA LEU D 84 3.22 -22.34 -36.86
C LEU D 84 4.59 -22.12 -37.49
N GLN D 85 4.59 -22.00 -38.81
CA GLN D 85 5.80 -21.81 -39.56
C GLN D 85 5.61 -20.69 -40.57
N LEU D 86 6.69 -19.98 -40.85
CA LEU D 86 6.65 -18.91 -41.82
C LEU D 86 7.34 -19.31 -43.09
N GLY D 87 6.60 -19.21 -44.19
CA GLY D 87 7.16 -19.40 -45.52
C GLY D 87 7.88 -18.16 -45.98
N VAL D 88 9.20 -18.16 -45.80
CA VAL D 88 10.03 -17.04 -46.21
C VAL D 88 10.28 -16.99 -47.74
N SER D 89 10.35 -15.77 -48.27
CA SER D 89 10.73 -15.51 -49.66
C SER D 89 11.19 -14.07 -49.76
N GLU D 90 11.99 -13.74 -50.76
CA GLU D 90 12.38 -12.34 -50.94
C GLU D 90 11.24 -11.55 -51.59
N ASP D 91 10.14 -12.25 -51.87
CA ASP D 91 8.97 -11.66 -52.50
C ASP D 91 7.98 -11.08 -51.48
N MET D 92 8.30 -11.16 -50.20
CA MET D 92 7.42 -10.58 -49.18
C MET D 92 7.58 -9.07 -48.99
N ILE D 93 8.67 -8.51 -49.51
CA ILE D 93 8.91 -7.07 -49.45
C ILE D 93 7.82 -6.31 -50.21
N GLY D 94 7.24 -5.31 -49.58
CA GLY D 94 6.17 -4.54 -50.20
C GLY D 94 4.83 -5.24 -50.14
N ARG D 95 4.68 -6.11 -49.15
CA ARG D 95 3.45 -6.87 -49.02
C ARG D 95 2.98 -6.80 -47.59
N VAL D 96 1.67 -6.96 -47.41
CA VAL D 96 1.03 -6.90 -46.10
C VAL D 96 0.45 -8.25 -45.67
N PHE D 97 0.79 -8.69 -44.47
CA PHE D 97 0.25 -9.92 -43.95
C PHE D 97 -0.46 -9.69 -42.63
N ASP D 98 -1.18 -10.70 -42.19
CA ASP D 98 -1.66 -10.77 -40.83
C ASP D 98 -0.53 -11.39 -40.00
N GLY D 99 -0.75 -11.55 -38.69
CA GLY D 99 0.26 -12.08 -37.80
C GLY D 99 0.57 -13.56 -38.01
N LEU D 100 -0.30 -14.25 -38.73
CA LEU D 100 -0.02 -15.64 -39.09
C LEU D 100 0.68 -15.75 -40.43
N GLY D 101 0.88 -14.61 -41.08
CA GLY D 101 1.63 -14.58 -42.33
C GLY D 101 0.83 -14.83 -43.59
N ARG D 102 -0.49 -14.93 -43.46
CA ARG D 102 -1.35 -14.96 -44.63
C ARG D 102 -1.46 -13.54 -45.18
N PRO D 103 -1.65 -13.40 -46.49
CA PRO D 103 -1.68 -12.09 -47.11
C PRO D 103 -2.97 -11.36 -46.79
N LYS D 104 -2.90 -10.03 -46.66
CA LYS D 104 -4.06 -9.19 -46.45
C LYS D 104 -4.21 -8.09 -47.51
N ASP D 105 -3.35 -8.14 -48.53
CA ASP D 105 -3.24 -7.06 -49.50
C ASP D 105 -3.92 -7.39 -50.83
N ASN D 106 -4.43 -8.60 -50.95
CA ASN D 106 -5.14 -9.05 -52.18
C ASN D 106 -4.22 -9.24 -53.40
N GLY D 107 -2.91 -9.21 -53.18
CA GLY D 107 -1.93 -9.48 -54.22
C GLY D 107 -1.68 -10.98 -54.39
N PRO D 108 -0.79 -11.34 -55.34
CA PRO D 108 -0.43 -12.74 -55.69
C PRO D 108 -0.01 -13.56 -54.49
N GLU D 109 -0.10 -14.88 -54.61
CA GLU D 109 0.30 -15.77 -53.51
C GLU D 109 1.84 -15.89 -53.41
N ILE D 110 2.34 -16.19 -52.22
CA ILE D 110 3.78 -16.27 -51.98
C ILE D 110 4.40 -17.64 -52.31
N LEU D 111 5.39 -17.62 -53.20
CA LEU D 111 6.10 -18.81 -53.62
C LEU D 111 7.23 -19.11 -52.62
N PRO D 112 6.96 -19.94 -51.59
CA PRO D 112 7.90 -19.98 -50.47
C PRO D 112 9.18 -20.71 -50.83
N GLU D 113 10.31 -20.10 -50.49
CA GLU D 113 11.59 -20.78 -50.60
C GLU D 113 11.54 -21.97 -49.64
N LYS D 114 11.16 -21.70 -48.39
CA LYS D 114 11.04 -22.73 -47.39
C LYS D 114 10.15 -22.25 -46.25
N TYR D 115 9.91 -23.15 -45.30
CA TYR D 115 9.13 -22.84 -44.11
C TYR D 115 10.04 -22.90 -42.91
N LEU D 116 9.96 -21.88 -42.06
CA LEU D 116 10.82 -21.81 -40.89
C LEU D 116 10.03 -21.76 -39.61
N ASP D 117 10.59 -22.35 -38.56
CA ASP D 117 10.06 -22.18 -37.24
C ASP D 117 10.30 -20.76 -36.81
N ILE D 118 9.47 -20.29 -35.91
CA ILE D 118 9.41 -18.87 -35.58
C ILE D 118 10.04 -18.51 -34.24
N ASN D 119 10.50 -19.52 -33.50
CA ASN D 119 11.15 -19.26 -32.22
C ASN D 119 12.54 -18.66 -32.37
N GLY D 120 13.27 -19.08 -33.41
CA GLY D 120 14.63 -18.61 -33.64
C GLY D 120 15.62 -19.28 -32.69
N GLU D 121 16.84 -18.75 -32.65
CA GLU D 121 17.86 -19.33 -31.79
C GLU D 121 18.68 -18.27 -31.08
N VAL D 122 19.16 -18.66 -29.92
CA VAL D 122 20.09 -17.87 -29.13
C VAL D 122 21.42 -17.80 -29.87
N ILE D 123 21.89 -16.57 -30.06
CA ILE D 123 23.19 -16.33 -30.64
C ILE D 123 24.28 -16.51 -29.59
N ASN D 124 25.22 -17.41 -29.89
CA ASN D 124 26.46 -17.57 -29.15
C ASN D 124 27.09 -16.19 -29.00
N PRO D 125 27.32 -15.76 -27.75
CA PRO D 125 27.80 -14.41 -27.52
C PRO D 125 29.09 -14.08 -28.25
N ILE D 126 30.01 -15.02 -28.35
CA ILE D 126 31.27 -14.69 -28.98
C ILE D 126 31.13 -14.52 -30.50
N ALA D 127 29.91 -14.72 -30.99
CA ALA D 127 29.59 -14.59 -32.41
C ALA D 127 29.01 -13.24 -32.75
N ARG D 128 28.71 -12.44 -31.75
CA ARG D 128 28.07 -11.16 -31.99
C ARG D 128 29.11 -10.12 -32.35
N ASP D 129 28.72 -9.18 -33.21
CA ASP D 129 29.58 -8.05 -33.57
C ASP D 129 29.06 -6.80 -32.90
N TYR D 130 29.97 -5.93 -32.47
CA TYR D 130 29.59 -4.64 -31.90
C TYR D 130 28.93 -3.74 -32.94
N PRO D 131 27.76 -3.15 -32.60
CA PRO D 131 27.14 -2.15 -33.45
C PRO D 131 28.11 -1.04 -33.84
N ASP D 132 28.21 -0.80 -35.14
CA ASP D 132 29.13 0.20 -35.67
C ASP D 132 28.42 1.44 -36.22
N GLU D 133 27.30 1.23 -36.93
CA GLU D 133 26.69 2.29 -37.73
C GLU D 133 25.61 3.15 -37.10
N PHE D 134 25.70 4.44 -37.38
CA PHE D 134 24.69 5.43 -37.02
C PHE D 134 23.47 5.25 -37.90
N ILE D 135 22.28 5.39 -37.30
CA ILE D 135 21.02 5.34 -38.04
C ILE D 135 20.33 6.68 -37.90
N GLN D 136 19.99 7.29 -39.04
CA GLN D 136 19.39 8.62 -39.03
C GLN D 136 17.87 8.52 -39.01
N THR D 137 17.30 8.61 -37.81
CA THR D 137 15.84 8.51 -37.67
C THR D 137 15.20 9.79 -38.14
N GLY D 138 15.97 10.86 -38.11
CA GLY D 138 15.51 12.13 -38.59
C GLY D 138 14.82 12.91 -37.50
N ILE D 139 14.87 12.35 -36.28
CA ILE D 139 14.27 12.99 -35.15
C ILE D 139 15.40 13.42 -34.23
N SER D 140 15.56 14.74 -34.08
CA SER D 140 16.67 15.31 -33.32
C SER D 140 16.81 14.72 -31.93
N ALA D 141 15.68 14.66 -31.22
CA ALA D 141 15.63 14.12 -29.86
C ALA D 141 16.19 12.71 -29.80
N ILE D 142 16.05 11.93 -30.86
CA ILE D 142 16.69 10.63 -30.86
C ILE D 142 18.11 10.73 -31.44
N ASP D 143 18.23 11.29 -32.65
CA ASP D 143 19.49 11.22 -33.38
C ASP D 143 20.64 11.84 -32.61
N HIS D 144 20.37 12.97 -31.98
CA HIS D 144 21.41 13.68 -31.26
C HIS D 144 21.60 13.12 -29.86
N LEU D 145 20.54 13.16 -29.04
CA LEU D 145 20.67 12.90 -27.60
C LEU D 145 20.54 11.45 -27.20
N ASN D 146 19.93 10.64 -28.06
CA ASN D 146 19.69 9.22 -27.78
C ASN D 146 19.91 8.37 -29.01
N THR D 147 21.11 8.44 -29.56
CA THR D 147 21.40 7.92 -30.89
C THR D 147 21.09 6.43 -31.04
N LEU D 148 20.45 6.09 -32.15
CA LEU D 148 20.17 4.71 -32.49
C LEU D 148 21.23 4.19 -33.44
N VAL D 149 21.77 3.01 -33.14
CA VAL D 149 22.88 2.43 -33.88
C VAL D 149 22.48 1.08 -34.44
N ARG D 150 22.93 0.76 -35.65
CA ARG D 150 22.63 -0.52 -36.29
C ARG D 150 22.93 -1.74 -35.42
N GLY D 151 21.88 -2.48 -35.09
CA GLY D 151 22.01 -3.68 -34.27
C GLY D 151 21.65 -3.45 -32.82
N GLN D 152 21.25 -2.23 -32.48
CA GLN D 152 20.79 -1.92 -31.10
C GLN D 152 19.33 -2.35 -30.88
N LYS D 153 18.94 -2.51 -29.61
CA LYS D 153 17.53 -2.70 -29.26
C LYS D 153 17.07 -1.48 -28.45
N LEU D 154 16.45 -0.52 -29.13
CA LEU D 154 16.05 0.73 -28.49
C LEU D 154 14.52 0.91 -28.52
N PRO D 155 13.87 0.68 -27.38
CA PRO D 155 12.40 0.71 -27.35
C PRO D 155 11.83 2.12 -27.21
N VAL D 156 10.53 2.25 -27.43
CA VAL D 156 9.82 3.49 -27.15
C VAL D 156 8.81 3.17 -26.06
N PHE D 157 8.88 3.90 -24.96
CA PHE D 157 7.95 3.76 -23.86
C PHE D 157 6.94 4.89 -23.93
N SER D 158 5.68 4.52 -24.16
CA SER D 158 4.63 5.49 -24.37
C SER D 158 3.49 5.26 -23.39
N GLY D 159 2.33 5.82 -23.69
CA GLY D 159 1.15 5.64 -22.89
C GLY D 159 -0.10 5.73 -23.73
N SER D 160 -1.22 5.34 -23.15
CA SER D 160 -2.53 5.48 -23.77
C SER D 160 -2.80 6.94 -24.10
N GLY D 161 -3.23 7.19 -25.33
CA GLY D 161 -3.54 8.54 -25.78
C GLY D 161 -2.31 9.35 -26.16
N LEU D 162 -1.17 8.66 -26.27
CA LEU D 162 0.09 9.28 -26.64
C LEU D 162 0.48 8.85 -28.05
N PRO D 163 1.07 9.79 -28.80
CA PRO D 163 1.20 9.56 -30.24
C PRO D 163 2.41 8.72 -30.66
N HIS D 164 2.49 7.50 -30.17
CA HIS D 164 3.52 6.58 -30.61
C HIS D 164 3.18 6.05 -32.00
N LYS D 165 1.91 6.13 -32.35
CA LYS D 165 1.47 5.79 -33.68
C LYS D 165 2.19 6.62 -34.71
N GLU D 166 2.03 7.94 -34.57
CA GLU D 166 2.71 8.90 -35.44
C GLU D 166 4.21 8.73 -35.41
N LEU D 167 4.77 8.56 -34.21
CA LEU D 167 6.22 8.47 -34.05
C LEU D 167 6.77 7.24 -34.78
N ALA D 168 6.07 6.12 -34.64
CA ALA D 168 6.46 4.87 -35.27
C ALA D 168 6.42 4.99 -36.78
N ALA D 169 5.40 5.65 -37.30
CA ALA D 169 5.26 5.87 -38.73
C ALA D 169 6.39 6.77 -39.24
N GLN D 170 6.71 7.81 -38.48
CA GLN D 170 7.76 8.73 -38.87
C GLN D 170 9.09 7.99 -38.91
N ILE D 171 9.43 7.27 -37.84
CA ILE D 171 10.70 6.56 -37.80
C ILE D 171 10.78 5.65 -39.00
N ALA D 172 9.65 5.04 -39.38
CA ALA D 172 9.64 4.09 -40.46
C ALA D 172 9.78 4.75 -41.84
N ARG D 173 9.32 5.99 -41.95
CA ARG D 173 9.54 6.73 -43.18
C ARG D 173 10.98 7.25 -43.28
N GLN D 174 11.52 7.70 -42.16
CA GLN D 174 12.75 8.49 -42.20
C GLN D 174 14.03 7.73 -41.93
N ALA D 175 13.89 6.54 -41.35
CA ALA D 175 15.06 5.72 -41.02
C ALA D 175 16.02 5.51 -42.21
N THR D 176 17.27 5.87 -42.02
CA THR D 176 18.26 5.70 -43.07
C THR D 176 19.67 5.70 -42.50
N VAL D 177 20.55 4.99 -43.18
CA VAL D 177 21.96 5.05 -42.89
C VAL D 177 22.59 6.05 -43.85
N LEU D 178 23.63 6.74 -43.41
CA LEU D 178 24.23 7.81 -44.19
C LEU D 178 25.36 7.29 -45.04
N ASP D 179 25.49 7.83 -46.26
CA ASP D 179 26.63 7.54 -47.15
C ASP D 179 26.76 6.04 -47.50
N SER D 180 25.81 5.25 -47.00
CA SER D 180 25.54 3.94 -47.53
C SER D 180 24.52 4.22 -48.64
N SER D 181 24.67 3.54 -49.78
CA SER D 181 23.62 3.52 -50.80
C SER D 181 22.69 2.32 -50.50
N ASP D 182 23.19 1.44 -49.64
CA ASP D 182 22.47 0.28 -49.11
C ASP D 182 21.20 0.74 -48.37
N ASP D 183 20.08 0.05 -48.61
CA ASP D 183 18.79 0.50 -48.10
C ASP D 183 18.18 -0.39 -47.01
N PHE D 184 17.50 0.26 -46.06
CA PHE D 184 16.87 -0.42 -44.94
C PHE D 184 15.61 -1.20 -45.35
N ALA D 185 15.61 -2.50 -45.10
CA ALA D 185 14.34 -3.23 -45.12
C ALA D 185 13.70 -2.93 -43.77
N VAL D 186 12.42 -2.58 -43.80
CA VAL D 186 11.72 -2.30 -42.56
C VAL D 186 10.68 -3.37 -42.32
N VAL D 187 10.83 -4.14 -41.25
CA VAL D 187 9.81 -5.11 -40.90
C VAL D 187 8.93 -4.55 -39.79
N PHE D 188 7.65 -4.39 -40.09
CA PHE D 188 6.71 -3.76 -39.18
C PHE D 188 5.67 -4.76 -38.65
N ALA D 189 5.55 -4.83 -37.33
CA ALA D 189 4.59 -5.73 -36.69
C ALA D 189 3.60 -4.93 -35.88
N ALA D 190 2.31 -5.16 -36.09
CA ALA D 190 1.31 -4.59 -35.22
C ALA D 190 0.69 -5.72 -34.41
N ILE D 191 0.74 -5.58 -33.08
CA ILE D 191 0.25 -6.63 -32.18
C ILE D 191 -1.00 -6.15 -31.44
N GLY D 192 -2.15 -6.73 -31.82
CA GLY D 192 -3.43 -6.43 -31.19
C GLY D 192 -3.89 -4.99 -31.24
N ILE D 193 -3.67 -4.34 -32.36
CA ILE D 193 -4.02 -2.94 -32.47
C ILE D 193 -5.35 -2.84 -33.19
N THR D 194 -6.01 -1.70 -33.04
CA THR D 194 -7.33 -1.48 -33.65
C THR D 194 -7.25 -1.43 -35.17
N PHE D 195 -8.39 -1.63 -35.83
CA PHE D 195 -8.43 -1.41 -37.26
C PHE D 195 -7.96 0.00 -37.63
N GLU D 196 -8.47 0.99 -36.92
CA GLU D 196 -8.14 2.38 -37.19
C GLU D 196 -6.63 2.66 -37.13
N GLU D 197 -5.95 2.05 -36.17
CA GLU D 197 -4.51 2.21 -36.04
C GLU D 197 -3.80 1.47 -37.15
N ALA D 198 -4.29 0.29 -37.48
CA ALA D 198 -3.66 -0.54 -38.51
C ALA D 198 -3.83 0.02 -39.91
N GLU D 199 -4.98 0.63 -40.17
CA GLU D 199 -5.23 1.27 -41.45
C GLU D 199 -4.37 2.51 -41.63
N PHE D 200 -4.15 3.25 -40.53
CA PHE D 200 -3.30 4.43 -40.56
C PHE D 200 -1.89 4.05 -41.00
N PHE D 201 -1.37 2.97 -40.42
CA PHE D 201 -0.05 2.46 -40.77
C PHE D 201 0.03 1.95 -42.19
N MET D 202 -1.00 1.25 -42.63
CA MET D 202 -1.03 0.75 -43.99
C MET D 202 -1.15 1.88 -44.99
N GLU D 203 -1.96 2.89 -44.72
CA GLU D 203 -2.08 4.03 -45.64
C GLU D 203 -0.85 4.88 -45.65
N ASP D 204 -0.15 4.94 -44.52
CA ASP D 204 1.04 5.74 -44.45
C ASP D 204 2.12 5.10 -45.28
N PHE D 205 2.26 3.79 -45.17
CA PHE D 205 3.28 3.07 -45.93
C PHE D 205 3.03 3.15 -47.43
N ARG D 206 1.77 3.00 -47.83
CA ARG D 206 1.34 3.15 -49.22
C ARG D 206 1.52 4.58 -49.72
N GLN D 207 1.06 5.54 -48.92
CA GLN D 207 1.12 6.95 -49.30
C GLN D 207 2.54 7.42 -49.62
N THR D 208 3.50 7.08 -48.77
CA THR D 208 4.88 7.56 -48.93
C THR D 208 5.78 6.60 -49.69
N GLY D 209 5.26 5.46 -50.11
CA GLY D 209 6.03 4.47 -50.85
C GLY D 209 6.97 3.68 -49.96
N ALA D 210 6.82 3.89 -48.65
CA ALA D 210 7.63 3.20 -47.66
C ALA D 210 7.38 1.70 -47.73
N ILE D 211 6.25 1.31 -48.30
CA ILE D 211 5.91 -0.09 -48.47
C ILE D 211 6.89 -0.82 -49.38
N ASP D 212 7.52 -0.09 -50.29
CA ASP D 212 8.40 -0.70 -51.27
C ASP D 212 9.65 -1.34 -50.64
N ARG D 213 9.95 -0.94 -49.40
CA ARG D 213 11.06 -1.45 -48.59
C ARG D 213 10.57 -2.36 -47.48
N SER D 214 9.25 -2.42 -47.30
CA SER D 214 8.74 -2.96 -46.05
C SER D 214 8.06 -4.32 -46.14
N VAL D 215 8.00 -5.01 -45.01
CA VAL D 215 7.14 -6.16 -44.84
C VAL D 215 6.35 -5.91 -43.57
N MET D 216 5.03 -5.99 -43.71
CA MET D 216 4.08 -5.72 -42.63
C MET D 216 3.35 -6.99 -42.18
N PHE D 217 3.32 -7.18 -40.86
CA PHE D 217 2.54 -8.22 -40.20
C PHE D 217 1.56 -7.51 -39.30
N MET D 218 0.29 -7.58 -39.70
CA MET D 218 -0.74 -6.75 -39.11
C MET D 218 -1.71 -7.60 -38.30
N ASN D 219 -1.51 -7.59 -36.99
CA ASN D 219 -2.42 -8.30 -36.09
C ASN D 219 -3.42 -7.34 -35.43
N LEU D 220 -4.70 -7.69 -35.50
CA LEU D 220 -5.74 -6.86 -34.92
C LEU D 220 -6.22 -7.28 -33.53
N ALA D 221 -6.82 -6.33 -32.81
CA ALA D 221 -7.28 -6.55 -31.44
C ALA D 221 -8.37 -7.61 -31.30
N ASN D 222 -9.18 -7.81 -32.33
CA ASN D 222 -10.20 -8.86 -32.29
C ASN D 222 -9.72 -10.19 -32.89
N ASP D 223 -8.49 -10.23 -33.37
CA ASP D 223 -7.83 -11.49 -33.73
C ASP D 223 -7.52 -12.30 -32.49
N PRO D 224 -7.51 -13.63 -32.64
CA PRO D 224 -7.24 -14.50 -31.50
C PRO D 224 -5.94 -14.19 -30.78
N ALA D 225 -5.90 -14.50 -29.49
CA ALA D 225 -4.77 -14.24 -28.61
C ALA D 225 -3.57 -15.01 -29.07
N ILE D 226 -3.80 -16.21 -29.57
CA ILE D 226 -2.73 -17.07 -30.02
C ILE D 226 -2.00 -16.50 -31.24
N GLU D 227 -2.76 -15.99 -32.21
CA GLU D 227 -2.22 -15.24 -33.32
C GLU D 227 -1.46 -14.00 -32.88
N ARG D 228 -1.98 -13.34 -31.86
CA ARG D 228 -1.36 -12.15 -31.32
C ARG D 228 0.01 -12.46 -30.69
N ILE D 229 0.16 -13.63 -30.07
CA ILE D 229 1.45 -14.06 -29.53
C ILE D 229 2.39 -14.49 -30.66
N ALA D 230 1.82 -15.04 -31.73
CA ALA D 230 2.57 -15.47 -32.90
C ALA D 230 3.20 -14.28 -33.67
N THR D 231 2.47 -13.17 -33.76
CA THR D 231 2.87 -12.03 -34.58
C THR D 231 4.35 -11.56 -34.49
N PRO D 232 4.85 -11.30 -33.26
CA PRO D 232 6.21 -10.80 -33.16
C PRO D 232 7.21 -11.83 -33.67
N ARG D 233 6.90 -13.10 -33.43
CA ARG D 233 7.80 -14.19 -33.79
C ARG D 233 7.78 -14.44 -35.29
N MET D 234 6.64 -14.19 -35.92
CA MET D 234 6.53 -14.30 -37.35
C MET D 234 7.40 -13.23 -37.92
N ALA D 235 7.23 -12.01 -37.41
CA ALA D 235 7.94 -10.85 -37.91
C ALA D 235 9.45 -10.91 -37.71
N LEU D 236 9.91 -11.41 -36.57
CA LEU D 236 11.35 -11.55 -36.34
C LEU D 236 12.01 -12.68 -37.14
N THR D 237 11.24 -13.70 -37.48
CA THR D 237 11.77 -14.78 -38.29
C THR D 237 12.02 -14.27 -39.69
N ALA D 238 11.10 -13.42 -40.16
CA ALA D 238 11.16 -12.82 -41.47
C ALA D 238 12.33 -11.86 -41.54
N ALA D 239 12.56 -11.15 -40.45
CA ALA D 239 13.64 -10.18 -40.39
C ALA D 239 14.99 -10.85 -40.41
N GLU D 240 15.11 -11.94 -39.65
CA GLU D 240 16.35 -12.70 -39.59
C GLU D 240 16.64 -13.39 -40.90
N TYR D 241 15.59 -13.75 -41.61
CA TYR D 241 15.75 -14.28 -42.95
C TYR D 241 16.34 -13.20 -43.85
N LEU D 242 15.67 -12.06 -43.95
CA LEU D 242 16.19 -10.95 -44.74
C LEU D 242 17.57 -10.46 -44.33
N ALA D 243 17.83 -10.40 -43.02
CA ALA D 243 19.11 -9.95 -42.55
C ALA D 243 20.18 -11.00 -42.74
N TYR D 244 19.98 -12.19 -42.22
CA TYR D 244 21.09 -13.15 -42.20
C TYR D 244 21.09 -14.15 -43.34
N GLU D 245 20.10 -14.07 -44.23
CA GLU D 245 20.10 -14.91 -45.42
C GLU D 245 20.25 -14.04 -46.65
N LYS D 246 19.61 -12.88 -46.63
CA LYS D 246 19.64 -12.03 -47.81
C LYS D 246 20.68 -10.93 -47.69
N GLY D 247 21.17 -10.72 -46.47
CA GLY D 247 22.22 -9.74 -46.22
C GLY D 247 21.71 -8.34 -46.07
N MET D 248 20.40 -8.19 -45.96
CA MET D 248 19.81 -6.87 -45.85
C MET D 248 20.02 -6.30 -44.45
N HIS D 249 19.92 -4.97 -44.35
CA HIS D 249 19.90 -4.32 -43.06
C HIS D 249 18.45 -4.05 -42.66
N VAL D 250 18.02 -4.67 -41.57
CA VAL D 250 16.60 -4.69 -41.21
C VAL D 250 16.29 -3.90 -39.95
N LEU D 251 15.25 -3.09 -40.03
CA LEU D 251 14.74 -2.38 -38.88
C LEU D 251 13.35 -2.91 -38.53
N VAL D 252 13.18 -3.43 -37.32
CA VAL D 252 11.96 -4.07 -36.92
C VAL D 252 11.22 -3.17 -35.95
N ILE D 253 10.00 -2.77 -36.31
CA ILE D 253 9.16 -1.94 -35.44
C ILE D 253 7.90 -2.71 -35.02
N MET D 254 7.71 -2.84 -33.71
CA MET D 254 6.62 -3.65 -33.12
C MET D 254 5.82 -2.81 -32.13
N THR D 255 4.53 -2.65 -32.41
CA THR D 255 3.60 -2.02 -31.48
C THR D 255 2.29 -2.79 -31.45
N ASP D 256 1.64 -2.98 -30.31
CA ASP D 256 2.01 -2.51 -28.99
C ASP D 256 2.40 -3.74 -28.16
N MET D 257 3.57 -3.70 -27.53
CA MET D 257 4.08 -4.85 -26.82
C MET D 257 3.28 -5.23 -25.59
N THR D 258 2.60 -4.26 -24.99
CA THR D 258 1.68 -4.52 -23.87
C THR D 258 0.51 -5.41 -24.28
N ASN D 259 0.12 -5.34 -25.55
CA ASN D 259 -0.94 -6.20 -26.04
C ASN D 259 -0.52 -7.65 -26.15
N TYR D 260 0.77 -7.86 -26.39
CA TYR D 260 1.37 -9.18 -26.44
C TYR D 260 1.46 -9.85 -25.05
N ALA D 261 1.80 -9.06 -24.04
CA ALA D 261 1.86 -9.54 -22.67
C ALA D 261 0.47 -9.89 -22.20
N GLU D 262 -0.51 -9.12 -22.69
CA GLU D 262 -1.91 -9.38 -22.36
C GLU D 262 -2.37 -10.73 -22.84
N ALA D 263 -2.00 -11.08 -24.06
CA ALA D 263 -2.31 -12.38 -24.62
C ALA D 263 -1.58 -13.49 -23.87
N LEU D 264 -0.35 -13.23 -23.45
CA LEU D 264 0.40 -14.23 -22.69
C LEU D 264 -0.32 -14.62 -21.43
N ARG D 265 -0.96 -13.65 -20.78
CA ARG D 265 -1.75 -13.89 -19.58
C ARG D 265 -2.93 -14.78 -19.85
N GLU D 266 -3.56 -14.53 -20.99
CA GLU D 266 -4.75 -15.25 -21.36
C GLU D 266 -4.48 -16.76 -21.53
N ILE D 267 -3.35 -17.09 -22.15
CA ILE D 267 -2.95 -18.47 -22.37
C ILE D 267 -2.46 -19.08 -21.06
N SER D 268 -1.80 -18.25 -20.27
CA SER D 268 -1.28 -18.64 -18.97
C SER D 268 -2.39 -19.13 -18.04
N ALA D 269 -3.52 -18.41 -18.06
CA ALA D 269 -4.66 -18.79 -17.24
C ALA D 269 -5.32 -20.04 -17.77
N ALA D 270 -5.34 -20.18 -19.09
CA ALA D 270 -5.94 -21.36 -19.71
C ALA D 270 -5.34 -22.65 -19.14
N ARG D 271 -4.04 -22.59 -18.83
CA ARG D 271 -3.28 -23.70 -18.26
C ARG D 271 -3.25 -23.68 -16.72
N ARG D 272 -4.03 -22.77 -16.12
CA ARG D 272 -4.15 -22.62 -14.66
C ARG D 272 -2.82 -22.42 -13.95
N GLU D 273 -2.00 -21.54 -14.52
CA GLU D 273 -0.72 -21.17 -13.95
C GLU D 273 -0.88 -19.92 -13.10
N VAL D 274 -0.32 -19.95 -11.90
CA VAL D 274 -0.38 -18.83 -10.99
C VAL D 274 0.58 -17.75 -11.49
N PRO D 275 0.12 -16.50 -11.58
CA PRO D 275 0.92 -15.35 -12.01
C PRO D 275 2.13 -15.09 -11.12
N GLY D 276 3.17 -14.50 -11.71
CA GLY D 276 4.32 -14.00 -10.98
C GLY D 276 3.99 -12.58 -10.61
N ARG D 277 4.98 -11.69 -10.69
CA ARG D 277 4.81 -10.31 -10.31
C ARG D 277 3.73 -9.56 -11.10
N ARG D 278 2.86 -8.89 -10.35
CA ARG D 278 1.82 -7.98 -10.89
C ARG D 278 0.85 -8.60 -11.85
N GLY D 279 0.63 -9.92 -11.75
CA GLY D 279 -0.36 -10.59 -12.59
C GLY D 279 0.18 -11.21 -13.87
N TYR D 280 1.49 -11.21 -14.04
CA TYR D 280 2.04 -11.74 -15.28
C TYR D 280 2.79 -13.03 -15.02
N PRO D 281 2.94 -13.87 -16.06
CA PRO D 281 3.59 -15.17 -15.91
C PRO D 281 4.98 -15.01 -15.31
N GLY D 282 5.46 -16.02 -14.57
CA GLY D 282 6.80 -15.99 -14.02
C GLY D 282 7.81 -15.83 -15.13
N TYR D 283 7.52 -16.47 -16.27
CA TYR D 283 8.47 -16.62 -17.37
C TYR D 283 8.43 -15.47 -18.39
N LEU D 284 7.82 -14.36 -17.99
CA LEU D 284 7.70 -13.20 -18.84
C LEU D 284 9.05 -12.66 -19.30
N TYR D 285 9.99 -12.62 -18.38
CA TYR D 285 11.34 -12.15 -18.68
C TYR D 285 12.02 -12.99 -19.76
N THR D 286 11.96 -14.33 -19.63
CA THR D 286 12.48 -15.23 -20.63
C THR D 286 11.80 -15.02 -21.97
N ASN D 287 10.49 -14.82 -21.91
CA ASN D 287 9.70 -14.60 -23.10
C ASN D 287 10.02 -13.31 -23.83
N LEU D 288 10.15 -12.22 -23.07
CA LEU D 288 10.48 -10.92 -23.63
C LEU D 288 11.95 -10.88 -24.04
N ALA D 289 12.83 -11.48 -23.24
CA ALA D 289 14.23 -11.49 -23.54
C ALA D 289 14.41 -12.20 -24.85
N THR D 290 13.77 -13.34 -24.99
CA THR D 290 13.92 -14.19 -26.15
C THR D 290 13.62 -13.44 -27.44
N LEU D 291 12.59 -12.59 -27.37
CA LEU D 291 12.17 -11.81 -28.49
C LEU D 291 13.17 -10.73 -28.83
N PHE D 292 13.55 -9.94 -27.83
CA PHE D 292 14.31 -8.73 -28.05
C PHE D 292 15.78 -8.99 -28.37
N GLU D 293 16.27 -10.16 -28.01
CA GLU D 293 17.67 -10.45 -28.21
C GLU D 293 17.90 -10.96 -29.61
N ARG D 294 16.83 -11.14 -30.35
CA ARG D 294 16.92 -11.51 -31.74
C ARG D 294 17.16 -10.25 -32.60
N ALA D 295 18.31 -9.61 -32.36
CA ALA D 295 18.67 -8.35 -32.97
C ALA D 295 20.18 -8.23 -32.90
N GLY D 296 20.77 -7.54 -33.86
CA GLY D 296 22.20 -7.30 -33.84
C GLY D 296 22.99 -7.66 -35.07
N ARG D 297 24.31 -7.65 -34.91
CA ARG D 297 25.25 -7.98 -35.94
C ARG D 297 25.92 -9.28 -35.58
N ILE D 298 26.21 -10.10 -36.56
CA ILE D 298 26.96 -11.31 -36.33
C ILE D 298 28.27 -11.24 -37.12
N ARG D 299 29.37 -11.61 -36.47
CA ARG D 299 30.67 -11.65 -37.13
C ARG D 299 30.65 -12.54 -38.37
N GLY D 300 31.17 -12.03 -39.47
CA GLY D 300 31.25 -12.76 -40.72
C GLY D 300 29.97 -12.82 -41.53
N LEU D 301 29.01 -11.94 -41.22
CA LEU D 301 27.75 -11.94 -41.94
C LEU D 301 27.42 -10.52 -42.29
N LYS D 302 27.06 -10.31 -43.55
CA LYS D 302 26.87 -8.96 -44.05
C LYS D 302 25.82 -8.13 -43.31
N GLY D 303 24.64 -8.71 -43.07
CA GLY D 303 23.46 -7.96 -42.58
C GLY D 303 23.20 -7.85 -41.08
N SER D 304 22.19 -7.05 -40.73
CA SER D 304 21.87 -6.77 -39.34
C SER D 304 20.38 -6.54 -39.09
N VAL D 305 19.95 -6.83 -37.86
CA VAL D 305 18.57 -6.55 -37.40
C VAL D 305 18.59 -5.53 -36.27
N THR D 306 17.83 -4.46 -36.44
CA THR D 306 17.70 -3.43 -35.41
C THR D 306 16.23 -3.37 -34.98
N GLN D 307 16.02 -3.38 -33.66
CA GLN D 307 14.67 -3.45 -33.12
C GLN D 307 14.30 -2.19 -32.42
N ILE D 308 13.06 -1.77 -32.66
CA ILE D 308 12.43 -0.71 -31.90
C ILE D 308 11.07 -1.19 -31.44
N PRO D 309 11.02 -1.79 -30.24
CA PRO D 309 9.73 -2.22 -29.75
C PRO D 309 9.03 -1.05 -29.11
N ILE D 310 7.74 -0.92 -29.37
CA ILE D 310 6.94 0.14 -28.77
C ILE D 310 5.96 -0.46 -27.78
N LEU D 311 5.89 0.14 -26.59
CA LEU D 311 4.97 -0.37 -25.59
C LEU D 311 4.29 0.77 -24.86
N THR D 312 3.07 0.54 -24.41
CA THR D 312 2.42 1.51 -23.53
C THR D 312 2.56 1.07 -22.08
N MET D 313 2.96 2.01 -21.24
CA MET D 313 3.08 1.75 -19.82
C MET D 313 1.72 2.05 -19.21
N PRO D 314 1.08 1.01 -18.64
CA PRO D 314 -0.22 1.21 -18.01
C PRO D 314 -0.14 2.23 -16.90
N GLU D 315 -1.15 3.10 -16.85
CA GLU D 315 -1.24 4.22 -15.90
C GLU D 315 0.09 5.02 -15.78
N ASP D 316 0.86 5.03 -16.87
CA ASP D 316 2.13 5.77 -16.94
C ASP D 316 3.23 5.32 -15.96
N ASP D 317 3.16 4.05 -15.58
CA ASP D 317 3.95 3.45 -14.52
C ASP D 317 5.25 2.79 -15.03
N LYS D 318 6.40 3.44 -14.88
CA LYS D 318 7.64 2.86 -15.39
C LYS D 318 8.09 1.71 -14.51
N THR D 319 7.51 1.62 -13.32
CA THR D 319 7.73 0.48 -12.41
C THR D 319 7.01 -0.78 -12.90
N HIS D 320 6.02 -0.62 -13.79
CA HIS D 320 5.23 -1.72 -14.33
C HIS D 320 6.12 -2.80 -14.94
N PRO D 321 5.78 -4.08 -14.75
CA PRO D 321 6.63 -5.18 -15.18
C PRO D 321 7.03 -5.12 -16.63
N ILE D 322 6.15 -4.63 -17.49
CA ILE D 322 6.40 -4.59 -18.92
C ILE D 322 7.52 -3.60 -19.26
N PRO D 323 7.33 -2.31 -18.96
CA PRO D 323 8.44 -1.41 -19.15
C PRO D 323 9.66 -1.73 -18.26
N ASP D 324 9.44 -2.19 -17.04
CA ASP D 324 10.56 -2.47 -16.15
C ASP D 324 11.39 -3.65 -16.65
N LEU D 325 10.73 -4.76 -16.98
CA LEU D 325 11.47 -5.90 -17.50
C LEU D 325 12.07 -5.62 -18.89
N THR D 326 11.38 -4.80 -19.68
CA THR D 326 11.85 -4.48 -21.00
C THR D 326 13.09 -3.65 -20.90
N GLY D 327 13.10 -2.70 -19.97
CA GLY D 327 14.24 -1.81 -19.75
C GLY D 327 15.54 -2.54 -19.41
N TYR D 328 15.45 -3.67 -18.70
CA TYR D 328 16.64 -4.48 -18.42
C TYR D 328 17.14 -5.17 -19.65
N ILE D 329 16.23 -5.54 -20.54
CA ILE D 329 16.61 -6.32 -21.70
C ILE D 329 17.16 -5.44 -22.82
N THR D 330 16.52 -4.31 -23.06
CA THR D 330 16.88 -3.43 -24.18
C THR D 330 17.96 -2.44 -23.81
N GLU D 331 18.53 -1.81 -24.81
CA GLU D 331 19.69 -0.94 -24.60
C GLU D 331 19.32 0.54 -24.47
N GLY D 332 18.53 0.87 -23.46
CA GLY D 332 18.07 2.23 -23.27
C GLY D 332 16.58 2.26 -23.51
N GLN D 333 16.01 3.47 -23.53
CA GLN D 333 14.60 3.63 -23.88
C GLN D 333 14.32 5.07 -24.21
N ILE D 334 13.44 5.29 -25.19
CA ILE D 334 12.88 6.63 -25.47
C ILE D 334 11.48 6.76 -24.84
N ILE D 335 11.31 7.79 -24.03
CA ILE D 335 10.10 8.00 -23.25
C ILE D 335 9.31 9.22 -23.69
N LEU D 336 8.05 8.99 -24.01
CA LEU D 336 7.08 10.02 -24.34
C LEU D 336 6.30 10.35 -23.09
N THR D 337 5.93 11.62 -22.88
CA THR D 337 5.19 11.95 -21.66
C THR D 337 3.96 12.80 -21.94
N ARG D 338 2.90 12.64 -21.15
CA ARG D 338 1.76 13.49 -21.48
C ARG D 338 1.98 14.94 -21.13
N GLU D 339 2.83 15.20 -20.14
CA GLU D 339 3.19 16.58 -19.78
C GLU D 339 3.63 17.33 -21.04
N LEU D 340 4.48 16.70 -21.83
CA LEU D 340 4.97 17.33 -23.04
C LEU D 340 3.90 17.38 -24.11
N TYR D 341 3.20 16.27 -24.27
CA TYR D 341 2.15 16.18 -25.27
C TYR D 341 1.06 17.26 -25.13
N LYS D 342 0.70 17.57 -23.89
CA LYS D 342 -0.39 18.49 -23.64
C LYS D 342 -0.02 19.94 -23.90
N SER D 343 1.28 20.24 -23.94
CA SER D 343 1.74 21.57 -24.37
C SER D 343 2.02 21.62 -25.88
N GLY D 344 1.74 20.52 -26.56
CA GLY D 344 1.83 20.45 -28.00
C GLY D 344 3.21 20.12 -28.50
N ILE D 345 3.99 19.43 -27.69
CA ILE D 345 5.33 19.09 -28.12
C ILE D 345 5.30 17.82 -28.95
N GLN D 346 5.75 17.91 -30.20
CA GLN D 346 5.64 16.79 -31.13
C GLN D 346 6.94 16.42 -31.85
N PRO D 347 7.47 15.21 -31.60
CA PRO D 347 7.06 14.17 -30.65
C PRO D 347 7.35 14.51 -29.20
N PRO D 348 6.46 14.11 -28.28
CA PRO D 348 6.63 14.51 -26.89
C PRO D 348 7.68 13.67 -26.20
N ILE D 349 8.92 13.73 -26.67
CA ILE D 349 9.97 12.95 -26.05
C ILE D 349 10.64 13.68 -24.88
N ASP D 350 10.66 13.06 -23.70
CA ASP D 350 11.41 13.61 -22.57
C ASP D 350 12.84 13.09 -22.58
N VAL D 351 13.79 13.99 -22.78
CA VAL D 351 15.17 13.60 -22.96
C VAL D 351 15.79 13.13 -21.65
N LEU D 352 15.35 13.76 -20.57
CA LEU D 352 15.94 13.53 -19.27
C LEU D 352 15.92 12.07 -18.76
N PRO D 353 14.77 11.37 -18.86
CA PRO D 353 14.69 9.95 -18.49
C PRO D 353 14.95 8.99 -19.65
N SER D 354 15.06 9.50 -20.87
CA SER D 354 15.39 8.68 -22.02
C SER D 354 16.87 8.39 -22.04
N LEU D 355 17.26 7.28 -22.67
CA LEU D 355 18.65 6.91 -22.73
C LEU D 355 18.91 5.94 -23.87
N SER D 356 20.01 6.16 -24.58
CA SER D 356 20.54 5.15 -25.47
C SER D 356 21.86 4.59 -24.91
N ARG D 357 21.95 3.28 -24.79
CA ARG D 357 23.10 2.70 -24.13
C ARG D 357 24.30 2.52 -25.03
N LEU D 358 24.09 2.68 -26.33
CA LEU D 358 25.17 2.47 -27.29
C LEU D 358 25.40 3.67 -28.20
N LYS D 359 25.00 4.86 -27.76
CA LYS D 359 25.14 6.05 -28.59
C LYS D 359 26.58 6.34 -29.03
N ASP D 360 27.52 6.24 -28.11
CA ASP D 360 28.95 6.54 -28.37
C ASP D 360 29.53 5.78 -29.57
N LYS D 361 29.18 4.52 -29.72
CA LYS D 361 29.62 3.68 -30.83
C LYS D 361 29.11 4.18 -32.19
N GLY D 362 28.09 5.04 -32.18
CA GLY D 362 27.51 5.54 -33.42
C GLY D 362 27.75 7.00 -33.72
N THR D 363 28.62 7.67 -32.97
CA THR D 363 28.76 9.12 -33.12
C THR D 363 30.20 9.67 -33.23
N GLY D 364 30.29 10.93 -33.66
CA GLY D 364 31.55 11.64 -33.75
C GLY D 364 32.09 11.72 -35.15
N ALA D 365 33.38 12.06 -35.23
CA ALA D 365 34.13 12.07 -36.48
C ALA D 365 33.99 10.78 -37.28
N GLY D 366 33.69 10.93 -38.57
CA GLY D 366 33.57 9.81 -39.48
C GLY D 366 32.19 9.19 -39.57
N LYS D 367 31.34 9.41 -38.55
CA LYS D 367 30.00 8.82 -38.53
C LYS D 367 28.88 9.87 -38.56
N THR D 368 29.00 10.89 -37.70
CA THR D 368 28.09 12.04 -37.75
C THR D 368 28.91 13.31 -37.95
N ARG D 369 29.29 13.96 -36.87
CA ARG D 369 30.25 15.04 -36.91
C ARG D 369 31.00 15.05 -35.58
N GLU D 370 32.17 15.68 -35.55
CA GLU D 370 33.05 15.64 -34.38
C GLU D 370 32.44 16.25 -33.11
N ASP D 371 31.47 17.14 -33.31
CA ASP D 371 30.88 17.91 -32.22
C ASP D 371 29.66 17.27 -31.56
N HIS D 372 29.25 16.10 -32.06
CA HIS D 372 28.03 15.41 -31.63
C HIS D 372 27.93 15.23 -30.12
N ALA D 373 28.82 14.41 -29.55
CA ALA D 373 28.81 14.06 -28.12
C ALA D 373 28.83 15.26 -27.17
N ALA D 374 29.76 16.18 -27.42
CA ALA D 374 29.96 17.34 -26.57
C ALA D 374 28.71 18.20 -26.45
N THR D 375 28.05 18.44 -27.58
CA THR D 375 26.80 19.21 -27.64
C THR D 375 25.65 18.48 -26.98
N MET D 376 25.63 17.16 -27.10
CA MET D 376 24.59 16.39 -26.50
C MET D 376 24.67 16.55 -24.98
N ASN D 377 25.90 16.47 -24.48
CA ASN D 377 26.14 16.56 -23.04
C ASN D 377 25.78 17.94 -22.54
N GLN D 378 26.07 18.95 -23.36
CA GLN D 378 25.81 20.32 -22.99
C GLN D 378 24.34 20.68 -23.02
N LEU D 379 23.66 20.38 -24.14
CA LEU D 379 22.21 20.54 -24.24
C LEU D 379 21.48 19.83 -23.09
N PHE D 380 21.98 18.64 -22.75
CA PHE D 380 21.34 17.86 -21.70
C PHE D 380 21.40 18.60 -20.37
N ALA D 381 22.56 19.17 -20.06
CA ALA D 381 22.78 19.91 -18.80
C ALA D 381 22.03 21.23 -18.77
N ALA D 382 22.10 21.97 -19.87
CA ALA D 382 21.51 23.30 -19.98
C ALA D 382 20.00 23.21 -19.88
N TYR D 383 19.45 22.11 -20.39
CA TYR D 383 18.02 21.89 -20.29
C TYR D 383 17.62 21.54 -18.85
N ALA D 384 18.45 20.73 -18.20
CA ALA D 384 18.25 20.44 -16.79
C ALA D 384 18.29 21.73 -15.98
N GLN D 385 19.31 22.55 -16.24
CA GLN D 385 19.47 23.83 -15.55
C GLN D 385 18.33 24.80 -15.85
N GLY D 386 17.85 24.79 -17.08
CA GLY D 386 16.74 25.62 -17.51
C GLY D 386 15.45 25.34 -16.77
N LYS D 387 15.17 24.06 -16.56
CA LYS D 387 13.98 23.61 -15.87
C LYS D 387 14.02 23.98 -14.40
N GLN D 388 15.23 23.93 -13.84
CA GLN D 388 15.45 24.33 -12.46
C GLN D 388 15.24 25.82 -12.29
N ALA D 389 15.74 26.58 -13.25
CA ALA D 389 15.61 28.02 -13.29
C ALA D 389 14.15 28.42 -13.37
N LYS D 390 13.37 27.63 -14.11
CA LYS D 390 11.94 27.85 -14.28
C LYS D 390 11.22 27.76 -12.95
N GLU D 391 11.58 26.73 -12.17
CA GLU D 391 11.02 26.45 -10.84
C GLU D 391 11.30 27.59 -9.88
N LEU D 392 12.56 27.96 -9.84
CA LEU D 392 13.06 29.09 -9.07
C LEU D 392 12.21 30.31 -9.33
N ALA D 393 11.83 30.50 -10.59
CA ALA D 393 11.02 31.64 -11.01
C ALA D 393 9.69 31.64 -10.28
N VAL D 394 9.09 30.47 -10.18
CA VAL D 394 7.82 30.31 -9.51
C VAL D 394 7.97 30.51 -8.00
N VAL D 395 8.96 29.85 -7.40
CA VAL D 395 9.10 29.87 -5.94
C VAL D 395 9.63 31.19 -5.37
N LEU D 396 10.65 31.75 -5.98
CA LEU D 396 11.27 32.94 -5.41
C LEU D 396 10.91 34.22 -6.15
N GLY D 397 10.38 34.06 -7.37
CA GLY D 397 9.86 35.18 -8.13
C GLY D 397 10.83 35.72 -9.14
N GLU D 398 10.29 36.46 -10.11
CA GLU D 398 11.06 37.06 -11.18
C GLU D 398 12.42 37.61 -10.71
N SER D 399 12.39 38.34 -9.59
CA SER D 399 13.54 39.14 -9.14
C SER D 399 14.78 38.35 -8.69
N ALA D 400 14.56 37.22 -8.04
CA ALA D 400 15.66 36.39 -7.55
C ALA D 400 16.48 35.72 -8.66
N LEU D 401 16.00 35.87 -9.89
CA LEU D 401 16.64 35.25 -11.04
C LEU D 401 17.85 36.06 -11.53
N SER D 402 18.98 35.36 -11.66
CA SER D 402 20.16 35.91 -12.30
C SER D 402 19.87 36.11 -13.77
N ASP D 403 20.54 37.06 -14.39
CA ASP D 403 20.37 37.28 -15.82
C ASP D 403 20.82 36.05 -16.59
N ILE D 404 21.83 35.37 -16.05
CA ILE D 404 22.29 34.12 -16.61
C ILE D 404 21.22 33.06 -16.41
N ASP D 405 20.51 33.15 -15.30
CA ASP D 405 19.39 32.25 -14.99
C ASP D 405 18.19 32.45 -15.91
N LYS D 406 17.87 33.69 -16.23
CA LYS D 406 16.75 33.96 -17.12
C LYS D 406 16.99 33.35 -18.48
N ILE D 407 18.25 33.23 -18.87
CA ILE D 407 18.60 32.70 -20.18
C ILE D 407 18.36 31.21 -20.25
N TYR D 408 18.76 30.51 -19.19
CA TYR D 408 18.52 29.10 -19.08
C TYR D 408 17.02 28.85 -19.14
N ALA D 409 16.24 29.67 -18.45
CA ALA D 409 14.80 29.56 -18.53
C ALA D 409 14.35 29.62 -19.98
N LYS D 410 14.80 30.64 -20.70
CA LYS D 410 14.38 30.83 -22.09
C LYS D 410 14.89 29.71 -22.97
N PHE D 411 16.05 29.16 -22.60
CA PHE D 411 16.65 28.06 -23.35
C PHE D 411 15.81 26.79 -23.28
N ALA D 412 15.40 26.43 -22.08
CA ALA D 412 14.57 25.24 -21.88
C ALA D 412 13.25 25.38 -22.62
N GLU D 413 12.77 26.61 -22.72
CA GLU D 413 11.52 26.89 -23.39
C GLU D 413 11.69 26.71 -24.90
N ARG D 414 12.79 27.25 -25.44
CA ARG D 414 13.07 27.12 -26.86
C ARG D 414 13.44 25.71 -27.19
N PHE D 415 14.13 25.04 -26.28
CA PHE D 415 14.54 23.66 -26.51
C PHE D 415 13.36 22.70 -26.67
N GLU D 416 12.34 22.86 -25.84
CA GLU D 416 11.10 22.12 -26.01
C GLU D 416 10.32 22.57 -27.24
N ASN D 417 10.26 23.86 -27.47
CA ASN D 417 9.40 24.38 -28.50
C ASN D 417 9.96 24.33 -29.93
N GLU D 418 11.27 24.40 -30.08
CA GLU D 418 11.90 24.45 -31.41
C GLU D 418 12.74 23.21 -31.74
N TYR D 419 13.54 22.74 -30.79
CA TYR D 419 14.41 21.59 -31.02
C TYR D 419 13.66 20.25 -30.95
N VAL D 420 13.04 19.98 -29.79
CA VAL D 420 12.30 18.76 -29.57
C VAL D 420 11.02 18.73 -30.38
N ASN D 421 10.38 19.90 -30.52
CA ASN D 421 9.13 19.99 -31.26
C ASN D 421 9.31 20.19 -32.77
N GLN D 422 9.77 19.16 -33.48
CA GLN D 422 10.01 19.26 -34.92
C GLN D 422 8.79 18.94 -35.81
N GLY D 423 7.78 18.29 -35.23
CA GLY D 423 6.57 17.89 -35.98
C GLY D 423 6.73 16.50 -36.54
N PHE D 424 5.63 15.78 -36.69
CA PHE D 424 5.65 14.37 -37.06
C PHE D 424 5.98 14.11 -38.53
N TYR D 425 6.17 15.18 -39.29
CA TYR D 425 6.44 15.06 -40.73
C TYR D 425 7.67 15.84 -41.15
N THR D 426 8.51 16.17 -40.18
CA THR D 426 9.74 16.87 -40.47
C THR D 426 10.96 15.95 -40.29
N ASN D 427 11.65 15.69 -41.40
CA ASN D 427 12.86 14.87 -41.40
C ASN D 427 14.11 15.73 -41.38
N ARG D 428 14.77 15.80 -40.23
CA ARG D 428 16.00 16.57 -40.06
C ARG D 428 17.23 15.71 -40.27
N THR D 429 18.14 16.18 -41.11
CA THR D 429 19.43 15.52 -41.24
C THR D 429 20.17 15.72 -39.94
N ILE D 430 21.15 14.86 -39.68
CA ILE D 430 22.00 15.01 -38.51
C ILE D 430 22.69 16.37 -38.48
N THR D 431 22.98 16.93 -39.65
CA THR D 431 23.70 18.18 -39.73
C THR D 431 22.82 19.36 -39.33
N GLU D 432 21.55 19.33 -39.74
CA GLU D 432 20.58 20.33 -39.32
C GLU D 432 20.32 20.30 -37.82
N THR D 433 20.18 19.10 -37.29
CA THR D 433 20.02 18.88 -35.86
C THR D 433 21.20 19.49 -35.13
N LEU D 434 22.40 19.12 -35.52
CA LEU D 434 23.61 19.65 -34.90
C LEU D 434 23.68 21.16 -34.99
N ASP D 435 23.27 21.69 -36.13
CA ASP D 435 23.32 23.11 -36.34
C ASP D 435 22.30 23.82 -35.48
N LEU D 436 21.10 23.26 -35.37
CA LEU D 436 20.08 23.82 -34.50
C LEU D 436 20.50 23.79 -33.04
N GLY D 437 21.17 22.73 -32.61
CA GLY D 437 21.65 22.66 -31.24
C GLY D 437 22.58 23.83 -30.94
N TRP D 438 23.56 24.01 -31.82
CA TRP D 438 24.51 25.11 -31.70
C TRP D 438 23.80 26.44 -31.65
N GLU D 439 22.86 26.63 -32.55
CA GLU D 439 22.04 27.80 -32.55
C GLU D 439 21.42 28.00 -31.17
N LEU D 440 20.90 26.92 -30.60
CA LEU D 440 20.29 27.01 -29.27
C LEU D 440 21.31 27.26 -28.17
N LEU D 441 22.45 26.57 -28.24
CA LEU D 441 23.53 26.80 -27.28
C LEU D 441 24.11 28.23 -27.33
N ALA D 442 23.99 28.88 -28.49
CA ALA D 442 24.49 30.23 -28.71
C ALA D 442 23.81 31.33 -27.86
N MET D 443 22.67 30.99 -27.26
CA MET D 443 21.94 31.86 -26.33
C MET D 443 22.74 32.10 -25.07
N LEU D 444 23.55 31.11 -24.71
CA LEU D 444 24.36 31.18 -23.52
C LEU D 444 25.70 31.84 -23.79
N PRO D 445 26.32 32.39 -22.73
CA PRO D 445 27.70 32.84 -22.78
C PRO D 445 28.70 31.67 -22.89
N ARG D 446 29.75 31.86 -23.70
CA ARG D 446 30.87 30.93 -23.78
C ARG D 446 31.30 30.44 -22.40
N THR D 447 31.22 31.33 -21.41
CA THR D 447 31.59 31.04 -20.03
C THR D 447 30.78 29.87 -19.42
N GLU D 448 29.57 29.65 -19.96
CA GLU D 448 28.64 28.63 -19.47
C GLU D 448 28.78 27.26 -20.14
N LEU D 449 29.28 27.24 -21.37
CA LEU D 449 29.42 25.99 -22.09
C LEU D 449 30.67 25.23 -21.66
N LYS D 450 30.66 24.80 -20.39
CA LYS D 450 31.82 24.22 -19.73
C LYS D 450 32.16 22.81 -20.21
N ARG D 451 31.17 22.10 -20.76
CA ARG D 451 31.37 20.71 -21.20
C ARG D 451 31.72 20.58 -22.68
N ILE D 452 32.19 21.67 -23.28
CA ILE D 452 32.71 21.64 -24.64
C ILE D 452 34.13 22.23 -24.65
N LYS D 453 35.05 21.48 -25.25
CA LYS D 453 36.40 21.97 -25.51
C LYS D 453 36.34 23.28 -26.28
N ASP D 454 37.17 24.25 -25.89
CA ASP D 454 37.28 25.54 -26.58
C ASP D 454 37.60 25.33 -28.07
N ASP D 455 38.33 24.26 -28.36
CA ASP D 455 38.58 23.82 -29.72
C ASP D 455 37.29 23.85 -30.56
N LEU D 456 36.21 23.29 -29.98
CA LEU D 456 34.90 23.20 -30.65
C LEU D 456 34.03 24.46 -30.56
N LEU D 457 34.14 25.19 -29.45
CA LEU D 457 33.49 26.49 -29.31
C LEU D 457 33.87 27.47 -30.41
N ASP D 458 35.16 27.50 -30.75
CA ASP D 458 35.68 28.40 -31.78
C ASP D 458 35.27 27.98 -33.19
N LYS D 459 35.01 26.69 -33.38
CA LYS D 459 34.66 26.20 -34.70
C LYS D 459 33.17 26.36 -35.03
N TYR D 460 32.30 26.30 -34.02
CA TYR D 460 30.86 26.25 -34.28
C TYR D 460 29.99 27.32 -33.61
N LEU D 461 30.59 28.17 -32.79
CA LEU D 461 29.90 29.32 -32.17
C LEU D 461 29.00 28.89 -31.01
N GLU E 11 13.59 -48.28 10.66
CA GLU E 11 14.15 -48.11 9.29
C GLU E 11 13.07 -48.31 8.24
N TYR E 12 12.74 -47.26 7.49
CA TYR E 12 11.68 -47.32 6.47
C TYR E 12 12.18 -46.99 5.06
N ARG E 13 11.96 -47.87 4.10
CA ARG E 13 12.39 -47.62 2.74
C ARG E 13 11.17 -47.22 1.90
N THR E 14 10.43 -46.23 2.41
CA THR E 14 9.06 -45.93 1.98
C THR E 14 8.76 -44.46 1.65
N ILE E 15 9.78 -43.66 1.38
CA ILE E 15 9.53 -42.28 0.98
C ILE E 15 8.67 -42.25 -0.28
N LYS E 16 7.56 -41.54 -0.21
CA LYS E 16 6.63 -41.52 -1.32
C LYS E 16 6.73 -40.27 -2.17
N GLU E 17 7.05 -39.15 -1.55
CA GLU E 17 7.05 -37.86 -2.25
C GLU E 17 8.11 -36.94 -1.70
N VAL E 18 8.66 -36.13 -2.58
CA VAL E 18 9.50 -35.00 -2.17
C VAL E 18 9.05 -33.79 -2.97
N VAL E 19 8.56 -32.78 -2.26
CA VAL E 19 8.00 -31.58 -2.90
C VAL E 19 8.65 -30.33 -2.33
N GLY E 20 9.81 -29.98 -2.90
CA GLY E 20 10.63 -28.90 -2.37
C GLY E 20 11.17 -29.29 -1.00
N PRO E 21 10.78 -28.55 0.05
CA PRO E 21 11.28 -28.80 1.41
C PRO E 21 10.62 -30.01 2.13
N LEU E 22 9.38 -30.33 1.76
CA LEU E 22 8.60 -31.35 2.46
C LEU E 22 8.68 -32.74 1.85
N MET E 23 8.68 -33.75 2.71
CA MET E 23 8.82 -35.12 2.29
C MET E 23 7.70 -35.97 2.88
N ALA E 24 7.11 -36.82 2.05
CA ALA E 24 6.02 -37.69 2.49
C ALA E 24 6.46 -39.15 2.61
N VAL E 25 6.30 -39.70 3.81
CA VAL E 25 6.66 -41.10 4.10
C VAL E 25 5.41 -41.92 4.39
N GLU E 26 5.13 -42.92 3.56
CA GLU E 26 3.95 -43.74 3.74
C GLU E 26 4.22 -45.01 4.52
N LYS E 27 3.16 -45.76 4.81
CA LYS E 27 3.25 -46.99 5.59
C LYS E 27 3.95 -46.86 6.94
N VAL E 28 3.77 -45.72 7.61
CA VAL E 28 4.32 -45.50 8.93
C VAL E 28 3.34 -45.95 10.00
N SER E 29 3.83 -46.15 11.22
CA SER E 29 2.98 -46.57 12.31
C SER E 29 3.58 -46.13 13.65
N GLY E 30 2.76 -45.51 14.50
CA GLY E 30 3.26 -45.01 15.78
C GLY E 30 4.06 -43.74 15.64
N VAL E 31 3.94 -43.07 14.50
CA VAL E 31 4.60 -41.80 14.27
C VAL E 31 3.79 -40.67 14.92
N LYS E 32 4.52 -39.74 15.52
CA LYS E 32 3.91 -38.75 16.35
C LYS E 32 4.33 -37.38 15.88
N TYR E 33 3.49 -36.41 16.17
CA TYR E 33 3.72 -35.04 15.77
C TYR E 33 4.98 -34.48 16.41
N GLU E 34 5.78 -33.82 15.57
CA GLU E 34 7.02 -33.16 15.96
C GLU E 34 8.16 -34.06 16.29
N GLU E 35 8.03 -35.33 15.92
CA GLU E 35 9.06 -36.31 16.19
C GLU E 35 10.31 -36.10 15.29
N LEU E 36 11.48 -36.36 15.86
CA LEU E 36 12.73 -36.20 15.14
C LEU E 36 12.97 -37.42 14.24
N ILE E 37 13.48 -37.20 13.03
CA ILE E 37 13.67 -38.29 12.07
C ILE E 37 15.10 -38.28 11.54
N GLU E 38 15.52 -39.39 10.96
CA GLU E 38 16.78 -39.40 10.24
C GLU E 38 16.58 -40.00 8.88
N VAL E 39 17.05 -39.31 7.87
CA VAL E 39 17.00 -39.83 6.51
C VAL E 39 18.39 -40.34 6.17
N ARG E 40 18.50 -41.63 5.90
CA ARG E 40 19.76 -42.19 5.47
C ARG E 40 19.71 -42.28 3.97
N MET E 41 20.33 -41.32 3.31
CA MET E 41 20.32 -41.26 1.84
C MET E 41 21.07 -42.41 1.15
N GLN E 42 20.92 -42.48 -0.16
CA GLN E 42 21.51 -43.55 -0.97
C GLN E 42 23.03 -43.50 -1.04
N ASN E 43 23.61 -42.38 -0.64
CA ASN E 43 25.07 -42.22 -0.60
C ASN E 43 25.66 -42.29 0.82
N GLY E 44 24.85 -42.71 1.79
CA GLY E 44 25.27 -42.85 3.18
C GLY E 44 25.29 -41.57 3.99
N GLU E 45 24.92 -40.46 3.36
CA GLU E 45 24.74 -39.20 4.06
C GLU E 45 23.59 -39.33 5.05
N ILE E 46 23.66 -38.56 6.12
CA ILE E 46 22.60 -38.54 7.12
C ILE E 46 21.98 -37.16 7.20
N ARG E 47 20.66 -37.10 7.12
CA ARG E 47 19.96 -35.83 7.28
C ARG E 47 18.88 -35.94 8.35
N ARG E 48 18.87 -35.00 9.29
CA ARG E 48 17.83 -35.01 10.32
C ARG E 48 16.61 -34.22 9.83
N GLY E 49 15.50 -34.37 10.53
CA GLY E 49 14.27 -33.72 10.16
C GLY E 49 13.21 -33.85 11.23
N GLN E 50 12.07 -33.22 10.99
CA GLN E 50 11.00 -33.21 11.97
C GLN E 50 9.68 -33.50 11.31
N VAL E 51 8.80 -34.19 12.03
CA VAL E 51 7.45 -34.48 11.52
C VAL E 51 6.51 -33.27 11.70
N LEU E 52 5.97 -32.79 10.59
CA LEU E 52 5.05 -31.66 10.61
C LEU E 52 3.61 -32.10 10.71
N GLU E 53 3.30 -33.21 10.07
CA GLU E 53 1.94 -33.66 9.93
C GLU E 53 1.97 -35.17 9.80
N VAL E 54 1.06 -35.81 10.51
CA VAL E 54 0.99 -37.25 10.56
C VAL E 54 -0.49 -37.60 10.41
N GLN E 55 -0.79 -38.45 9.43
CA GLN E 55 -2.16 -38.81 9.16
C GLN E 55 -2.27 -40.24 8.65
N GLU E 56 -3.18 -41.02 9.22
CA GLU E 56 -3.41 -42.41 8.78
C GLU E 56 -2.07 -43.14 8.74
N ASP E 57 -1.58 -43.45 7.54
CA ASP E 57 -0.25 -44.04 7.45
C ASP E 57 0.67 -43.19 6.56
N LYS E 58 0.83 -41.94 6.94
CA LYS E 58 1.54 -40.99 6.12
C LYS E 58 2.12 -39.96 7.06
N ALA E 59 3.39 -39.65 6.85
CA ALA E 59 4.03 -38.60 7.62
C ALA E 59 4.63 -37.57 6.69
N MET E 60 4.31 -36.31 6.94
CA MET E 60 4.97 -35.19 6.30
C MET E 60 6.14 -34.76 7.17
N VAL E 61 7.33 -34.79 6.61
CA VAL E 61 8.49 -34.34 7.37
C VAL E 61 9.19 -33.19 6.66
N GLN E 62 9.95 -32.39 7.40
CA GLN E 62 10.79 -31.40 6.78
C GLN E 62 12.23 -31.64 7.19
N ILE E 63 13.13 -31.55 6.22
CA ILE E 63 14.54 -31.86 6.41
C ILE E 63 15.34 -30.59 6.60
N PHE E 64 16.14 -30.56 7.66
CA PHE E 64 16.95 -29.41 8.00
C PHE E 64 17.88 -28.96 6.87
N GLU E 65 18.67 -29.89 6.35
CA GLU E 65 19.65 -29.58 5.31
C GLU E 65 19.01 -29.48 3.93
N GLY E 66 17.68 -29.62 3.85
CA GLY E 66 16.97 -29.58 2.56
C GLY E 66 16.78 -30.96 1.94
N THR E 67 16.34 -31.00 0.68
CA THR E 67 15.93 -32.25 0.03
C THR E 67 16.67 -32.52 -1.25
N SER E 68 17.57 -31.63 -1.62
CA SER E 68 18.37 -31.80 -2.80
C SER E 68 19.26 -33.01 -2.69
N GLY E 69 19.40 -33.76 -3.78
CA GLY E 69 20.29 -34.92 -3.85
C GLY E 69 19.64 -36.22 -3.42
N ILE E 70 18.37 -36.14 -3.02
CA ILE E 70 17.67 -37.31 -2.50
C ILE E 70 17.02 -38.17 -3.59
N ASN E 71 17.32 -39.45 -3.55
CA ASN E 71 16.64 -40.46 -4.34
C ASN E 71 15.64 -41.12 -3.42
N LEU E 72 14.38 -41.17 -3.82
CA LEU E 72 13.33 -41.71 -2.97
C LEU E 72 13.41 -43.23 -2.81
N LYS E 73 13.64 -43.92 -3.91
CA LYS E 73 13.69 -45.36 -3.97
C LYS E 73 14.69 -45.91 -2.98
N ASN E 74 15.88 -45.33 -2.98
CA ASN E 74 17.01 -45.91 -2.28
C ASN E 74 17.35 -45.29 -0.94
N SER E 75 16.63 -44.24 -0.56
CA SER E 75 16.83 -43.64 0.76
C SER E 75 15.85 -44.23 1.79
N SER E 76 16.23 -44.19 3.06
CA SER E 76 15.38 -44.70 4.12
C SER E 76 15.14 -43.70 5.25
N VAL E 77 14.01 -43.86 5.94
CA VAL E 77 13.71 -42.97 7.05
C VAL E 77 13.66 -43.72 8.37
N ARG E 78 14.32 -43.15 9.38
CA ARG E 78 14.27 -43.68 10.74
C ARG E 78 13.54 -42.65 11.61
N PHE E 79 12.50 -43.09 12.31
CA PHE E 79 11.82 -42.26 13.32
C PHE E 79 12.44 -42.51 14.68
N LEU E 80 12.77 -41.42 15.37
CA LEU E 80 13.61 -41.51 16.56
C LEU E 80 12.83 -41.64 17.88
N GLY E 81 11.50 -41.48 17.81
CA GLY E 81 10.63 -41.67 18.95
C GLY E 81 10.69 -40.54 19.94
N HIS E 82 11.37 -39.45 19.57
CA HIS E 82 11.49 -38.28 20.42
C HIS E 82 11.71 -37.03 19.56
N PRO E 83 11.32 -35.86 20.10
CA PRO E 83 11.54 -34.59 19.44
C PRO E 83 13.00 -34.15 19.58
N LEU E 84 13.32 -33.00 19.02
CA LEU E 84 14.63 -32.40 19.09
C LEU E 84 15.07 -32.11 20.52
N GLN E 85 16.24 -32.63 20.91
CA GLN E 85 16.75 -32.47 22.26
C GLN E 85 18.16 -31.91 22.31
N LEU E 86 18.54 -31.39 23.46
CA LEU E 86 19.91 -31.01 23.75
C LEU E 86 20.42 -31.87 24.88
N GLY E 87 21.66 -32.36 24.75
CA GLY E 87 22.32 -33.05 25.84
C GLY E 87 22.99 -32.00 26.69
N VAL E 88 22.47 -31.79 27.90
CA VAL E 88 22.93 -30.72 28.78
C VAL E 88 23.88 -31.19 29.86
N SER E 89 24.76 -30.29 30.30
CA SER E 89 25.80 -30.59 31.28
C SER E 89 26.39 -29.31 31.80
N GLU E 90 26.93 -29.38 33.01
CA GLU E 90 27.69 -28.30 33.62
C GLU E 90 29.00 -28.12 32.85
N ASP E 91 29.42 -29.17 32.15
CA ASP E 91 30.62 -29.16 31.33
C ASP E 91 30.54 -28.23 30.13
N MET E 92 29.34 -27.73 29.85
CA MET E 92 29.11 -26.84 28.72
C MET E 92 29.71 -25.46 28.93
N ILE E 93 29.93 -25.07 30.19
CA ILE E 93 30.58 -23.80 30.49
C ILE E 93 31.99 -23.79 29.92
N GLY E 94 32.32 -22.70 29.24
CA GLY E 94 33.58 -22.54 28.53
C GLY E 94 33.59 -23.14 27.15
N ARG E 95 32.46 -23.64 26.66
CA ARG E 95 32.43 -24.34 25.38
C ARG E 95 31.66 -23.61 24.30
N VAL E 96 31.98 -23.91 23.04
CA VAL E 96 31.33 -23.29 21.87
C VAL E 96 30.60 -24.31 21.02
N PHE E 97 29.32 -24.07 20.77
CA PHE E 97 28.50 -24.98 20.00
C PHE E 97 27.93 -24.30 18.79
N ASP E 98 27.45 -25.10 17.84
CA ASP E 98 26.75 -24.56 16.69
C ASP E 98 25.29 -24.39 17.07
N GLY E 99 24.43 -24.14 16.10
CA GLY E 99 23.02 -23.93 16.37
C GLY E 99 22.27 -25.17 16.82
N LEU E 100 22.89 -26.34 16.79
CA LEU E 100 22.20 -27.54 17.24
C LEU E 100 22.89 -28.21 18.43
N GLY E 101 23.70 -27.45 19.15
CA GLY E 101 24.44 -27.98 20.29
C GLY E 101 25.54 -28.96 19.93
N ARG E 102 26.05 -28.88 18.71
CA ARG E 102 27.18 -29.70 18.29
C ARG E 102 28.47 -28.92 18.45
N PRO E 103 29.51 -29.54 19.05
CA PRO E 103 30.75 -28.86 19.37
C PRO E 103 31.37 -28.21 18.16
N LYS E 104 31.92 -27.02 18.35
CA LYS E 104 32.54 -26.24 17.29
C LYS E 104 33.97 -25.92 17.66
N ASP E 105 34.34 -26.22 18.89
CA ASP E 105 35.59 -25.71 19.46
C ASP E 105 36.72 -26.72 19.55
N ASN E 106 36.57 -27.86 18.88
CA ASN E 106 37.60 -28.91 18.84
C ASN E 106 38.00 -29.37 20.25
N GLY E 107 37.01 -29.42 21.14
CA GLY E 107 37.22 -29.92 22.49
C GLY E 107 36.58 -31.28 22.60
N PRO E 108 36.61 -31.90 23.78
CA PRO E 108 36.04 -33.23 23.97
C PRO E 108 34.54 -33.25 23.74
N GLU E 109 34.00 -34.43 23.50
CA GLU E 109 32.56 -34.62 23.45
C GLU E 109 31.96 -34.31 24.81
N ILE E 110 30.68 -33.95 24.86
CA ILE E 110 30.04 -33.71 26.14
C ILE E 110 29.42 -35.01 26.69
N LEU E 111 29.66 -35.30 27.97
CA LEU E 111 28.89 -36.33 28.65
C LEU E 111 27.65 -35.67 29.24
N PRO E 112 26.46 -35.97 28.71
CA PRO E 112 25.25 -35.33 29.23
C PRO E 112 24.72 -35.94 30.53
N GLU E 113 24.21 -35.09 31.41
CA GLU E 113 23.44 -35.51 32.56
C GLU E 113 22.07 -36.01 32.13
N LYS E 114 21.45 -35.28 31.20
CA LYS E 114 20.14 -35.64 30.64
C LYS E 114 19.94 -35.00 29.26
N TYR E 115 18.86 -35.40 28.59
CA TYR E 115 18.44 -34.78 27.35
C TYR E 115 17.13 -34.04 27.55
N LEU E 116 17.10 -32.77 27.16
CA LEU E 116 15.87 -32.00 27.31
C LEU E 116 15.30 -31.58 25.99
N ASP E 117 13.98 -31.75 25.83
CA ASP E 117 13.24 -31.22 24.70
C ASP E 117 13.47 -29.72 24.62
N ILE E 118 13.90 -29.24 23.47
CA ILE E 118 14.23 -27.81 23.37
C ILE E 118 13.08 -26.81 23.37
N ASN E 119 11.84 -27.27 23.27
CA ASN E 119 10.69 -26.38 23.42
C ASN E 119 10.51 -25.99 24.88
N GLY E 120 11.12 -26.78 25.75
CA GLY E 120 11.09 -26.54 27.19
C GLY E 120 9.68 -26.70 27.68
N GLU E 121 9.43 -26.23 28.87
CA GLU E 121 8.09 -26.32 29.41
C GLU E 121 7.65 -25.00 29.93
N VAL E 122 6.35 -24.79 29.93
CA VAL E 122 5.78 -23.56 30.40
C VAL E 122 5.71 -23.55 31.94
N ILE E 123 6.21 -22.47 32.53
CA ILE E 123 6.11 -22.25 33.97
C ILE E 123 4.69 -21.91 34.38
N ASN E 124 4.19 -22.61 35.39
CA ASN E 124 2.88 -22.38 35.90
C ASN E 124 2.89 -20.96 36.44
N PRO E 125 1.96 -20.13 35.97
CA PRO E 125 1.98 -18.73 36.35
C PRO E 125 1.91 -18.56 37.86
N ILE E 126 1.28 -19.50 38.55
CA ILE E 126 1.25 -19.45 39.99
C ILE E 126 2.60 -19.84 40.61
N ALA E 127 3.39 -20.65 39.91
CA ALA E 127 4.72 -21.05 40.38
C ALA E 127 5.78 -20.01 40.02
N ARG E 128 5.41 -19.13 39.10
CA ARG E 128 6.30 -18.09 38.66
C ARG E 128 6.59 -17.10 39.76
N ASP E 129 7.83 -16.62 39.79
CA ASP E 129 8.30 -15.68 40.79
C ASP E 129 8.60 -14.40 40.03
N TYR E 130 8.10 -13.28 40.53
CA TYR E 130 8.31 -12.00 39.88
C TYR E 130 9.80 -11.67 39.84
N PRO E 131 10.27 -11.05 38.74
CA PRO E 131 11.69 -10.68 38.67
C PRO E 131 12.05 -9.70 39.79
N ASP E 132 13.20 -9.93 40.38
CA ASP E 132 13.63 -9.18 41.53
C ASP E 132 15.14 -9.14 41.41
N GLU E 133 15.72 -8.07 41.96
CA GLU E 133 17.15 -7.97 42.14
C GLU E 133 17.87 -7.47 40.90
N PHE E 134 19.08 -7.02 41.13
CA PHE E 134 19.87 -6.20 40.23
C PHE E 134 20.93 -6.98 39.46
N ILE E 135 20.96 -6.79 38.14
CA ILE E 135 22.13 -7.18 37.37
C ILE E 135 22.86 -5.90 36.98
N GLN E 136 24.13 -5.83 37.38
CA GLN E 136 24.99 -4.74 36.95
C GLN E 136 25.58 -5.06 35.59
N THR E 137 25.10 -4.38 34.56
CA THR E 137 25.62 -4.56 33.20
C THR E 137 26.98 -3.91 33.12
N GLY E 138 27.12 -2.83 33.89
CA GLY E 138 28.29 -2.02 33.87
C GLY E 138 28.14 -0.88 32.89
N ILE E 139 27.00 -0.84 32.20
CA ILE E 139 26.68 0.32 31.37
C ILE E 139 25.73 1.23 32.15
N SER E 140 26.11 2.49 32.27
CA SER E 140 25.36 3.48 33.03
C SER E 140 23.95 3.75 32.57
N ALA E 141 23.74 3.92 31.28
CA ALA E 141 22.41 4.28 30.80
C ALA E 141 21.43 3.12 30.96
N ILE E 142 21.92 1.88 30.96
CA ILE E 142 21.09 0.75 31.30
C ILE E 142 20.87 0.69 32.81
N ASP E 143 21.96 0.51 33.56
CA ASP E 143 21.89 0.26 35.00
C ASP E 143 21.14 1.29 35.84
N HIS E 144 21.39 2.56 35.56
CA HIS E 144 20.74 3.60 36.32
C HIS E 144 19.32 3.91 35.80
N LEU E 145 19.17 4.19 34.51
CA LEU E 145 17.85 4.62 34.05
C LEU E 145 16.93 3.52 33.52
N ASN E 146 17.50 2.40 33.11
CA ASN E 146 16.72 1.36 32.49
C ASN E 146 17.14 0.05 33.04
N THR E 147 17.13 -0.07 34.36
CA THR E 147 17.79 -1.16 35.06
C THR E 147 17.33 -2.55 34.66
N LEU E 148 18.29 -3.46 34.51
CA LEU E 148 17.99 -4.86 34.23
C LEU E 148 17.78 -5.60 35.52
N VAL E 149 16.72 -6.36 35.57
CA VAL E 149 16.32 -7.05 36.79
C VAL E 149 16.42 -8.55 36.52
N ARG E 150 16.79 -9.32 37.53
CA ARG E 150 16.98 -10.75 37.33
C ARG E 150 15.68 -11.44 37.00
N GLY E 151 15.63 -12.04 35.81
CA GLY E 151 14.42 -12.67 35.33
C GLY E 151 13.67 -11.87 34.28
N GLN E 152 14.15 -10.66 34.01
CA GLN E 152 13.49 -9.79 33.07
C GLN E 152 13.88 -10.09 31.62
N LYS E 153 13.02 -9.68 30.69
CA LYS E 153 13.38 -9.66 29.28
C LYS E 153 13.53 -8.20 28.83
N LEU E 154 14.77 -7.81 28.57
CA LEU E 154 15.04 -6.45 28.14
C LEU E 154 15.84 -6.41 26.81
N PRO E 155 15.15 -6.15 25.69
CA PRO E 155 15.78 -6.12 24.36
C PRO E 155 16.63 -4.87 24.03
N VAL E 156 17.51 -5.02 23.05
CA VAL E 156 18.15 -3.86 22.44
C VAL E 156 17.61 -3.71 21.03
N PHE E 157 17.12 -2.53 20.72
CA PHE E 157 16.66 -2.23 19.36
C PHE E 157 17.71 -1.37 18.72
N SER E 158 18.26 -1.87 17.63
CA SER E 158 19.38 -1.24 16.94
C SER E 158 19.05 -1.00 15.48
N GLY E 159 20.09 -0.94 14.65
CA GLY E 159 19.97 -0.81 13.19
C GLY E 159 21.26 -1.18 12.46
N SER E 160 21.22 -1.11 11.14
CA SER E 160 22.36 -1.46 10.32
C SER E 160 23.51 -0.50 10.56
N GLY E 161 24.69 -1.05 10.81
CA GLY E 161 25.85 -0.22 11.06
C GLY E 161 25.87 0.42 12.43
N LEU E 162 24.94 0.07 13.31
CA LEU E 162 25.00 0.59 14.67
C LEU E 162 25.82 -0.38 15.49
N PRO E 163 26.33 0.05 16.64
CA PRO E 163 27.25 -0.85 17.32
C PRO E 163 26.62 -1.82 18.32
N HIS E 164 25.60 -2.54 17.90
CA HIS E 164 24.96 -3.53 18.79
C HIS E 164 25.85 -4.72 19.14
N LYS E 165 26.77 -5.07 18.27
CA LYS E 165 27.69 -6.14 18.58
C LYS E 165 28.66 -5.75 19.68
N GLU E 166 29.12 -4.50 19.63
CA GLU E 166 30.05 -3.96 20.62
C GLU E 166 29.39 -3.90 21.99
N LEU E 167 28.14 -3.47 22.00
CA LEU E 167 27.38 -3.41 23.23
C LEU E 167 27.06 -4.81 23.74
N ALA E 168 26.72 -5.71 22.83
CA ALA E 168 26.45 -7.12 23.18
C ALA E 168 27.65 -7.73 23.86
N ALA E 169 28.84 -7.46 23.30
CA ALA E 169 30.10 -7.96 23.83
C ALA E 169 30.42 -7.33 25.17
N GLN E 170 30.21 -6.03 25.27
CA GLN E 170 30.45 -5.33 26.52
C GLN E 170 29.61 -5.87 27.70
N ILE E 171 28.28 -5.92 27.55
CA ILE E 171 27.44 -6.51 28.59
C ILE E 171 27.86 -7.94 28.91
N ALA E 172 28.14 -8.74 27.89
CA ALA E 172 28.50 -10.14 28.09
C ALA E 172 29.68 -10.34 29.05
N ARG E 173 30.71 -9.50 28.88
CA ARG E 173 31.89 -9.55 29.73
C ARG E 173 31.77 -8.76 31.03
N GLN E 174 30.99 -7.69 31.03
CA GLN E 174 30.88 -6.83 32.20
C GLN E 174 29.82 -7.27 33.19
N ALA E 175 28.74 -7.85 32.69
CA ALA E 175 27.59 -8.17 33.52
C ALA E 175 27.97 -9.04 34.70
N THR E 176 27.43 -8.70 35.87
CA THR E 176 27.70 -9.44 37.07
C THR E 176 26.56 -9.24 38.07
N VAL E 177 26.53 -10.05 39.12
CA VAL E 177 25.65 -9.83 40.24
C VAL E 177 26.53 -9.44 41.40
N LEU E 178 26.07 -8.51 42.23
CA LEU E 178 26.87 -8.03 43.32
C LEU E 178 26.75 -8.96 44.50
N ASP E 179 27.82 -9.04 45.27
CA ASP E 179 27.81 -9.76 46.53
C ASP E 179 27.65 -11.28 46.41
N SER E 180 27.80 -11.84 45.20
CA SER E 180 27.81 -13.29 45.08
C SER E 180 28.58 -13.89 43.88
N SER E 181 29.43 -14.86 44.20
CA SER E 181 30.23 -15.53 43.19
C SER E 181 30.61 -16.92 43.66
N ASP E 182 30.86 -17.82 42.71
CA ASP E 182 30.52 -17.57 41.30
C ASP E 182 29.40 -18.51 40.86
N ASP E 183 28.23 -17.90 40.67
CA ASP E 183 26.99 -18.60 40.36
C ASP E 183 26.29 -17.80 39.28
N PHE E 184 27.10 -17.15 38.43
CA PHE E 184 26.65 -16.33 37.33
C PHE E 184 27.19 -16.85 36.01
N ALA E 185 26.30 -17.11 35.07
CA ALA E 185 26.66 -17.58 33.74
C ALA E 185 26.07 -16.66 32.71
N VAL E 186 26.66 -16.67 31.53
CA VAL E 186 26.16 -15.97 30.37
C VAL E 186 25.99 -16.99 29.27
N VAL E 187 24.83 -17.02 28.62
CA VAL E 187 24.64 -17.88 27.47
C VAL E 187 24.48 -17.01 26.23
N PHE E 188 25.39 -17.17 25.28
CA PHE E 188 25.41 -16.31 24.12
C PHE E 188 24.90 -17.04 22.88
N ALA E 189 23.87 -16.49 22.25
CA ALA E 189 23.36 -17.07 21.00
C ALA E 189 23.53 -16.11 19.84
N ALA E 190 24.20 -16.58 18.80
CA ALA E 190 24.39 -15.82 17.58
C ALA E 190 23.53 -16.43 16.52
N ILE E 191 22.67 -15.61 15.90
CA ILE E 191 21.69 -16.11 14.95
C ILE E 191 21.84 -15.48 13.57
N GLY E 192 22.27 -16.30 12.58
CA GLY E 192 22.36 -15.89 11.18
C GLY E 192 23.37 -14.79 10.89
N ILE E 193 24.44 -14.78 11.67
CA ILE E 193 25.44 -13.76 11.56
C ILE E 193 26.62 -14.24 10.71
N THR E 194 27.37 -13.30 10.16
CA THR E 194 28.45 -13.67 9.27
C THR E 194 29.62 -14.17 10.07
N PHE E 195 30.46 -14.94 9.39
CA PHE E 195 31.67 -15.47 9.96
C PHE E 195 32.51 -14.41 10.67
N GLU E 196 32.59 -13.21 10.11
CA GLU E 196 33.40 -12.15 10.69
C GLU E 196 32.81 -11.59 11.98
N GLU E 197 31.47 -11.44 12.01
CA GLU E 197 30.76 -11.08 13.25
C GLU E 197 30.98 -12.17 14.28
N ALA E 198 30.85 -13.42 13.85
CA ALA E 198 31.02 -14.57 14.73
C ALA E 198 32.41 -14.66 15.29
N GLU E 199 33.40 -14.23 14.51
CA GLU E 199 34.78 -14.25 14.96
C GLU E 199 35.07 -13.15 15.93
N PHE E 200 34.47 -11.99 15.70
CA PHE E 200 34.64 -10.88 16.61
C PHE E 200 34.17 -11.30 18.01
N PHE E 201 32.95 -11.81 18.08
CA PHE E 201 32.40 -12.27 19.35
C PHE E 201 33.32 -13.33 20.00
N MET E 202 33.68 -14.37 19.26
CA MET E 202 34.46 -15.46 19.81
C MET E 202 35.84 -15.06 20.24
N GLU E 203 36.51 -14.24 19.45
CA GLU E 203 37.82 -13.69 19.81
C GLU E 203 37.75 -12.90 21.10
N ASP E 204 36.68 -12.10 21.25
CA ASP E 204 36.49 -11.24 22.41
C ASP E 204 36.27 -12.00 23.70
N PHE E 205 35.44 -13.03 23.64
CA PHE E 205 35.16 -13.86 24.79
C PHE E 205 36.41 -14.52 25.31
N ARG E 206 37.22 -15.04 24.40
CA ARG E 206 38.50 -15.67 24.68
C ARG E 206 39.51 -14.72 25.29
N GLN E 207 39.70 -13.57 24.64
CA GLN E 207 40.72 -12.61 25.06
C GLN E 207 40.43 -12.00 26.43
N THR E 208 39.17 -11.64 26.70
CA THR E 208 38.80 -11.06 27.99
C THR E 208 38.61 -12.09 29.11
N GLY E 209 38.55 -13.37 28.76
CA GLY E 209 38.32 -14.43 29.74
C GLY E 209 36.85 -14.66 30.03
N ALA E 210 35.97 -13.92 29.34
CA ALA E 210 34.53 -14.09 29.50
C ALA E 210 34.05 -15.51 29.26
N ILE E 211 34.62 -16.16 28.24
CA ILE E 211 34.24 -17.51 27.82
C ILE E 211 34.28 -18.54 28.96
N ASP E 212 35.10 -18.26 29.97
CA ASP E 212 35.22 -19.10 31.14
C ASP E 212 33.93 -19.20 31.90
N ARG E 213 33.05 -18.20 31.78
CA ARG E 213 31.75 -18.24 32.46
C ARG E 213 30.57 -18.32 31.48
N SER E 214 30.84 -18.64 30.22
CA SER E 214 29.79 -18.62 29.20
C SER E 214 29.60 -19.93 28.47
N VAL E 215 28.44 -20.03 27.82
CA VAL E 215 28.18 -21.03 26.80
C VAL E 215 27.86 -20.26 25.52
N MET E 216 28.38 -20.73 24.39
CA MET E 216 28.17 -20.07 23.12
C MET E 216 27.51 -21.01 22.14
N PHE E 217 26.46 -20.52 21.49
CA PHE E 217 25.77 -21.23 20.43
C PHE E 217 25.82 -20.38 19.17
N MET E 218 26.63 -20.77 18.20
CA MET E 218 26.89 -19.91 17.06
C MET E 218 26.26 -20.47 15.82
N ASN E 219 25.32 -19.71 15.27
CA ASN E 219 24.69 -20.05 14.01
C ASN E 219 24.98 -18.98 12.97
N LEU E 220 25.41 -19.38 11.78
CA LEU E 220 25.87 -18.42 10.81
C LEU E 220 24.85 -18.14 9.75
N ALA E 221 25.10 -17.10 8.97
CA ALA E 221 24.16 -16.70 7.95
C ALA E 221 23.93 -17.78 6.92
N ASN E 222 24.92 -18.63 6.68
CA ASN E 222 24.77 -19.62 5.61
C ASN E 222 24.47 -21.04 6.10
N ASP E 223 24.29 -21.19 7.40
CA ASP E 223 23.65 -22.36 7.99
C ASP E 223 22.17 -22.43 7.54
N PRO E 224 21.59 -23.65 7.49
CA PRO E 224 20.20 -23.80 7.04
C PRO E 224 19.25 -23.00 7.88
N ALA E 225 18.14 -22.61 7.29
CA ALA E 225 17.15 -21.80 7.99
C ALA E 225 16.61 -22.47 9.25
N ILE E 226 16.22 -23.74 9.16
CA ILE E 226 15.62 -24.43 10.29
C ILE E 226 16.55 -24.44 11.49
N GLU E 227 17.85 -24.59 11.23
CA GLU E 227 18.87 -24.58 12.27
C GLU E 227 18.90 -23.26 13.00
N ARG E 228 18.60 -22.18 12.27
CA ARG E 228 18.58 -20.84 12.80
C ARG E 228 17.51 -20.62 13.83
N ILE E 229 16.36 -21.21 13.59
CA ILE E 229 15.28 -21.05 14.55
C ILE E 229 15.43 -22.04 15.69
N ALA E 230 16.20 -23.10 15.43
CA ALA E 230 16.59 -24.03 16.47
C ALA E 230 17.51 -23.39 17.50
N THR E 231 18.37 -22.50 17.03
CA THR E 231 19.44 -21.91 17.84
C THR E 231 19.03 -21.26 19.18
N PRO E 232 18.07 -20.33 19.18
CA PRO E 232 17.75 -19.72 20.46
C PRO E 232 17.14 -20.73 21.44
N ARG E 233 16.40 -21.70 20.92
CA ARG E 233 15.77 -22.71 21.75
C ARG E 233 16.82 -23.58 22.41
N MET E 234 17.85 -23.92 21.63
CA MET E 234 18.99 -24.69 22.16
C MET E 234 19.65 -23.90 23.29
N ALA E 235 19.84 -22.61 23.09
CA ALA E 235 20.42 -21.74 24.12
C ALA E 235 19.55 -21.57 25.37
N LEU E 236 18.26 -21.35 25.18
CA LEU E 236 17.36 -21.24 26.32
C LEU E 236 17.27 -22.53 27.12
N THR E 237 17.41 -23.68 26.46
CA THR E 237 17.35 -24.96 27.15
C THR E 237 18.57 -25.13 28.04
N ALA E 238 19.73 -24.79 27.50
CA ALA E 238 20.95 -24.89 28.26
C ALA E 238 20.83 -23.95 29.46
N ALA E 239 20.21 -22.80 29.23
CA ALA E 239 20.04 -21.75 30.25
C ALA E 239 19.18 -22.23 31.39
N GLU E 240 18.05 -22.85 31.06
CA GLU E 240 17.09 -23.27 32.07
C GLU E 240 17.71 -24.33 32.94
N TYR E 241 18.49 -25.20 32.32
CA TYR E 241 19.20 -26.23 33.02
C TYR E 241 20.15 -25.66 34.07
N LEU E 242 20.98 -24.73 33.63
CA LEU E 242 21.94 -24.08 34.50
C LEU E 242 21.24 -23.32 35.60
N ALA E 243 20.14 -22.65 35.29
CA ALA E 243 19.44 -21.84 36.27
C ALA E 243 18.63 -22.68 37.26
N TYR E 244 17.82 -23.59 36.76
CA TYR E 244 16.89 -24.24 37.65
C TYR E 244 17.49 -25.48 38.27
N GLU E 245 18.31 -26.20 37.52
CA GLU E 245 18.87 -27.43 38.08
C GLU E 245 20.12 -27.17 38.86
N LYS E 246 20.96 -26.24 38.40
CA LYS E 246 22.24 -25.95 39.06
C LYS E 246 22.21 -24.65 39.83
N GLY E 247 21.06 -23.99 39.83
CA GLY E 247 20.85 -22.83 40.66
C GLY E 247 21.67 -21.61 40.32
N MET E 248 21.85 -21.34 39.02
CA MET E 248 22.65 -20.19 38.59
C MET E 248 21.78 -18.99 38.25
N HIS E 249 22.35 -17.80 38.29
CA HIS E 249 21.72 -16.67 37.64
C HIS E 249 22.30 -16.58 36.24
N VAL E 250 21.44 -16.71 35.23
CA VAL E 250 21.92 -16.82 33.88
C VAL E 250 21.48 -15.67 33.00
N LEU E 251 22.42 -15.13 32.23
CA LEU E 251 22.11 -14.08 31.30
C LEU E 251 22.20 -14.62 29.89
N VAL E 252 21.11 -14.48 29.16
CA VAL E 252 21.03 -14.98 27.81
C VAL E 252 20.92 -13.83 26.83
N ILE E 253 21.97 -13.67 26.04
CA ILE E 253 22.04 -12.63 25.03
C ILE E 253 21.90 -13.28 23.66
N MET E 254 20.92 -12.80 22.89
CA MET E 254 20.68 -13.35 21.56
C MET E 254 20.71 -12.27 20.50
N THR E 255 21.43 -12.54 19.42
CA THR E 255 21.55 -11.58 18.31
C THR E 255 21.77 -12.36 17.02
N ASP E 256 21.22 -11.92 15.90
CA ASP E 256 20.33 -10.78 15.76
C ASP E 256 18.94 -11.38 15.51
N MET E 257 17.95 -10.96 16.29
CA MET E 257 16.63 -11.56 16.22
C MET E 257 15.87 -11.22 14.94
N THR E 258 16.35 -10.24 14.19
CA THR E 258 15.75 -9.95 12.88
C THR E 258 16.03 -11.12 11.97
N ASN E 259 17.28 -11.60 12.00
CA ASN E 259 17.71 -12.79 11.27
C ASN E 259 16.87 -14.00 11.58
N TYR E 260 16.48 -14.11 12.85
CA TYR E 260 15.61 -15.17 13.32
C TYR E 260 14.28 -15.12 12.57
N ALA E 261 13.65 -13.95 12.59
CA ALA E 261 12.37 -13.72 11.93
C ALA E 261 12.40 -14.03 10.45
N GLU E 262 13.40 -13.51 9.73
CA GLU E 262 13.57 -13.80 8.30
C GLU E 262 13.59 -15.29 8.04
N ALA E 263 14.28 -16.05 8.88
CA ALA E 263 14.34 -17.48 8.70
C ALA E 263 12.96 -18.11 8.95
N LEU E 264 12.24 -17.57 9.92
CA LEU E 264 10.88 -18.02 10.21
C LEU E 264 9.99 -17.71 9.03
N ARG E 265 10.20 -16.54 8.46
CA ARG E 265 9.45 -16.12 7.30
C ARG E 265 9.78 -16.98 6.08
N GLU E 266 11.04 -17.40 5.99
CA GLU E 266 11.48 -18.23 4.89
C GLU E 266 10.84 -19.60 4.94
N ILE E 267 10.71 -20.15 6.14
CA ILE E 267 10.13 -21.47 6.37
C ILE E 267 8.63 -21.44 6.08
N SER E 268 8.00 -20.31 6.42
CA SER E 268 6.57 -20.09 6.33
C SER E 268 6.13 -20.02 4.88
N ALA E 269 6.84 -19.21 4.10
CA ALA E 269 6.61 -19.05 2.66
C ALA E 269 6.85 -20.35 1.88
N ALA E 270 7.83 -21.14 2.29
CA ALA E 270 8.13 -22.41 1.64
C ALA E 270 6.97 -23.38 1.78
N ARG E 271 6.21 -23.27 2.86
CA ARG E 271 5.00 -24.08 3.04
C ARG E 271 3.79 -23.40 2.44
N ARG E 272 3.99 -22.22 1.86
CA ARG E 272 2.89 -21.41 1.34
C ARG E 272 1.81 -21.25 2.37
N GLU E 273 2.17 -20.80 3.56
CA GLU E 273 1.19 -20.46 4.59
C GLU E 273 0.69 -19.04 4.33
N VAL E 274 -0.43 -18.68 4.95
CA VAL E 274 -0.98 -17.34 4.78
C VAL E 274 -0.09 -16.37 5.56
N PRO E 275 0.42 -15.31 4.90
CA PRO E 275 1.37 -14.41 5.55
C PRO E 275 0.72 -13.27 6.34
N GLY E 276 1.38 -12.82 7.39
CA GLY E 276 0.86 -11.76 8.25
C GLY E 276 1.29 -10.42 7.72
N ARG E 277 1.31 -9.40 8.57
CA ARG E 277 1.79 -8.10 8.14
C ARG E 277 3.22 -8.23 7.63
N ARG E 278 3.47 -7.63 6.46
CA ARG E 278 4.81 -7.62 5.82
C ARG E 278 5.40 -8.97 5.45
N GLY E 279 4.56 -10.00 5.38
CA GLY E 279 4.99 -11.31 4.92
C GLY E 279 5.54 -12.24 5.97
N TYR E 280 5.55 -11.77 7.21
CA TYR E 280 5.98 -12.62 8.32
C TYR E 280 4.85 -13.50 8.74
N PRO E 281 5.15 -14.62 9.40
CA PRO E 281 4.10 -15.57 9.71
C PRO E 281 3.04 -14.92 10.54
N GLY E 282 1.82 -15.43 10.44
CA GLY E 282 0.74 -14.95 11.28
C GLY E 282 1.03 -15.20 12.75
N TYR E 283 1.85 -16.20 13.01
CA TYR E 283 2.15 -16.65 14.37
C TYR E 283 3.48 -16.13 14.87
N LEU E 284 3.99 -15.09 14.21
CA LEU E 284 5.27 -14.53 14.62
C LEU E 284 5.25 -14.14 16.10
N TYR E 285 4.19 -13.46 16.51
CA TYR E 285 4.03 -13.06 17.90
C TYR E 285 4.16 -14.26 18.82
N THR E 286 3.33 -15.29 18.60
CA THR E 286 3.39 -16.46 19.46
C THR E 286 4.76 -17.12 19.45
N ASN E 287 5.33 -17.27 18.27
CA ASN E 287 6.61 -17.93 18.16
C ASN E 287 7.69 -17.22 18.97
N LEU E 288 7.73 -15.89 18.93
CA LEU E 288 8.73 -15.13 19.69
C LEU E 288 8.48 -15.23 21.19
N ALA E 289 7.21 -15.26 21.55
CA ALA E 289 6.76 -15.45 22.94
C ALA E 289 7.22 -16.78 23.51
N THR E 290 7.28 -17.80 22.68
CA THR E 290 7.72 -19.09 23.19
C THR E 290 9.19 -19.04 23.65
N LEU E 291 9.96 -18.10 23.08
CA LEU E 291 11.34 -17.86 23.50
C LEU E 291 11.40 -16.96 24.73
N PHE E 292 10.82 -15.77 24.57
CA PHE E 292 11.01 -14.71 25.56
C PHE E 292 10.35 -14.95 26.91
N GLU E 293 9.32 -15.80 26.95
CA GLU E 293 8.65 -16.16 28.20
C GLU E 293 9.40 -17.23 28.97
N ARG E 294 10.47 -17.78 28.38
CA ARG E 294 11.34 -18.71 29.12
C ARG E 294 12.20 -17.96 30.14
N ALA E 295 12.17 -16.63 30.09
CA ALA E 295 12.86 -15.79 31.07
C ALA E 295 12.08 -15.79 32.39
N GLY E 296 12.79 -15.80 33.52
CA GLY E 296 12.11 -15.65 34.79
C GLY E 296 12.76 -16.22 36.03
N ARG E 297 11.99 -16.19 37.11
CA ARG E 297 12.37 -16.83 38.35
C ARG E 297 11.20 -17.73 38.68
N ILE E 298 11.44 -18.75 39.48
CA ILE E 298 10.40 -19.65 39.94
C ILE E 298 10.41 -19.65 41.45
N ARG E 299 9.24 -19.64 42.07
CA ARG E 299 9.15 -19.66 43.54
C ARG E 299 9.73 -20.91 44.14
N GLY E 300 10.71 -20.75 45.00
CA GLY E 300 11.28 -21.87 45.70
C GLY E 300 12.44 -22.48 44.97
N LEU E 301 12.88 -21.86 43.88
CA LEU E 301 14.07 -22.31 43.21
C LEU E 301 15.09 -21.20 43.19
N LYS E 302 16.33 -21.53 43.49
CA LYS E 302 17.40 -20.57 43.34
C LYS E 302 17.68 -20.38 41.84
N GLY E 303 17.94 -19.16 41.42
CA GLY E 303 18.34 -18.95 40.05
C GLY E 303 17.34 -18.21 39.20
N SER E 304 17.80 -17.71 38.07
CA SER E 304 16.93 -16.99 37.21
C SER E 304 17.46 -17.09 35.82
N VAL E 305 16.58 -16.88 34.85
CA VAL E 305 16.96 -16.74 33.47
C VAL E 305 16.62 -15.31 33.08
N THR E 306 17.64 -14.58 32.64
CA THR E 306 17.44 -13.21 32.18
C THR E 306 17.80 -13.15 30.71
N GLN E 307 17.02 -12.43 29.91
CA GLN E 307 17.24 -12.33 28.48
C GLN E 307 17.48 -10.92 27.93
N ILE E 308 18.48 -10.79 27.06
CA ILE E 308 18.66 -9.59 26.25
C ILE E 308 18.66 -9.97 24.79
N PRO E 309 17.50 -9.89 24.15
CA PRO E 309 17.40 -10.07 22.70
C PRO E 309 17.88 -8.81 22.03
N ILE E 310 18.63 -8.95 20.96
CA ILE E 310 19.13 -7.80 20.22
C ILE E 310 18.62 -7.94 18.82
N LEU E 311 18.11 -6.85 18.27
CA LEU E 311 17.63 -6.91 16.92
C LEU E 311 17.96 -5.60 16.21
N THR E 312 17.97 -5.64 14.89
CA THR E 312 18.06 -4.42 14.09
C THR E 312 16.67 -4.10 13.54
N MET E 313 16.24 -2.86 13.67
CA MET E 313 14.93 -2.48 13.12
C MET E 313 15.06 -2.13 11.63
N PRO E 314 14.32 -2.85 10.75
CA PRO E 314 14.48 -2.59 9.32
C PRO E 314 14.07 -1.19 8.93
N GLU E 315 14.94 -0.51 8.19
CA GLU E 315 14.74 0.88 7.75
C GLU E 315 14.50 1.80 8.93
N ASP E 316 14.99 1.37 10.09
CA ASP E 316 14.98 2.13 11.34
C ASP E 316 13.59 2.28 11.93
N ASP E 317 12.68 1.44 11.47
CA ASP E 317 11.27 1.59 11.75
C ASP E 317 10.82 0.69 12.89
N LYS E 318 10.43 1.30 14.00
CA LYS E 318 10.01 0.59 15.20
C LYS E 318 8.62 -0.07 15.08
N THR E 319 7.89 0.30 14.01
CA THR E 319 6.55 -0.22 13.76
C THR E 319 6.62 -1.52 12.96
N HIS E 320 7.81 -1.85 12.49
CA HIS E 320 8.02 -3.11 11.79
C HIS E 320 7.65 -4.28 12.70
N PRO E 321 7.10 -5.34 12.13
CA PRO E 321 6.67 -6.49 12.92
C PRO E 321 7.74 -7.04 13.87
N ILE E 322 9.02 -7.02 13.52
CA ILE E 322 10.04 -7.57 14.42
C ILE E 322 10.24 -6.80 15.72
N PRO E 323 10.59 -5.50 15.65
CA PRO E 323 10.64 -4.68 16.87
C PRO E 323 9.26 -4.50 17.51
N ASP E 324 8.21 -4.38 16.70
CA ASP E 324 6.90 -4.13 17.24
C ASP E 324 6.37 -5.32 18.03
N LEU E 325 6.46 -6.51 17.47
CA LEU E 325 6.04 -7.69 18.22
C LEU E 325 6.96 -8.00 19.39
N THR E 326 8.25 -7.78 19.25
CA THR E 326 9.18 -8.03 20.33
C THR E 326 8.89 -7.08 21.48
N GLY E 327 8.45 -5.86 21.16
CA GLY E 327 8.12 -4.83 22.14
C GLY E 327 6.84 -5.15 22.89
N TYR E 328 5.98 -5.91 22.23
CA TYR E 328 4.72 -6.39 22.80
C TYR E 328 4.90 -7.61 23.68
N ILE E 329 6.08 -8.23 23.62
CA ILE E 329 6.37 -9.35 24.47
C ILE E 329 7.29 -8.97 25.62
N THR E 330 8.32 -8.18 25.34
CA THR E 330 9.33 -7.88 26.36
C THR E 330 8.93 -6.80 27.38
N GLU E 331 9.83 -6.53 28.32
CA GLU E 331 9.47 -5.69 29.47
C GLU E 331 10.27 -4.42 29.49
N GLY E 332 10.21 -3.69 28.37
CA GLY E 332 11.01 -2.53 28.19
C GLY E 332 11.76 -2.67 26.90
N GLN E 333 12.65 -1.73 26.62
CA GLN E 333 13.50 -1.77 25.46
C GLN E 333 14.59 -0.72 25.59
N ILE E 334 15.77 -1.06 25.08
CA ILE E 334 16.90 -0.15 25.00
C ILE E 334 17.06 0.23 23.51
N ILE E 335 17.09 1.52 23.22
CA ILE E 335 17.12 1.97 21.85
C ILE E 335 18.45 2.63 21.48
N LEU E 336 19.09 2.13 20.42
CA LEU E 336 20.28 2.75 19.88
C LEU E 336 19.86 3.63 18.72
N THR E 337 20.35 4.87 18.68
CA THR E 337 19.96 5.76 17.57
C THR E 337 21.13 6.27 16.74
N ARG E 338 20.86 6.57 15.47
CA ARG E 338 21.84 7.14 14.53
C ARG E 338 22.36 8.49 15.00
N GLU E 339 21.44 9.33 15.47
CA GLU E 339 21.77 10.68 15.89
C GLU E 339 22.89 10.58 16.89
N LEU E 340 22.70 9.73 17.89
CA LEU E 340 23.70 9.53 18.91
C LEU E 340 24.97 8.86 18.37
N TYR E 341 24.82 7.93 17.45
CA TYR E 341 25.99 7.25 16.95
C TYR E 341 26.93 8.19 16.20
N LYS E 342 26.38 9.08 15.39
CA LYS E 342 27.17 10.05 14.63
C LYS E 342 27.87 11.02 15.55
N SER E 343 27.43 11.05 16.81
CA SER E 343 28.01 11.93 17.78
C SER E 343 29.15 11.30 18.56
N GLY E 344 29.46 10.05 18.26
CA GLY E 344 30.53 9.33 18.97
C GLY E 344 30.16 8.98 20.40
N ILE E 345 28.86 8.85 20.67
CA ILE E 345 28.36 8.44 21.98
C ILE E 345 28.40 6.93 22.02
N GLN E 346 29.20 6.39 22.93
CA GLN E 346 29.29 4.94 23.04
C GLN E 346 28.92 4.51 24.45
N PRO E 347 27.83 3.77 24.61
CA PRO E 347 26.91 3.30 23.59
C PRO E 347 25.84 4.33 23.23
N PRO E 348 25.36 4.28 21.98
CA PRO E 348 24.48 5.33 21.52
C PRO E 348 23.07 5.11 22.00
N ILE E 349 22.91 4.93 23.30
CA ILE E 349 21.60 4.68 23.89
C ILE E 349 20.81 5.97 24.06
N ASP E 350 19.59 5.97 23.53
CA ASP E 350 18.69 7.08 23.71
C ASP E 350 17.69 6.75 24.81
N VAL E 351 17.87 7.39 25.97
CA VAL E 351 17.07 7.05 27.14
C VAL E 351 15.60 7.45 27.07
N LEU E 352 15.23 8.25 26.08
CA LEU E 352 13.83 8.70 25.99
C LEU E 352 12.86 7.64 25.49
N PRO E 353 13.13 7.04 24.31
CA PRO E 353 12.32 5.90 23.84
C PRO E 353 12.56 4.65 24.69
N SER E 354 13.69 4.59 25.39
CA SER E 354 14.05 3.44 26.21
C SER E 354 13.30 3.36 27.53
N LEU E 355 13.07 2.14 28.02
CA LEU E 355 12.36 1.95 29.26
C LEU E 355 12.63 0.58 29.77
N SER E 356 12.84 0.46 31.07
CA SER E 356 12.78 -0.84 31.71
C SER E 356 11.52 -0.87 32.56
N ARG E 357 10.64 -1.82 32.29
CA ARG E 357 9.35 -1.81 32.99
C ARG E 357 9.41 -2.29 34.40
N LEU E 358 10.41 -3.09 34.71
CA LEU E 358 10.43 -3.81 35.97
C LEU E 358 11.44 -3.23 36.92
N LYS E 359 12.02 -2.10 36.56
CA LYS E 359 13.22 -1.57 37.20
C LYS E 359 13.24 -1.46 38.74
N ASP E 360 12.11 -1.14 39.38
CA ASP E 360 12.16 -0.90 40.84
C ASP E 360 12.30 -2.15 41.68
N LYS E 361 12.10 -3.31 41.07
CA LYS E 361 12.36 -4.57 41.76
C LYS E 361 13.86 -4.85 41.85
N GLY E 362 14.66 -4.04 41.20
CA GLY E 362 16.09 -4.27 41.18
C GLY E 362 16.96 -3.12 41.61
N THR E 363 16.36 -2.14 42.30
CA THR E 363 17.07 -0.92 42.76
C THR E 363 16.66 -0.53 44.19
N GLY E 364 17.33 0.47 44.75
CA GLY E 364 17.09 0.89 46.11
C GLY E 364 18.08 0.38 47.15
N ALA E 365 17.87 0.77 48.39
CA ALA E 365 18.70 0.31 49.49
C ALA E 365 18.73 -1.23 49.50
N GLY E 366 19.92 -1.79 49.69
CA GLY E 366 20.12 -3.22 49.69
C GLY E 366 20.42 -3.79 48.33
N LYS E 367 20.17 -2.99 47.28
CA LYS E 367 20.23 -3.45 45.89
C LYS E 367 21.15 -2.63 45.02
N THR E 368 20.93 -1.33 44.99
CA THR E 368 21.89 -0.40 44.42
C THR E 368 22.21 0.60 45.51
N ARG E 369 21.44 1.65 45.62
CA ARG E 369 21.63 2.63 46.67
C ARG E 369 20.32 3.37 46.82
N GLU E 370 20.10 3.95 47.99
CA GLU E 370 18.85 4.60 48.32
C GLU E 370 18.52 5.79 47.40
N ASP E 371 19.54 6.43 46.84
CA ASP E 371 19.37 7.59 45.97
C ASP E 371 18.95 7.26 44.54
N HIS E 372 18.94 5.98 44.20
CA HIS E 372 18.79 5.51 42.82
C HIS E 372 17.55 6.01 42.10
N ALA E 373 16.37 5.74 42.64
CA ALA E 373 15.16 6.05 41.92
C ALA E 373 14.97 7.55 41.75
N ALA E 374 15.33 8.32 42.78
CA ALA E 374 15.16 9.76 42.75
C ALA E 374 16.10 10.42 41.75
N THR E 375 17.35 9.97 41.72
CA THR E 375 18.26 10.49 40.73
C THR E 375 17.79 10.16 39.31
N MET E 376 17.30 8.94 39.13
CA MET E 376 16.81 8.53 37.85
C MET E 376 15.66 9.42 37.38
N ASN E 377 14.66 9.62 38.22
CA ASN E 377 13.56 10.47 37.80
C ASN E 377 14.00 11.87 37.42
N GLN E 378 15.04 12.36 38.10
CA GLN E 378 15.53 13.71 37.95
C GLN E 378 16.40 13.91 36.76
N LEU E 379 17.33 12.98 36.53
CA LEU E 379 18.22 13.10 35.39
C LEU E 379 17.37 13.01 34.15
N PHE E 380 16.46 12.05 34.15
CA PHE E 380 15.57 11.90 33.02
C PHE E 380 14.81 13.17 32.69
N ALA E 381 14.23 13.80 33.70
CA ALA E 381 13.42 15.00 33.51
C ALA E 381 14.28 16.15 33.00
N ALA E 382 15.48 16.29 33.56
CA ALA E 382 16.39 17.33 33.13
C ALA E 382 16.80 17.15 31.66
N TYR E 383 17.21 15.92 31.33
CA TYR E 383 17.58 15.57 29.97
C TYR E 383 16.44 15.79 28.96
N ALA E 384 15.21 15.50 29.36
CA ALA E 384 14.07 15.72 28.49
C ALA E 384 13.86 17.21 28.26
N GLN E 385 14.04 17.99 29.31
CA GLN E 385 13.85 19.40 29.23
C GLN E 385 15.01 20.01 28.46
N GLY E 386 16.21 19.51 28.72
CA GLY E 386 17.41 19.93 27.98
C GLY E 386 17.27 19.70 26.49
N LYS E 387 16.86 18.50 26.12
CA LYS E 387 16.72 18.16 24.72
C LYS E 387 15.69 19.00 24.00
N GLN E 388 14.66 19.40 24.73
CA GLN E 388 13.58 20.19 24.20
C GLN E 388 14.06 21.60 23.95
N ALA E 389 15.01 22.05 24.76
CA ALA E 389 15.64 23.35 24.59
C ALA E 389 16.55 23.40 23.37
N LYS E 390 17.30 22.32 23.14
CA LYS E 390 18.15 22.21 21.95
C LYS E 390 17.29 22.29 20.71
N GLU E 391 16.19 21.54 20.74
CA GLU E 391 15.23 21.49 19.66
C GLU E 391 14.68 22.87 19.36
N LEU E 392 14.54 23.70 20.40
CA LEU E 392 14.08 25.06 20.24
C LEU E 392 15.12 25.97 19.63
N ALA E 393 16.37 25.83 20.05
CA ALA E 393 17.47 26.63 19.51
C ALA E 393 17.67 26.40 18.01
N VAL E 394 17.53 25.14 17.58
CA VAL E 394 17.71 24.79 16.17
C VAL E 394 16.62 25.46 15.34
N VAL E 395 15.36 25.27 15.74
CA VAL E 395 14.22 25.78 15.00
C VAL E 395 14.14 27.30 14.99
N LEU E 396 14.35 27.94 16.15
CA LEU E 396 14.16 29.39 16.26
C LEU E 396 15.36 30.22 16.72
N GLY E 397 16.50 29.59 16.95
CA GLY E 397 17.69 30.33 17.37
C GLY E 397 17.87 30.49 18.88
N GLU E 398 19.13 30.68 19.27
CA GLU E 398 19.57 30.91 20.66
C GLU E 398 18.65 31.81 21.48
N SER E 399 18.14 32.86 20.84
CA SER E 399 17.38 33.93 21.47
C SER E 399 16.05 33.51 22.09
N ALA E 400 15.46 32.43 21.57
CA ALA E 400 14.16 31.95 22.04
C ALA E 400 14.24 31.30 23.44
N LEU E 401 15.45 31.14 23.94
CA LEU E 401 15.68 30.43 25.20
C LEU E 401 15.91 31.36 26.39
N SER E 402 15.23 31.03 27.49
CA SER E 402 15.51 31.57 28.81
C SER E 402 16.92 31.15 29.25
N ASP E 403 17.56 31.95 30.09
CA ASP E 403 18.87 31.59 30.63
C ASP E 403 18.84 30.18 31.24
N ILE E 404 17.69 29.82 31.78
CA ILE E 404 17.46 28.52 32.43
C ILE E 404 17.43 27.41 31.38
N ASP E 405 16.77 27.68 30.26
CA ASP E 405 16.76 26.76 29.12
C ASP E 405 18.20 26.43 28.69
N LYS E 406 19.05 27.46 28.64
CA LYS E 406 20.45 27.28 28.23
C LYS E 406 21.17 26.35 29.17
N ILE E 407 20.95 26.53 30.46
CA ILE E 407 21.51 25.64 31.46
C ILE E 407 21.07 24.22 31.18
N TYR E 408 19.76 24.03 30.96
CA TYR E 408 19.22 22.71 30.69
C TYR E 408 19.77 22.12 29.41
N ALA E 409 19.85 22.95 28.37
CA ALA E 409 20.48 22.58 27.11
C ALA E 409 21.93 22.11 27.31
N LYS E 410 22.68 22.83 28.15
CA LYS E 410 24.03 22.41 28.49
C LYS E 410 24.02 21.13 29.32
N PHE E 411 22.95 20.94 30.10
CA PHE E 411 22.84 19.74 30.91
C PHE E 411 22.75 18.52 30.02
N ALA E 412 21.90 18.63 29.00
CA ALA E 412 21.61 17.56 28.07
C ALA E 412 22.87 17.09 27.35
N GLU E 413 23.74 18.05 27.07
CA GLU E 413 24.93 17.87 26.30
C GLU E 413 26.02 17.15 27.06
N ARG E 414 26.17 17.49 28.34
CA ARG E 414 27.08 16.78 29.23
C ARG E 414 26.55 15.39 29.57
N PHE E 415 25.24 15.29 29.73
CA PHE E 415 24.62 14.02 29.95
C PHE E 415 24.98 13.07 28.84
N GLU E 416 24.78 13.52 27.60
CA GLU E 416 25.12 12.72 26.42
C GLU E 416 26.62 12.39 26.36
N ASN E 417 27.45 13.42 26.51
CA ASN E 417 28.88 13.27 26.31
C ASN E 417 29.68 12.65 27.45
N GLU E 418 29.14 12.69 28.67
CA GLU E 418 29.93 12.30 29.85
C GLU E 418 29.29 11.18 30.64
N TYR E 419 27.98 11.05 30.54
CA TYR E 419 27.30 10.05 31.30
C TYR E 419 27.00 8.83 30.45
N VAL E 420 26.26 9.07 29.36
CA VAL E 420 25.90 8.01 28.44
C VAL E 420 27.14 7.48 27.71
N ASN E 421 27.97 8.40 27.24
CA ASN E 421 29.16 7.99 26.51
C ASN E 421 30.27 7.55 27.44
N GLN E 422 30.48 6.25 27.53
CA GLN E 422 31.46 5.73 28.46
C GLN E 422 32.56 4.93 27.77
N GLY E 423 32.33 4.59 26.51
CA GLY E 423 33.24 3.74 25.78
C GLY E 423 32.87 2.29 26.00
N PHE E 424 33.22 1.48 25.01
CA PHE E 424 32.77 0.12 24.94
C PHE E 424 33.72 -0.77 25.70
N TYR E 425 34.66 -0.18 26.43
CA TYR E 425 35.58 -0.98 27.20
C TYR E 425 35.70 -0.51 28.65
N THR E 426 34.78 0.35 29.05
CA THR E 426 34.81 0.94 30.37
C THR E 426 33.71 0.31 31.19
N ASN E 427 34.06 -0.33 32.30
CA ASN E 427 33.06 -0.86 33.19
C ASN E 427 32.79 0.12 34.32
N ARG E 428 31.53 0.49 34.50
CA ARG E 428 31.13 1.38 35.61
C ARG E 428 30.34 0.62 36.66
N THR E 429 30.85 0.59 37.90
CA THR E 429 30.11 0.00 39.00
C THR E 429 28.93 0.90 39.23
N ILE E 430 27.84 0.35 39.79
CA ILE E 430 26.65 1.13 40.07
C ILE E 430 26.94 2.36 40.96
N THR E 431 27.89 2.21 41.87
CA THR E 431 28.31 3.32 42.71
C THR E 431 28.96 4.45 41.89
N GLU E 432 29.83 4.10 40.96
CA GLU E 432 30.47 5.09 40.10
C GLU E 432 29.45 5.80 39.23
N THR E 433 28.43 5.05 38.81
CA THR E 433 27.37 5.57 37.97
C THR E 433 26.49 6.59 38.71
N LEU E 434 26.08 6.24 39.92
CA LEU E 434 25.17 7.08 40.68
C LEU E 434 25.83 8.38 41.06
N ASP E 435 27.11 8.28 41.44
CA ASP E 435 27.92 9.41 41.86
C ASP E 435 28.13 10.40 40.74
N LEU E 436 28.37 9.88 39.55
CA LEU E 436 28.42 10.68 38.34
C LEU E 436 27.07 11.33 38.05
N GLY E 437 25.99 10.66 38.42
CA GLY E 437 24.67 11.24 38.27
C GLY E 437 24.53 12.49 39.10
N TRP E 438 25.06 12.43 40.31
CA TRP E 438 25.03 13.54 41.24
C TRP E 438 25.82 14.73 40.75
N GLU E 439 26.95 14.47 40.11
CA GLU E 439 27.78 15.54 39.57
C GLU E 439 27.09 16.35 38.47
N LEU E 440 26.42 15.68 37.54
CA LEU E 440 25.66 16.37 36.52
C LEU E 440 24.48 17.10 37.13
N LEU E 441 23.95 16.60 38.22
CA LEU E 441 22.86 17.30 38.88
C LEU E 441 23.26 18.65 39.47
N ALA E 442 24.50 18.73 39.99
CA ALA E 442 25.10 19.96 40.55
C ALA E 442 25.12 21.12 39.59
N MET E 443 24.99 20.82 38.30
CA MET E 443 24.93 21.85 37.27
C MET E 443 23.71 22.70 37.47
N LEU E 444 22.65 22.12 38.01
CA LEU E 444 21.37 22.79 38.13
C LEU E 444 21.17 23.40 39.50
N PRO E 445 20.39 24.49 39.56
CA PRO E 445 19.92 25.08 40.81
C PRO E 445 19.15 24.06 41.63
N ARG E 446 19.45 24.02 42.93
CA ARG E 446 18.87 23.07 43.86
C ARG E 446 17.37 23.22 43.82
N THR E 447 16.96 24.45 43.59
CA THR E 447 15.59 24.84 43.51
C THR E 447 14.91 24.12 42.31
N GLU E 448 15.72 23.73 41.33
CA GLU E 448 15.23 23.02 40.14
C GLU E 448 15.00 21.52 40.33
N LEU E 449 15.67 20.91 41.30
CA LEU E 449 15.65 19.46 41.48
C LEU E 449 14.41 18.92 42.19
N LYS E 450 13.24 19.18 41.61
CA LYS E 450 11.95 18.97 42.28
C LYS E 450 11.50 17.53 42.49
N ARG E 451 12.13 16.57 41.82
CA ARG E 451 11.75 15.17 41.92
C ARG E 451 12.49 14.49 43.06
N ILE E 452 13.41 15.23 43.69
CA ILE E 452 14.23 14.72 44.79
C ILE E 452 14.01 15.49 46.10
N LYS E 453 13.68 14.77 47.17
CA LYS E 453 13.44 15.41 48.47
C LYS E 453 14.70 15.92 49.15
N ASP E 454 14.51 16.88 50.05
CA ASP E 454 15.60 17.52 50.79
C ASP E 454 16.55 16.57 51.50
N ASP E 455 16.06 15.44 52.00
CA ASP E 455 16.93 14.55 52.78
C ASP E 455 18.03 13.96 51.90
N LEU E 456 17.70 13.65 50.65
CA LEU E 456 18.66 13.12 49.71
C LEU E 456 19.58 14.21 49.23
N LEU E 457 19.00 15.39 48.98
CA LEU E 457 19.76 16.51 48.49
C LEU E 457 20.86 16.89 49.48
N ASP E 458 20.54 16.74 50.76
CA ASP E 458 21.46 17.08 51.83
C ASP E 458 22.62 16.13 51.95
N LYS E 459 22.31 14.84 51.84
CA LYS E 459 23.35 13.81 51.92
C LYS E 459 24.23 13.72 50.68
N TYR E 460 23.64 13.87 49.49
CA TYR E 460 24.38 13.61 48.24
C TYR E 460 24.74 14.80 47.39
N LEU E 461 23.86 15.80 47.27
CA LEU E 461 24.13 16.89 46.35
C LEU E 461 25.51 17.45 46.62
N PRO E 462 26.44 17.32 45.65
CA PRO E 462 27.77 17.89 45.83
C PRO E 462 27.73 19.39 46.08
N MET F 8 -47.92 -33.55 3.20
CA MET F 8 -46.61 -34.15 3.56
C MET F 8 -45.43 -33.28 3.18
N ILE F 9 -44.51 -33.10 4.12
CA ILE F 9 -43.23 -32.41 3.86
C ILE F 9 -42.09 -33.45 3.71
N LYS F 10 -41.08 -33.12 2.92
CA LYS F 10 -39.92 -33.99 2.77
C LYS F 10 -38.98 -33.84 3.97
N GLU F 11 -38.71 -34.93 4.68
CA GLU F 11 -37.71 -34.93 5.73
C GLU F 11 -36.71 -36.06 5.48
N TYR F 12 -35.41 -35.75 5.60
CA TYR F 12 -34.34 -36.75 5.44
C TYR F 12 -33.46 -36.83 6.67
N ARG F 13 -33.11 -38.04 7.08
CA ARG F 13 -32.24 -38.24 8.23
C ARG F 13 -30.79 -38.54 7.82
N THR F 14 -30.35 -37.90 6.74
CA THR F 14 -29.05 -38.21 6.17
C THR F 14 -28.16 -36.97 6.06
N ILE F 15 -27.81 -36.41 7.21
CA ILE F 15 -26.87 -35.31 7.22
C ILE F 15 -25.46 -35.90 7.09
N LYS F 16 -24.70 -35.38 6.14
CA LYS F 16 -23.38 -35.93 5.87
C LYS F 16 -22.26 -35.06 6.45
N GLU F 17 -22.52 -33.78 6.58
CA GLU F 17 -21.45 -32.84 6.82
C GLU F 17 -22.01 -31.64 7.56
N VAL F 18 -21.37 -31.28 8.66
CA VAL F 18 -21.69 -30.03 9.33
C VAL F 18 -20.41 -29.27 9.55
N VAL F 19 -20.19 -28.25 8.73
CA VAL F 19 -18.96 -27.48 8.75
C VAL F 19 -19.26 -25.98 8.80
N GLY F 20 -19.11 -25.39 9.97
CA GLY F 20 -19.35 -23.97 10.17
C GLY F 20 -20.82 -23.68 10.17
N PRO F 21 -21.27 -22.78 9.29
CA PRO F 21 -22.68 -22.52 9.08
C PRO F 21 -23.30 -23.41 8.02
N LEU F 22 -22.49 -24.27 7.39
CA LEU F 22 -22.95 -25.09 6.26
C LEU F 22 -23.24 -26.54 6.60
N MET F 23 -24.34 -27.03 6.04
CA MET F 23 -24.71 -28.40 6.26
C MET F 23 -24.82 -29.07 4.91
N ALA F 24 -24.41 -30.33 4.84
CA ALA F 24 -24.62 -31.09 3.61
C ALA F 24 -25.52 -32.28 3.88
N VAL F 25 -26.57 -32.38 3.09
CA VAL F 25 -27.52 -33.48 3.20
C VAL F 25 -27.39 -34.32 1.95
N GLU F 26 -27.48 -35.63 2.10
CA GLU F 26 -27.32 -36.49 0.95
C GLU F 26 -28.48 -37.47 0.87
N LYS F 27 -28.59 -38.17 -0.26
CA LYS F 27 -29.64 -39.15 -0.51
C LYS F 27 -31.04 -38.52 -0.58
N VAL F 28 -31.13 -37.26 -1.03
CA VAL F 28 -32.40 -36.55 -1.18
C VAL F 28 -32.88 -36.48 -2.63
N SER F 29 -34.16 -36.20 -2.83
CA SER F 29 -34.72 -35.83 -4.15
C SER F 29 -35.83 -34.79 -4.02
N GLY F 30 -36.11 -34.08 -5.10
CA GLY F 30 -37.17 -33.06 -5.10
C GLY F 30 -36.79 -31.69 -4.53
N VAL F 31 -35.52 -31.54 -4.15
CA VAL F 31 -35.03 -30.32 -3.51
C VAL F 31 -34.76 -29.27 -4.56
N LYS F 32 -35.07 -28.03 -4.22
CA LYS F 32 -34.89 -26.94 -5.17
C LYS F 32 -33.92 -25.92 -4.61
N TYR F 33 -33.20 -25.27 -5.51
CA TYR F 33 -32.36 -24.17 -5.15
C TYR F 33 -33.21 -23.13 -4.42
N GLU F 34 -32.75 -22.72 -3.24
CA GLU F 34 -33.34 -21.64 -2.43
C GLU F 34 -34.44 -22.11 -1.53
N GLU F 35 -34.73 -23.40 -1.58
CA GLU F 35 -35.79 -23.95 -0.79
C GLU F 35 -35.49 -23.75 0.69
N LEU F 36 -36.53 -23.47 1.46
CA LEU F 36 -36.40 -23.28 2.88
C LEU F 36 -36.34 -24.64 3.59
N ILE F 37 -35.51 -24.73 4.62
CA ILE F 37 -35.29 -25.97 5.28
C ILE F 37 -35.36 -25.77 6.78
N GLU F 38 -35.72 -26.82 7.51
CA GLU F 38 -35.71 -26.80 8.97
C GLU F 38 -34.92 -27.99 9.43
N VAL F 39 -33.99 -27.77 10.34
CA VAL F 39 -33.22 -28.86 10.90
C VAL F 39 -33.87 -29.23 12.23
N ARG F 40 -34.27 -30.49 12.36
CA ARG F 40 -34.73 -30.95 13.65
C ARG F 40 -33.54 -31.56 14.34
N MET F 41 -33.13 -30.93 15.42
CA MET F 41 -32.00 -31.42 16.17
C MET F 41 -32.45 -32.57 17.07
N GLN F 42 -31.47 -33.36 17.47
CA GLN F 42 -31.67 -34.50 18.34
C GLN F 42 -32.43 -34.15 19.61
N ASN F 43 -32.41 -32.89 20.02
CA ASN F 43 -33.11 -32.48 21.24
C ASN F 43 -34.46 -31.88 20.98
N GLY F 44 -34.86 -31.80 19.71
CA GLY F 44 -36.15 -31.26 19.33
C GLY F 44 -36.10 -29.81 18.86
N GLU F 45 -35.01 -29.12 19.15
CA GLU F 45 -34.82 -27.75 18.65
C GLU F 45 -34.92 -27.65 17.12
N ILE F 46 -35.56 -26.59 16.63
CA ILE F 46 -35.79 -26.37 15.19
C ILE F 46 -34.99 -25.18 14.67
N ARG F 47 -34.22 -25.38 13.62
CA ARG F 47 -33.46 -24.28 13.04
C ARG F 47 -33.62 -24.13 11.54
N ARG F 48 -33.93 -22.93 11.12
CA ARG F 48 -34.21 -22.69 9.73
C ARG F 48 -32.97 -22.59 8.86
N GLY F 49 -33.16 -22.67 7.55
CA GLY F 49 -32.04 -22.64 6.65
C GLY F 49 -32.50 -22.46 5.25
N GLN F 50 -31.56 -22.48 4.32
CA GLN F 50 -31.87 -22.23 2.93
C GLN F 50 -30.99 -23.09 2.05
N VAL F 51 -31.55 -23.62 0.97
CA VAL F 51 -30.72 -24.43 0.09
C VAL F 51 -29.88 -23.51 -0.78
N LEU F 52 -28.57 -23.65 -0.66
CA LEU F 52 -27.64 -22.91 -1.49
C LEU F 52 -27.31 -23.62 -2.80
N GLU F 53 -27.37 -24.94 -2.78
CA GLU F 53 -26.86 -25.70 -3.89
C GLU F 53 -27.44 -27.08 -3.86
N VAL F 54 -27.84 -27.55 -5.02
CA VAL F 54 -28.48 -28.83 -5.08
C VAL F 54 -27.93 -29.57 -6.29
N GLN F 55 -27.38 -30.75 -6.06
CA GLN F 55 -26.80 -31.53 -7.13
C GLN F 55 -26.98 -33.01 -6.92
N GLU F 56 -27.42 -33.68 -7.98
CA GLU F 56 -27.72 -35.11 -7.95
C GLU F 56 -28.68 -35.43 -6.81
N ASP F 57 -28.18 -36.13 -5.80
CA ASP F 57 -28.97 -36.47 -4.62
C ASP F 57 -28.49 -35.74 -3.38
N LYS F 58 -27.71 -34.68 -3.57
CA LYS F 58 -27.13 -33.91 -2.48
C LYS F 58 -27.67 -32.47 -2.44
N ALA F 59 -27.75 -31.89 -1.25
CA ALA F 59 -28.05 -30.47 -1.13
C ALA F 59 -27.10 -29.85 -0.12
N MET F 60 -26.65 -28.64 -0.41
CA MET F 60 -25.86 -27.86 0.52
C MET F 60 -26.73 -26.71 1.05
N VAL F 61 -26.86 -26.65 2.37
CA VAL F 61 -27.76 -25.68 2.99
C VAL F 61 -26.99 -24.79 3.95
N GLN F 62 -27.45 -23.54 4.06
CA GLN F 62 -26.91 -22.67 5.08
C GLN F 62 -27.90 -22.59 6.23
N ILE F 63 -27.44 -22.76 7.47
CA ILE F 63 -28.32 -22.65 8.62
C ILE F 63 -28.24 -21.25 9.23
N PHE F 64 -29.37 -20.52 9.26
CA PHE F 64 -29.40 -19.18 9.84
C PHE F 64 -29.07 -19.17 11.31
N GLU F 65 -29.55 -20.14 12.04
CA GLU F 65 -29.38 -20.16 13.50
C GLU F 65 -28.08 -20.77 14.00
N GLY F 66 -27.16 -21.06 13.08
CA GLY F 66 -25.88 -21.68 13.42
C GLY F 66 -26.04 -23.18 13.53
N THR F 67 -24.94 -23.88 13.76
CA THR F 67 -24.98 -25.33 13.79
C THR F 67 -24.45 -25.82 15.12
N SER F 68 -24.54 -24.95 16.10
CA SER F 68 -24.04 -25.25 17.42
C SER F 68 -24.83 -26.38 18.09
N GLY F 69 -24.11 -27.39 18.61
CA GLY F 69 -24.71 -28.49 19.36
C GLY F 69 -25.41 -29.59 18.59
N ILE F 70 -25.18 -29.69 17.28
CA ILE F 70 -25.82 -30.73 16.47
C ILE F 70 -25.07 -32.04 16.50
N ASN F 71 -25.83 -33.13 16.59
CA ASN F 71 -25.35 -34.48 16.35
C ASN F 71 -25.85 -34.88 14.98
N LEU F 72 -24.96 -35.06 14.00
CA LEU F 72 -25.37 -35.32 12.61
C LEU F 72 -26.24 -36.53 12.49
N LYS F 73 -25.86 -37.60 13.18
CA LYS F 73 -26.50 -38.88 13.02
C LYS F 73 -27.96 -38.80 13.45
N ASN F 74 -28.22 -38.11 14.56
CA ASN F 74 -29.54 -38.05 15.17
C ASN F 74 -30.40 -36.83 14.80
N SER F 75 -29.90 -35.95 13.94
CA SER F 75 -30.70 -34.83 13.50
C SER F 75 -31.33 -35.13 12.15
N SER F 76 -32.37 -34.39 11.79
CA SER F 76 -32.96 -34.52 10.48
C SER F 76 -33.16 -33.18 9.80
N VAL F 77 -33.30 -33.18 8.49
CA VAL F 77 -33.63 -31.97 7.76
C VAL F 77 -35.01 -32.03 7.06
N ARG F 78 -35.86 -31.02 7.30
CA ARG F 78 -37.11 -30.89 6.53
C ARG F 78 -36.91 -29.90 5.35
N PHE F 79 -37.39 -30.29 4.18
CA PHE F 79 -37.39 -29.43 3.01
C PHE F 79 -38.83 -29.03 2.76
N LEU F 80 -39.16 -27.78 3.01
CA LEU F 80 -40.57 -27.37 3.16
C LEU F 80 -41.37 -27.12 1.86
N GLY F 81 -40.73 -27.25 0.72
CA GLY F 81 -41.44 -27.15 -0.54
C GLY F 81 -41.58 -25.75 -1.08
N HIS F 82 -40.86 -24.78 -0.50
CA HIS F 82 -40.91 -23.39 -0.98
C HIS F 82 -39.74 -22.56 -0.43
N PRO F 83 -39.47 -21.40 -1.06
CA PRO F 83 -38.52 -20.40 -0.57
C PRO F 83 -38.98 -19.78 0.73
N LEU F 84 -38.07 -19.16 1.46
CA LEU F 84 -38.44 -18.46 2.67
C LEU F 84 -39.41 -17.34 2.35
N GLN F 85 -40.49 -17.24 3.12
CA GLN F 85 -41.51 -16.23 2.86
C GLN F 85 -41.86 -15.49 4.12
N LEU F 86 -42.44 -14.32 3.96
CA LEU F 86 -43.00 -13.62 5.09
C LEU F 86 -44.53 -13.75 5.05
N GLY F 87 -45.12 -14.11 6.19
CA GLY F 87 -46.58 -14.16 6.30
C GLY F 87 -47.06 -12.74 6.55
N VAL F 88 -47.65 -12.12 5.55
CA VAL F 88 -47.88 -10.68 5.63
C VAL F 88 -49.29 -10.30 5.98
N SER F 89 -49.44 -9.19 6.67
CA SER F 89 -50.71 -8.75 7.13
C SER F 89 -50.58 -7.30 7.48
N GLU F 90 -51.67 -6.56 7.34
CA GLU F 90 -51.67 -5.18 7.77
C GLU F 90 -51.58 -5.12 9.29
N ASP F 91 -51.81 -6.26 9.93
CA ASP F 91 -51.74 -6.37 11.39
C ASP F 91 -50.30 -6.36 11.93
N MET F 92 -49.35 -6.42 11.00
CA MET F 92 -47.93 -6.28 11.33
C MET F 92 -47.66 -4.91 11.86
N ILE F 93 -48.37 -3.92 11.34
CA ILE F 93 -48.25 -2.54 11.79
C ILE F 93 -48.32 -2.49 13.31
N GLY F 94 -47.34 -1.84 13.94
CA GLY F 94 -47.29 -1.79 15.39
C GLY F 94 -46.62 -2.97 16.09
N ARG F 95 -46.07 -3.91 15.34
CA ARG F 95 -45.47 -5.09 15.94
C ARG F 95 -43.95 -5.13 15.78
N VAL F 96 -43.28 -5.84 16.69
CA VAL F 96 -41.84 -6.03 16.66
C VAL F 96 -41.50 -7.49 16.36
N PHE F 97 -40.69 -7.70 15.33
CA PHE F 97 -40.32 -9.07 14.94
C PHE F 97 -38.83 -9.26 15.04
N ASP F 98 -38.44 -10.53 15.05
CA ASP F 98 -37.04 -10.85 15.01
C ASP F 98 -36.55 -10.89 13.55
N GLY F 99 -35.27 -11.24 13.38
CA GLY F 99 -34.63 -11.24 12.08
C GLY F 99 -35.27 -12.13 11.04
N LEU F 100 -36.04 -13.12 11.49
CA LEU F 100 -36.71 -14.08 10.61
C LEU F 100 -38.22 -13.87 10.52
N GLY F 101 -38.71 -12.73 11.03
CA GLY F 101 -40.12 -12.36 10.95
C GLY F 101 -41.07 -12.92 12.00
N ARG F 102 -40.51 -13.53 13.05
CA ARG F 102 -41.29 -14.11 14.11
C ARG F 102 -41.50 -13.08 15.22
N PRO F 103 -42.72 -13.01 15.80
CA PRO F 103 -43.03 -12.09 16.88
C PRO F 103 -42.04 -12.16 18.02
N LYS F 104 -41.77 -11.00 18.60
CA LYS F 104 -40.74 -10.81 19.61
C LYS F 104 -41.32 -10.12 20.83
N ASP F 105 -42.55 -9.62 20.69
CA ASP F 105 -43.13 -8.69 21.66
C ASP F 105 -44.23 -9.24 22.57
N ASN F 106 -44.41 -10.56 22.58
CA ASN F 106 -45.44 -11.20 23.43
C ASN F 106 -46.88 -10.97 22.97
N GLY F 107 -47.05 -10.23 21.89
CA GLY F 107 -48.37 -10.00 21.31
C GLY F 107 -48.91 -11.22 20.59
N PRO F 108 -50.14 -11.12 20.07
CA PRO F 108 -50.91 -12.21 19.46
C PRO F 108 -50.45 -12.68 18.08
N GLU F 109 -51.42 -13.23 17.33
CA GLU F 109 -51.33 -13.64 15.90
C GLU F 109 -49.96 -13.97 15.22
N ILE F 110 -49.76 -13.61 13.95
CA ILE F 110 -50.77 -12.98 13.09
C ILE F 110 -51.31 -14.01 12.10
N LEU F 111 -52.49 -13.77 11.53
CA LEU F 111 -53.04 -14.66 10.52
C LEU F 111 -52.70 -14.04 9.17
N PRO F 112 -51.67 -14.57 8.52
CA PRO F 112 -51.21 -13.88 7.33
C PRO F 112 -52.35 -13.80 6.35
N GLU F 113 -52.51 -12.64 5.74
CA GLU F 113 -53.34 -12.46 4.59
C GLU F 113 -52.74 -13.25 3.43
N LYS F 114 -51.41 -13.26 3.35
CA LYS F 114 -50.69 -14.09 2.39
C LYS F 114 -49.23 -14.30 2.72
N TYR F 115 -48.58 -15.18 1.97
CA TYR F 115 -47.16 -15.43 2.11
C TYR F 115 -46.46 -14.87 0.90
N LEU F 116 -45.38 -14.14 1.11
CA LEU F 116 -44.58 -13.65 0.01
C LEU F 116 -43.14 -14.11 0.11
N ASP F 117 -42.59 -14.52 -1.03
CA ASP F 117 -41.21 -14.88 -1.18
C ASP F 117 -40.39 -13.63 -0.99
N ILE F 118 -39.42 -13.69 -0.08
CA ILE F 118 -38.74 -12.50 0.40
C ILE F 118 -37.74 -11.90 -0.57
N ASN F 119 -37.37 -12.66 -1.60
CA ASN F 119 -36.54 -12.14 -2.66
C ASN F 119 -37.25 -11.06 -3.43
N GLY F 120 -38.57 -11.16 -3.46
CA GLY F 120 -39.42 -10.27 -4.24
C GLY F 120 -39.28 -10.48 -5.72
N GLU F 121 -39.73 -9.51 -6.47
CA GLU F 121 -39.65 -9.56 -7.92
C GLU F 121 -39.19 -8.19 -8.38
N VAL F 122 -38.55 -8.13 -9.53
CA VAL F 122 -38.06 -6.87 -10.06
C VAL F 122 -39.22 -6.04 -10.63
N ILE F 123 -39.24 -4.75 -10.31
CA ILE F 123 -40.26 -3.86 -10.86
C ILE F 123 -40.01 -3.60 -12.33
N ASN F 124 -40.98 -3.93 -13.18
CA ASN F 124 -40.81 -3.64 -14.58
C ASN F 124 -40.49 -2.14 -14.78
N PRO F 125 -39.35 -1.83 -15.45
CA PRO F 125 -39.00 -0.40 -15.62
C PRO F 125 -40.04 0.39 -16.41
N ILE F 126 -40.83 -0.27 -17.24
CA ILE F 126 -41.96 0.43 -17.86
C ILE F 126 -43.04 0.72 -16.83
N ALA F 127 -43.07 -0.04 -15.75
CA ALA F 127 -44.14 0.08 -14.77
C ALA F 127 -43.83 1.10 -13.69
N ARG F 128 -42.62 1.61 -13.67
CA ARG F 128 -42.21 2.53 -12.61
C ARG F 128 -42.72 3.93 -12.85
N ASP F 129 -43.01 4.63 -11.77
CA ASP F 129 -43.17 6.06 -11.79
C ASP F 129 -41.83 6.62 -11.41
N TYR F 130 -41.41 7.68 -12.08
CA TYR F 130 -40.19 8.34 -11.72
C TYR F 130 -40.44 9.20 -10.48
N PRO F 131 -39.59 9.04 -9.44
CA PRO F 131 -39.81 9.73 -8.15
C PRO F 131 -39.40 11.21 -8.15
N ASP F 132 -40.32 12.09 -7.76
CA ASP F 132 -40.08 13.52 -7.85
C ASP F 132 -40.82 14.35 -6.80
N GLU F 133 -41.37 13.72 -5.78
CA GLU F 133 -42.07 14.46 -4.76
C GLU F 133 -41.08 14.76 -3.62
N PHE F 134 -40.78 16.04 -3.45
CA PHE F 134 -39.85 16.52 -2.45
C PHE F 134 -40.33 16.17 -1.04
N ILE F 135 -39.45 15.58 -0.25
CA ILE F 135 -39.66 15.33 1.16
C ILE F 135 -38.87 16.36 1.93
N GLN F 136 -39.55 17.14 2.74
CA GLN F 136 -38.88 18.10 3.55
C GLN F 136 -38.49 17.46 4.90
N THR F 137 -37.20 17.16 5.01
CA THR F 137 -36.62 16.57 6.20
C THR F 137 -36.39 17.60 7.29
N GLY F 138 -36.30 18.85 6.88
CA GLY F 138 -36.11 19.95 7.81
C GLY F 138 -34.64 20.24 8.04
N ILE F 139 -33.79 19.44 7.40
CA ILE F 139 -32.35 19.59 7.48
C ILE F 139 -31.85 20.23 6.20
N SER F 140 -31.36 21.46 6.31
CA SER F 140 -30.88 22.21 5.17
C SER F 140 -29.87 21.45 4.30
N ALA F 141 -28.87 20.84 4.93
CA ALA F 141 -27.86 20.08 4.22
C ALA F 141 -28.48 18.96 3.39
N ILE F 142 -29.71 18.58 3.68
CA ILE F 142 -30.36 17.62 2.81
C ILE F 142 -31.34 18.26 1.83
N ASP F 143 -32.36 18.94 2.35
CA ASP F 143 -33.44 19.49 1.53
C ASP F 143 -32.94 20.40 0.40
N HIS F 144 -31.90 21.16 0.67
CA HIS F 144 -31.38 22.10 -0.32
C HIS F 144 -30.26 21.49 -1.19
N LEU F 145 -29.23 20.95 -0.56
CA LEU F 145 -28.06 20.50 -1.30
C LEU F 145 -28.02 19.03 -1.71
N ASN F 146 -28.63 18.13 -0.94
CA ASN F 146 -28.75 16.72 -1.34
C ASN F 146 -30.17 16.21 -1.23
N THR F 147 -31.08 16.86 -1.96
CA THR F 147 -32.52 16.67 -1.80
C THR F 147 -33.06 15.25 -1.88
N LEU F 148 -33.85 14.87 -0.88
CA LEU F 148 -34.53 13.59 -0.82
C LEU F 148 -35.94 13.70 -1.42
N VAL F 149 -36.31 12.74 -2.27
CA VAL F 149 -37.65 12.71 -2.85
C VAL F 149 -38.33 11.39 -2.51
N ARG F 150 -39.66 11.39 -2.46
CA ARG F 150 -40.37 10.19 -2.07
C ARG F 150 -40.15 9.10 -3.09
N GLY F 151 -39.75 7.91 -2.63
CA GLY F 151 -39.39 6.81 -3.52
C GLY F 151 -37.91 6.62 -3.83
N GLN F 152 -37.06 7.43 -3.23
CA GLN F 152 -35.63 7.36 -3.43
C GLN F 152 -34.96 6.38 -2.46
N LYS F 153 -33.79 5.85 -2.83
CA LYS F 153 -32.89 5.23 -1.86
C LYS F 153 -31.77 6.22 -1.61
N LEU F 154 -31.73 6.75 -0.40
CA LEU F 154 -30.69 7.66 -0.04
C LEU F 154 -30.02 7.21 1.24
N PRO F 155 -28.86 6.55 1.13
CA PRO F 155 -28.19 6.05 2.32
C PRO F 155 -27.45 7.10 3.13
N VAL F 156 -27.07 6.70 4.34
CA VAL F 156 -26.19 7.48 5.18
C VAL F 156 -24.89 6.72 5.35
N PHE F 157 -23.81 7.31 4.87
CA PHE F 157 -22.48 6.73 5.09
C PHE F 157 -21.90 7.34 6.36
N SER F 158 -21.49 6.49 7.27
CA SER F 158 -21.07 6.94 8.56
C SER F 158 -19.86 6.14 9.01
N GLY F 159 -19.59 6.19 10.30
CA GLY F 159 -18.45 5.58 10.86
C GLY F 159 -18.75 5.33 12.31
N SER F 160 -18.10 4.32 12.88
CA SER F 160 -18.40 3.98 14.26
C SER F 160 -17.99 5.11 15.19
N GLY F 161 -18.86 5.40 16.15
CA GLY F 161 -18.68 6.53 17.03
C GLY F 161 -19.36 7.77 16.49
N LEU F 162 -20.08 7.65 15.39
CA LEU F 162 -20.71 8.82 14.79
C LEU F 162 -22.21 8.73 14.87
N PRO F 163 -22.88 9.88 14.88
CA PRO F 163 -24.32 9.91 15.17
C PRO F 163 -25.28 9.64 14.01
N HIS F 164 -25.03 8.60 13.21
CA HIS F 164 -25.97 8.26 12.15
C HIS F 164 -27.35 7.93 12.66
N LYS F 165 -27.45 7.36 13.85
CA LYS F 165 -28.75 7.00 14.39
C LYS F 165 -29.54 8.24 14.84
N GLU F 166 -28.82 9.25 15.32
CA GLU F 166 -29.39 10.56 15.63
C GLU F 166 -29.94 11.20 14.39
N LEU F 167 -29.20 11.14 13.28
CA LEU F 167 -29.68 11.72 12.03
C LEU F 167 -30.88 10.96 11.50
N ALA F 168 -30.77 9.63 11.46
CA ALA F 168 -31.85 8.79 10.97
C ALA F 168 -33.16 9.07 11.67
N ALA F 169 -33.11 9.14 13.00
CA ALA F 169 -34.29 9.41 13.79
C ALA F 169 -34.83 10.79 13.48
N GLN F 170 -33.93 11.76 13.31
CA GLN F 170 -34.39 13.10 13.00
C GLN F 170 -35.19 13.07 11.70
N ILE F 171 -34.64 12.46 10.65
CA ILE F 171 -35.33 12.36 9.38
C ILE F 171 -36.68 11.65 9.46
N ALA F 172 -36.73 10.49 10.11
CA ALA F 172 -38.01 9.79 10.23
C ALA F 172 -39.02 10.70 10.95
N ARG F 173 -38.52 11.47 11.91
CA ARG F 173 -39.32 12.32 12.79
C ARG F 173 -39.95 13.51 12.10
N GLN F 174 -39.21 14.13 11.19
CA GLN F 174 -39.65 15.37 10.59
C GLN F 174 -40.06 15.24 9.12
N ALA F 175 -39.65 14.16 8.46
CA ALA F 175 -39.89 14.05 7.03
C ALA F 175 -41.37 14.20 6.68
N THR F 176 -41.62 14.93 5.59
CA THR F 176 -42.98 15.12 5.04
C THR F 176 -42.91 15.72 3.66
N VAL F 177 -43.87 15.36 2.81
CA VAL F 177 -44.05 16.04 1.55
C VAL F 177 -44.85 17.32 1.81
N LEU F 178 -44.78 18.27 0.89
CA LEU F 178 -45.47 19.54 1.11
C LEU F 178 -46.87 19.54 0.50
N ASP F 179 -47.73 20.41 1.00
CA ASP F 179 -49.11 20.53 0.48
C ASP F 179 -49.89 19.22 0.56
N SER F 180 -49.62 18.44 1.61
CA SER F 180 -50.28 17.18 1.83
C SER F 180 -50.16 16.80 3.30
N SER F 181 -51.08 15.98 3.76
CA SER F 181 -51.11 15.52 5.14
C SER F 181 -50.72 14.06 5.25
N ASP F 182 -50.16 13.51 4.17
CA ASP F 182 -49.61 12.16 4.17
C ASP F 182 -48.57 11.98 5.28
N ASP F 183 -48.53 10.80 5.87
CA ASP F 183 -47.50 10.49 6.84
C ASP F 183 -46.69 9.34 6.28
N PHE F 184 -45.72 8.86 7.06
CA PHE F 184 -44.86 7.76 6.63
C PHE F 184 -45.03 6.56 7.53
N ALA F 185 -45.37 5.42 6.96
CA ALA F 185 -45.20 4.17 7.70
C ALA F 185 -43.70 3.84 7.68
N VAL F 186 -43.18 3.39 8.82
CA VAL F 186 -41.77 3.07 8.91
C VAL F 186 -41.57 1.58 9.06
N VAL F 187 -40.76 1.00 8.18
CA VAL F 187 -40.21 -0.34 8.38
C VAL F 187 -38.77 -0.19 8.86
N PHE F 188 -38.50 -0.67 10.06
CA PHE F 188 -37.15 -0.64 10.63
C PHE F 188 -36.54 -2.04 10.63
N ALA F 189 -35.36 -2.16 10.02
CA ALA F 189 -34.61 -3.42 10.04
C ALA F 189 -33.30 -3.23 10.77
N ALA F 190 -33.16 -3.84 11.95
CA ALA F 190 -31.88 -3.85 12.65
C ALA F 190 -31.05 -5.05 12.23
N ILE F 191 -29.83 -4.80 11.79
CA ILE F 191 -28.99 -5.86 11.27
C ILE F 191 -27.67 -5.87 12.03
N GLY F 192 -27.61 -6.71 13.05
CA GLY F 192 -26.38 -6.94 13.79
C GLY F 192 -26.02 -5.82 14.72
N ILE F 193 -26.95 -4.90 14.97
CA ILE F 193 -26.62 -3.77 15.81
C ILE F 193 -26.76 -4.07 17.28
N THR F 194 -26.29 -3.16 18.12
CA THR F 194 -26.32 -3.41 19.56
C THR F 194 -27.68 -3.11 20.14
N PHE F 195 -27.91 -3.64 21.34
CA PHE F 195 -29.10 -3.36 22.10
C PHE F 195 -29.31 -1.87 22.29
N GLU F 196 -28.24 -1.16 22.67
CA GLU F 196 -28.35 0.28 22.97
C GLU F 196 -28.71 1.09 21.75
N GLU F 197 -28.29 0.61 20.59
CA GLU F 197 -28.58 1.27 19.33
C GLU F 197 -30.01 0.98 18.91
N ALA F 198 -30.42 -0.27 19.06
CA ALA F 198 -31.77 -0.68 18.69
C ALA F 198 -32.78 -0.08 19.65
N GLU F 199 -32.36 0.13 20.89
CA GLU F 199 -33.25 0.66 21.92
C GLU F 199 -33.42 2.16 21.71
N PHE F 200 -32.43 2.77 21.05
CA PHE F 200 -32.49 4.19 20.73
C PHE F 200 -33.63 4.49 19.74
N PHE F 201 -33.69 3.73 18.67
CA PHE F 201 -34.77 3.85 17.73
C PHE F 201 -36.11 3.51 18.38
N MET F 202 -36.11 2.48 19.21
CA MET F 202 -37.33 2.07 19.89
C MET F 202 -37.87 3.18 20.77
N GLU F 203 -36.97 3.81 21.52
CA GLU F 203 -37.30 4.85 22.48
C GLU F 203 -37.86 6.06 21.76
N ASP F 204 -37.26 6.41 20.64
CA ASP F 204 -37.69 7.55 19.85
C ASP F 204 -39.02 7.30 19.13
N PHE F 205 -39.24 6.06 18.71
CA PHE F 205 -40.48 5.70 18.05
C PHE F 205 -41.64 5.70 19.03
N ARG F 206 -41.38 5.35 20.29
CA ARG F 206 -42.39 5.38 21.34
C ARG F 206 -42.73 6.80 21.73
N GLN F 207 -41.70 7.60 21.94
CA GLN F 207 -41.86 9.01 22.25
C GLN F 207 -42.70 9.74 21.22
N THR F 208 -42.46 9.51 19.94
CA THR F 208 -43.14 10.29 18.91
C THR F 208 -44.47 9.67 18.50
N GLY F 209 -44.73 8.46 18.96
CA GLY F 209 -45.95 7.74 18.61
C GLY F 209 -45.88 7.06 17.26
N ALA F 210 -44.74 7.19 16.58
CA ALA F 210 -44.49 6.53 15.28
C ALA F 210 -44.43 5.00 15.41
N ILE F 211 -44.27 4.52 16.65
CA ILE F 211 -44.33 3.09 16.97
C ILE F 211 -45.62 2.40 16.50
N ASP F 212 -46.73 3.14 16.51
CA ASP F 212 -48.04 2.61 16.13
C ASP F 212 -48.31 2.58 14.65
N ARG F 213 -47.36 3.10 13.86
CA ARG F 213 -47.36 2.94 12.40
C ARG F 213 -46.02 2.37 11.88
N SER F 214 -45.39 1.51 12.68
CA SER F 214 -44.11 0.94 12.31
C SER F 214 -44.09 -0.56 12.37
N VAL F 215 -43.27 -1.16 11.52
CA VAL F 215 -42.98 -2.58 11.56
C VAL F 215 -41.48 -2.71 11.75
N MET F 216 -41.09 -3.58 12.69
CA MET F 216 -39.70 -3.73 13.05
C MET F 216 -39.20 -5.13 12.96
N PHE F 217 -38.11 -5.28 12.25
CA PHE F 217 -37.41 -6.55 12.10
C PHE F 217 -36.06 -6.42 12.74
N MET F 218 -35.88 -7.16 13.85
CA MET F 218 -34.74 -6.96 14.74
C MET F 218 -33.78 -8.13 14.79
N ASN F 219 -32.62 -7.95 14.20
CA ASN F 219 -31.51 -8.85 14.40
C ASN F 219 -30.43 -8.06 15.13
N LEU F 220 -30.05 -8.52 16.31
CA LEU F 220 -29.09 -7.80 17.14
C LEU F 220 -27.74 -8.47 17.21
N ALA F 221 -26.80 -7.81 17.87
CA ALA F 221 -25.43 -8.30 17.89
C ALA F 221 -25.30 -9.67 18.54
N ASN F 222 -26.29 -10.09 19.30
CA ASN F 222 -26.25 -11.41 19.95
C ASN F 222 -27.00 -12.47 19.16
N ASP F 223 -27.75 -12.04 18.15
CA ASP F 223 -28.46 -12.97 17.25
C ASP F 223 -27.50 -13.61 16.25
N PRO F 224 -27.85 -14.79 15.71
CA PRO F 224 -26.91 -15.44 14.77
C PRO F 224 -26.63 -14.55 13.57
N ALA F 225 -25.40 -14.58 13.10
CA ALA F 225 -24.98 -13.68 12.05
C ALA F 225 -25.63 -13.99 10.71
N ILE F 226 -25.78 -15.29 10.41
CA ILE F 226 -26.25 -15.72 9.11
C ILE F 226 -27.68 -15.32 8.90
N GLU F 227 -28.40 -15.19 10.00
CA GLU F 227 -29.78 -14.75 10.00
C GLU F 227 -29.89 -13.39 9.29
N ARG F 228 -28.86 -12.57 9.44
CA ARG F 228 -28.84 -11.21 8.87
C ARG F 228 -28.95 -11.15 7.37
N ILE F 229 -28.56 -12.21 6.67
CA ILE F 229 -28.73 -12.29 5.23
C ILE F 229 -30.21 -12.26 4.89
N ALA F 230 -31.04 -12.84 5.75
CA ALA F 230 -32.49 -12.86 5.58
C ALA F 230 -33.16 -11.56 6.01
N THR F 231 -32.61 -10.92 7.04
CA THR F 231 -33.31 -9.80 7.65
C THR F 231 -33.77 -8.63 6.75
N PRO F 232 -32.85 -7.98 5.99
CA PRO F 232 -33.35 -6.86 5.16
C PRO F 232 -34.41 -7.30 4.13
N ARG F 233 -34.29 -8.54 3.65
CA ARG F 233 -35.22 -9.08 2.70
C ARG F 233 -36.61 -9.27 3.32
N MET F 234 -36.67 -9.69 4.58
CA MET F 234 -37.95 -9.70 5.30
C MET F 234 -38.54 -8.29 5.34
N ALA F 235 -37.69 -7.32 5.70
CA ALA F 235 -38.13 -5.94 5.86
C ALA F 235 -38.62 -5.31 4.55
N LEU F 236 -37.89 -5.57 3.46
CA LEU F 236 -38.30 -5.01 2.17
C LEU F 236 -39.53 -5.72 1.62
N THR F 237 -39.73 -6.98 1.98
CA THR F 237 -40.93 -7.69 1.57
C THR F 237 -42.12 -7.10 2.29
N ALA F 238 -41.96 -6.85 3.58
CA ALA F 238 -42.97 -6.13 4.36
C ALA F 238 -43.29 -4.74 3.79
N ALA F 239 -42.26 -3.97 3.46
CA ALA F 239 -42.43 -2.63 2.92
C ALA F 239 -43.09 -2.59 1.55
N GLU F 240 -42.66 -3.47 0.64
CA GLU F 240 -43.23 -3.55 -0.71
C GLU F 240 -44.66 -4.00 -0.69
N TYR F 241 -44.98 -4.88 0.26
CA TYR F 241 -46.35 -5.26 0.52
C TYR F 241 -47.14 -4.06 1.05
N LEU F 242 -46.67 -3.41 2.10
CA LEU F 242 -47.43 -2.25 2.60
C LEU F 242 -47.71 -1.20 1.54
N ALA F 243 -46.71 -0.92 0.70
CA ALA F 243 -46.82 0.18 -0.28
C ALA F 243 -47.65 -0.14 -1.49
N TYR F 244 -47.35 -1.26 -2.14
CA TYR F 244 -47.96 -1.58 -3.42
C TYR F 244 -49.18 -2.45 -3.25
N GLU F 245 -49.40 -2.97 -2.07
CA GLU F 245 -50.55 -3.81 -1.87
C GLU F 245 -51.54 -3.26 -0.87
N LYS F 246 -51.07 -2.37 0.00
CA LYS F 246 -51.92 -1.71 0.99
C LYS F 246 -51.90 -0.19 0.85
N GLY F 247 -51.16 0.29 -0.15
CA GLY F 247 -51.12 1.69 -0.53
C GLY F 247 -50.63 2.70 0.48
N MET F 248 -49.55 2.38 1.17
CA MET F 248 -49.02 3.30 2.17
C MET F 248 -47.76 3.93 1.61
N HIS F 249 -47.38 5.09 2.13
CA HIS F 249 -46.03 5.60 1.88
C HIS F 249 -45.04 5.09 2.97
N VAL F 250 -44.07 4.31 2.52
CA VAL F 250 -43.24 3.57 3.47
C VAL F 250 -41.82 4.12 3.57
N LEU F 251 -41.35 4.36 4.80
CA LEU F 251 -39.96 4.70 5.01
C LEU F 251 -39.21 3.52 5.55
N VAL F 252 -38.17 3.12 4.86
CA VAL F 252 -37.43 1.96 5.29
C VAL F 252 -36.06 2.37 5.76
N ILE F 253 -35.76 2.07 7.02
CA ILE F 253 -34.46 2.36 7.59
C ILE F 253 -33.83 1.06 7.99
N MET F 254 -32.71 0.72 7.37
CA MET F 254 -31.99 -0.51 7.73
C MET F 254 -30.59 -0.18 8.19
N THR F 255 -30.21 -0.71 9.34
CA THR F 255 -28.90 -0.45 9.87
C THR F 255 -28.47 -1.65 10.67
N ASP F 256 -27.22 -2.06 10.55
CA ASP F 256 -26.20 -1.41 9.73
C ASP F 256 -25.85 -2.35 8.57
N MET F 257 -25.86 -1.81 7.34
CA MET F 257 -25.65 -2.64 6.15
C MET F 257 -24.28 -3.30 6.07
N THR F 258 -23.29 -2.71 6.72
CA THR F 258 -21.98 -3.31 6.79
C THR F 258 -22.01 -4.71 7.43
N ASN F 259 -22.84 -4.89 8.46
CA ASN F 259 -23.06 -6.23 9.03
C ASN F 259 -23.66 -7.25 8.08
N TYR F 260 -24.48 -6.77 7.16
CA TYR F 260 -25.10 -7.61 6.17
C TYR F 260 -24.06 -8.20 5.22
N ALA F 261 -23.19 -7.32 4.75
CA ALA F 261 -22.14 -7.71 3.85
C ALA F 261 -21.10 -8.60 4.55
N GLU F 262 -20.92 -8.43 5.85
CA GLU F 262 -20.01 -9.29 6.59
C GLU F 262 -20.50 -10.74 6.64
N ALA F 263 -21.82 -10.90 6.70
CA ALA F 263 -22.48 -12.21 6.71
C ALA F 263 -22.33 -12.93 5.38
N LEU F 264 -22.53 -12.20 4.30
CA LEU F 264 -22.32 -12.72 2.96
C LEU F 264 -20.90 -13.23 2.79
N ARG F 265 -19.93 -12.50 3.31
CA ARG F 265 -18.58 -12.96 3.26
C ARG F 265 -18.42 -14.26 4.05
N GLU F 266 -19.11 -14.38 5.18
CA GLU F 266 -18.90 -15.57 6.02
C GLU F 266 -19.32 -16.84 5.30
N ILE F 267 -20.44 -16.74 4.59
CA ILE F 267 -21.00 -17.81 3.81
C ILE F 267 -20.15 -18.01 2.60
N SER F 268 -19.79 -16.90 1.97
CA SER F 268 -18.94 -16.94 0.81
C SER F 268 -17.66 -17.68 1.13
N ALA F 269 -17.06 -17.37 2.27
CA ALA F 269 -15.81 -18.01 2.71
C ALA F 269 -16.03 -19.46 3.06
N ALA F 270 -17.12 -19.74 3.76
CA ALA F 270 -17.42 -21.11 4.17
C ALA F 270 -17.64 -22.03 2.97
N ARG F 271 -18.27 -21.49 1.91
CA ARG F 271 -18.49 -22.24 0.68
C ARG F 271 -17.22 -22.40 -0.12
N ARG F 272 -16.19 -21.64 0.25
CA ARG F 272 -14.92 -21.61 -0.45
C ARG F 272 -15.14 -21.26 -1.88
N GLU F 273 -15.90 -20.19 -2.11
CA GLU F 273 -16.12 -19.72 -3.46
C GLU F 273 -14.87 -18.98 -3.82
N VAL F 274 -14.69 -18.69 -5.10
CA VAL F 274 -13.66 -17.78 -5.52
C VAL F 274 -13.94 -16.43 -4.87
N PRO F 275 -12.98 -15.92 -4.06
CA PRO F 275 -13.12 -14.63 -3.40
C PRO F 275 -12.88 -13.48 -4.36
N GLY F 276 -13.47 -12.32 -4.07
CA GLY F 276 -13.16 -11.11 -4.80
C GLY F 276 -12.17 -10.30 -3.96
N ARG F 277 -12.41 -8.98 -3.93
CA ARG F 277 -11.65 -8.03 -3.08
C ARG F 277 -11.88 -8.26 -1.58
N ARG F 278 -10.80 -8.51 -0.85
CA ARG F 278 -10.88 -8.57 0.61
C ARG F 278 -11.64 -9.78 1.12
N GLY F 279 -11.90 -10.73 0.22
CA GLY F 279 -12.64 -11.94 0.57
C GLY F 279 -14.11 -11.83 0.25
N TYR F 280 -14.56 -10.63 -0.08
CA TYR F 280 -15.94 -10.43 -0.50
C TYR F 280 -16.17 -11.20 -1.77
N PRO F 281 -17.39 -11.72 -1.94
CA PRO F 281 -17.76 -12.47 -3.12
C PRO F 281 -17.90 -11.58 -4.33
N GLY F 282 -17.75 -12.17 -5.52
CA GLY F 282 -17.94 -11.50 -6.81
C GLY F 282 -19.35 -10.95 -6.98
N TYR F 283 -20.31 -11.56 -6.30
CA TYR F 283 -21.69 -11.13 -6.41
C TYR F 283 -22.14 -10.11 -5.33
N LEU F 284 -21.20 -9.49 -4.65
CA LEU F 284 -21.59 -8.50 -3.66
C LEU F 284 -22.42 -7.33 -4.28
N TYR F 285 -22.00 -6.84 -5.44
CA TYR F 285 -22.72 -5.73 -6.05
C TYR F 285 -24.14 -6.15 -6.35
N THR F 286 -24.25 -7.30 -6.98
CA THR F 286 -25.54 -7.84 -7.41
C THR F 286 -26.45 -8.11 -6.23
N ASN F 287 -25.89 -8.65 -5.16
CA ASN F 287 -26.65 -8.99 -3.97
C ASN F 287 -27.22 -7.75 -3.34
N LEU F 288 -26.41 -6.70 -3.31
CA LEU F 288 -26.79 -5.43 -2.70
C LEU F 288 -27.88 -4.73 -3.48
N ALA F 289 -27.80 -4.83 -4.81
CA ALA F 289 -28.73 -4.21 -5.71
C ALA F 289 -30.13 -4.83 -5.59
N THR F 290 -30.17 -6.15 -5.31
CA THR F 290 -31.43 -6.84 -5.05
C THR F 290 -32.12 -6.36 -3.76
N LEU F 291 -31.44 -5.55 -2.96
CA LEU F 291 -32.06 -4.88 -1.82
C LEU F 291 -32.41 -3.44 -2.15
N PHE F 292 -31.41 -2.70 -2.60
CA PHE F 292 -31.56 -1.27 -2.81
C PHE F 292 -32.48 -0.89 -3.97
N GLU F 293 -32.61 -1.75 -4.96
CA GLU F 293 -33.51 -1.46 -6.08
C GLU F 293 -34.97 -1.78 -5.77
N ARG F 294 -35.24 -2.22 -4.54
CA ARG F 294 -36.61 -2.43 -4.09
C ARG F 294 -37.10 -1.17 -3.40
N ALA F 295 -37.21 -0.09 -4.15
CA ALA F 295 -37.59 1.19 -3.63
C ALA F 295 -38.20 1.94 -4.80
N GLY F 296 -38.92 3.02 -4.52
CA GLY F 296 -39.58 3.76 -5.59
C GLY F 296 -41.09 3.67 -5.63
N ARG F 297 -41.61 3.83 -6.84
CA ARG F 297 -43.02 4.10 -7.06
C ARG F 297 -43.44 3.42 -8.34
N ILE F 298 -44.71 3.03 -8.42
CA ILE F 298 -45.21 2.28 -9.55
C ILE F 298 -46.40 3.02 -10.11
N ARG F 299 -46.51 3.08 -11.43
CA ARG F 299 -47.61 3.78 -12.10
C ARG F 299 -48.97 3.26 -11.70
N GLY F 300 -49.83 4.14 -11.21
CA GLY F 300 -51.21 3.76 -10.94
C GLY F 300 -51.46 3.26 -9.54
N LEU F 301 -50.39 3.00 -8.79
CA LEU F 301 -50.49 2.57 -7.40
C LEU F 301 -50.12 3.77 -6.54
N LYS F 302 -50.89 4.05 -5.51
CA LYS F 302 -50.67 5.28 -4.72
C LYS F 302 -49.57 5.23 -3.66
N GLY F 303 -49.14 4.06 -3.24
CA GLY F 303 -48.03 3.99 -2.30
C GLY F 303 -46.62 4.26 -2.83
N SER F 304 -45.65 4.18 -1.93
CA SER F 304 -44.25 4.38 -2.26
C SER F 304 -43.32 3.70 -1.23
N VAL F 305 -42.09 3.39 -1.65
CA VAL F 305 -41.05 2.87 -0.76
C VAL F 305 -39.83 3.81 -0.83
N THR F 306 -39.50 4.42 0.30
CA THR F 306 -38.33 5.29 0.37
C THR F 306 -37.41 4.60 1.33
N GLN F 307 -36.18 4.40 0.90
CA GLN F 307 -35.20 3.60 1.62
C GLN F 307 -34.11 4.50 2.12
N ILE F 308 -33.85 4.44 3.42
CA ILE F 308 -32.67 5.10 3.98
C ILE F 308 -31.78 4.07 4.67
N PRO F 309 -30.97 3.36 3.89
CA PRO F 309 -30.03 2.40 4.47
C PRO F 309 -28.91 3.11 5.19
N ILE F 310 -28.41 2.52 6.27
CA ILE F 310 -27.27 3.09 6.98
C ILE F 310 -26.10 2.12 7.00
N LEU F 311 -24.91 2.63 6.72
CA LEU F 311 -23.72 1.79 6.92
C LEU F 311 -22.58 2.56 7.52
N THR F 312 -21.76 1.86 8.27
CA THR F 312 -20.51 2.44 8.74
C THR F 312 -19.40 2.02 7.81
N MET F 313 -18.65 2.99 7.31
CA MET F 313 -17.57 2.69 6.40
C MET F 313 -16.37 2.21 7.18
N PRO F 314 -15.92 0.97 6.88
CA PRO F 314 -14.79 0.39 7.59
C PRO F 314 -13.58 1.28 7.39
N GLU F 315 -12.88 1.57 8.49
CA GLU F 315 -11.67 2.40 8.51
C GLU F 315 -11.94 3.81 8.00
N ASP F 316 -13.21 4.20 7.95
CA ASP F 316 -13.62 5.50 7.44
C ASP F 316 -13.29 5.64 5.98
N ASP F 317 -13.09 4.49 5.34
CA ASP F 317 -12.61 4.42 3.99
C ASP F 317 -13.77 4.19 3.04
N LYS F 318 -14.09 5.21 2.27
CA LYS F 318 -15.19 5.15 1.32
C LYS F 318 -14.88 4.32 0.08
N THR F 319 -13.65 3.86 -0.07
CA THR F 319 -13.28 3.09 -1.26
C THR F 319 -13.39 1.60 -0.95
N HIS F 320 -13.65 1.32 0.33
CA HIS F 320 -13.88 -0.03 0.78
C HIS F 320 -15.04 -0.57 -0.02
N PRO F 321 -15.02 -1.88 -0.33
CA PRO F 321 -16.07 -2.43 -1.19
C PRO F 321 -17.50 -2.17 -0.74
N ILE F 322 -17.76 -2.08 0.57
CA ILE F 322 -19.14 -1.92 1.01
C ILE F 322 -19.71 -0.57 0.59
N PRO F 323 -19.08 0.54 0.99
CA PRO F 323 -19.50 1.87 0.55
C PRO F 323 -19.31 2.12 -0.94
N ASP F 324 -18.30 1.52 -1.55
CA ASP F 324 -18.06 1.73 -2.96
C ASP F 324 -19.22 1.22 -3.78
N LEU F 325 -19.49 -0.08 -3.64
CA LEU F 325 -20.57 -0.74 -4.37
C LEU F 325 -21.91 -0.17 -3.97
N THR F 326 -22.10 0.06 -2.67
CA THR F 326 -23.34 0.63 -2.20
C THR F 326 -23.57 1.95 -2.89
N GLY F 327 -22.50 2.73 -3.03
CA GLY F 327 -22.59 4.05 -3.65
C GLY F 327 -22.90 3.98 -5.15
N TYR F 328 -22.43 2.93 -5.81
CA TYR F 328 -22.73 2.68 -7.21
C TYR F 328 -24.15 2.21 -7.43
N ILE F 329 -24.85 1.82 -6.36
CA ILE F 329 -26.24 1.36 -6.49
C ILE F 329 -27.29 2.39 -6.10
N THR F 330 -27.08 3.09 -5.00
CA THR F 330 -28.13 3.95 -4.45
C THR F 330 -28.15 5.33 -5.11
N GLU F 331 -29.11 6.16 -4.74
CA GLU F 331 -29.31 7.40 -5.50
C GLU F 331 -28.64 8.62 -4.90
N GLY F 332 -27.37 8.46 -4.52
CA GLY F 332 -26.67 9.46 -3.73
C GLY F 332 -26.27 8.88 -2.39
N GLN F 333 -25.85 9.73 -1.48
CA GLN F 333 -25.49 9.28 -0.16
C GLN F 333 -25.27 10.51 0.66
N ILE F 334 -25.58 10.43 1.95
CA ILE F 334 -25.29 11.49 2.89
C ILE F 334 -24.13 11.03 3.74
N ILE F 335 -23.04 11.78 3.72
CA ILE F 335 -21.83 11.35 4.41
C ILE F 335 -21.59 12.15 5.68
N LEU F 336 -21.31 11.43 6.77
CA LEU F 336 -20.93 12.04 8.04
C LEU F 336 -19.43 11.89 8.28
N THR F 337 -18.79 12.96 8.73
CA THR F 337 -17.34 12.89 8.90
C THR F 337 -16.93 13.21 10.32
N ARG F 338 -15.88 12.52 10.77
CA ARG F 338 -15.38 12.64 12.13
C ARG F 338 -14.90 14.06 12.42
N GLU F 339 -14.41 14.74 11.40
CA GLU F 339 -13.94 16.11 11.52
C GLU F 339 -15.05 17.08 11.90
N LEU F 340 -16.17 16.97 11.19
CA LEU F 340 -17.30 17.85 11.42
C LEU F 340 -17.94 17.57 12.78
N TYR F 341 -18.01 16.28 13.10
CA TYR F 341 -18.52 15.84 14.40
C TYR F 341 -17.74 16.41 15.57
N LYS F 342 -16.41 16.36 15.51
CA LYS F 342 -15.60 16.90 16.60
C LYS F 342 -15.68 18.42 16.67
N SER F 343 -16.03 19.06 15.56
CA SER F 343 -16.12 20.50 15.53
C SER F 343 -17.44 20.98 16.10
N GLY F 344 -18.30 20.06 16.50
CA GLY F 344 -19.60 20.40 17.08
C GLY F 344 -20.72 20.64 16.07
N ILE F 345 -20.53 20.23 14.82
CA ILE F 345 -21.56 20.40 13.80
C ILE F 345 -22.58 19.26 13.80
N GLN F 346 -23.86 19.59 13.98
CA GLN F 346 -24.92 18.58 14.01
C GLN F 346 -26.09 18.92 13.08
N PRO F 347 -26.44 18.00 12.16
CA PRO F 347 -25.72 16.72 11.89
C PRO F 347 -24.41 16.96 11.16
N PRO F 348 -23.40 16.10 11.40
CA PRO F 348 -22.08 16.28 10.80
C PRO F 348 -21.98 15.75 9.39
N ILE F 349 -22.89 16.23 8.54
CA ILE F 349 -22.93 15.93 7.12
C ILE F 349 -21.86 16.70 6.36
N ASP F 350 -21.01 15.99 5.61
CA ASP F 350 -19.99 16.64 4.78
C ASP F 350 -20.56 16.75 3.37
N VAL F 351 -20.99 17.95 3.01
CA VAL F 351 -21.82 18.11 1.84
C VAL F 351 -21.09 17.83 0.55
N LEU F 352 -19.78 18.00 0.55
CA LEU F 352 -18.98 17.88 -0.68
C LEU F 352 -19.01 16.48 -1.26
N PRO F 353 -18.73 15.45 -0.45
CA PRO F 353 -18.81 14.11 -0.98
C PRO F 353 -20.22 13.54 -0.99
N SER F 354 -21.18 14.22 -0.37
CA SER F 354 -22.56 13.76 -0.33
C SER F 354 -23.25 14.04 -1.67
N LEU F 355 -24.36 13.37 -1.96
CA LEU F 355 -25.04 13.56 -3.23
C LEU F 355 -26.49 13.15 -3.22
N SER F 356 -27.25 13.70 -4.14
CA SER F 356 -28.57 13.22 -4.44
C SER F 356 -28.74 13.27 -5.96
N ARG F 357 -29.24 12.19 -6.53
CA ARG F 357 -29.24 12.02 -7.95
C ARG F 357 -30.58 12.38 -8.53
N LEU F 358 -31.51 12.67 -7.63
CA LEU F 358 -32.90 12.87 -7.98
C LEU F 358 -33.38 14.25 -7.58
N LYS F 359 -32.44 15.19 -7.45
CA LYS F 359 -32.77 16.54 -6.99
C LYS F 359 -33.38 17.49 -8.05
N ASP F 360 -33.08 17.27 -9.33
CA ASP F 360 -33.54 18.20 -10.36
C ASP F 360 -35.06 18.27 -10.55
N LYS F 361 -35.66 17.14 -10.87
CA LYS F 361 -37.11 17.09 -11.11
C LYS F 361 -37.93 17.25 -9.82
N GLY F 362 -37.27 17.26 -8.66
CA GLY F 362 -37.98 17.38 -7.39
C GLY F 362 -37.95 18.73 -6.70
N THR F 363 -37.30 19.69 -7.34
CA THR F 363 -37.08 20.99 -6.76
C THR F 363 -37.40 21.99 -7.83
N GLY F 364 -37.48 23.27 -7.44
CA GLY F 364 -37.68 24.33 -8.39
C GLY F 364 -39.03 24.97 -8.21
N ALA F 365 -39.48 25.70 -9.24
CA ALA F 365 -40.74 26.43 -9.23
C ALA F 365 -41.86 25.45 -9.16
N GLY F 366 -42.78 25.64 -8.23
CA GLY F 366 -43.88 24.69 -8.02
C GLY F 366 -43.54 23.49 -7.14
N LYS F 367 -42.27 23.33 -6.77
CA LYS F 367 -41.89 22.25 -5.86
C LYS F 367 -41.23 22.77 -4.59
N THR F 368 -40.21 23.59 -4.75
CA THR F 368 -39.59 24.24 -3.61
C THR F 368 -39.70 25.72 -3.90
N ARG F 369 -38.69 26.27 -4.55
CA ARG F 369 -38.75 27.63 -5.06
C ARG F 369 -37.82 27.75 -6.25
N GLU F 370 -38.06 28.72 -7.12
CA GLU F 370 -37.31 28.83 -8.38
C GLU F 370 -35.80 29.08 -8.24
N ASP F 371 -35.34 29.34 -7.02
CA ASP F 371 -33.93 29.61 -6.79
C ASP F 371 -33.19 28.45 -6.13
N HIS F 372 -33.86 27.32 -5.96
CA HIS F 372 -33.29 26.15 -5.31
C HIS F 372 -31.96 25.74 -5.92
N ALA F 373 -31.98 25.43 -7.21
CA ALA F 373 -30.81 24.82 -7.84
C ALA F 373 -29.66 25.81 -8.02
N ALA F 374 -30.00 27.07 -8.30
CA ALA F 374 -28.96 28.07 -8.50
C ALA F 374 -28.17 28.30 -7.20
N THR F 375 -28.90 28.54 -6.12
CA THR F 375 -28.25 28.76 -4.85
C THR F 375 -27.52 27.53 -4.36
N MET F 376 -28.09 26.37 -4.64
CA MET F 376 -27.49 25.11 -4.23
C MET F 376 -26.13 24.97 -4.87
N ASN F 377 -26.08 25.20 -6.19
CA ASN F 377 -24.84 25.11 -6.91
C ASN F 377 -23.87 26.15 -6.46
N GLN F 378 -24.36 27.37 -6.28
CA GLN F 378 -23.53 28.47 -5.82
C GLN F 378 -22.87 28.19 -4.47
N LEU F 379 -23.65 27.67 -3.53
CA LEU F 379 -23.18 27.37 -2.20
C LEU F 379 -22.04 26.36 -2.22
N PHE F 380 -22.19 25.32 -3.04
CA PHE F 380 -21.17 24.28 -3.20
C PHE F 380 -19.86 24.88 -3.72
N ALA F 381 -19.98 25.77 -4.69
CA ALA F 381 -18.81 26.40 -5.27
C ALA F 381 -18.07 27.19 -4.20
N ALA F 382 -18.81 27.99 -3.46
CA ALA F 382 -18.23 28.84 -2.45
C ALA F 382 -17.71 28.03 -1.28
N TYR F 383 -18.43 26.96 -0.90
CA TYR F 383 -17.97 26.10 0.16
C TYR F 383 -16.69 25.33 -0.17
N ALA F 384 -16.61 24.77 -1.38
CA ALA F 384 -15.44 23.97 -1.76
C ALA F 384 -14.20 24.81 -1.74
N GLN F 385 -14.33 26.01 -2.30
CA GLN F 385 -13.24 26.98 -2.36
C GLN F 385 -12.91 27.56 -0.99
N GLY F 386 -13.94 27.98 -0.27
CA GLY F 386 -13.79 28.48 1.08
C GLY F 386 -13.13 27.51 2.02
N LYS F 387 -13.41 26.22 1.83
CA LYS F 387 -12.86 25.17 2.68
C LYS F 387 -11.38 24.98 2.43
N GLN F 388 -10.96 25.12 1.18
CA GLN F 388 -9.56 25.05 0.79
C GLN F 388 -8.78 26.24 1.34
N ALA F 389 -9.39 27.42 1.26
CA ALA F 389 -8.84 28.66 1.83
C ALA F 389 -8.77 28.66 3.36
N LYS F 390 -9.77 28.13 4.02
CA LYS F 390 -9.76 28.04 5.45
C LYS F 390 -8.61 27.17 5.96
N GLU F 391 -8.28 26.10 5.23
CA GLU F 391 -7.28 25.14 5.68
C GLU F 391 -5.87 25.61 5.48
N LEU F 392 -5.67 26.36 4.41
CA LEU F 392 -4.41 27.03 4.15
C LEU F 392 -4.09 27.98 5.27
N ALA F 393 -5.10 28.77 5.65
CA ALA F 393 -5.02 29.78 6.71
C ALA F 393 -4.65 29.21 8.07
N VAL F 394 -5.03 27.95 8.29
CA VAL F 394 -4.68 27.23 9.51
C VAL F 394 -3.21 26.83 9.49
N VAL F 395 -2.66 26.67 8.28
CA VAL F 395 -1.29 26.21 8.09
C VAL F 395 -0.33 27.38 7.91
N LEU F 396 -0.66 28.28 7.00
CA LEU F 396 0.28 29.33 6.62
C LEU F 396 -0.04 30.69 7.22
N GLY F 397 -1.09 30.73 8.03
CA GLY F 397 -1.55 31.97 8.68
C GLY F 397 -2.52 32.70 7.78
N GLU F 398 -3.39 33.50 8.38
CA GLU F 398 -4.37 34.27 7.62
C GLU F 398 -3.70 35.18 6.57
N SER F 399 -2.50 35.68 6.92
CA SER F 399 -1.70 36.55 6.05
C SER F 399 -1.29 35.91 4.72
N ALA F 400 -1.23 34.58 4.69
CA ALA F 400 -0.89 33.85 3.47
C ALA F 400 -2.09 33.69 2.51
N LEU F 401 -3.22 34.29 2.90
CA LEU F 401 -4.46 34.25 2.10
C LEU F 401 -4.73 35.58 1.38
N SER F 402 -5.39 35.48 0.22
CA SER F 402 -5.81 36.67 -0.52
C SER F 402 -6.92 37.45 0.20
N ASP F 403 -7.22 38.65 -0.28
CA ASP F 403 -8.26 39.49 0.29
C ASP F 403 -9.65 38.84 0.25
N ILE F 404 -9.90 38.11 -0.84
CA ILE F 404 -11.21 37.55 -1.14
C ILE F 404 -11.29 36.12 -0.63
N ASP F 405 -10.16 35.44 -0.61
CA ASP F 405 -10.11 34.10 -0.06
C ASP F 405 -10.25 34.14 1.45
N LYS F 406 -9.80 35.22 2.07
CA LYS F 406 -10.14 35.52 3.46
C LYS F 406 -11.67 35.54 3.65
N ILE F 407 -12.40 36.10 2.68
CA ILE F 407 -13.86 36.16 2.74
C ILE F 407 -14.49 34.79 2.56
N TYR F 408 -14.02 34.06 1.55
CA TYR F 408 -14.42 32.69 1.31
C TYR F 408 -14.21 31.77 2.52
N ALA F 409 -13.17 32.05 3.30
CA ALA F 409 -12.86 31.25 4.48
C ALA F 409 -13.83 31.53 5.58
N LYS F 410 -14.18 32.81 5.76
CA LYS F 410 -15.17 33.20 6.77
C LYS F 410 -16.53 32.64 6.39
N PHE F 411 -16.78 32.57 5.08
CA PHE F 411 -17.98 31.97 4.54
C PHE F 411 -18.13 30.48 4.90
N ALA F 412 -17.03 29.74 4.82
CA ALA F 412 -17.05 28.31 5.12
C ALA F 412 -17.25 28.07 6.61
N GLU F 413 -16.88 29.05 7.43
CA GLU F 413 -17.08 28.96 8.87
C GLU F 413 -18.55 29.18 9.14
N ARG F 414 -19.10 30.22 8.53
CA ARG F 414 -20.50 30.51 8.73
C ARG F 414 -21.39 29.42 8.15
N PHE F 415 -20.98 28.88 7.02
CA PHE F 415 -21.74 27.83 6.37
C PHE F 415 -21.84 26.57 7.24
N GLU F 416 -20.71 26.11 7.75
CA GLU F 416 -20.65 24.97 8.64
C GLU F 416 -21.35 25.22 9.96
N ASN F 417 -20.99 26.31 10.64
CA ASN F 417 -21.47 26.63 11.98
C ASN F 417 -22.93 27.03 12.06
N GLU F 418 -23.44 27.67 11.01
CA GLU F 418 -24.80 28.19 11.03
C GLU F 418 -25.76 27.34 10.20
N TYR F 419 -25.38 27.10 8.95
CA TYR F 419 -26.25 26.43 7.99
C TYR F 419 -26.36 24.91 8.20
N VAL F 420 -25.22 24.23 8.21
CA VAL F 420 -25.24 22.79 8.29
C VAL F 420 -25.49 22.38 9.73
N ASN F 421 -24.93 23.14 10.65
CA ASN F 421 -25.13 22.86 12.06
C ASN F 421 -26.43 23.46 12.60
N GLN F 422 -27.52 22.68 12.56
CA GLN F 422 -28.81 23.16 13.05
C GLN F 422 -29.29 22.47 14.33
N GLY F 423 -28.73 21.29 14.60
CA GLY F 423 -29.13 20.48 15.73
C GLY F 423 -30.12 19.42 15.31
N PHE F 424 -30.20 18.35 16.09
CA PHE F 424 -31.06 17.21 15.79
C PHE F 424 -32.53 17.38 16.13
N TYR F 425 -32.88 18.53 16.67
CA TYR F 425 -34.25 18.80 17.04
C TYR F 425 -34.79 20.04 16.36
N THR F 426 -34.16 20.39 15.24
CA THR F 426 -34.48 21.58 14.48
C THR F 426 -35.03 21.21 13.14
N ASN F 427 -36.26 21.65 12.90
CA ASN F 427 -36.99 21.39 11.69
C ASN F 427 -37.15 22.69 10.88
N ARG F 428 -36.35 22.85 9.84
CA ARG F 428 -36.42 24.06 9.04
C ARG F 428 -37.26 23.84 7.80
N THR F 429 -38.20 24.75 7.56
CA THR F 429 -38.96 24.72 6.32
C THR F 429 -38.00 25.00 5.20
N ILE F 430 -38.30 24.50 4.01
CA ILE F 430 -37.44 24.74 2.87
C ILE F 430 -37.25 26.27 2.61
N THR F 431 -38.30 27.03 2.87
CA THR F 431 -38.31 28.46 2.73
C THR F 431 -37.35 29.13 3.70
N GLU F 432 -37.29 28.63 4.94
CA GLU F 432 -36.28 29.07 5.92
C GLU F 432 -34.87 28.70 5.45
N THR F 433 -34.73 27.51 4.90
CA THR F 433 -33.45 27.01 4.40
C THR F 433 -32.95 27.81 3.18
N LEU F 434 -33.82 28.04 2.22
CA LEU F 434 -33.40 28.80 1.05
C LEU F 434 -33.07 30.24 1.40
N ASP F 435 -33.78 30.78 2.39
CA ASP F 435 -33.57 32.16 2.81
C ASP F 435 -32.27 32.33 3.55
N LEU F 436 -31.95 31.39 4.42
CA LEU F 436 -30.67 31.34 5.09
C LEU F 436 -29.51 31.21 4.10
N GLY F 437 -29.70 30.41 3.06
CA GLY F 437 -28.71 30.23 2.00
C GLY F 437 -28.29 31.54 1.37
N TRP F 438 -29.28 32.40 1.13
CA TRP F 438 -29.04 33.72 0.57
C TRP F 438 -28.21 34.61 1.49
N GLU F 439 -28.54 34.57 2.78
CA GLU F 439 -27.87 35.38 3.78
C GLU F 439 -26.37 35.08 3.83
N LEU F 440 -26.02 33.82 3.58
CA LEU F 440 -24.64 33.39 3.46
C LEU F 440 -24.01 33.87 2.16
N LEU F 441 -24.75 33.70 1.07
CA LEU F 441 -24.29 34.10 -0.25
C LEU F 441 -24.06 35.60 -0.36
N ALA F 442 -24.78 36.36 0.46
CA ALA F 442 -24.68 37.81 0.48
C ALA F 442 -23.38 38.26 1.08
N MET F 443 -22.70 37.35 1.78
CA MET F 443 -21.37 37.63 2.30
C MET F 443 -20.39 37.93 1.18
N LEU F 444 -20.69 37.38 0.01
CA LEU F 444 -19.80 37.44 -1.13
C LEU F 444 -20.16 38.56 -2.11
N PRO F 445 -19.16 39.08 -2.84
CA PRO F 445 -19.41 40.08 -3.88
C PRO F 445 -20.21 39.49 -5.03
N ARG F 446 -21.09 40.31 -5.59
CA ARG F 446 -21.93 39.91 -6.71
C ARG F 446 -21.18 39.28 -7.89
N THR F 447 -19.95 39.72 -8.12
CA THR F 447 -19.13 39.17 -9.21
C THR F 447 -18.76 37.70 -9.01
N GLU F 448 -18.62 37.27 -7.75
CA GLU F 448 -18.25 35.89 -7.44
C GLU F 448 -19.34 34.88 -7.80
N LEU F 449 -20.58 35.36 -7.83
CA LEU F 449 -21.75 34.49 -7.92
C LEU F 449 -22.09 34.19 -9.37
N LYS F 450 -21.13 33.57 -10.05
CA LYS F 450 -21.24 33.22 -11.47
C LYS F 450 -22.28 32.13 -11.76
N ARG F 451 -22.63 31.34 -10.75
CA ARG F 451 -23.52 30.20 -10.93
C ARG F 451 -24.99 30.62 -10.91
N ILE F 452 -25.22 31.89 -10.64
CA ILE F 452 -26.57 32.42 -10.58
C ILE F 452 -26.76 33.49 -11.64
N LYS F 453 -27.86 33.37 -12.37
CA LYS F 453 -28.21 34.31 -13.43
C LYS F 453 -28.66 35.65 -12.89
N ASP F 454 -28.40 36.69 -13.67
CA ASP F 454 -28.70 38.06 -13.26
C ASP F 454 -30.16 38.23 -12.88
N ASP F 455 -31.05 37.53 -13.58
CA ASP F 455 -32.48 37.60 -13.30
C ASP F 455 -32.79 37.25 -11.86
N LEU F 456 -32.11 36.22 -11.36
CA LEU F 456 -32.34 35.72 -10.03
C LEU F 456 -31.68 36.56 -8.94
N LEU F 457 -30.50 37.10 -9.23
CA LEU F 457 -29.78 37.92 -8.27
C LEU F 457 -30.54 39.19 -7.93
N ASP F 458 -31.06 39.84 -8.95
CA ASP F 458 -31.78 41.08 -8.78
C ASP F 458 -32.91 40.89 -7.80
N LYS F 459 -33.59 39.76 -7.94
CA LYS F 459 -34.80 39.45 -7.18
C LYS F 459 -34.57 39.03 -5.74
N TYR F 460 -33.54 38.24 -5.49
CA TYR F 460 -33.41 37.61 -4.17
C TYR F 460 -32.26 38.10 -3.28
N LEU F 461 -31.23 38.70 -3.88
CA LEU F 461 -29.99 38.96 -3.14
C LEU F 461 -30.01 40.26 -2.33
N PRO F 462 -29.89 40.16 -0.98
CA PRO F 462 -29.76 41.33 -0.09
C PRO F 462 -28.29 41.65 0.20
N MET G 8 2.04 11.28 11.18
CA MET G 8 0.64 10.96 10.82
C MET G 8 0.48 11.02 9.30
N ARG G 9 -0.01 9.92 8.71
CA ARG G 9 -0.17 9.83 7.26
C ARG G 9 -1.45 10.52 6.75
N LEU G 10 -1.45 10.92 5.48
CA LEU G 10 -2.60 11.60 4.84
C LEU G 10 -3.71 10.63 4.42
N ASN G 11 -4.94 11.14 4.32
CA ASN G 11 -6.08 10.30 3.90
C ASN G 11 -6.14 10.11 2.37
N VAL G 12 -5.41 9.10 1.89
CA VAL G 12 -5.35 8.76 0.47
C VAL G 12 -5.56 7.28 0.28
N ASN G 13 -5.99 6.88 -0.91
CA ASN G 13 -6.25 5.47 -1.21
C ASN G 13 -5.01 4.78 -1.79
N PRO G 14 -4.66 3.60 -1.26
CA PRO G 14 -3.41 2.95 -1.68
C PRO G 14 -3.50 2.36 -3.07
N THR G 15 -3.38 3.23 -4.07
CA THR G 15 -3.40 2.81 -5.47
C THR G 15 -2.02 3.06 -6.07
N ARG G 16 -1.72 2.43 -7.20
CA ARG G 16 -0.44 2.61 -7.86
C ARG G 16 -0.25 4.05 -8.32
N MET G 17 -1.33 4.65 -8.82
CA MET G 17 -1.32 6.05 -9.27
C MET G 17 -1.12 7.05 -8.12
N GLU G 18 -1.80 6.83 -7.00
CA GLU G 18 -1.58 7.65 -5.82
C GLU G 18 -0.13 7.64 -5.39
N LEU G 19 0.50 6.47 -5.39
CA LEU G 19 1.90 6.39 -5.02
C LEU G 19 2.78 7.25 -5.92
N THR G 20 2.50 7.22 -7.21
CA THR G 20 3.29 7.95 -8.18
C THR G 20 3.09 9.45 -8.03
N ARG G 21 1.86 9.84 -7.70
CA ARG G 21 1.49 11.22 -7.43
C ARG G 21 2.23 11.81 -6.23
N LEU G 22 2.11 11.14 -5.09
CA LEU G 22 2.79 11.54 -3.87
C LEU G 22 4.30 11.57 -3.99
N LYS G 23 4.87 10.67 -4.80
CA LYS G 23 6.31 10.63 -4.98
C LYS G 23 6.81 11.83 -5.76
N LYS G 24 6.01 12.26 -6.74
CA LYS G 24 6.25 13.47 -7.51
C LYS G 24 6.02 14.69 -6.64
N GLN G 25 4.90 14.68 -5.92
CA GLN G 25 4.57 15.75 -4.99
C GLN G 25 5.66 15.91 -3.93
N LEU G 26 6.28 14.80 -3.53
CA LEU G 26 7.38 14.84 -2.57
C LEU G 26 8.68 15.39 -3.16
N THR G 27 9.00 15.10 -4.42
CA THR G 27 10.26 15.61 -4.97
C THR G 27 10.15 17.11 -5.14
N THR G 28 8.96 17.56 -5.50
CA THR G 28 8.62 18.97 -5.60
C THR G 28 8.72 19.67 -4.25
N ALA G 29 8.11 19.07 -3.23
CA ALA G 29 8.12 19.59 -1.87
C ALA G 29 9.54 19.79 -1.36
N THR G 30 10.38 18.79 -1.54
CA THR G 30 11.78 18.84 -1.12
C THR G 30 12.53 20.01 -1.73
N ARG G 31 12.38 20.19 -3.05
CA ARG G 31 13.08 21.21 -3.78
C ARG G 31 12.56 22.58 -3.34
N GLY G 32 11.24 22.70 -3.22
CA GLY G 32 10.64 23.94 -2.73
C GLY G 32 11.13 24.35 -1.35
N HIS G 33 11.34 23.37 -0.47
CA HIS G 33 11.86 23.62 0.88
C HIS G 33 13.27 24.23 0.89
N LYS G 34 14.12 23.75 -0.01
CA LYS G 34 15.48 24.28 -0.11
C LYS G 34 15.46 25.70 -0.60
N LEU G 35 14.60 25.97 -1.58
CA LEU G 35 14.49 27.29 -2.17
C LEU G 35 13.87 28.30 -1.21
N LEU G 36 12.94 27.83 -0.39
CA LEU G 36 12.39 28.67 0.65
C LEU G 36 13.41 28.95 1.75
N LYS G 37 14.26 27.98 2.05
CA LYS G 37 15.35 28.22 2.99
C LYS G 37 16.36 29.21 2.44
N ASP G 38 16.62 29.14 1.13
CA ASP G 38 17.59 30.02 0.51
C ASP G 38 17.16 31.48 0.59
N LYS G 39 15.90 31.72 0.24
CA LYS G 39 15.32 33.05 0.37
C LYS G 39 15.37 33.56 1.80
N GLN G 40 14.93 32.73 2.74
CA GLN G 40 14.89 33.10 4.15
C GLN G 40 16.23 33.63 4.62
N ASP G 41 17.30 33.00 4.15
CA ASP G 41 18.66 33.36 4.49
C ASP G 41 19.09 34.65 3.79
N GLU G 42 18.66 34.84 2.54
CA GLU G 42 18.96 36.07 1.81
C GLU G 42 18.30 37.26 2.47
N LEU G 43 16.99 37.15 2.68
CA LEU G 43 16.25 38.22 3.32
C LEU G 43 16.87 38.57 4.66
N MET G 44 17.40 37.57 5.34
CA MET G 44 17.97 37.74 6.67
C MET G 44 19.21 38.62 6.67
N ARG G 45 20.10 38.43 5.70
CA ARG G 45 21.34 39.20 5.62
C ARG G 45 21.08 40.61 5.06
N GLN G 46 20.06 40.73 4.22
CA GLN G 46 19.56 42.01 3.75
C GLN G 46 18.86 42.72 4.91
N PHE G 47 18.21 41.94 5.77
CA PHE G 47 17.56 42.47 6.95
C PHE G 47 18.55 43.04 7.95
N ILE G 48 19.65 42.31 8.16
CA ILE G 48 20.68 42.72 9.10
C ILE G 48 21.30 44.08 8.73
N LEU G 49 21.55 44.30 7.45
CA LEU G 49 22.07 45.59 7.00
C LEU G 49 21.11 46.72 7.34
N LEU G 50 19.82 46.52 7.09
CA LEU G 50 18.81 47.55 7.25
C LEU G 50 18.46 47.76 8.69
N ILE G 51 18.48 46.69 9.48
CA ILE G 51 18.15 46.82 10.89
C ILE G 51 19.22 47.57 11.66
N ARG G 52 20.47 47.45 11.21
CA ARG G 52 21.59 48.25 11.74
C ARG G 52 21.42 49.72 11.38
N LYS G 53 21.00 49.99 10.16
CA LYS G 53 20.71 51.34 9.75
C LYS G 53 19.64 51.95 10.66
N ASN G 54 18.55 51.21 10.86
CA ASN G 54 17.42 51.58 11.72
C ASN G 54 17.85 51.92 13.12
N ASN G 55 18.79 51.16 13.63
CA ASN G 55 19.15 51.23 15.03
C ASN G 55 19.92 52.50 15.36
N GLU G 56 20.96 52.78 14.56
CA GLU G 56 21.78 53.98 14.74
C GLU G 56 20.93 55.22 14.47
N LEU G 57 20.06 55.11 13.48
CA LEU G 57 19.17 56.17 13.07
C LEU G 57 18.21 56.50 14.19
N ARG G 58 17.60 55.46 14.76
CA ARG G 58 16.68 55.62 15.91
C ARG G 58 17.37 56.13 17.17
N GLN G 59 18.60 55.71 17.43
CA GLN G 59 19.36 56.25 18.55
C GLN G 59 19.64 57.74 18.37
N ALA G 60 19.95 58.15 17.15
CA ALA G 60 20.30 59.53 16.85
C ALA G 60 19.08 60.45 16.92
N ILE G 61 17.98 60.01 16.33
CA ILE G 61 16.77 60.80 16.30
C ILE G 61 16.00 60.78 17.62
N GLU G 62 16.30 59.81 18.49
CA GLU G 62 15.73 59.83 19.84
C GLU G 62 16.41 60.86 20.71
N LYS G 63 17.74 60.94 20.62
CA LYS G 63 18.51 61.92 21.36
C LYS G 63 18.25 63.36 20.93
N GLU G 64 18.03 63.57 19.64
CA GLU G 64 17.82 64.92 19.09
C GLU G 64 16.39 65.46 19.23
N THR G 65 15.40 64.60 19.00
CA THR G 65 14.01 64.97 19.18
C THR G 65 13.76 65.29 20.66
N GLN G 66 14.46 64.56 21.51
CA GLN G 66 14.40 64.75 22.96
C GLN G 66 14.90 66.12 23.40
N THR G 67 16.01 66.57 22.81
CA THR G 67 16.59 67.88 23.10
C THR G 67 15.66 68.98 22.59
N ALA G 68 15.14 68.80 21.39
CA ALA G 68 14.25 69.79 20.79
C ALA G 68 13.05 70.03 21.70
N MET G 69 12.45 68.92 22.12
CA MET G 69 11.27 68.94 22.96
C MET G 69 11.53 69.60 24.31
N LYS G 70 12.73 69.40 24.83
CA LYS G 70 13.11 69.91 26.15
C LYS G 70 13.36 71.40 26.08
N ASP G 71 13.94 71.84 24.97
CA ASP G 71 14.19 73.25 24.72
C ASP G 71 12.87 74.01 24.66
N PHE G 72 11.95 73.51 23.84
CA PHE G 72 10.68 74.15 23.66
C PHE G 72 9.99 74.33 25.01
N VAL G 73 9.87 73.25 25.77
CA VAL G 73 9.26 73.28 27.10
C VAL G 73 9.97 74.24 28.06
N LEU G 74 11.30 74.26 28.03
CA LEU G 74 12.07 75.20 28.86
C LEU G 74 11.95 76.65 28.39
N ALA G 75 11.46 76.87 27.17
CA ALA G 75 11.26 78.24 26.66
C ALA G 75 10.04 78.91 27.31
N ASP G 85 1.28 80.22 24.00
CA ASP G 85 0.15 80.84 23.33
C ASP G 85 -0.21 80.08 22.05
N GLU G 86 -1.43 80.28 21.56
CA GLU G 86 -1.87 79.67 20.31
C GLU G 86 -1.22 80.40 19.12
N LEU G 87 0.07 80.68 19.24
CA LEU G 87 0.88 81.17 18.13
C LEU G 87 1.12 80.01 17.16
N LEU G 88 0.78 78.81 17.64
CA LEU G 88 0.92 77.57 16.86
C LEU G 88 -0.39 77.20 16.17
N ALA G 89 -1.16 78.22 15.77
CA ALA G 89 -2.45 78.02 15.11
C ALA G 89 -2.39 78.21 13.59
N LEU G 90 -1.21 78.54 13.06
CA LEU G 90 -1.01 78.63 11.61
C LEU G 90 0.32 78.04 11.18
N ASN G 94 1.47 74.10 5.29
CA ASN G 94 1.04 72.72 5.40
C ASN G 94 1.98 71.78 4.66
N VAL G 95 2.36 70.69 5.33
CA VAL G 95 3.23 69.67 4.76
C VAL G 95 2.60 68.29 4.84
N SER G 96 2.53 67.63 3.68
CA SER G 96 2.07 66.26 3.57
C SER G 96 3.22 65.47 2.97
N ILE G 97 3.11 64.15 2.87
CA ILE G 97 4.19 63.37 2.27
C ILE G 97 3.78 62.57 1.04
N SER G 98 4.79 62.20 0.26
CA SER G 98 4.63 61.40 -0.95
C SER G 98 5.19 60.01 -0.73
N VAL G 99 4.44 58.98 -1.12
CA VAL G 99 4.90 57.58 -0.99
C VAL G 99 5.04 56.87 -2.34
N VAL G 100 6.26 56.82 -2.85
CA VAL G 100 6.59 55.95 -3.98
C VAL G 100 6.88 54.56 -3.41
N GLU G 101 6.79 53.55 -4.25
CA GLU G 101 6.91 52.18 -3.81
C GLU G 101 8.03 51.49 -4.55
N LYS G 102 8.86 50.75 -3.83
CA LYS G 102 9.92 49.97 -4.46
C LYS G 102 9.97 48.52 -3.97
N ASN G 103 10.79 47.70 -4.61
CA ASN G 103 10.95 46.30 -4.22
C ASN G 103 12.33 45.97 -3.69
N ILE G 104 12.35 45.33 -2.51
CA ILE G 104 13.58 44.75 -1.94
C ILE G 104 13.36 43.25 -1.90
N MET G 105 14.29 42.50 -2.48
CA MET G 105 14.05 41.11 -2.88
C MET G 105 12.62 41.09 -3.44
N SER G 106 11.70 40.42 -2.76
CA SER G 106 10.32 40.35 -3.24
C SER G 106 9.35 41.19 -2.41
N VAL G 107 9.87 41.93 -1.43
CA VAL G 107 9.06 42.61 -0.43
C VAL G 107 8.69 44.02 -0.87
N LYS G 108 7.42 44.39 -0.64
CA LYS G 108 6.94 45.74 -0.93
C LYS G 108 7.32 46.75 0.17
N VAL G 109 7.99 47.81 -0.25
CA VAL G 109 8.66 48.74 0.65
C VAL G 109 8.39 50.20 0.27
N PRO G 110 8.23 51.08 1.29
CA PRO G 110 7.85 52.48 1.11
C PRO G 110 9.00 53.46 0.83
N LEU G 111 8.77 54.40 -0.07
CA LEU G 111 9.71 55.49 -0.32
C LEU G 111 9.02 56.80 0.04
N MET G 112 9.60 57.55 0.96
CA MET G 112 8.86 58.64 1.58
C MET G 112 9.57 59.97 1.44
N ASN G 113 8.92 60.91 0.76
CA ASN G 113 9.48 62.23 0.53
C ASN G 113 8.54 63.33 0.99
N PHE G 114 9.11 64.44 1.47
CA PHE G 114 8.28 65.57 1.87
C PHE G 114 7.58 66.25 0.68
N GLN G 115 6.35 66.71 0.94
CA GLN G 115 5.48 67.28 -0.09
C GLN G 115 4.58 68.36 0.48
N GLU G 135 13.73 84.83 21.76
CA GLU G 135 13.34 84.02 22.91
C GLU G 135 13.07 82.54 22.56
N LEU G 136 12.01 82.28 21.78
CA LEU G 136 11.55 80.91 21.46
C LEU G 136 11.86 80.43 20.05
N ASP G 137 12.19 81.35 19.15
CA ASP G 137 12.49 81.01 17.75
C ASP G 137 13.58 79.94 17.61
N ARG G 138 14.51 79.91 18.57
CA ARG G 138 15.56 78.89 18.61
C ARG G 138 15.00 77.47 18.81
N SER G 139 13.94 77.35 19.61
CA SER G 139 13.31 76.05 19.90
C SER G 139 12.45 75.54 18.74
N ILE G 140 11.79 76.48 18.07
CA ILE G 140 10.95 76.20 16.91
C ILE G 140 11.79 75.68 15.74
N ASP G 141 12.95 76.28 15.52
CA ASP G 141 13.89 75.87 14.46
C ASP G 141 14.39 74.42 14.58
N GLY G 142 14.74 74.00 15.80
CA GLY G 142 15.26 72.66 16.06
C GLY G 142 14.33 71.58 15.58
N PHE G 143 13.03 71.87 15.63
CA PHE G 143 12.00 70.98 15.11
C PHE G 143 12.02 70.90 13.59
N THR G 144 12.28 72.04 12.93
CA THR G 144 12.33 72.08 11.47
C THR G 144 13.45 71.17 10.96
N GLN G 145 14.55 71.10 11.72
CA GLN G 145 15.73 70.30 11.36
C GLN G 145 15.58 68.81 11.69
N LEU G 146 14.54 68.45 12.45
CA LEU G 146 14.25 67.04 12.74
C LEU G 146 13.49 66.35 11.62
N LEU G 147 12.53 67.05 11.01
CA LEU G 147 11.64 66.47 10.02
C LEU G 147 12.31 65.51 9.03
N PRO G 148 13.39 65.94 8.35
CA PRO G 148 14.03 65.03 7.39
C PRO G 148 14.48 63.72 8.02
N LYS G 149 15.05 63.77 9.23
CA LYS G 149 15.55 62.58 9.89
C LYS G 149 14.44 61.70 10.45
N LEU G 150 13.33 62.33 10.83
CA LEU G 150 12.12 61.63 11.31
C LEU G 150 11.44 60.85 10.22
N LEU G 151 11.47 61.41 9.00
CA LEU G 151 10.86 60.76 7.85
C LEU G 151 11.68 59.57 7.36
N LYS G 152 12.99 59.77 7.28
CA LYS G 152 13.90 58.70 6.88
C LYS G 152 13.70 57.52 7.83
N LEU G 153 13.59 57.81 9.13
CA LEU G 153 13.33 56.79 10.14
C LEU G 153 12.01 56.11 9.91
N ALA G 154 10.96 56.90 9.70
CA ALA G 154 9.67 56.35 9.41
C ALA G 154 9.82 55.33 8.30
N GLU G 155 10.53 55.73 7.25
CA GLU G 155 10.76 54.89 6.09
C GLU G 155 11.62 53.67 6.39
N VAL G 156 12.70 53.87 7.14
CA VAL G 156 13.59 52.76 7.39
C VAL G 156 12.95 51.80 8.38
N GLU G 157 12.27 52.34 9.37
CA GLU G 157 11.58 51.50 10.34
C GLU G 157 10.47 50.66 9.70
N LYS G 158 9.70 51.25 8.81
CA LYS G 158 8.66 50.50 8.13
C LYS G 158 9.24 49.38 7.26
N THR G 159 10.23 49.73 6.47
CA THR G 159 10.89 48.80 5.58
C THR G 159 11.38 47.59 6.36
N CYS G 160 12.02 47.85 7.50
CA CYS G 160 12.48 46.78 8.38
C CYS G 160 11.30 45.97 8.89
N GLN G 161 10.23 46.65 9.29
CA GLN G 161 9.05 45.97 9.77
C GLN G 161 8.48 45.05 8.73
N LEU G 162 8.38 45.54 7.50
CA LEU G 162 7.87 44.77 6.39
C LEU G 162 8.82 43.64 6.04
N MET G 163 10.10 43.92 6.13
CA MET G 163 11.13 42.93 5.88
C MET G 163 11.05 41.80 6.88
N ALA G 164 10.84 42.15 8.16
CA ALA G 164 10.75 41.20 9.27
C ALA G 164 9.55 40.25 9.19
N GLU G 165 8.40 40.83 8.84
CA GLU G 165 7.18 40.08 8.62
C GLU G 165 7.34 39.04 7.50
N GLU G 166 7.93 39.45 6.39
CA GLU G 166 8.12 38.56 5.27
C GLU G 166 9.10 37.44 5.63
N ILE G 167 10.09 37.75 6.47
CA ILE G 167 10.92 36.69 7.03
C ILE G 167 10.05 35.68 7.81
N GLU G 168 9.14 36.15 8.67
CA GLU G 168 8.30 35.23 9.42
C GLU G 168 7.41 34.40 8.51
N LYS G 169 6.88 35.05 7.48
CA LYS G 169 6.04 34.39 6.48
C LYS G 169 6.75 33.24 5.75
N THR G 170 8.02 33.46 5.41
CA THR G 170 8.85 32.44 4.80
C THR G 170 9.21 31.37 5.81
N ARG G 171 9.49 31.76 7.04
CA ARG G 171 9.83 30.77 8.04
C ARG G 171 8.69 29.78 8.23
N ARG G 172 7.46 30.29 8.30
CA ARG G 172 6.28 29.46 8.53
C ARG G 172 6.05 28.45 7.43
N ARG G 173 6.34 28.85 6.18
CA ARG G 173 6.27 27.97 5.02
C ARG G 173 7.35 26.91 4.96
N VAL G 174 8.57 27.32 5.26
CA VAL G 174 9.67 26.41 5.38
C VAL G 174 9.30 25.35 6.41
N ASN G 175 8.76 25.81 7.53
CA ASN G 175 8.53 24.96 8.68
C ASN G 175 7.37 24.01 8.49
N ALA G 176 6.33 24.53 7.85
CA ALA G 176 5.15 23.76 7.53
C ALA G 176 5.52 22.68 6.54
N LEU G 177 6.51 22.96 5.68
CA LEU G 177 7.05 21.95 4.77
C LEU G 177 7.96 20.95 5.46
N GLU G 178 8.90 21.43 6.26
CA GLU G 178 9.89 20.55 6.91
C GLU G 178 9.27 19.65 7.96
N TYR G 179 8.32 20.20 8.72
CA TYR G 179 7.81 19.47 9.86
C TYR G 179 6.42 18.84 9.69
N MET G 180 5.68 19.24 8.66
CA MET G 180 4.38 18.60 8.36
C MET G 180 4.27 17.92 6.99
N THR G 181 4.38 18.72 5.92
CA THR G 181 4.14 18.23 4.56
C THR G 181 5.11 17.12 4.13
N ILE G 182 6.41 17.35 4.27
CA ILE G 182 7.40 16.38 3.86
C ILE G 182 7.31 15.06 4.65
N PRO G 183 7.16 15.14 5.98
CA PRO G 183 6.96 13.93 6.78
C PRO G 183 5.73 13.16 6.36
N GLN G 184 4.59 13.84 6.21
CA GLN G 184 3.34 13.18 5.81
C GLN G 184 3.47 12.49 4.48
N LEU G 185 4.02 13.20 3.50
CA LEU G 185 4.29 12.60 2.21
C LEU G 185 5.11 11.35 2.40
N GLU G 186 6.27 11.49 3.03
CA GLU G 186 7.19 10.39 3.28
C GLU G 186 6.57 9.18 3.98
N GLU G 187 5.73 9.44 4.99
CA GLU G 187 5.06 8.39 5.76
C GLU G 187 3.92 7.71 5.02
N THR G 188 3.17 8.48 4.24
CA THR G 188 2.09 7.97 3.37
C THR G 188 2.65 7.11 2.23
N ILE G 189 3.77 7.56 1.68
CA ILE G 189 4.42 6.85 0.59
C ILE G 189 4.89 5.45 1.01
N TYR G 190 5.50 5.37 2.19
CA TYR G 190 6.00 4.14 2.76
C TYR G 190 4.84 3.22 3.11
N TYR G 191 3.73 3.80 3.56
CA TYR G 191 2.54 3.05 3.94
C TYR G 191 1.89 2.37 2.73
N ILE G 192 1.75 3.13 1.65
CA ILE G 192 1.14 2.65 0.43
C ILE G 192 1.96 1.57 -0.25
N LYS G 193 3.29 1.72 -0.23
CA LYS G 193 4.21 0.69 -0.72
C LYS G 193 3.93 -0.64 -0.03
N MET G 194 3.83 -0.56 1.30
CA MET G 194 3.57 -1.70 2.16
C MET G 194 2.21 -2.32 1.85
N LYS G 195 1.18 -1.49 1.72
CA LYS G 195 -0.18 -1.96 1.44
C LYS G 195 -0.31 -2.66 0.09
N LEU G 196 0.22 -2.02 -0.95
CA LEU G 196 0.30 -2.60 -2.28
C LEU G 196 1.01 -3.95 -2.25
N GLU G 197 2.00 -4.06 -1.37
CA GLU G 197 2.72 -5.29 -1.17
C GLU G 197 1.86 -6.38 -0.49
N GLU G 198 1.06 -6.00 0.50
CA GLU G 198 0.20 -6.96 1.22
C GLU G 198 -0.86 -7.52 0.28
N ASN G 199 -1.39 -6.64 -0.57
CA ASN G 199 -2.44 -6.99 -1.51
C ASN G 199 -1.93 -7.99 -2.52
N GLU G 200 -0.73 -7.73 -3.06
CA GLU G 200 -0.08 -8.67 -3.98
C GLU G 200 0.10 -10.06 -3.36
N ARG G 201 0.40 -10.08 -2.07
CA ARG G 201 0.56 -11.32 -1.33
C ARG G 201 -0.77 -12.00 -1.09
N ALA G 202 -1.80 -11.20 -0.85
CA ALA G 202 -3.13 -11.71 -0.63
C ALA G 202 -3.66 -12.38 -1.88
N GLU G 203 -3.36 -11.78 -3.03
CA GLU G 203 -3.81 -12.27 -4.31
C GLU G 203 -3.19 -13.63 -4.63
N VAL G 204 -1.89 -13.76 -4.41
CA VAL G 204 -1.23 -15.04 -4.69
C VAL G 204 -1.73 -16.15 -3.76
N THR G 205 -2.10 -15.79 -2.53
CA THR G 205 -2.66 -16.75 -1.57
C THR G 205 -3.98 -17.27 -2.11
N ARG G 206 -4.85 -16.35 -2.55
CA ARG G 206 -6.14 -16.73 -3.12
C ARG G 206 -6.04 -17.46 -4.46
N LEU G 207 -5.05 -17.09 -5.28
CA LEU G 207 -4.82 -17.77 -6.56
C LEU G 207 -4.28 -19.20 -6.39
N ILE G 208 -3.49 -19.42 -5.35
CA ILE G 208 -2.99 -20.76 -5.07
C ILE G 208 -4.13 -21.67 -4.61
N LYS G 209 -5.03 -21.14 -3.78
CA LYS G 209 -6.20 -21.87 -3.31
C LYS G 209 -7.17 -22.16 -4.44
N VAL G 210 -7.41 -21.14 -5.26
CA VAL G 210 -8.22 -21.29 -6.47
C VAL G 210 -7.69 -22.41 -7.36
N LYS G 211 -6.38 -22.38 -7.67
CA LYS G 211 -5.78 -23.39 -8.51
C LYS G 211 -6.02 -24.78 -7.98
N ASN G 212 -5.96 -24.93 -6.66
CA ASN G 212 -6.03 -26.23 -6.02
C ASN G 212 -7.42 -26.79 -5.79
N MET G 213 -8.44 -26.03 -6.19
CA MET G 213 -9.79 -26.53 -6.35
C MET G 213 -9.78 -27.37 -7.63
N GLY G 214 -8.93 -28.39 -7.65
CA GLY G 214 -8.59 -29.18 -8.86
C GLY G 214 -7.48 -30.18 -8.56
N THR H 2 -0.34 60.86 -2.04
CA THR H 2 -0.02 61.87 -0.99
C THR H 2 -0.79 61.61 0.30
N TYR H 3 -0.05 61.26 1.31
CA TYR H 3 -0.65 60.85 2.57
C TYR H 3 -0.34 61.85 3.69
N LYS H 4 -1.21 61.88 4.70
CA LYS H 4 -1.12 62.83 5.82
C LYS H 4 -0.25 62.33 6.99
N ILE H 5 0.14 63.27 7.85
CA ILE H 5 0.94 62.94 9.01
C ILE H 5 0.17 63.17 10.32
N GLY H 6 0.13 62.16 11.19
CA GLY H 6 -0.51 62.28 12.48
C GLY H 6 0.46 62.17 13.65
N VAL H 7 0.28 63.01 14.66
CA VAL H 7 1.13 62.97 15.85
C VAL H 7 0.30 62.79 17.12
N VAL H 8 0.68 61.81 17.93
CA VAL H 8 -0.03 61.58 19.18
C VAL H 8 0.91 61.70 20.36
N GLY H 9 0.63 62.67 21.23
CA GLY H 9 1.45 62.88 22.42
C GLY H 9 0.98 63.96 23.36
N ASP H 10 1.72 64.12 24.45
CA ASP H 10 1.42 65.12 25.49
C ASP H 10 1.58 66.53 24.97
N LYS H 11 0.66 67.40 25.36
CA LYS H 11 0.59 68.77 24.86
C LYS H 11 1.94 69.47 24.81
N ASP H 12 2.70 69.33 25.90
CA ASP H 12 3.99 69.99 26.06
C ASP H 12 5.01 69.63 24.97
N SER H 13 5.13 68.35 24.66
CA SER H 13 6.20 67.85 23.80
C SER H 13 5.91 67.90 22.28
N VAL H 14 4.65 67.81 21.91
CA VAL H 14 4.30 67.52 20.52
C VAL H 14 3.58 68.65 19.77
N SER H 15 3.24 69.71 20.49
CA SER H 15 2.48 70.83 19.92
C SER H 15 3.16 71.57 18.76
N PRO H 16 4.51 71.72 18.79
CA PRO H 16 5.21 72.39 17.70
C PRO H 16 5.04 71.75 16.33
N PHE H 17 4.77 70.45 16.28
CA PHE H 17 4.51 69.74 15.02
C PHE H 17 3.30 70.34 14.33
N ARG H 18 2.48 71.04 15.11
CA ARG H 18 1.29 71.71 14.62
C ARG H 18 1.61 72.72 13.51
N LEU H 19 2.80 73.31 13.59
CA LEU H 19 3.29 74.30 12.61
C LEU H 19 3.49 73.77 11.19
N PHE H 20 3.58 72.45 11.04
CA PHE H 20 3.85 71.87 9.74
C PHE H 20 2.58 71.38 9.06
N GLY H 21 1.45 71.51 9.75
CA GLY H 21 0.16 71.06 9.23
C GLY H 21 -0.14 69.61 9.59
N PHE H 22 0.68 69.08 10.48
CA PHE H 22 0.52 67.74 11.01
C PHE H 22 -0.71 67.66 11.89
N ASP H 23 -1.56 66.65 11.72
CA ASP H 23 -2.71 66.48 12.59
C ASP H 23 -2.24 66.00 13.96
N VAL H 24 -1.94 66.95 14.84
CA VAL H 24 -1.51 66.65 16.21
C VAL H 24 -2.72 66.39 17.12
N GLN H 25 -2.71 65.26 17.82
CA GLN H 25 -3.81 64.88 18.71
C GLN H 25 -3.32 64.51 20.12
N HIS H 26 -4.16 64.77 21.12
CA HIS H 26 -3.72 64.79 22.53
C HIS H 26 -4.26 63.71 23.50
N GLY H 27 -4.68 62.56 22.98
CA GLY H 27 -5.12 61.43 23.82
C GLY H 27 -4.24 61.08 25.02
N THR H 28 -4.85 60.60 26.10
CA THR H 28 -4.15 60.40 27.39
C THR H 28 -4.50 59.09 28.09
N THR H 29 -5.55 58.42 27.61
CA THR H 29 -5.94 57.11 28.12
C THR H 29 -5.90 56.11 26.97
N LYS H 30 -5.98 54.82 27.29
CA LYS H 30 -5.95 53.74 26.29
C LYS H 30 -7.06 53.87 25.24
N THR H 31 -8.25 54.26 25.70
CA THR H 31 -9.40 54.43 24.82
C THR H 31 -9.11 55.49 23.74
N GLU H 32 -8.64 56.66 24.17
CA GLU H 32 -8.40 57.78 23.27
C GLU H 32 -7.34 57.51 22.19
N ILE H 33 -6.21 56.92 22.58
CA ILE H 33 -5.11 56.68 21.66
C ILE H 33 -5.54 55.78 20.51
N ARG H 34 -6.06 54.59 20.85
CA ARG H 34 -6.46 53.61 19.83
C ARG H 34 -7.62 54.11 18.95
N LYS H 35 -8.57 54.82 19.57
CA LYS H 35 -9.71 55.43 18.88
C LYS H 35 -9.20 56.47 17.87
N THR H 36 -8.14 57.18 18.26
CA THR H 36 -7.53 58.20 17.43
C THR H 36 -6.61 57.62 16.34
N ILE H 37 -6.05 56.43 16.59
CA ILE H 37 -5.22 55.74 15.59
C ILE H 37 -6.06 55.14 14.48
N ASP H 38 -7.12 54.42 14.86
CA ASP H 38 -7.92 53.64 13.92
C ASP H 38 -8.66 54.50 12.88
N GLU H 39 -8.95 55.74 13.25
CA GLU H 39 -9.47 56.71 12.29
C GLU H 39 -8.36 57.19 11.36
N MET H 40 -7.18 57.42 11.91
CA MET H 40 -6.02 57.88 11.13
C MET H 40 -5.63 56.87 10.06
N ALA H 41 -5.78 55.58 10.39
CA ALA H 41 -5.60 54.51 9.42
C ALA H 41 -6.74 54.51 8.40
N LYS H 42 -7.94 54.87 8.85
CA LYS H 42 -9.09 54.95 7.95
C LYS H 42 -8.94 56.07 6.92
N ASN H 43 -8.25 57.15 7.30
CA ASN H 43 -8.03 58.28 6.41
C ASN H 43 -6.68 58.23 5.69
N GLU H 44 -6.21 57.02 5.42
CA GLU H 44 -4.94 56.78 4.75
C GLU H 44 -3.85 57.78 5.11
N TYR H 45 -3.49 57.78 6.39
CA TYR H 45 -2.31 58.50 6.86
C TYR H 45 -1.06 57.71 6.47
N GLY H 46 0.02 58.42 6.16
CA GLY H 46 1.27 57.79 5.76
C GLY H 46 2.09 57.39 6.97
N VAL H 47 2.25 58.33 7.90
CA VAL H 47 2.98 58.08 9.11
C VAL H 47 2.20 58.64 10.29
N ILE H 48 2.27 57.94 11.40
CA ILE H 48 1.77 58.45 12.66
C ILE H 48 2.90 58.38 13.69
N TYR H 49 3.33 59.55 14.13
CA TYR H 49 4.32 59.61 15.19
C TYR H 49 3.57 59.56 16.52
N ILE H 50 4.15 58.85 17.48
CA ILE H 50 3.50 58.66 18.76
C ILE H 50 4.52 58.57 19.87
N THR H 51 4.19 59.18 21.00
CA THR H 51 5.06 59.17 22.15
C THR H 51 5.13 57.79 22.76
N GLU H 52 6.28 57.46 23.31
CA GLU H 52 6.55 56.17 23.93
C GLU H 52 5.66 55.90 25.15
N GLN H 53 5.45 56.95 25.95
CA GLN H 53 4.55 56.88 27.11
C GLN H 53 3.13 56.57 26.64
N CYS H 54 2.68 57.25 25.58
CA CYS H 54 1.38 56.97 24.95
C CYS H 54 1.33 55.62 24.27
N ALA H 55 2.43 55.25 23.63
CA ALA H 55 2.53 53.98 22.92
C ALA H 55 2.40 52.80 23.88
N ASN H 56 2.93 52.96 25.09
CA ASN H 56 2.98 51.85 26.03
C ASN H 56 1.60 51.39 26.47
N LEU H 57 0.63 52.30 26.37
CA LEU H 57 -0.77 51.99 26.69
C LEU H 57 -1.43 51.09 25.65
N VAL H 58 -0.94 51.11 24.42
CA VAL H 58 -1.65 50.49 23.30
C VAL H 58 -0.84 49.51 22.39
N PRO H 59 -0.11 48.53 22.97
CA PRO H 59 0.68 47.60 22.13
C PRO H 59 -0.17 46.74 21.19
N GLU H 60 -1.43 46.48 21.57
CA GLU H 60 -2.33 45.65 20.79
C GLU H 60 -2.78 46.32 19.49
N THR H 61 -3.13 47.59 19.57
CA THR H 61 -3.55 48.36 18.40
C THR H 61 -2.37 48.62 17.48
N ILE H 62 -1.19 48.81 18.07
CA ILE H 62 0.03 49.16 17.34
C ILE H 62 0.59 48.02 16.48
N GLU H 63 0.68 46.82 17.07
CA GLU H 63 1.19 45.65 16.38
C GLU H 63 0.26 45.18 15.25
N ARG H 64 -0.97 45.71 15.23
CA ARG H 64 -1.96 45.37 14.21
C ARG H 64 -1.65 45.96 12.83
N TYR H 65 -0.73 46.92 12.78
CA TYR H 65 -0.40 47.64 11.54
C TYR H 65 1.02 47.43 11.04
N LYS H 66 1.88 46.80 11.85
CA LYS H 66 3.25 46.51 11.44
C LYS H 66 3.35 45.95 10.02
N GLY H 67 2.43 45.05 9.65
CA GLY H 67 2.46 44.37 8.36
C GLY H 67 1.96 45.18 7.18
N GLN H 68 1.33 46.32 7.48
CA GLN H 68 0.79 47.23 6.47
C GLN H 68 1.87 48.14 5.91
N LEU H 69 1.78 48.44 4.61
CA LEU H 69 2.74 49.35 4.00
C LEU H 69 2.61 50.72 4.64
N THR H 70 1.36 51.17 4.79
CA THR H 70 1.05 52.41 5.50
C THR H 70 -0.16 52.13 6.38
N PRO H 71 -0.32 52.87 7.50
CA PRO H 71 0.56 53.90 8.03
C PRO H 71 1.76 53.37 8.78
N ALA H 72 2.89 54.06 8.66
CA ALA H 72 4.05 53.77 9.46
C ALA H 72 3.82 54.37 10.84
N ILE H 73 3.93 53.55 11.88
CA ILE H 73 3.76 54.05 13.25
C ILE H 73 5.13 54.16 13.92
N ILE H 74 5.54 55.38 14.21
CA ILE H 74 6.91 55.61 14.67
C ILE H 74 6.92 56.15 16.10
N LEU H 75 7.65 55.47 16.98
CA LEU H 75 7.72 55.85 18.39
C LEU H 75 8.77 56.93 18.66
N ILE H 76 8.33 58.02 19.28
CA ILE H 76 9.23 59.12 19.61
C ILE H 76 9.29 59.33 21.12
N PRO H 77 10.37 59.98 21.60
CA PRO H 77 10.41 60.35 23.01
C PRO H 77 9.40 61.44 23.35
N SER H 78 9.24 61.68 24.65
CA SER H 78 8.50 62.84 25.16
C SER H 78 9.53 63.91 25.40
N HIS H 79 9.15 64.98 26.10
CA HIS H 79 10.18 65.87 26.60
C HIS H 79 10.94 65.14 27.71
N GLN H 80 10.25 64.19 28.36
CA GLN H 80 10.86 63.41 29.44
C GLN H 80 11.80 62.29 28.98
N GLY H 81 11.60 61.81 27.76
CA GLY H 81 12.48 60.79 27.20
C GLY H 81 11.75 59.51 26.85
N THR H 82 12.48 58.39 26.85
CA THR H 82 11.93 57.13 26.41
C THR H 82 11.81 56.08 27.52
N LEU H 83 11.01 55.06 27.27
CA LEU H 83 10.90 53.91 28.17
C LEU H 83 11.76 52.76 27.66
N GLY H 84 12.38 52.96 26.50
CA GLY H 84 13.23 51.94 25.88
C GLY H 84 12.53 51.03 24.89
N ILE H 85 11.29 51.38 24.53
CA ILE H 85 10.44 50.52 23.69
C ILE H 85 10.85 50.46 22.22
N GLY H 86 11.08 51.62 21.62
CA GLY H 86 11.50 51.69 20.23
C GLY H 86 12.73 50.82 20.02
N LEU H 87 13.75 51.07 20.82
CA LEU H 87 15.01 50.34 20.73
C LEU H 87 14.87 48.87 21.10
N GLU H 88 13.92 48.54 21.97
CA GLU H 88 13.69 47.15 22.34
C GLU H 88 12.90 46.43 21.27
N GLU H 89 12.02 47.15 20.60
CA GLU H 89 11.27 46.56 19.50
C GLU H 89 12.18 46.19 18.33
N ILE H 90 13.16 47.04 18.05
CA ILE H 90 14.24 46.71 17.12
C ILE H 90 15.03 45.53 17.66
N GLN H 91 15.23 45.50 18.96
CA GLN H 91 15.96 44.43 19.63
C GLN H 91 15.25 43.09 19.45
N ASN H 92 13.94 43.10 19.65
CA ASN H 92 13.12 41.91 19.55
C ASN H 92 13.06 41.40 18.13
N SER H 93 12.79 42.31 17.21
CA SER H 93 12.66 41.94 15.82
C SER H 93 13.94 41.34 15.24
N VAL H 94 15.11 41.79 15.71
CA VAL H 94 16.38 41.26 15.21
C VAL H 94 16.71 39.88 15.77
N GLU H 95 16.42 39.68 17.05
CA GLU H 95 16.66 38.38 17.68
C GLU H 95 15.70 37.34 17.09
N LYS H 96 14.49 37.81 16.76
CA LYS H 96 13.46 36.99 16.14
C LYS H 96 13.90 36.53 14.76
N ALA H 97 14.43 37.46 13.96
CA ALA H 97 14.85 37.15 12.60
C ALA H 97 16.14 36.33 12.52
N VAL H 98 17.07 36.62 13.43
CA VAL H 98 18.42 36.07 13.35
C VAL H 98 18.74 34.98 14.40
N GLY H 99 18.40 35.22 15.66
CA GLY H 99 18.96 34.47 16.78
C GLY H 99 20.12 35.26 17.37
N GLN H 100 19.92 36.58 17.45
CA GLN H 100 20.94 37.56 17.80
C GLN H 100 21.20 37.58 19.32
N ASN H 101 21.68 38.67 19.93
CA ASN H 101 21.89 39.99 19.34
C ASN H 101 23.11 40.17 18.42
N ILE H 102 22.81 40.67 17.23
CA ILE H 102 23.75 40.85 16.14
C ILE H 102 24.28 42.29 16.02
N LEU H 103 23.56 43.22 16.65
CA LEU H 103 23.95 44.61 16.63
C LEU H 103 25.24 44.80 17.37
PG ANP I . 2.15 -4.16 26.07
O1G ANP I . 1.35 -3.70 24.89
O2G ANP I . 1.37 -5.17 26.92
O3G ANP I . 3.60 -4.54 25.76
PB ANP I . 1.01 -2.03 27.75
O1B ANP I . 0.04 -3.03 28.34
O2B ANP I . 0.33 -1.10 26.76
N3B ANP I . 2.42 -2.79 27.11
PA ANP I . 2.06 -1.47 30.34
O1A ANP I . 3.20 -2.46 30.18
O2A ANP I . 0.89 -1.89 31.18
O3A ANP I . 1.46 -1.03 28.91
O5' ANP I . 2.58 -0.05 30.93
C5' ANP I . 3.76 0.50 30.33
C4' ANP I . 4.75 1.10 31.31
O4' ANP I . 4.62 2.54 31.37
C3' ANP I . 4.66 0.58 32.74
O3' ANP I . 5.78 -0.28 32.93
C2' ANP I . 4.89 1.83 33.55
O2' ANP I . 6.30 2.05 33.62
C1' ANP I . 4.41 2.99 32.71
N9 ANP I . 2.98 3.30 32.91
C8 ANP I . 1.93 2.84 32.18
N7 ANP I . 0.74 3.32 32.63
C5 ANP I . 1.03 4.11 33.68
C6 ANP I . 0.22 4.93 34.62
N6 ANP I . -1.11 4.98 34.48
N1 ANP I . 0.87 5.60 35.59
C2 ANP I . 2.23 5.53 35.68
N3 ANP I . 3.04 4.81 34.88
C4 ANP I . 2.49 4.09 33.87
MG MG J . 0.32 -5.17 28.43
PG ANP K . -22.84 5.57 -11.12
O1G ANP K . -21.46 5.17 -11.62
O2G ANP K . -23.95 5.35 -12.12
O3G ANP K . -23.09 5.22 -9.66
PB ANP K . -22.55 8.24 -12.37
O1B ANP K . -23.30 7.67 -13.53
O2B ANP K . -21.07 8.50 -12.62
N3B ANP K . -22.77 7.28 -10.95
PA ANP K . -24.44 10.30 -12.61
O1A ANP K . -25.67 9.55 -12.14
O2A ANP K . -24.30 10.30 -14.10
O3A ANP K . -23.11 9.69 -11.94
O5' ANP K . -24.40 11.81 -12.04
C5' ANP K . -24.56 11.94 -10.63
C4' ANP K . -25.22 13.28 -10.27
O4' ANP K . -24.27 14.34 -10.38
C3' ANP K . -26.38 13.64 -11.18
O3' ANP K . -27.61 13.29 -10.58
C2' ANP K . -26.33 15.14 -11.18
O2' ANP K . -27.05 15.60 -10.03
C1' ANP K . -24.87 15.49 -10.97
N9 ANP K . -24.31 15.72 -12.33
C8 ANP K . -23.47 14.87 -12.97
N7 ANP K . -23.16 15.37 -14.20
C5 ANP K . -23.80 16.56 -14.35
C6 ANP K . -23.88 17.60 -15.40
N6 ANP K . -23.20 17.46 -16.55
N1 ANP K . -24.64 18.70 -15.15
C2 ANP K . -25.32 18.84 -13.99
N3 ANP K . -25.29 17.92 -13.00
C4 ANP K . -24.56 16.79 -13.11
MG MG L . -24.61 6.05 -13.73
#